data_7SWX
#
_entry.id   7SWX
#
_cell.length_a   1.00
_cell.length_b   1.00
_cell.length_c   1.00
_cell.angle_alpha   90.00
_cell.angle_beta   90.00
_cell.angle_gamma   90.00
#
_symmetry.space_group_name_H-M   'P 1'
#
loop_
_entity.id
_entity.type
_entity.pdbx_description
1 polymer 'Spike glycoprotein'
2 polymer 'SARS2-57 Fv heavy chain'
3 polymer 'SARS2-57 Fv light chain'
4 branched 2-acetamido-2-deoxy-beta-D-glucopyranose-(1-4)-2-acetamido-2-deoxy-beta-D-glucopyranose
5 non-polymer 2-acetamido-2-deoxy-beta-D-glucopyranose
#
loop_
_entity_poly.entity_id
_entity_poly.type
_entity_poly.pdbx_seq_one_letter_code
_entity_poly.pdbx_strand_id
1 'polypeptide(L)'
;QCVNLTTRTQLPPAYTNSFTRGVYYPDKVFRSSVLHSTQDLFLPFFSNVTWFHAIHVSGTNGTKRFDNPVLPFNDGVYFA
STEKSNIIRGWIFGTTLDSKTQSLLIVNNATNVVIKVCEFQFCNDPFLGVYYHKNNKSWMESEFRVYSSANNCTFEYVSQ
PFLMDLEGKQGNFKNLREFVFKNIDGYFKIYSKHTPINLVRDLPQGFSALEPLVDLPIGINITRFQTLLALHRSYLTPGD
SSSGWTAGAAAYYVGYLQPRTFLLKYNENGTITDAVDCALDPLSETKCTLKSFTVEKGIYQTSNFRVQPTESIVRFPNIT
NLCPFGEVFNATRFASVYAWNRKRISNCVADYSVLYNSASFSTFKCYGVSPTKLNDLCFTNVYADSFVIRGDEVRQIAPG
QTGKIADYNYKLPDDFTGCVIAWNSNNLDSKVGGNYNYLYRLFRKSNLKPFERDISTEIYQAGSTPCNGVEGFNCYFPLQ
SYGFQPTNGVGYQPYRVVVLSFELLHAPATVCGPKKSTNLVKNKCVNFNFNGLTGTGVLTESNKKFLPFQQFGRDIADTT
DAVRDPQTLEILDITPCSFGGVSVITPGTNTSNQVAVLYQDVNCTEVPVAIHADQLTPTWRVYSTGSNVFQTRAGCLIGA
EHVNNSYECDIPIGAGICASYQTQTNSPRRARSVASQSIIAYTMSLGAENSVAYSNNSIAIPTNFTISVTTEILPVSMTK
TSVDCTMYICGDSTECSNLLLQYGSFCTQLNRALTGIAVEQDKNTQEVFAQVKQIYKTPPIKDFGGFNFSQILPDPSKPS
KRSPIEDLLFNKVTLADAGFIKQYGDCLGDIAARDLICAQKFNGLTVLPPLLTDEMIAQYTSALLAGTITSGWTFGAGPA
LQIPFPMQMAYRFNGIGVTQNVLYENQKLIANQFNSAIGKIQDSLSSTPSALGKLQDVVNQNAQALNTLVKQLSSNFGAI
SSVLNDILSRLDPPEAEVQIDRLITGRLQSLQTYVTQQLIRAAEIRASANLAATKMSECVLGQSKRVDFCGKGYHLMSFP
QSAPHGVVFLHVTYVPAQEKNFTTAPAICHDGKAHFPREGVFVSNGTHWFVTQRNFYEPQIITTDNTFVSGNCDVVIGIV
NNTVYDPLQPELD
;
A,B,C
2 'polypeptide(L)'
;EVQLQQSGAELVRPGALVKLSCKASGFNIKDYFVHWVKQRPVQGLEWIGWIDPENGNTIYGPKFQGKASLAADTSSNTGY
LQLSSLTSEDTAVYYCARWDGYETLDYWGQGTSVTVS
;
H
3 'polypeptide(L)'
;DIVMSQSPSSLAVSVGEKVTMSCQSSQSLLYSNNEKNYLAWYQQKPGHSPKLLLYWASTRESGVPDRFTGSGSGTAFTLT
ISSVKAEDLAVYYCQQYYNYPYTFGGGTKLEI
;
L
#
# COMPACT_ATOMS: atom_id res chain seq x y z
N GLN A 1 11.44 26.83 58.96
CA GLN A 1 10.76 26.20 60.08
C GLN A 1 9.27 26.11 59.80
N CYS A 2 8.73 24.90 59.79
CA CYS A 2 7.32 24.66 59.53
C CYS A 2 6.71 23.85 60.66
N VAL A 3 5.55 24.29 61.13
CA VAL A 3 4.82 23.65 62.23
C VAL A 3 3.59 23.04 61.61
N ASN A 4 3.35 21.76 61.88
CA ASN A 4 2.38 20.97 61.14
C ASN A 4 1.00 21.61 61.21
N LEU A 5 0.40 21.85 60.04
CA LEU A 5 -0.87 22.58 60.01
C LEU A 5 -2.03 21.72 60.46
N THR A 6 -2.07 20.45 60.04
CA THR A 6 -3.22 19.60 60.29
C THR A 6 -2.77 18.23 60.76
N THR A 7 -3.50 17.66 61.71
CA THR A 7 -3.22 16.31 62.18
C THR A 7 -3.97 15.24 61.38
N ARG A 8 -5.15 15.57 60.85
CA ARG A 8 -5.92 14.61 60.07
C ARG A 8 -5.16 14.21 58.81
N THR A 9 -4.93 12.91 58.64
CA THR A 9 -4.13 12.43 57.53
C THR A 9 -4.85 12.63 56.20
N GLN A 10 -6.05 12.06 56.07
CA GLN A 10 -6.80 12.17 54.83
C GLN A 10 -8.29 12.20 55.11
N LEU A 11 -9.04 12.77 54.17
CA LEU A 11 -10.48 12.72 54.07
C LEU A 11 -10.88 12.04 52.76
N PRO A 12 -12.02 11.35 52.72
CA PRO A 12 -12.40 10.60 51.52
C PRO A 12 -12.65 11.52 50.35
N PRO A 13 -11.77 11.52 49.35
CA PRO A 13 -11.92 12.45 48.23
C PRO A 13 -13.08 12.07 47.32
N ALA A 14 -13.79 13.08 46.83
CA ALA A 14 -14.91 12.90 45.93
C ALA A 14 -14.54 13.45 44.56
N TYR A 15 -15.03 12.79 43.51
CA TYR A 15 -14.62 13.09 42.15
C TYR A 15 -15.77 13.65 41.33
N THR A 16 -15.42 14.52 40.39
CA THR A 16 -16.36 15.08 39.42
C THR A 16 -15.96 14.65 38.01
N ASN A 17 -16.81 14.99 37.05
CA ASN A 17 -16.57 14.65 35.64
C ASN A 17 -15.86 15.80 34.94
N SER A 18 -14.77 15.48 34.25
CA SER A 18 -14.05 16.46 33.42
C SER A 18 -14.60 16.38 32.00
N PHE A 19 -15.74 17.04 31.79
CA PHE A 19 -16.36 17.08 30.47
C PHE A 19 -15.49 17.84 29.48
N THR A 20 -14.89 17.12 28.53
CA THR A 20 -14.21 17.72 27.38
C THR A 20 -13.20 18.79 27.77
N ARG A 21 -12.37 18.50 28.77
CA ARG A 21 -11.36 19.44 29.22
C ARG A 21 -9.97 18.94 28.88
N GLY A 22 -8.99 19.81 29.10
CA GLY A 22 -7.59 19.43 28.98
C GLY A 22 -7.09 19.08 27.60
N VAL A 23 -7.48 19.86 26.59
CA VAL A 23 -6.99 19.68 25.23
C VAL A 23 -5.92 20.72 24.95
N TYR A 24 -4.75 20.27 24.51
CA TYR A 24 -3.63 21.16 24.27
C TYR A 24 -3.15 21.05 22.82
N TYR A 25 -2.55 22.14 22.34
CA TYR A 25 -2.05 22.17 20.97
C TYR A 25 -0.90 21.19 20.83
N PRO A 26 -0.99 20.19 19.93
CA PRO A 26 0.10 19.21 19.85
C PRO A 26 1.36 19.76 19.20
N ASP A 27 1.23 20.58 18.16
CA ASP A 27 2.37 21.13 17.45
C ASP A 27 2.17 22.63 17.25
N LYS A 28 3.26 23.31 16.89
CA LYS A 28 3.24 24.75 16.64
C LYS A 28 3.15 25.05 15.15
N VAL A 29 2.10 24.53 14.51
CA VAL A 29 1.80 24.85 13.12
C VAL A 29 0.32 25.22 13.03
N PHE A 30 -0.01 26.04 12.03
CA PHE A 30 -1.33 26.63 11.90
C PHE A 30 -2.17 25.85 10.89
N ARG A 31 -3.41 25.59 11.25
CA ARG A 31 -4.31 24.83 10.39
C ARG A 31 -5.70 25.47 10.44
N SER A 32 -6.33 25.59 9.27
CA SER A 32 -7.63 26.22 9.15
C SER A 32 -8.60 25.30 8.41
N SER A 33 -9.80 25.13 8.97
CA SER A 33 -10.82 24.26 8.40
C SER A 33 -10.30 22.84 8.18
N VAL A 34 -9.57 22.33 9.16
CA VAL A 34 -8.89 21.05 9.05
C VAL A 34 -9.29 20.17 10.22
N LEU A 35 -9.68 18.93 9.92
CA LEU A 35 -9.93 17.92 10.94
C LEU A 35 -8.70 17.04 11.04
N HIS A 36 -8.06 17.04 12.20
CA HIS A 36 -6.71 16.51 12.33
C HIS A 36 -6.66 15.47 13.44
N SER A 37 -6.07 14.31 13.14
CA SER A 37 -5.95 13.21 14.07
C SER A 37 -4.53 13.17 14.62
N THR A 38 -4.40 13.19 15.95
CA THR A 38 -3.11 13.25 16.60
C THR A 38 -3.11 12.33 17.80
N GLN A 39 -1.99 11.61 17.99
CA GLN A 39 -1.80 10.73 19.13
C GLN A 39 -0.84 11.37 20.13
N ASP A 40 -1.28 11.47 21.39
CA ASP A 40 -0.44 11.98 22.45
C ASP A 40 -1.07 11.58 23.79
N LEU A 41 -0.42 11.97 24.88
CA LEU A 41 -0.89 11.68 26.23
C LEU A 41 -1.98 12.68 26.63
N PHE A 42 -3.17 12.47 26.07
CA PHE A 42 -4.32 13.32 26.34
C PHE A 42 -5.08 12.83 27.57
N LEU A 43 -5.86 13.72 28.15
CA LEU A 43 -6.73 13.36 29.26
C LEU A 43 -8.03 12.77 28.73
N PRO A 44 -8.41 11.57 29.16
CA PRO A 44 -9.62 10.94 28.62
C PRO A 44 -10.86 11.78 28.88
N PHE A 45 -11.74 11.82 27.88
CA PHE A 45 -12.99 12.55 28.04
C PHE A 45 -13.89 11.85 29.06
N PHE A 46 -14.68 12.65 29.75
CA PHE A 46 -15.63 12.15 30.74
C PHE A 46 -14.95 11.25 31.78
N SER A 47 -13.77 11.69 32.22
CA SER A 47 -12.98 10.91 33.15
C SER A 47 -13.38 11.22 34.59
N ASN A 48 -12.67 10.60 35.53
CA ASN A 48 -12.83 10.86 36.95
C ASN A 48 -11.67 11.71 37.41
N VAL A 49 -11.97 12.91 37.91
CA VAL A 49 -10.95 13.85 38.37
C VAL A 49 -11.21 14.15 39.83
N THR A 50 -10.17 14.02 40.65
CA THR A 50 -10.30 14.25 42.08
C THR A 50 -10.54 15.72 42.38
N TRP A 51 -11.56 15.99 43.19
CA TRP A 51 -11.95 17.35 43.55
C TRP A 51 -11.43 17.65 44.96
N PHE A 52 -10.55 18.63 45.06
CA PHE A 52 -10.00 19.05 46.35
C PHE A 52 -10.56 20.41 46.74
N HIS A 53 -11.04 20.50 47.98
CA HIS A 53 -11.62 21.72 48.52
C HIS A 53 -10.78 22.17 49.71
N ALA A 54 -9.95 23.18 49.51
CA ALA A 54 -9.22 23.81 50.61
C ALA A 54 -10.01 25.05 51.03
N ILE A 55 -10.98 24.84 51.92
CA ILE A 55 -11.84 25.91 52.40
C ILE A 55 -11.99 25.75 53.91
N HIS A 56 -12.39 26.85 54.57
CA HIS A 56 -12.63 26.80 56.00
C HIS A 56 -13.95 26.12 56.28
N VAL A 57 -13.92 25.04 57.04
CA VAL A 57 -15.13 24.32 57.41
C VAL A 57 -15.83 25.07 58.54
N SER A 58 -17.11 24.79 58.71
CA SER A 58 -17.90 25.42 59.77
C SER A 58 -17.31 25.13 61.15
N GLY A 59 -17.60 26.02 62.09
CA GLY A 59 -17.00 25.93 63.41
C GLY A 59 -17.40 24.70 64.20
N THR A 60 -18.57 24.13 63.89
CA THR A 60 -19.02 22.95 64.61
C THR A 60 -18.10 21.76 64.35
N ASN A 61 -17.66 21.59 63.09
CA ASN A 61 -16.73 20.53 62.74
C ASN A 61 -15.31 20.94 63.13
N GLY A 62 -14.39 19.97 63.06
CA GLY A 62 -12.99 20.20 63.38
C GLY A 62 -12.42 21.40 62.64
N THR A 63 -11.62 22.19 63.35
CA THR A 63 -11.27 23.53 62.87
C THR A 63 -10.52 23.53 61.55
N LYS A 64 -9.92 22.41 61.15
CA LYS A 64 -9.08 22.38 59.96
C LYS A 64 -9.53 21.27 59.02
N ARG A 65 -9.62 21.60 57.73
CA ARG A 65 -9.98 20.62 56.72
C ARG A 65 -9.16 20.74 55.44
N PHE A 66 -8.44 21.85 55.24
CA PHE A 66 -7.66 22.06 54.03
C PHE A 66 -6.68 20.91 53.82
N ASP A 67 -6.51 20.51 52.56
CA ASP A 67 -5.75 19.31 52.24
C ASP A 67 -4.78 19.60 51.10
N ASN A 68 -3.52 19.20 51.31
CA ASN A 68 -2.48 19.29 50.27
C ASN A 68 -1.66 18.01 50.28
N PRO A 69 -2.26 16.90 49.85
CA PRO A 69 -1.57 15.61 49.90
C PRO A 69 -0.57 15.46 48.76
N VAL A 70 0.41 14.59 48.98
CA VAL A 70 1.37 14.25 47.94
C VAL A 70 0.71 13.25 47.01
N LEU A 71 0.43 13.67 45.79
CA LEU A 71 -0.30 12.91 44.80
C LEU A 71 0.65 12.28 43.78
N PRO A 72 0.27 11.14 43.23
CA PRO A 72 1.11 10.49 42.23
C PRO A 72 1.20 11.30 40.93
N PHE A 73 2.32 11.10 40.23
CA PHE A 73 2.53 11.64 38.90
C PHE A 73 2.62 10.45 37.95
N ASN A 74 1.58 10.24 37.15
CA ASN A 74 1.47 9.08 36.28
C ASN A 74 1.41 9.54 34.83
N ASP A 75 2.57 9.56 34.17
CA ASP A 75 2.68 9.93 32.76
C ASP A 75 2.08 11.31 32.48
N GLY A 76 2.25 12.22 33.42
CA GLY A 76 1.69 13.55 33.27
C GLY A 76 0.37 13.71 34.00
N VAL A 77 0.12 14.92 34.49
CA VAL A 77 -1.08 15.23 35.25
C VAL A 77 -1.75 16.47 34.70
N TYR A 78 -3.04 16.59 34.95
CA TYR A 78 -3.86 17.73 34.56
C TYR A 78 -4.27 18.46 35.82
N PHE A 79 -4.13 19.79 35.83
CA PHE A 79 -4.38 20.58 37.03
C PHE A 79 -5.23 21.79 36.69
N ALA A 80 -6.26 22.01 37.51
CA ALA A 80 -7.16 23.14 37.35
C ALA A 80 -7.43 23.72 38.73
N SER A 81 -7.90 24.96 38.76
CA SER A 81 -8.21 25.59 40.04
C SER A 81 -9.12 26.79 39.81
N THR A 82 -10.25 26.81 40.50
CA THR A 82 -11.21 27.90 40.45
C THR A 82 -11.06 28.68 41.75
N GLU A 83 -10.61 29.93 41.66
CA GLU A 83 -10.21 30.66 42.86
C GLU A 83 -10.31 32.15 42.62
N LYS A 84 -10.19 32.91 43.71
CA LYS A 84 -9.91 34.33 43.67
C LYS A 84 -8.79 34.61 44.67
N SER A 85 -8.22 35.80 44.58
CA SER A 85 -7.22 36.30 45.52
C SER A 85 -5.97 35.42 45.56
N ASN A 86 -5.77 34.60 44.52
CA ASN A 86 -4.53 33.86 44.31
C ASN A 86 -4.14 33.03 45.53
N ILE A 87 -5.03 32.13 45.92
CA ILE A 87 -4.73 31.22 47.03
C ILE A 87 -3.70 30.18 46.59
N ILE A 88 -3.89 29.57 45.43
CA ILE A 88 -2.92 28.60 44.92
C ILE A 88 -1.72 29.37 44.37
N ARG A 89 -0.53 28.96 44.77
CA ARG A 89 0.71 29.61 44.35
C ARG A 89 1.81 28.55 44.32
N GLY A 90 1.98 27.93 43.14
CA GLY A 90 3.09 27.03 42.94
C GLY A 90 2.79 25.56 43.20
N TRP A 91 3.70 24.73 42.72
CA TRP A 91 3.63 23.28 42.86
C TRP A 91 5.05 22.77 43.13
N ILE A 92 5.15 21.55 43.63
CA ILE A 92 6.45 20.92 43.85
C ILE A 92 6.44 19.50 43.28
N PHE A 93 7.41 19.22 42.40
CA PHE A 93 7.50 17.96 41.69
C PHE A 93 8.80 17.25 42.05
N GLY A 94 8.73 15.93 42.26
CA GLY A 94 9.92 15.18 42.57
C GLY A 94 9.60 13.74 42.92
N THR A 95 10.66 12.94 42.96
CA THR A 95 10.50 11.51 43.24
C THR A 95 10.23 11.25 44.71
N THR A 96 11.19 11.55 45.56
CA THR A 96 11.09 11.30 46.99
C THR A 96 10.73 12.55 47.78
N LEU A 97 10.82 13.73 47.17
CA LEU A 97 10.56 14.99 47.86
C LEU A 97 11.38 15.10 49.13
N ASP A 98 12.66 14.75 49.02
CA ASP A 98 13.60 14.81 50.13
C ASP A 98 14.96 15.22 49.57
N SER A 99 15.99 15.18 50.43
CA SER A 99 17.27 15.79 50.09
C SER A 99 18.10 14.94 49.12
N LYS A 100 18.02 13.62 49.21
CA LYS A 100 18.93 12.79 48.42
C LYS A 100 18.67 12.87 46.93
N THR A 101 17.43 13.06 46.51
CA THR A 101 17.11 13.19 45.09
C THR A 101 16.75 14.63 44.75
N GLN A 102 16.97 15.00 43.49
CA GLN A 102 16.60 16.32 43.00
C GLN A 102 15.08 16.41 42.81
N SER A 103 14.58 17.64 42.89
CA SER A 103 13.15 17.90 42.72
C SER A 103 12.98 19.29 42.12
N LEU A 104 11.83 19.50 41.49
CA LEU A 104 11.53 20.76 40.81
C LEU A 104 10.61 21.61 41.65
N LEU A 105 11.06 22.84 41.95
CA LEU A 105 10.29 23.78 42.73
C LEU A 105 9.84 24.90 41.80
N ILE A 106 8.53 25.07 41.68
CA ILE A 106 7.95 26.05 40.77
C ILE A 106 6.91 26.82 41.59
N VAL A 107 7.29 27.99 42.07
CA VAL A 107 6.49 28.79 43.00
C VAL A 107 6.35 30.18 42.42
N ASN A 108 5.17 30.76 42.53
CA ASN A 108 4.82 31.96 41.76
C ASN A 108 4.20 32.97 42.71
N ASN A 109 4.98 33.98 43.08
CA ASN A 109 4.45 35.18 43.70
C ASN A 109 3.80 36.06 42.63
N ALA A 110 2.76 36.81 43.04
CA ALA A 110 1.92 37.51 42.07
C ALA A 110 2.74 38.24 41.01
N THR A 111 3.87 38.84 41.39
CA THR A 111 4.66 39.58 40.43
C THR A 111 5.60 38.69 39.62
N ASN A 112 6.03 37.54 40.16
CA ASN A 112 7.07 36.76 39.50
C ASN A 112 7.01 35.29 39.86
N VAL A 113 7.66 34.49 39.02
CA VAL A 113 7.72 33.03 39.16
C VAL A 113 9.16 32.58 39.22
N VAL A 114 9.45 31.67 40.15
CA VAL A 114 10.79 31.10 40.31
C VAL A 114 10.69 29.60 40.07
N ILE A 115 11.57 29.08 39.22
CA ILE A 115 11.56 27.68 38.82
C ILE A 115 12.98 27.16 39.06
N LYS A 116 13.18 26.48 40.18
CA LYS A 116 14.48 25.95 40.57
C LYS A 116 14.39 24.45 40.73
N VAL A 117 15.33 23.74 40.12
CA VAL A 117 15.49 22.30 40.35
C VAL A 117 16.78 22.12 41.13
N CYS A 118 16.64 21.77 42.40
CA CYS A 118 17.76 21.65 43.32
C CYS A 118 17.38 20.60 44.35
N GLU A 119 18.38 19.99 44.97
CA GLU A 119 18.09 19.07 46.06
C GLU A 119 17.51 19.85 47.22
N PHE A 120 16.33 19.44 47.67
CA PHE A 120 15.56 20.17 48.67
C PHE A 120 15.09 19.20 49.74
N GLN A 121 15.38 19.50 51.00
CA GLN A 121 14.71 18.81 52.10
C GLN A 121 13.44 19.59 52.39
N PHE A 122 12.30 18.94 52.19
CA PHE A 122 11.01 19.63 52.24
C PHE A 122 10.33 19.48 53.60
N CYS A 123 9.45 20.43 53.87
CA CYS A 123 8.59 20.39 55.03
C CYS A 123 7.40 19.50 54.70
N ASN A 124 6.85 18.84 55.73
CA ASN A 124 5.64 18.06 55.53
C ASN A 124 4.55 18.87 54.86
N ASP A 125 4.25 20.04 55.40
CA ASP A 125 3.20 20.91 54.87
C ASP A 125 3.82 22.23 54.47
N PRO A 126 4.25 22.39 53.22
CA PRO A 126 4.86 23.66 52.80
C PRO A 126 3.79 24.67 52.41
N PHE A 127 4.00 25.93 52.82
CA PHE A 127 3.04 26.97 52.53
C PHE A 127 3.72 28.33 52.51
N LEU A 128 3.30 29.17 51.57
CA LEU A 128 3.74 30.56 51.54
C LEU A 128 2.88 31.34 52.53
N GLY A 129 3.53 31.99 53.50
CA GLY A 129 2.77 32.59 54.58
C GLY A 129 2.58 34.09 54.45
N VAL A 130 1.40 34.51 54.01
CA VAL A 130 1.08 35.91 53.87
C VAL A 130 0.41 36.39 55.16
N TYR A 131 0.47 37.70 55.40
CA TYR A 131 -0.15 38.31 56.56
C TYR A 131 -1.00 39.48 56.12
N TYR A 132 -1.98 39.80 56.96
CA TYR A 132 -2.88 40.95 56.66
C TYR A 132 -3.07 41.77 57.92
N HIS A 133 -3.31 43.06 57.77
CA HIS A 133 -3.43 43.98 58.89
C HIS A 133 -4.80 44.64 58.85
N LYS A 134 -5.28 45.06 60.02
CA LYS A 134 -6.63 45.60 60.14
C LYS A 134 -6.68 47.12 60.02
N ASN A 135 -5.78 47.86 60.67
CA ASN A 135 -5.84 49.31 60.61
C ASN A 135 -5.54 49.81 59.19
N ASN A 136 -4.46 49.32 58.59
CA ASN A 136 -4.07 49.77 57.26
C ASN A 136 -5.04 49.24 56.21
N LYS A 137 -5.63 48.07 56.44
CA LYS A 137 -6.47 47.38 55.47
C LYS A 137 -5.68 47.10 54.18
N SER A 138 -4.49 46.53 54.35
CA SER A 138 -3.60 46.20 53.26
C SER A 138 -2.98 44.84 53.52
N TRP A 139 -2.59 44.15 52.45
CA TRP A 139 -1.94 42.86 52.56
C TRP A 139 -0.43 42.98 52.37
N MET A 140 0.31 42.25 53.19
CA MET A 140 1.71 42.50 53.49
C MET A 140 2.58 41.36 52.96
N GLU A 141 3.86 41.38 53.34
CA GLU A 141 4.84 40.45 52.80
C GLU A 141 4.54 39.02 53.25
N SER A 142 5.23 38.08 52.64
CA SER A 142 5.05 36.66 52.90
C SER A 142 6.36 36.02 53.37
N GLU A 143 6.23 34.80 53.90
CA GLU A 143 7.36 33.97 54.29
C GLU A 143 7.30 32.65 53.52
N PHE A 144 8.44 32.24 52.96
CA PHE A 144 8.45 31.11 52.03
C PHE A 144 8.06 29.81 52.74
N ARG A 145 8.85 29.39 53.73
CA ARG A 145 8.52 28.26 54.59
C ARG A 145 8.21 26.98 53.79
N VAL A 146 9.10 26.63 52.87
CA VAL A 146 8.89 25.44 52.05
C VAL A 146 10.02 24.42 52.13
N TYR A 147 11.24 24.81 52.46
CA TYR A 147 12.33 23.84 52.53
C TYR A 147 13.31 24.24 53.62
N SER A 148 13.94 23.22 54.21
CA SER A 148 14.95 23.47 55.25
C SER A 148 16.31 23.75 54.64
N SER A 149 16.67 23.06 53.56
CA SER A 149 18.01 23.19 52.98
C SER A 149 17.94 23.04 51.47
N ALA A 150 18.82 23.76 50.78
CA ALA A 150 18.91 23.72 49.33
C ALA A 150 20.37 23.57 48.93
N ASN A 151 20.69 22.50 48.21
CA ASN A 151 22.08 22.21 47.88
C ASN A 151 22.16 21.55 46.51
N ASN A 152 23.30 21.78 45.83
CA ASN A 152 23.59 21.22 44.51
C ASN A 152 22.55 21.64 43.48
N CYS A 153 22.28 22.94 43.41
CA CYS A 153 21.32 23.44 42.44
C CYS A 153 21.89 23.39 41.03
N THR A 154 21.04 23.07 40.05
CA THR A 154 21.51 22.88 38.69
C THR A 154 20.71 23.61 37.63
N PHE A 155 19.65 24.35 38.00
CA PHE A 155 18.91 25.15 37.04
C PHE A 155 17.99 26.14 37.73
N GLU A 156 18.13 27.42 37.39
CA GLU A 156 17.30 28.50 37.89
C GLU A 156 16.67 29.20 36.69
N TYR A 157 15.36 29.41 36.72
CA TYR A 157 14.71 30.22 35.69
C TYR A 157 13.57 31.10 36.20
N VAL A 158 13.62 32.37 35.80
CA VAL A 158 12.74 33.43 36.29
C VAL A 158 12.10 34.08 35.08
N SER A 159 10.78 34.28 35.12
CA SER A 159 10.09 34.91 34.01
C SER A 159 8.85 35.63 34.50
N GLN A 160 8.09 36.19 33.57
CA GLN A 160 6.86 36.87 33.90
C GLN A 160 5.86 35.88 34.49
N PRO A 161 5.13 36.25 35.54
CA PRO A 161 4.30 35.26 36.24
C PRO A 161 3.22 34.70 35.34
N PHE A 162 2.96 33.41 35.50
CA PHE A 162 1.98 32.73 34.66
C PHE A 162 0.78 32.26 35.47
N ASN A 172 -18.91 34.13 44.90
CA ASN A 172 -18.74 33.32 43.70
C ASN A 172 -17.27 33.22 43.32
N PHE A 173 -16.99 32.55 42.21
CA PHE A 173 -15.64 32.41 41.68
C PHE A 173 -15.58 33.01 40.28
N LYS A 174 -14.39 33.48 39.90
CA LYS A 174 -14.26 34.20 38.64
C LYS A 174 -13.13 33.67 37.75
N ASN A 175 -12.07 33.12 38.34
CA ASN A 175 -10.90 32.71 37.57
C ASN A 175 -10.81 31.19 37.49
N LEU A 176 -10.56 30.68 36.28
CA LEU A 176 -10.39 29.25 36.03
C LEU A 176 -9.06 29.09 35.31
N ARG A 177 -8.05 28.61 36.03
CA ARG A 177 -6.73 28.40 35.45
C ARG A 177 -6.50 26.90 35.24
N GLU A 178 -5.95 26.55 34.09
CA GLU A 178 -5.71 25.17 33.72
C GLU A 178 -4.26 24.98 33.32
N PHE A 179 -3.66 23.89 33.79
CA PHE A 179 -2.29 23.54 33.43
C PHE A 179 -2.21 22.05 33.14
N VAL A 180 -1.37 21.70 32.18
CA VAL A 180 -1.05 20.31 31.87
C VAL A 180 0.45 20.14 31.95
N PHE A 181 0.91 19.21 32.79
CA PHE A 181 2.33 18.96 32.98
C PHE A 181 2.68 17.60 32.38
N LYS A 182 3.80 17.55 31.67
CA LYS A 182 4.17 16.32 30.97
C LYS A 182 5.68 16.24 30.86
N ASN A 183 6.25 15.10 31.25
CA ASN A 183 7.69 14.85 31.16
C ASN A 183 7.94 13.79 30.10
N ILE A 184 8.50 14.20 28.96
CA ILE A 184 8.80 13.29 27.86
C ILE A 184 10.21 13.57 27.34
N ASP A 185 10.98 12.51 27.14
CA ASP A 185 12.31 12.57 26.53
C ASP A 185 13.26 13.52 27.26
N GLY A 186 13.10 13.67 28.57
CA GLY A 186 13.97 14.53 29.35
C GLY A 186 13.53 15.97 29.47
N TYR A 187 12.41 16.36 28.87
CA TYR A 187 11.92 17.73 28.97
C TYR A 187 10.61 17.78 29.74
N PHE A 188 10.42 18.87 30.46
CA PHE A 188 9.22 19.11 31.25
C PHE A 188 8.44 20.23 30.58
N LYS A 189 7.25 19.91 30.07
CA LYS A 189 6.47 20.86 29.27
C LYS A 189 5.20 21.28 30.00
N ILE A 190 4.92 22.59 29.94
CA ILE A 190 3.79 23.20 30.62
C ILE A 190 2.87 23.78 29.55
N TYR A 191 1.60 23.41 29.60
CA TYR A 191 0.57 24.00 28.76
C TYR A 191 -0.45 24.68 29.66
N SER A 192 -0.91 25.86 29.27
CA SER A 192 -1.70 26.68 30.17
C SER A 192 -2.85 27.34 29.40
N LYS A 193 -3.87 27.72 30.16
CA LYS A 193 -4.99 28.50 29.65
C LYS A 193 -5.64 29.19 30.83
N HIS A 194 -6.07 30.43 30.64
CA HIS A 194 -6.73 31.20 31.68
C HIS A 194 -8.06 31.70 31.14
N THR A 195 -9.13 31.42 31.86
CA THR A 195 -10.47 31.73 31.40
C THR A 195 -11.38 32.19 32.53
N PRO A 196 -11.96 33.39 32.41
CA PRO A 196 -12.96 33.83 33.40
C PRO A 196 -14.24 33.01 33.26
N ILE A 197 -14.76 32.54 34.40
CA ILE A 197 -15.95 31.71 34.45
C ILE A 197 -16.85 32.19 35.58
N ASN A 198 -18.03 31.57 35.69
CA ASN A 198 -18.98 31.97 36.72
C ASN A 198 -19.73 30.83 37.41
N LEU A 199 -19.54 29.57 37.02
CA LEU A 199 -20.16 28.49 37.77
C LEU A 199 -19.29 28.14 38.97
N VAL A 200 -19.90 28.13 40.15
CA VAL A 200 -19.13 28.22 41.39
C VAL A 200 -18.45 26.91 41.79
N ARG A 201 -19.05 25.76 41.52
CA ARG A 201 -18.59 24.53 42.17
C ARG A 201 -18.24 23.42 41.18
N ASP A 202 -18.25 23.68 39.87
CA ASP A 202 -18.09 22.59 38.93
C ASP A 202 -17.26 23.04 37.74
N LEU A 203 -16.70 22.07 37.04
CA LEU A 203 -15.98 22.34 35.81
C LEU A 203 -16.98 22.76 34.74
N PRO A 204 -16.70 23.81 33.97
CA PRO A 204 -17.67 24.27 32.97
C PRO A 204 -17.85 23.27 31.84
N GLN A 205 -19.05 23.29 31.26
CA GLN A 205 -19.37 22.47 30.10
C GLN A 205 -18.99 23.26 28.85
N GLY A 206 -17.77 23.06 28.38
CA GLY A 206 -17.31 23.78 27.20
C GLY A 206 -15.92 23.33 26.82
N PHE A 207 -15.46 23.88 25.69
CA PHE A 207 -14.17 23.52 25.12
C PHE A 207 -13.19 24.68 25.23
N SER A 208 -12.01 24.40 25.76
CA SER A 208 -10.93 25.37 25.88
C SER A 208 -9.62 24.68 25.52
N ALA A 209 -8.80 25.34 24.71
CA ALA A 209 -7.55 24.78 24.24
C ALA A 209 -6.38 25.42 24.98
N LEU A 210 -5.46 24.59 25.44
CA LEU A 210 -4.30 25.07 26.18
C LEU A 210 -3.14 25.35 25.23
N GLU A 211 -2.40 26.43 25.53
CA GLU A 211 -1.31 26.89 24.68
C GLU A 211 0.04 26.57 25.30
N PRO A 212 1.07 26.32 24.49
CA PRO A 212 2.37 25.93 25.03
C PRO A 212 3.10 27.06 25.72
N LEU A 213 3.25 26.97 27.04
CA LEU A 213 3.88 28.05 27.79
C LEU A 213 5.40 27.94 27.77
N VAL A 214 5.94 26.80 28.20
CA VAL A 214 7.39 26.62 28.25
C VAL A 214 7.70 25.14 28.32
N ASP A 215 8.88 24.77 27.80
CA ASP A 215 9.43 23.43 27.91
C ASP A 215 10.83 23.55 28.49
N LEU A 216 11.12 22.73 29.51
CA LEU A 216 12.34 22.92 30.29
C LEU A 216 13.25 21.71 30.18
N PRO A 217 14.56 21.90 30.17
CA PRO A 217 15.51 20.77 30.08
C PRO A 217 15.92 20.26 31.46
N ILE A 218 14.95 19.86 32.27
CA ILE A 218 15.24 19.49 33.65
C ILE A 218 16.06 18.20 33.70
N GLY A 219 15.63 17.16 33.00
CA GLY A 219 16.26 15.86 33.12
C GLY A 219 16.25 15.28 34.52
N ILE A 220 15.10 15.32 35.19
CA ILE A 220 14.94 14.70 36.50
C ILE A 220 13.80 13.70 36.44
N ASN A 221 13.93 12.63 37.21
CA ASN A 221 12.86 11.65 37.38
C ASN A 221 11.75 12.28 38.23
N ILE A 222 10.53 12.23 37.71
CA ILE A 222 9.36 12.81 38.36
C ILE A 222 8.37 11.70 38.67
N THR A 223 8.13 11.44 39.95
CA THR A 223 7.22 10.39 40.38
C THR A 223 6.01 10.90 41.16
N ARG A 224 6.15 12.00 41.90
CA ARG A 224 5.06 12.52 42.72
C ARG A 224 5.10 14.03 42.72
N PHE A 225 3.95 14.65 42.99
CA PHE A 225 3.87 16.09 43.06
C PHE A 225 2.94 16.52 44.18
N GLN A 226 3.25 17.68 44.76
CA GLN A 226 2.48 18.25 45.86
C GLN A 226 2.19 19.72 45.53
N THR A 227 0.96 20.15 45.77
CA THR A 227 0.58 21.52 45.47
C THR A 227 0.94 22.44 46.64
N LEU A 228 1.20 23.71 46.32
CA LEU A 228 1.60 24.71 47.29
C LEU A 228 0.49 25.75 47.42
N LEU A 229 -0.05 25.89 48.63
CA LEU A 229 -1.11 26.84 48.91
C LEU A 229 -0.59 27.93 49.84
N ALA A 230 -1.05 29.16 49.62
CA ALA A 230 -0.68 30.30 50.45
C ALA A 230 -1.77 30.56 51.47
N LEU A 231 -1.35 30.81 52.72
CA LEU A 231 -2.26 30.93 53.85
C LEU A 231 -2.10 32.29 54.49
N HIS A 232 -3.17 32.76 55.14
CA HIS A 232 -3.23 34.13 55.64
C HIS A 232 -3.62 34.15 57.12
N ARG A 233 -2.83 34.86 57.92
CA ARG A 233 -3.13 35.10 59.31
C ARG A 233 -2.83 36.56 59.63
N SER A 234 -3.72 37.19 60.38
CA SER A 234 -3.64 38.63 60.64
C SER A 234 -2.80 39.00 61.85
N TYR A 235 -2.34 38.04 62.63
CA TYR A 235 -1.46 38.30 63.77
C TYR A 235 -0.18 37.52 63.62
N LEU A 236 0.94 38.12 64.02
CA LEU A 236 2.23 37.43 64.00
C LEU A 236 2.93 37.58 65.34
N THR A 237 3.31 36.46 65.91
CA THR A 237 4.19 36.35 67.07
C THR A 237 5.29 35.37 66.72
N PRO A 238 6.51 35.58 67.21
CA PRO A 238 7.63 34.77 66.71
C PRO A 238 7.68 33.37 67.32
N GLY A 239 7.19 33.21 68.54
CA GLY A 239 7.29 31.93 69.20
C GLY A 239 6.14 30.97 69.00
N ASP A 240 5.08 31.37 68.32
CA ASP A 240 3.89 30.54 68.17
C ASP A 240 3.35 30.65 66.75
N SER A 241 3.26 29.52 66.06
CA SER A 241 2.77 29.50 64.69
C SER A 241 1.83 28.31 64.53
N SER A 242 1.42 28.07 63.28
CA SER A 242 0.46 27.00 62.96
C SER A 242 -0.82 27.14 63.78
N SER A 243 -1.21 28.38 64.07
CA SER A 243 -2.45 28.63 64.79
C SER A 243 -3.01 29.95 64.28
N GLY A 244 -4.16 29.89 63.62
CA GLY A 244 -4.79 31.05 63.07
C GLY A 244 -4.71 31.17 61.56
N TRP A 245 -4.30 30.11 60.88
CA TRP A 245 -4.22 30.12 59.42
C TRP A 245 -5.57 29.71 58.84
N THR A 246 -5.97 30.39 57.77
CA THR A 246 -7.23 30.13 57.09
C THR A 246 -6.96 30.02 55.60
N ALA A 247 -7.68 29.13 54.93
CA ALA A 247 -7.42 28.82 53.54
C ALA A 247 -8.26 29.65 52.57
N GLY A 248 -9.18 30.48 53.07
CA GLY A 248 -10.03 31.22 52.17
C GLY A 248 -11.00 30.27 51.51
N ALA A 249 -11.16 30.41 50.20
CA ALA A 249 -12.08 29.57 49.42
C ALA A 249 -11.44 29.32 48.07
N ALA A 250 -10.74 28.19 47.96
CA ALA A 250 -10.10 27.78 46.71
C ALA A 250 -10.27 26.28 46.54
N ALA A 251 -10.47 25.86 45.29
CA ALA A 251 -10.63 24.46 44.95
C ALA A 251 -9.75 24.13 43.76
N TYR A 252 -9.07 23.00 43.80
CA TYR A 252 -8.23 22.56 42.70
C TYR A 252 -8.59 21.13 42.32
N TYR A 253 -8.32 20.78 41.07
CA TYR A 253 -8.74 19.52 40.48
C TYR A 253 -7.54 18.88 39.81
N VAL A 254 -7.39 17.56 39.99
CA VAL A 254 -6.28 16.82 39.42
C VAL A 254 -6.81 15.65 38.62
N GLY A 255 -6.37 15.55 37.36
CA GLY A 255 -6.66 14.40 36.53
C GLY A 255 -5.38 13.83 35.96
N TYR A 256 -5.49 12.65 35.37
CA TYR A 256 -4.31 11.93 34.91
C TYR A 256 -4.39 11.67 33.40
N LEU A 257 -3.26 11.89 32.73
CA LEU A 257 -3.15 11.72 31.29
C LEU A 257 -2.95 10.25 30.92
N GLN A 258 -3.24 9.94 29.66
CA GLN A 258 -3.18 8.56 29.19
C GLN A 258 -2.94 8.58 27.70
N PRO A 259 -2.19 7.62 27.14
CA PRO A 259 -1.95 7.61 25.70
C PRO A 259 -3.22 7.31 24.91
N ARG A 260 -3.72 8.31 24.18
CA ARG A 260 -4.96 8.19 23.45
C ARG A 260 -4.83 8.94 22.13
N THR A 261 -5.68 8.57 21.18
CA THR A 261 -5.75 9.23 19.89
C THR A 261 -6.94 10.17 19.85
N PHE A 262 -6.72 11.36 19.30
CA PHE A 262 -7.73 12.40 19.24
C PHE A 262 -7.91 12.86 17.80
N LEU A 263 -9.11 13.33 17.49
CA LEU A 263 -9.37 14.03 16.24
C LEU A 263 -9.85 15.43 16.58
N LEU A 264 -9.21 16.44 15.99
CA LEU A 264 -9.38 17.83 16.39
C LEU A 264 -10.02 18.65 15.26
N LYS A 265 -10.96 19.51 15.63
CA LYS A 265 -11.58 20.44 14.70
C LYS A 265 -10.83 21.76 14.79
N TYR A 266 -10.26 22.21 13.68
CA TYR A 266 -9.54 23.48 13.63
C TYR A 266 -10.40 24.54 12.97
N ASN A 267 -10.48 25.70 13.60
CA ASN A 267 -11.38 26.76 13.16
C ASN A 267 -10.76 27.54 11.99
N GLU A 268 -11.56 28.45 11.43
CA GLU A 268 -11.09 29.28 10.34
C GLU A 268 -9.94 30.17 10.79
N ASN A 269 -10.02 30.70 12.00
CA ASN A 269 -8.99 31.57 12.56
C ASN A 269 -7.87 30.79 13.25
N GLY A 270 -7.87 29.46 13.14
CA GLY A 270 -6.81 28.65 13.69
C GLY A 270 -7.01 28.16 15.10
N THR A 271 -8.17 28.37 15.70
CA THR A 271 -8.42 27.89 17.05
C THR A 271 -8.97 26.47 17.01
N ILE A 272 -8.80 25.76 18.13
CA ILE A 272 -9.36 24.44 18.31
C ILE A 272 -10.71 24.58 19.00
N THR A 273 -11.78 24.23 18.28
CA THR A 273 -13.13 24.41 18.76
C THR A 273 -13.77 23.13 19.25
N ASP A 274 -13.37 21.99 18.71
CA ASP A 274 -13.94 20.71 19.11
C ASP A 274 -12.90 19.62 18.93
N ALA A 275 -13.12 18.51 19.63
CA ALA A 275 -12.25 17.34 19.54
C ALA A 275 -13.07 16.12 19.91
N VAL A 276 -12.59 14.96 19.46
CA VAL A 276 -13.30 13.71 19.70
C VAL A 276 -12.35 12.69 20.33
N ASP A 277 -12.82 12.06 21.42
CA ASP A 277 -12.16 10.92 22.01
C ASP A 277 -12.48 9.67 21.21
N CYS A 278 -11.48 9.00 20.69
CA CYS A 278 -11.73 7.89 19.79
C CYS A 278 -12.00 6.59 20.54
N ALA A 279 -11.95 6.60 21.88
CA ALA A 279 -12.17 5.39 22.67
C ALA A 279 -13.30 5.53 23.68
N LEU A 280 -14.13 6.56 23.58
CA LEU A 280 -15.24 6.70 24.52
C LEU A 280 -16.27 5.59 24.34
N ASP A 281 -16.72 5.38 23.12
CA ASP A 281 -17.71 4.36 22.82
C ASP A 281 -17.62 3.99 21.34
N PRO A 282 -18.40 3.02 20.85
CA PRO A 282 -18.36 2.75 19.40
C PRO A 282 -18.75 3.93 18.52
N LEU A 283 -19.67 4.78 18.96
CA LEU A 283 -20.05 5.95 18.17
C LEU A 283 -18.87 6.91 18.04
N SER A 284 -18.14 7.13 19.13
CA SER A 284 -17.01 8.03 19.05
C SER A 284 -15.90 7.42 18.20
N GLU A 285 -15.73 6.10 18.26
CA GLU A 285 -14.75 5.44 17.41
C GLU A 285 -15.11 5.57 15.93
N THR A 286 -16.40 5.43 15.60
CA THR A 286 -16.78 5.53 14.20
C THR A 286 -16.66 6.97 13.71
N LYS A 287 -16.90 7.95 14.58
CA LYS A 287 -16.62 9.34 14.21
C LYS A 287 -15.13 9.55 13.99
N CYS A 288 -14.29 8.95 14.84
CA CYS A 288 -12.85 9.13 14.71
C CYS A 288 -12.34 8.52 13.43
N THR A 289 -12.87 7.36 13.04
CA THR A 289 -12.42 6.72 11.81
C THR A 289 -13.00 7.43 10.58
N LEU A 290 -14.26 7.89 10.62
CA LEU A 290 -14.95 8.54 9.45
C LEU A 290 -14.56 10.01 9.24
N LYS A 291 -13.78 10.61 10.13
CA LYS A 291 -13.28 12.00 9.93
C LYS A 291 -14.45 12.96 9.70
N SER A 292 -15.52 12.81 10.46
CA SER A 292 -16.67 13.71 10.39
C SER A 292 -17.33 13.77 11.75
N PHE A 293 -17.73 14.97 12.15
CA PHE A 293 -18.33 15.12 13.47
C PHE A 293 -19.79 14.70 13.49
N THR A 294 -20.41 14.57 12.33
CA THR A 294 -21.78 14.10 12.19
C THR A 294 -21.77 12.73 11.55
N VAL A 295 -22.44 11.77 12.18
CA VAL A 295 -22.58 10.42 11.65
C VAL A 295 -24.03 10.21 11.25
N GLU A 296 -24.24 9.82 10.00
CA GLU A 296 -25.58 9.67 9.46
C GLU A 296 -26.22 8.37 9.94
N LYS A 297 -27.51 8.26 9.68
CA LYS A 297 -28.27 7.07 10.07
C LYS A 297 -27.70 5.82 9.39
N GLY A 298 -27.61 4.74 10.15
CA GLY A 298 -27.20 3.48 9.61
C GLY A 298 -26.53 2.63 10.68
N ILE A 299 -25.95 1.52 10.22
CA ILE A 299 -25.19 0.61 11.06
C ILE A 299 -23.75 0.60 10.56
N TYR A 300 -22.80 0.78 11.47
CA TYR A 300 -21.40 0.94 11.13
C TYR A 300 -20.56 -0.13 11.82
N GLN A 301 -19.65 -0.73 11.05
CA GLN A 301 -18.73 -1.70 11.61
C GLN A 301 -17.57 -0.99 12.29
N THR A 302 -17.30 -1.38 13.52
CA THR A 302 -16.21 -0.81 14.30
C THR A 302 -15.20 -1.92 14.60
N SER A 303 -14.17 -1.56 15.36
CA SER A 303 -13.08 -2.50 15.63
C SER A 303 -13.57 -3.68 16.45
N ASN A 304 -12.88 -4.81 16.28
CA ASN A 304 -13.23 -6.03 16.99
C ASN A 304 -13.00 -5.85 18.49
N PHE A 305 -13.61 -6.74 19.27
CA PHE A 305 -13.55 -6.65 20.72
C PHE A 305 -12.13 -6.94 21.20
N ARG A 306 -11.61 -6.07 22.05
CA ARG A 306 -10.25 -6.20 22.58
C ARG A 306 -10.29 -6.40 24.09
N VAL A 307 -9.42 -7.27 24.58
CA VAL A 307 -9.23 -7.49 26.01
C VAL A 307 -7.79 -7.11 26.33
N GLN A 308 -7.62 -6.14 27.21
CA GLN A 308 -6.26 -5.71 27.49
C GLN A 308 -5.62 -6.58 28.56
N PRO A 309 -4.33 -6.89 28.44
CA PRO A 309 -3.67 -7.70 29.46
C PRO A 309 -3.65 -7.00 30.80
N THR A 310 -3.73 -7.80 31.86
CA THR A 310 -3.80 -7.28 33.23
C THR A 310 -2.46 -7.27 33.94
N GLU A 311 -1.63 -8.30 33.73
CA GLU A 311 -0.35 -8.42 34.40
C GLU A 311 0.69 -8.93 33.42
N SER A 312 1.91 -9.12 33.90
CA SER A 312 3.02 -9.61 33.10
C SER A 312 3.74 -10.70 33.87
N ILE A 313 4.15 -11.75 33.15
CA ILE A 313 4.85 -12.88 33.74
C ILE A 313 6.10 -13.18 32.94
N VAL A 314 7.12 -13.68 33.63
CA VAL A 314 8.37 -14.14 33.02
C VAL A 314 8.63 -15.56 33.49
N ARG A 315 9.07 -16.42 32.56
CA ARG A 315 9.36 -17.82 32.86
C ARG A 315 10.71 -18.18 32.27
N PHE A 316 11.72 -18.28 33.12
CA PHE A 316 13.09 -18.62 32.76
C PHE A 316 13.51 -19.90 33.46
N PRO A 317 14.48 -20.63 32.90
CA PRO A 317 14.89 -21.90 33.51
C PRO A 317 15.57 -21.69 34.85
N ASN A 318 15.77 -22.81 35.55
CA ASN A 318 16.41 -22.83 36.87
C ASN A 318 17.91 -22.74 36.67
N ILE A 319 18.44 -21.52 36.64
CA ILE A 319 19.86 -21.27 36.43
C ILE A 319 20.37 -20.43 37.59
N THR A 320 21.42 -20.91 38.23
CA THR A 320 22.02 -20.25 39.39
C THR A 320 23.48 -19.89 39.22
N ASN A 321 24.24 -20.68 38.47
CA ASN A 321 25.66 -20.39 38.29
C ASN A 321 25.86 -19.17 37.41
N LEU A 322 26.98 -18.49 37.61
CA LEU A 322 27.35 -17.33 36.81
C LEU A 322 28.26 -17.77 35.66
N CYS A 323 28.13 -17.09 34.53
CA CYS A 323 28.88 -17.48 33.35
C CYS A 323 30.37 -17.25 33.56
N PRO A 324 31.23 -18.07 32.96
CA PRO A 324 32.65 -18.06 33.31
C PRO A 324 33.42 -16.95 32.60
N PHE A 325 33.09 -15.71 32.96
CA PHE A 325 33.76 -14.55 32.37
C PHE A 325 35.22 -14.45 32.77
N GLY A 326 35.64 -15.14 33.82
CA GLY A 326 37.00 -15.03 34.31
C GLY A 326 37.97 -16.00 33.70
N GLU A 327 37.50 -16.90 32.82
CA GLU A 327 38.37 -17.85 32.13
C GLU A 327 38.22 -17.76 30.63
N VAL A 328 37.38 -16.86 30.12
CA VAL A 328 37.29 -16.58 28.70
C VAL A 328 37.89 -15.22 28.37
N PHE A 329 37.65 -14.22 29.22
CA PHE A 329 38.16 -12.87 29.02
C PHE A 329 39.44 -12.60 29.80
N ASN A 330 39.64 -13.25 30.94
CA ASN A 330 40.75 -12.96 31.83
C ASN A 330 41.81 -14.06 31.79
N ALA A 331 41.85 -14.83 30.71
CA ALA A 331 42.82 -15.91 30.61
C ALA A 331 44.24 -15.37 30.55
N THR A 332 45.19 -16.21 30.96
CA THR A 332 46.59 -15.81 30.97
C THR A 332 47.24 -16.00 29.61
N ARG A 333 46.73 -16.92 28.80
CA ARG A 333 47.28 -17.19 27.48
C ARG A 333 46.13 -17.35 26.49
N PHE A 334 46.25 -16.68 25.35
CA PHE A 334 45.27 -16.75 24.28
C PHE A 334 45.82 -17.57 23.12
N ALA A 335 44.92 -18.02 22.26
CA ALA A 335 45.30 -18.82 21.12
C ALA A 335 45.65 -17.95 19.91
N SER A 336 46.45 -18.51 19.02
CA SER A 336 46.79 -17.83 17.79
C SER A 336 45.60 -17.80 16.84
N VAL A 337 45.65 -16.88 15.88
CA VAL A 337 44.52 -16.73 14.96
C VAL A 337 44.39 -17.95 14.05
N TYR A 338 45.51 -18.61 13.73
CA TYR A 338 45.45 -19.78 12.86
C TYR A 338 44.97 -21.02 13.59
N ALA A 339 45.07 -21.06 14.91
CA ALA A 339 44.62 -22.17 15.74
C ALA A 339 43.78 -21.67 16.90
N TRP A 340 42.83 -20.78 16.59
CA TRP A 340 41.99 -20.17 17.61
C TRP A 340 41.24 -21.22 18.43
N ASN A 341 40.87 -20.83 19.65
CA ASN A 341 40.24 -21.70 20.60
C ASN A 341 38.74 -21.41 20.62
N ARG A 342 37.94 -22.47 20.71
CA ARG A 342 36.49 -22.36 20.80
C ARG A 342 36.03 -23.06 22.06
N LYS A 343 35.23 -22.37 22.86
CA LYS A 343 34.78 -22.88 24.16
C LYS A 343 33.25 -22.87 24.22
N ARG A 344 32.69 -23.95 24.73
CA ARG A 344 31.24 -24.08 24.84
C ARG A 344 30.78 -23.53 26.18
N ILE A 345 29.73 -22.72 26.16
CA ILE A 345 29.17 -22.07 27.34
C ILE A 345 27.76 -22.58 27.54
N SER A 346 27.47 -23.10 28.73
CA SER A 346 26.15 -23.65 28.99
C SER A 346 25.87 -23.64 30.49
N ASN A 347 24.60 -23.49 30.84
CA ASN A 347 24.10 -23.53 32.21
C ASN A 347 24.81 -22.46 33.05
N CYS A 348 24.49 -21.21 32.73
CA CYS A 348 25.02 -20.08 33.49
C CYS A 348 24.26 -18.81 33.10
N VAL A 349 24.10 -17.92 34.07
CA VAL A 349 23.42 -16.65 33.84
C VAL A 349 24.41 -15.66 33.22
N ALA A 350 23.98 -15.02 32.14
CA ALA A 350 24.84 -14.14 31.36
C ALA A 350 24.68 -12.69 31.80
N ASP A 351 25.07 -12.43 33.05
CA ASP A 351 25.04 -11.09 33.62
C ASP A 351 26.37 -10.43 33.30
N TYR A 352 26.39 -9.61 32.25
CA TYR A 352 27.63 -8.97 31.82
C TYR A 352 27.93 -7.68 32.58
N SER A 353 27.11 -7.32 33.56
CA SER A 353 27.42 -6.18 34.41
C SER A 353 28.67 -6.41 35.25
N VAL A 354 29.08 -7.67 35.44
CA VAL A 354 30.30 -7.96 36.18
C VAL A 354 31.54 -7.52 35.42
N LEU A 355 31.43 -7.28 34.12
CA LEU A 355 32.56 -6.85 33.31
C LEU A 355 32.78 -5.34 33.33
N TYR A 356 31.93 -4.60 34.04
CA TYR A 356 32.00 -3.14 33.97
C TYR A 356 33.19 -2.57 34.75
N ASN A 357 33.62 -3.25 35.80
CA ASN A 357 34.64 -2.66 36.67
C ASN A 357 36.06 -2.97 36.22
N SER A 358 36.30 -4.16 35.69
CA SER A 358 37.66 -4.59 35.37
C SER A 358 37.91 -4.78 33.88
N ALA A 359 36.98 -4.36 33.01
CA ALA A 359 37.16 -4.56 31.59
C ALA A 359 36.76 -3.30 30.84
N SER A 360 37.47 -3.01 29.75
CA SER A 360 37.15 -1.89 28.87
C SER A 360 37.38 -2.33 27.44
N PHE A 361 36.30 -2.42 26.66
CA PHE A 361 36.37 -2.94 25.30
C PHE A 361 36.36 -1.78 24.31
N SER A 362 37.24 -1.85 23.32
CA SER A 362 37.32 -0.79 22.33
C SER A 362 36.30 -0.93 21.21
N THR A 363 35.89 -2.15 20.88
CA THR A 363 34.95 -2.35 19.77
C THR A 363 33.93 -3.43 20.13
N PHE A 364 32.70 -3.02 20.44
CA PHE A 364 31.60 -3.96 20.59
C PHE A 364 30.57 -3.81 19.49
N LYS A 365 30.42 -4.84 18.66
CA LYS A 365 29.50 -4.87 17.54
C LYS A 365 28.62 -6.11 17.56
N CYS A 366 27.31 -5.95 17.47
CA CYS A 366 26.41 -7.09 17.55
C CYS A 366 25.59 -7.19 16.27
N TYR A 367 25.53 -8.40 15.70
CA TYR A 367 24.86 -8.65 14.44
C TYR A 367 23.63 -9.51 14.68
N GLY A 368 22.45 -8.99 14.34
CA GLY A 368 21.24 -9.76 14.51
C GLY A 368 20.61 -9.70 15.88
N VAL A 369 21.15 -8.91 16.80
CA VAL A 369 20.60 -8.77 18.14
C VAL A 369 20.94 -7.38 18.65
N SER A 370 20.03 -6.81 19.44
CA SER A 370 20.30 -5.46 19.89
C SER A 370 21.01 -5.48 21.24
N PRO A 371 22.01 -4.60 21.39
CA PRO A 371 22.72 -4.51 22.67
C PRO A 371 21.84 -4.16 23.84
N THR A 372 20.78 -3.39 23.62
CA THR A 372 19.85 -3.07 24.70
C THR A 372 18.91 -4.22 25.00
N LYS A 373 18.73 -5.16 24.07
CA LYS A 373 17.89 -6.33 24.29
C LYS A 373 18.67 -7.55 24.73
N LEU A 374 20.00 -7.48 24.74
CA LEU A 374 20.81 -8.61 25.17
C LEU A 374 20.54 -9.01 26.62
N ASN A 375 19.99 -8.11 27.44
CA ASN A 375 19.74 -8.40 28.84
C ASN A 375 18.40 -9.09 29.09
N ASP A 376 17.57 -9.23 28.06
CA ASP A 376 16.23 -9.79 28.24
C ASP A 376 16.02 -11.14 27.58
N LEU A 377 16.86 -11.53 26.63
CA LEU A 377 16.65 -12.74 25.86
C LEU A 377 17.31 -13.93 26.54
N CYS A 378 17.20 -15.09 25.88
CA CYS A 378 17.86 -16.31 26.32
C CYS A 378 18.47 -16.98 25.09
N PHE A 379 19.75 -17.33 25.19
CA PHE A 379 20.55 -17.70 24.03
C PHE A 379 20.72 -19.21 23.93
N THR A 380 20.72 -19.71 22.69
CA THR A 380 20.87 -21.13 22.41
C THR A 380 22.17 -21.38 21.67
N ASN A 381 22.85 -22.46 22.04
CA ASN A 381 24.07 -22.91 21.35
C ASN A 381 25.14 -21.82 21.35
N VAL A 382 25.58 -21.47 22.56
CA VAL A 382 26.52 -20.37 22.75
C VAL A 382 27.95 -20.91 22.70
N TYR A 383 28.78 -20.30 21.85
CA TYR A 383 30.20 -20.62 21.77
C TYR A 383 31.01 -19.35 21.86
N ALA A 384 32.22 -19.46 22.40
CA ALA A 384 33.13 -18.33 22.57
C ALA A 384 34.44 -18.63 21.85
N ASP A 385 34.81 -17.75 20.92
CA ASP A 385 36.04 -17.88 20.15
C ASP A 385 37.04 -16.83 20.63
N SER A 386 38.28 -17.25 20.84
CA SER A 386 39.31 -16.37 21.39
C SER A 386 40.58 -16.46 20.57
N PHE A 387 41.15 -15.31 20.24
CA PHE A 387 42.42 -15.24 19.53
C PHE A 387 42.98 -13.84 19.67
N VAL A 388 44.23 -13.67 19.23
CA VAL A 388 44.95 -12.41 19.34
C VAL A 388 45.48 -12.02 17.97
N ILE A 389 45.19 -10.80 17.53
CA ILE A 389 45.59 -10.30 16.23
C ILE A 389 46.14 -8.88 16.41
N ARG A 390 46.52 -8.28 15.28
CA ARG A 390 47.10 -6.94 15.25
C ARG A 390 46.01 -5.89 15.40
N GLY A 391 46.44 -4.64 15.58
CA GLY A 391 45.48 -3.56 15.72
C GLY A 391 44.69 -3.28 14.45
N ASP A 392 45.38 -3.27 13.31
CA ASP A 392 44.70 -3.02 12.04
C ASP A 392 43.87 -4.20 11.55
N GLU A 393 44.04 -5.37 12.15
CA GLU A 393 43.29 -6.55 11.74
C GLU A 393 42.03 -6.76 12.58
N VAL A 394 41.75 -5.88 13.54
CA VAL A 394 40.50 -5.97 14.29
C VAL A 394 39.32 -5.69 13.37
N ARG A 395 39.48 -4.80 12.39
CA ARG A 395 38.41 -4.50 11.46
C ARG A 395 38.06 -5.68 10.58
N GLN A 396 38.97 -6.64 10.40
CA GLN A 396 38.73 -7.75 9.50
C GLN A 396 37.81 -8.82 10.09
N ILE A 397 37.56 -8.79 11.40
CA ILE A 397 36.67 -9.76 12.03
C ILE A 397 35.27 -9.17 11.92
N ALA A 398 34.66 -9.38 10.75
CA ALA A 398 33.32 -8.88 10.44
C ALA A 398 32.84 -9.57 9.17
N PRO A 399 31.54 -9.75 9.00
CA PRO A 399 31.04 -10.42 7.80
C PRO A 399 31.39 -9.64 6.54
N GLY A 400 31.71 -10.38 5.48
CA GLY A 400 32.00 -9.79 4.19
C GLY A 400 33.26 -8.94 4.14
N GLN A 401 34.35 -9.41 4.72
CA GLN A 401 35.61 -8.68 4.74
C GLN A 401 36.69 -9.49 4.02
N THR A 402 37.70 -8.77 3.54
CA THR A 402 38.86 -9.36 2.89
C THR A 402 40.10 -9.10 3.73
N GLY A 403 41.19 -9.70 3.32
CA GLY A 403 42.46 -9.60 4.03
C GLY A 403 43.01 -10.96 4.39
N LYS A 404 44.26 -10.93 4.86
CA LYS A 404 44.92 -12.20 5.18
C LYS A 404 44.22 -12.90 6.34
N ILE A 405 43.77 -12.15 7.35
CA ILE A 405 43.07 -12.77 8.48
C ILE A 405 41.78 -13.40 8.01
N ALA A 406 40.90 -12.60 7.41
CA ALA A 406 39.59 -13.09 6.99
C ALA A 406 39.66 -14.13 5.88
N ASP A 407 40.79 -14.24 5.18
CA ASP A 407 40.93 -15.19 4.09
C ASP A 407 41.59 -16.51 4.51
N TYR A 408 42.71 -16.44 5.21
CA TYR A 408 43.50 -17.63 5.51
C TYR A 408 43.52 -18.00 6.98
N ASN A 409 42.95 -17.18 7.86
CA ASN A 409 43.04 -17.42 9.30
C ASN A 409 41.69 -17.66 9.96
N TYR A 410 40.73 -16.77 9.74
CA TYR A 410 39.46 -16.81 10.47
C TYR A 410 38.39 -16.12 9.65
N LYS A 411 37.37 -16.87 9.23
CA LYS A 411 36.30 -16.34 8.39
C LYS A 411 34.97 -16.49 9.10
N LEU A 412 34.15 -15.46 9.03
CA LEU A 412 32.82 -15.34 9.60
C LEU A 412 31.76 -15.63 8.53
N PRO A 413 30.63 -16.23 8.90
CA PRO A 413 29.57 -16.45 7.92
C PRO A 413 28.80 -15.17 7.67
N ASP A 414 28.17 -15.11 6.49
CA ASP A 414 27.41 -13.92 6.14
C ASP A 414 26.16 -13.73 6.99
N ASP A 415 25.59 -14.81 7.52
CA ASP A 415 24.49 -14.70 8.48
C ASP A 415 24.99 -15.02 9.88
N PHE A 416 25.38 -14.00 10.63
CA PHE A 416 25.99 -14.23 11.93
C PHE A 416 25.14 -13.58 13.00
N THR A 417 24.79 -14.34 14.04
CA THR A 417 24.11 -13.79 15.20
C THR A 417 25.13 -13.80 16.33
N GLY A 418 25.42 -12.66 16.89
CA GLY A 418 26.42 -12.60 17.94
C GLY A 418 27.09 -11.25 17.99
N CYS A 419 28.04 -11.14 18.90
CA CYS A 419 28.75 -9.90 19.15
C CYS A 419 30.25 -10.16 19.07
N VAL A 420 30.97 -9.28 18.39
CA VAL A 420 32.43 -9.34 18.35
C VAL A 420 32.98 -8.30 19.32
N ILE A 421 33.82 -8.75 20.25
CA ILE A 421 34.34 -7.90 21.32
C ILE A 421 35.86 -7.92 21.27
N ALA A 422 36.48 -6.75 21.27
CA ALA A 422 37.92 -6.66 21.16
C ALA A 422 38.44 -5.52 22.04
N TRP A 423 39.61 -5.74 22.64
CA TRP A 423 40.24 -4.70 23.46
C TRP A 423 41.75 -4.84 23.35
N ASN A 424 42.44 -3.71 23.48
CA ASN A 424 43.89 -3.70 23.37
C ASN A 424 44.51 -4.47 24.52
N SER A 425 45.57 -5.20 24.24
CA SER A 425 46.28 -6.00 25.23
C SER A 425 47.78 -5.80 25.11
N ASN A 426 48.21 -4.55 25.00
CA ASN A 426 49.64 -4.26 24.86
C ASN A 426 50.40 -4.40 26.18
N ASN A 427 49.70 -4.41 27.31
CA ASN A 427 50.35 -4.53 28.60
C ASN A 427 50.57 -5.97 29.05
N LEU A 428 50.05 -6.95 28.31
CA LEU A 428 50.19 -8.35 28.70
C LEU A 428 50.78 -9.22 27.60
N ASP A 429 50.61 -8.82 26.34
CA ASP A 429 51.05 -9.63 25.21
C ASP A 429 52.20 -8.99 24.44
N SER A 430 52.99 -8.14 25.11
CA SER A 430 54.13 -7.50 24.47
C SER A 430 55.34 -7.62 25.38
N LYS A 431 56.49 -7.95 24.78
CA LYS A 431 57.76 -8.04 25.50
C LYS A 431 58.75 -7.07 24.90
N VAL A 432 59.73 -6.67 25.72
CA VAL A 432 60.70 -5.67 25.29
C VAL A 432 61.51 -6.17 24.11
N GLY A 433 61.93 -7.44 24.15
CA GLY A 433 62.65 -8.00 23.03
C GLY A 433 61.77 -8.51 21.91
N GLY A 434 60.48 -8.61 22.16
CA GLY A 434 59.52 -9.09 21.20
C GLY A 434 58.91 -10.40 21.66
N ASN A 435 57.64 -10.61 21.31
CA ASN A 435 56.91 -11.82 21.67
C ASN A 435 56.61 -12.57 20.38
N TYR A 436 57.28 -13.71 20.19
CA TYR A 436 57.15 -14.51 18.99
C TYR A 436 56.35 -15.79 19.22
N ASN A 437 55.45 -15.77 20.20
CA ASN A 437 54.61 -16.94 20.49
C ASN A 437 53.31 -16.93 19.70
N TYR A 438 52.93 -15.79 19.12
CA TYR A 438 51.69 -15.68 18.37
C TYR A 438 51.97 -15.79 16.88
N LEU A 439 51.28 -16.71 16.21
CA LEU A 439 51.52 -17.01 14.82
C LEU A 439 50.26 -16.74 14.00
N TYR A 440 50.45 -16.61 12.69
CA TYR A 440 49.35 -16.38 11.77
C TYR A 440 49.69 -16.97 10.41
N ARG A 441 48.67 -17.46 9.71
CA ARG A 441 48.85 -18.07 8.42
C ARG A 441 48.86 -17.01 7.34
N LEU A 442 49.92 -17.01 6.52
CA LEU A 442 50.10 -15.98 5.50
C LEU A 442 49.90 -16.47 4.08
N PHE A 443 50.13 -17.76 3.81
CA PHE A 443 49.95 -18.33 2.49
C PHE A 443 48.95 -19.48 2.54
N ARG A 444 48.07 -19.52 1.54
CA ARG A 444 47.14 -20.64 1.40
C ARG A 444 46.65 -20.67 -0.04
N LYS A 445 46.29 -21.88 -0.49
CA LYS A 445 45.86 -22.04 -1.87
C LYS A 445 44.47 -21.49 -2.12
N SER A 446 43.59 -21.52 -1.12
CA SER A 446 42.23 -21.05 -1.31
C SER A 446 41.72 -20.46 -0.01
N ASN A 447 40.69 -19.61 -0.14
CA ASN A 447 40.09 -18.97 1.01
C ASN A 447 39.33 -20.00 1.85
N LEU A 448 39.16 -19.68 3.13
CA LEU A 448 38.52 -20.59 4.06
C LEU A 448 37.01 -20.45 4.00
N LYS A 449 36.32 -21.56 4.23
CA LYS A 449 34.89 -21.53 4.45
C LYS A 449 34.62 -20.97 5.85
N PRO A 450 33.40 -20.49 6.10
CA PRO A 450 33.10 -19.89 7.41
C PRO A 450 33.37 -20.86 8.55
N PHE A 451 33.96 -20.32 9.62
CA PHE A 451 34.20 -21.07 10.87
C PHE A 451 35.00 -22.35 10.64
N GLU A 452 36.00 -22.26 9.77
CA GLU A 452 36.92 -23.37 9.53
C GLU A 452 38.28 -23.03 10.11
N ARG A 453 38.99 -24.08 10.53
CA ARG A 453 40.30 -23.94 11.15
C ARG A 453 41.29 -24.83 10.42
N ASP A 454 42.39 -24.25 9.97
CA ASP A 454 43.46 -24.98 9.29
C ASP A 454 44.72 -24.93 10.14
N ILE A 455 45.26 -26.11 10.44
CA ILE A 455 46.41 -26.25 11.31
C ILE A 455 47.60 -26.89 10.61
N SER A 456 47.50 -27.16 9.31
CA SER A 456 48.57 -27.79 8.57
C SER A 456 49.74 -26.82 8.38
N THR A 457 50.94 -27.38 8.27
CA THR A 457 52.17 -26.61 8.13
C THR A 457 52.98 -27.15 6.96
N GLU A 458 52.32 -27.43 5.85
CA GLU A 458 53.01 -27.88 4.64
C GLU A 458 53.62 -26.69 3.90
N ILE A 459 54.73 -26.95 3.20
CA ILE A 459 55.42 -25.89 2.49
C ILE A 459 54.60 -25.45 1.29
N TYR A 460 54.40 -24.14 1.17
CA TYR A 460 53.64 -23.57 0.05
C TYR A 460 54.57 -23.36 -1.14
N GLN A 461 54.17 -23.88 -2.30
CA GLN A 461 54.92 -23.70 -3.53
C GLN A 461 54.35 -22.52 -4.31
N ALA A 462 55.20 -21.57 -4.67
CA ALA A 462 54.77 -20.38 -5.37
C ALA A 462 55.21 -20.32 -6.83
N GLY A 463 56.15 -21.16 -7.23
CA GLY A 463 56.65 -21.21 -8.59
C GLY A 463 55.97 -22.28 -9.41
N SER A 464 56.68 -22.80 -10.41
CA SER A 464 56.16 -23.83 -11.29
C SER A 464 57.00 -25.11 -11.20
N THR A 465 57.73 -25.28 -10.11
CA THR A 465 58.59 -26.44 -9.91
C THR A 465 58.46 -26.91 -8.48
N PRO A 466 58.07 -28.17 -8.25
CA PRO A 466 57.99 -28.68 -6.88
C PRO A 466 59.35 -28.64 -6.19
N CYS A 467 59.33 -28.30 -4.91
CA CYS A 467 60.54 -28.25 -4.09
C CYS A 467 60.59 -29.35 -3.05
N ASN A 468 59.55 -30.16 -2.94
CA ASN A 468 59.52 -31.30 -2.02
C ASN A 468 59.75 -30.89 -0.57
N GLY A 469 59.22 -29.73 -0.20
CA GLY A 469 59.28 -29.29 1.18
C GLY A 469 60.67 -29.02 1.71
N VAL A 470 61.49 -28.31 0.96
CA VAL A 470 62.83 -27.93 1.41
C VAL A 470 62.93 -26.42 1.62
N GLU A 471 61.82 -25.69 1.54
CA GLU A 471 61.75 -24.24 1.72
C GLU A 471 62.92 -23.53 1.05
N GLY A 472 63.05 -23.79 -0.25
CA GLY A 472 64.11 -23.18 -1.04
C GLY A 472 63.67 -21.90 -1.73
N PHE A 473 63.70 -21.91 -3.06
CA PHE A 473 63.33 -20.75 -3.85
C PHE A 473 61.93 -20.97 -4.44
N ASN A 474 61.08 -19.95 -4.31
CA ASN A 474 59.65 -20.05 -4.59
C ASN A 474 58.95 -21.05 -3.66
N CYS A 475 59.49 -21.26 -2.47
CA CYS A 475 58.84 -22.10 -1.46
C CYS A 475 59.06 -21.46 -0.09
N TYR A 476 57.95 -21.09 0.57
CA TYR A 476 58.00 -20.45 1.87
C TYR A 476 57.27 -21.28 2.91
N PHE A 477 57.69 -21.12 4.16
CA PHE A 477 56.96 -21.71 5.28
C PHE A 477 55.64 -20.98 5.47
N PRO A 478 54.51 -21.69 5.61
CA PRO A 478 53.21 -21.00 5.63
C PRO A 478 53.02 -20.06 6.80
N LEU A 479 53.61 -20.34 7.95
CA LEU A 479 53.34 -19.59 9.17
C LEU A 479 54.43 -18.58 9.46
N GLN A 480 54.02 -17.40 9.89
CA GLN A 480 54.93 -16.35 10.33
C GLN A 480 54.48 -15.86 11.70
N SER A 481 55.40 -15.20 12.41
CA SER A 481 55.19 -14.80 13.79
C SER A 481 55.11 -13.29 13.90
N TYR A 482 54.13 -12.81 14.66
CA TYR A 482 53.98 -11.38 14.89
C TYR A 482 55.14 -10.85 15.72
N GLY A 483 55.56 -9.63 15.41
CA GLY A 483 56.53 -8.94 16.24
C GLY A 483 55.86 -7.89 17.11
N PHE A 484 55.66 -8.22 18.39
CA PHE A 484 54.98 -7.32 19.32
C PHE A 484 56.00 -6.75 20.30
N GLN A 485 56.16 -5.43 20.30
CA GLN A 485 56.98 -4.74 21.27
C GLN A 485 56.19 -3.62 21.91
N PRO A 486 56.50 -3.27 23.16
CA PRO A 486 55.74 -2.21 23.85
C PRO A 486 55.97 -0.83 23.25
N THR A 487 56.97 -0.66 22.39
CA THR A 487 57.27 0.62 21.77
C THR A 487 56.78 0.69 20.33
N ASN A 488 55.90 -0.23 19.94
CA ASN A 488 55.35 -0.23 18.59
C ASN A 488 54.14 0.69 18.53
N GLY A 489 53.74 1.03 17.31
CA GLY A 489 52.59 1.90 17.12
C GLY A 489 51.30 1.20 17.52
N VAL A 490 50.24 2.01 17.61
CA VAL A 490 48.94 1.48 17.99
C VAL A 490 48.47 0.43 16.99
N GLY A 491 48.84 0.59 15.72
CA GLY A 491 48.47 -0.40 14.73
C GLY A 491 49.25 -1.69 14.79
N TYR A 492 50.37 -1.71 15.52
CA TYR A 492 51.20 -2.91 15.63
C TYR A 492 51.14 -3.51 17.03
N GLN A 493 50.20 -3.07 17.88
CA GLN A 493 50.02 -3.63 19.21
C GLN A 493 48.97 -4.74 19.18
N PRO A 494 49.15 -5.77 20.01
CA PRO A 494 48.19 -6.89 19.99
C PRO A 494 46.83 -6.49 20.52
N TYR A 495 45.80 -7.14 20.00
CA TYR A 495 44.43 -6.96 20.44
C TYR A 495 43.80 -8.34 20.65
N ARG A 496 43.07 -8.49 21.75
CA ARG A 496 42.37 -9.74 22.04
C ARG A 496 40.93 -9.62 21.56
N VAL A 497 40.52 -10.52 20.69
CA VAL A 497 39.18 -10.50 20.12
C VAL A 497 38.44 -11.75 20.59
N VAL A 498 37.27 -11.55 21.20
CA VAL A 498 36.40 -12.65 21.60
C VAL A 498 35.12 -12.55 20.80
N VAL A 499 34.77 -13.61 20.08
CA VAL A 499 33.60 -13.62 19.21
C VAL A 499 32.59 -14.60 19.77
N LEU A 500 31.36 -14.13 19.98
CA LEU A 500 30.33 -14.95 20.62
C LEU A 500 29.24 -15.30 19.62
N SER A 501 28.93 -16.59 19.51
CA SER A 501 28.00 -17.08 18.50
C SER A 501 26.82 -17.73 19.20
N PHE A 502 25.61 -17.50 18.67
CA PHE A 502 24.42 -18.12 19.23
C PHE A 502 23.27 -17.98 18.25
N GLU A 503 22.21 -18.74 18.51
CA GLU A 503 20.95 -18.65 17.79
C GLU A 503 19.86 -18.23 18.76
N LEU A 504 18.82 -17.58 18.25
CA LEU A 504 17.82 -16.95 19.10
C LEU A 504 16.44 -17.48 18.78
N LEU A 505 15.72 -17.91 19.83
CA LEU A 505 14.28 -18.17 19.77
C LEU A 505 13.91 -19.22 18.73
N HIS A 506 14.67 -20.31 18.67
CA HIS A 506 14.27 -21.43 17.82
C HIS A 506 14.38 -22.76 18.53
N ALA A 507 15.24 -22.84 19.53
CA ALA A 507 15.58 -24.07 20.22
C ALA A 507 15.55 -23.85 21.73
N PRO A 508 15.48 -24.92 22.51
CA PRO A 508 15.62 -24.76 23.97
C PRO A 508 16.95 -24.10 24.32
N ALA A 509 16.90 -23.23 25.32
CA ALA A 509 18.06 -22.45 25.72
C ALA A 509 18.47 -22.81 27.15
N THR A 510 19.72 -22.50 27.47
CA THR A 510 20.29 -22.88 28.76
C THR A 510 21.06 -21.74 29.44
N VAL A 511 21.28 -20.62 28.77
CA VAL A 511 22.09 -19.55 29.34
C VAL A 511 21.21 -18.49 29.99
N CYS A 512 20.37 -17.83 29.18
CA CYS A 512 19.47 -16.76 29.64
C CYS A 512 20.21 -15.57 30.25
N GLY A 513 19.45 -14.55 30.63
CA GLY A 513 20.00 -13.34 31.18
C GLY A 513 19.73 -13.23 32.67
N PRO A 514 19.99 -12.05 33.24
CA PRO A 514 19.86 -11.88 34.69
C PRO A 514 18.45 -11.57 35.16
N LYS A 515 17.47 -11.54 34.26
CA LYS A 515 16.11 -11.23 34.63
C LYS A 515 15.54 -12.30 35.54
N LYS A 516 14.65 -11.88 36.46
CA LYS A 516 14.10 -12.75 37.47
C LYS A 516 12.69 -13.19 37.07
N SER A 517 12.42 -14.48 37.21
CA SER A 517 11.17 -15.06 36.75
C SER A 517 10.07 -14.90 37.79
N THR A 518 8.83 -15.08 37.34
CA THR A 518 7.67 -14.98 38.21
C THR A 518 6.81 -16.23 38.11
N ASN A 519 5.62 -16.20 38.71
CA ASN A 519 4.72 -17.34 38.70
C ASN A 519 3.92 -17.38 37.40
N LEU A 520 3.29 -18.53 37.16
CA LEU A 520 2.53 -18.78 35.95
C LEU A 520 1.06 -18.54 36.22
N VAL A 521 0.45 -17.63 35.45
CA VAL A 521 -0.99 -17.37 35.52
C VAL A 521 -1.64 -17.98 34.28
N LYS A 522 -2.73 -18.71 34.50
CA LYS A 522 -3.43 -19.39 33.43
C LYS A 522 -4.87 -18.91 33.35
N ASN A 523 -5.47 -19.10 32.17
CA ASN A 523 -6.85 -18.72 31.90
C ASN A 523 -7.07 -17.22 32.10
N LYS A 524 -6.07 -16.41 31.74
CA LYS A 524 -6.20 -14.97 31.83
C LYS A 524 -5.34 -14.32 30.77
N CYS A 525 -5.64 -13.05 30.47
CA CYS A 525 -4.88 -12.28 29.50
C CYS A 525 -3.65 -11.70 30.18
N VAL A 526 -2.47 -12.17 29.78
CA VAL A 526 -1.23 -11.79 30.43
C VAL A 526 -0.13 -11.64 29.39
N ASN A 527 0.78 -10.69 29.63
CA ASN A 527 2.00 -10.60 28.85
C ASN A 527 2.99 -11.62 29.36
N PHE A 528 3.64 -12.32 28.44
CA PHE A 528 4.53 -13.43 28.79
C PHE A 528 5.90 -13.22 28.17
N ASN A 529 6.91 -13.79 28.81
CA ASN A 529 8.30 -13.76 28.33
C ASN A 529 8.87 -15.15 28.55
N PHE A 530 8.71 -16.03 27.56
CA PHE A 530 9.16 -17.41 27.64
C PHE A 530 10.51 -17.52 26.92
N ASN A 531 11.58 -17.64 27.70
CA ASN A 531 12.93 -17.83 27.17
C ASN A 531 13.28 -16.75 26.15
N GLY A 532 12.83 -15.52 26.41
CA GLY A 532 13.10 -14.40 25.56
C GLY A 532 12.00 -14.04 24.58
N LEU A 533 10.99 -14.89 24.43
CA LEU A 533 9.91 -14.64 23.49
C LEU A 533 8.78 -13.89 24.20
N THR A 534 8.51 -12.67 23.75
CA THR A 534 7.48 -11.84 24.34
C THR A 534 6.20 -11.88 23.52
N GLY A 535 5.08 -11.65 24.19
CA GLY A 535 3.80 -11.64 23.51
C GLY A 535 2.66 -11.49 24.49
N THR A 536 1.45 -11.57 23.96
CA THR A 536 0.23 -11.45 24.75
C THR A 536 -0.74 -12.54 24.36
N GLY A 537 -1.47 -13.06 25.33
CA GLY A 537 -2.47 -14.09 25.04
C GLY A 537 -2.94 -14.75 26.31
N VAL A 538 -3.70 -15.83 26.12
CA VAL A 538 -4.23 -16.64 27.21
C VAL A 538 -3.53 -17.99 27.16
N LEU A 539 -2.99 -18.41 28.29
CA LEU A 539 -2.26 -19.67 28.40
C LEU A 539 -3.15 -20.73 29.02
N THR A 540 -3.24 -21.88 28.36
CA THR A 540 -4.04 -22.99 28.85
C THR A 540 -3.24 -24.28 28.70
N GLU A 541 -3.64 -25.29 29.47
CA GLU A 541 -2.93 -26.56 29.42
C GLU A 541 -3.09 -27.22 28.06
N SER A 542 -2.08 -28.01 27.68
CA SER A 542 -1.99 -28.59 26.36
C SER A 542 -2.14 -30.10 26.40
N ASN A 543 -2.52 -30.67 25.26
CA ASN A 543 -2.49 -32.10 25.05
C ASN A 543 -1.34 -32.53 24.14
N LYS A 544 -0.69 -31.59 23.47
CA LYS A 544 0.42 -31.90 22.59
C LYS A 544 1.59 -32.47 23.39
N LYS A 545 2.34 -33.36 22.76
CA LYS A 545 3.51 -34.00 23.38
C LYS A 545 4.73 -33.63 22.56
N PHE A 546 5.56 -32.76 23.12
CA PHE A 546 6.75 -32.29 22.42
C PHE A 546 7.89 -33.30 22.54
N LEU A 547 8.64 -33.47 21.46
CA LEU A 547 9.87 -34.24 21.51
C LEU A 547 10.92 -33.47 22.31
N PRO A 548 11.93 -34.16 22.85
CA PRO A 548 12.88 -33.49 23.74
C PRO A 548 13.63 -32.33 23.11
N PHE A 549 13.76 -32.29 21.80
CA PHE A 549 14.49 -31.21 21.13
C PHE A 549 13.59 -30.08 20.67
N GLN A 550 12.32 -30.07 21.08
CA GLN A 550 11.37 -29.04 20.68
C GLN A 550 10.96 -28.21 21.89
N GLN A 551 10.82 -26.91 21.67
CA GLN A 551 10.44 -25.96 22.70
C GLN A 551 9.23 -25.13 22.31
N PHE A 552 9.10 -24.73 21.06
CA PHE A 552 8.01 -23.89 20.60
C PHE A 552 7.19 -24.63 19.56
N GLY A 553 5.93 -24.25 19.44
CA GLY A 553 5.05 -24.77 18.42
C GLY A 553 4.48 -23.64 17.58
N ARG A 554 4.44 -23.85 16.27
CA ARG A 554 4.01 -22.83 15.33
C ARG A 554 2.91 -23.38 14.44
N ASP A 555 1.98 -22.51 14.07
CA ASP A 555 0.86 -22.89 13.21
C ASP A 555 1.23 -22.61 11.75
N ILE A 556 0.25 -22.74 10.85
CA ILE A 556 0.50 -22.50 9.44
C ILE A 556 0.78 -21.03 9.17
N ALA A 557 0.30 -20.14 10.04
CA ALA A 557 0.58 -18.71 9.93
C ALA A 557 1.92 -18.34 10.54
N ASP A 558 2.73 -19.33 10.94
CA ASP A 558 4.06 -19.16 11.52
C ASP A 558 4.05 -18.51 12.89
N THR A 559 2.87 -18.32 13.48
CA THR A 559 2.76 -17.72 14.80
C THR A 559 2.91 -18.77 15.89
N THR A 560 3.43 -18.34 17.04
CA THR A 560 3.66 -19.27 18.14
C THR A 560 2.35 -19.68 18.78
N ASP A 561 2.11 -20.98 18.86
CA ASP A 561 0.87 -21.53 19.38
C ASP A 561 1.05 -22.36 20.65
N ALA A 562 2.18 -23.03 20.81
CA ALA A 562 2.44 -23.83 22.00
C ALA A 562 3.85 -23.56 22.52
N VAL A 563 3.99 -23.45 23.84
CA VAL A 563 5.26 -23.15 24.47
C VAL A 563 5.45 -24.08 25.66
N ARG A 564 6.64 -24.66 25.79
CA ARG A 564 6.99 -25.50 26.92
C ARG A 564 7.54 -24.64 28.05
N ASP A 565 6.93 -24.73 29.22
CA ASP A 565 7.38 -23.94 30.36
C ASP A 565 8.74 -24.45 30.82
N PRO A 566 9.76 -23.59 30.90
CA PRO A 566 11.12 -24.07 31.20
C PRO A 566 11.33 -24.56 32.62
N GLN A 567 10.34 -24.48 33.50
CA GLN A 567 10.50 -24.93 34.88
C GLN A 567 9.67 -26.17 35.21
N THR A 568 8.39 -26.19 34.85
CA THR A 568 7.56 -27.37 35.10
C THR A 568 7.54 -28.33 33.93
N LEU A 569 8.12 -27.97 32.80
CA LEU A 569 8.18 -28.82 31.61
C LEU A 569 6.78 -29.25 31.17
N GLU A 570 5.81 -28.35 31.28
CA GLU A 570 4.45 -28.60 30.83
C GLU A 570 4.14 -27.73 29.62
N ILE A 571 3.40 -28.30 28.69
CA ILE A 571 3.08 -27.63 27.43
C ILE A 571 1.85 -26.77 27.61
N LEU A 572 1.87 -25.58 27.02
CA LEU A 572 0.78 -24.62 27.13
C LEU A 572 0.37 -24.15 25.74
N ASP A 573 -0.90 -23.81 25.59
CA ASP A 573 -1.42 -23.22 24.36
C ASP A 573 -1.59 -21.71 24.53
N ILE A 574 -1.13 -20.95 23.54
CA ILE A 574 -1.27 -19.49 23.53
C ILE A 574 -2.41 -19.13 22.59
N THR A 575 -3.45 -18.52 23.13
CA THR A 575 -4.62 -18.13 22.37
C THR A 575 -4.73 -16.61 22.34
N PRO A 576 -5.00 -16.00 21.19
CA PRO A 576 -5.11 -14.54 21.13
C PRO A 576 -6.24 -14.04 22.02
N CYS A 577 -6.05 -12.83 22.53
CA CYS A 577 -6.98 -12.26 23.51
C CYS A 577 -8.11 -11.47 22.87
N SER A 578 -7.92 -10.97 21.65
CA SER A 578 -8.94 -10.20 20.94
C SER A 578 -9.70 -11.11 19.97
N PHE A 579 -11.02 -11.04 20.03
CA PHE A 579 -11.89 -11.92 19.26
C PHE A 579 -13.31 -11.38 19.30
N GLY A 580 -13.99 -11.38 18.16
CA GLY A 580 -15.38 -10.99 18.12
C GLY A 580 -15.63 -9.65 17.47
N GLY A 581 -16.59 -9.61 16.55
CA GLY A 581 -16.93 -8.37 15.88
C GLY A 581 -17.93 -7.53 16.66
N VAL A 582 -17.84 -6.22 16.46
CA VAL A 582 -18.68 -5.25 17.15
C VAL A 582 -19.22 -4.26 16.12
N SER A 583 -20.51 -3.95 16.20
CA SER A 583 -21.14 -3.00 15.31
C SER A 583 -21.96 -2.01 16.12
N VAL A 584 -22.05 -0.79 15.62
CA VAL A 584 -22.73 0.31 16.31
C VAL A 584 -23.92 0.75 15.49
N ILE A 585 -25.09 0.85 16.12
CA ILE A 585 -26.32 1.25 15.48
C ILE A 585 -26.69 2.63 15.99
N THR A 586 -26.77 3.59 15.08
CA THR A 586 -27.11 4.95 15.48
C THR A 586 -28.22 5.50 14.61
N PRO A 587 -29.20 6.19 15.20
CA PRO A 587 -30.19 6.92 14.43
C PRO A 587 -29.70 8.26 13.89
N GLY A 588 -28.39 8.50 13.93
CA GLY A 588 -27.82 9.75 13.49
C GLY A 588 -27.66 10.73 14.62
N THR A 589 -26.45 11.28 14.79
CA THR A 589 -26.25 12.29 15.84
C THR A 589 -26.98 13.57 15.54
N ASN A 590 -27.50 13.71 14.32
CA ASN A 590 -28.27 14.87 13.89
C ASN A 590 -29.60 14.95 14.63
N THR A 591 -30.02 13.86 15.28
CA THR A 591 -31.28 13.83 16.02
C THR A 591 -31.12 13.33 17.46
N SER A 592 -30.19 12.42 17.72
CA SER A 592 -30.00 11.89 19.06
C SER A 592 -28.65 11.18 19.14
N ASN A 593 -28.16 11.01 20.37
CA ASN A 593 -26.88 10.37 20.62
C ASN A 593 -27.00 8.96 21.19
N GLN A 594 -28.22 8.44 21.34
CA GLN A 594 -28.37 7.08 21.84
C GLN A 594 -28.00 6.08 20.75
N VAL A 595 -27.32 5.01 21.15
CA VAL A 595 -26.86 3.99 20.22
C VAL A 595 -27.15 2.61 20.78
N ALA A 596 -27.18 1.63 19.88
CA ALA A 596 -27.22 0.22 20.23
C ALA A 596 -25.98 -0.44 19.66
N VAL A 597 -25.44 -1.42 20.39
CA VAL A 597 -24.20 -2.08 20.03
C VAL A 597 -24.49 -3.56 19.81
N LEU A 598 -24.01 -4.09 18.69
CA LEU A 598 -24.26 -5.47 18.30
C LEU A 598 -22.96 -6.26 18.41
N TYR A 599 -22.92 -7.20 19.35
CA TYR A 599 -21.79 -8.10 19.53
C TYR A 599 -22.14 -9.41 18.82
N GLN A 600 -21.52 -9.64 17.67
CA GLN A 600 -21.91 -10.76 16.82
C GLN A 600 -21.21 -12.06 17.18
N ASP A 601 -20.34 -12.07 18.19
CA ASP A 601 -19.68 -13.30 18.62
C ASP A 601 -19.93 -13.62 20.09
N VAL A 602 -20.89 -12.96 20.73
CA VAL A 602 -21.22 -13.23 22.12
C VAL A 602 -22.66 -13.68 22.20
N ASN A 603 -22.92 -14.60 23.12
CA ASN A 603 -24.21 -15.27 23.21
C ASN A 603 -24.81 -14.92 24.57
N CYS A 604 -25.89 -14.15 24.56
CA CYS A 604 -26.53 -13.68 25.78
C CYS A 604 -27.75 -14.55 26.07
N THR A 605 -27.70 -15.31 27.16
CA THR A 605 -28.82 -16.14 27.58
C THR A 605 -29.00 -16.08 29.09
N TRP A 620 -19.96 -11.35 30.64
CA TRP A 620 -19.87 -11.52 29.19
C TRP A 620 -18.78 -10.64 28.60
N ARG A 621 -18.44 -10.90 27.33
CA ARG A 621 -17.43 -10.12 26.63
C ARG A 621 -18.10 -8.94 25.92
N VAL A 622 -18.61 -8.03 26.73
CA VAL A 622 -19.29 -6.83 26.24
C VAL A 622 -18.69 -5.61 26.92
N TYR A 623 -18.80 -4.46 26.24
CA TYR A 623 -18.34 -3.21 26.83
C TYR A 623 -19.18 -2.81 28.03
N SER A 624 -20.50 -2.98 27.92
CA SER A 624 -21.42 -2.68 29.01
C SER A 624 -22.61 -3.61 28.90
N THR A 625 -23.33 -3.77 30.01
CA THR A 625 -24.49 -4.65 30.05
C THR A 625 -25.81 -3.88 30.04
N GLY A 626 -25.85 -2.68 30.62
CA GLY A 626 -27.02 -1.82 30.62
C GLY A 626 -28.34 -2.53 30.86
N SER A 627 -29.33 -2.22 30.02
CA SER A 627 -30.62 -2.89 30.06
C SER A 627 -31.07 -3.17 28.63
N ASN A 628 -32.19 -3.90 28.51
CA ASN A 628 -32.75 -4.27 27.23
C ASN A 628 -31.74 -5.04 26.37
N VAL A 629 -31.36 -6.21 26.88
CA VAL A 629 -30.46 -7.10 26.16
C VAL A 629 -31.30 -8.11 25.38
N PHE A 630 -31.09 -8.16 24.07
CA PHE A 630 -31.88 -8.99 23.17
C PHE A 630 -30.94 -9.89 22.39
N GLN A 631 -31.26 -11.18 22.34
CA GLN A 631 -30.42 -12.16 21.65
C GLN A 631 -30.97 -12.41 20.25
N THR A 632 -30.08 -12.41 19.26
CA THR A 632 -30.42 -12.63 17.87
C THR A 632 -29.41 -13.62 17.29
N ARG A 633 -29.83 -14.33 16.24
CA ARG A 633 -28.90 -15.25 15.59
C ARG A 633 -27.77 -14.54 14.86
N ALA A 634 -27.81 -13.22 14.78
CA ALA A 634 -26.71 -12.43 14.25
C ALA A 634 -25.84 -11.82 15.33
N GLY A 635 -26.19 -12.04 16.60
CA GLY A 635 -25.40 -11.53 17.70
C GLY A 635 -26.25 -11.04 18.85
N CYS A 636 -25.60 -10.46 19.86
CA CYS A 636 -26.30 -9.92 21.02
C CYS A 636 -26.41 -8.41 20.87
N LEU A 637 -27.64 -7.91 20.87
CA LEU A 637 -27.92 -6.49 20.70
C LEU A 637 -28.18 -5.88 22.06
N ILE A 638 -27.34 -4.92 22.46
CA ILE A 638 -27.41 -4.31 23.77
C ILE A 638 -27.75 -2.84 23.57
N GLY A 639 -28.87 -2.41 24.14
CA GLY A 639 -29.30 -1.03 24.04
C GLY A 639 -30.56 -0.81 23.23
N ALA A 640 -31.25 -1.87 22.81
CA ALA A 640 -32.48 -1.74 22.05
C ALA A 640 -33.54 -2.64 22.65
N GLU A 641 -34.79 -2.18 22.58
CA GLU A 641 -35.93 -2.91 23.11
C GLU A 641 -36.58 -3.74 22.01
N HIS A 642 -36.94 -4.97 22.34
CA HIS A 642 -37.57 -5.87 21.40
C HIS A 642 -39.07 -5.68 21.41
N VAL A 643 -39.67 -5.68 20.21
CA VAL A 643 -41.10 -5.53 20.07
C VAL A 643 -41.65 -6.72 19.29
N ASN A 644 -42.94 -6.99 19.49
CA ASN A 644 -43.60 -8.13 18.87
C ASN A 644 -44.18 -7.82 17.50
N ASN A 645 -44.19 -6.55 17.09
CA ASN A 645 -44.79 -6.16 15.83
C ASN A 645 -43.82 -6.46 14.69
N SER A 646 -44.24 -6.14 13.47
CA SER A 646 -43.37 -6.28 12.30
C SER A 646 -43.53 -5.04 11.42
N TYR A 647 -42.42 -4.38 11.15
CA TYR A 647 -42.38 -3.13 10.40
C TYR A 647 -41.25 -3.22 9.38
N GLU A 648 -41.29 -2.32 8.40
CA GLU A 648 -40.30 -2.37 7.33
C GLU A 648 -38.94 -2.00 7.88
N CYS A 649 -37.88 -2.37 7.15
CA CYS A 649 -36.52 -2.26 7.68
C CYS A 649 -35.94 -0.87 7.47
N ASP A 650 -35.99 -0.04 8.51
CA ASP A 650 -35.33 1.26 8.46
C ASP A 650 -33.82 1.11 8.42
N ILE A 651 -33.27 0.25 9.27
CA ILE A 651 -31.83 -0.03 9.33
C ILE A 651 -31.63 -1.54 9.29
N PRO A 652 -30.75 -2.05 8.43
CA PRO A 652 -30.51 -3.50 8.38
C PRO A 652 -29.58 -3.98 9.49
N ILE A 653 -30.14 -4.72 10.45
CA ILE A 653 -29.31 -5.29 11.50
C ILE A 653 -28.69 -6.60 11.03
N GLY A 654 -29.51 -7.47 10.45
CA GLY A 654 -29.05 -8.75 9.96
C GLY A 654 -29.82 -9.93 10.50
N ALA A 655 -29.82 -11.03 9.75
CA ALA A 655 -30.44 -12.29 10.14
C ALA A 655 -31.92 -12.12 10.49
N GLY A 656 -32.65 -11.37 9.66
CA GLY A 656 -34.07 -11.26 9.83
C GLY A 656 -34.56 -10.22 10.81
N ILE A 657 -33.69 -9.41 11.38
CA ILE A 657 -34.10 -8.38 12.34
C ILE A 657 -33.58 -7.04 11.86
N CYS A 658 -34.41 -6.00 12.00
CA CYS A 658 -34.03 -4.65 11.62
C CYS A 658 -34.38 -3.68 12.74
N ALA A 659 -33.68 -2.55 12.78
CA ALA A 659 -33.86 -1.60 13.87
C ALA A 659 -34.38 -0.26 13.35
N SER A 660 -34.98 0.51 14.26
CA SER A 660 -35.49 1.84 13.92
C SER A 660 -35.58 2.68 15.18
N TYR A 661 -35.67 4.00 14.98
CA TYR A 661 -35.78 4.96 16.08
C TYR A 661 -37.27 5.29 16.26
N GLN A 662 -37.94 4.53 17.09
CA GLN A 662 -39.39 4.66 17.26
C GLN A 662 -39.70 4.89 18.74
N THR A 663 -40.94 5.29 19.00
CA THR A 663 -41.39 5.51 20.38
C THR A 663 -41.89 4.22 20.99
N GLN A 677 -38.47 8.58 23.18
CA GLN A 677 -37.87 7.97 22.00
C GLN A 677 -36.81 6.95 22.38
N SER A 678 -36.71 5.88 21.60
CA SER A 678 -35.74 4.83 21.85
C SER A 678 -35.50 4.08 20.55
N ILE A 679 -34.57 3.12 20.59
CA ILE A 679 -34.27 2.27 19.45
C ILE A 679 -34.93 0.92 19.66
N ILE A 680 -35.71 0.48 18.67
CA ILE A 680 -36.42 -0.78 18.77
C ILE A 680 -35.92 -1.72 17.68
N ALA A 681 -35.91 -3.02 17.98
CA ALA A 681 -35.51 -4.04 17.03
C ALA A 681 -36.70 -4.95 16.77
N TYR A 682 -36.98 -5.21 15.49
CA TYR A 682 -38.17 -5.95 15.11
C TYR A 682 -37.84 -6.91 13.98
N THR A 683 -38.58 -8.01 13.92
CA THR A 683 -38.42 -8.90 12.78
C THR A 683 -38.93 -8.20 11.53
N MET A 684 -38.20 -8.31 10.43
CA MET A 684 -38.57 -7.59 9.22
C MET A 684 -39.89 -8.14 8.71
N SER A 685 -40.74 -7.25 8.18
CA SER A 685 -41.99 -7.69 7.60
C SER A 685 -41.84 -7.88 6.10
N LEU A 686 -42.27 -9.05 5.61
CA LEU A 686 -42.12 -9.34 4.19
C LEU A 686 -43.18 -8.66 3.34
N GLY A 687 -44.34 -8.39 3.91
CA GLY A 687 -45.41 -7.74 3.19
C GLY A 687 -46.75 -8.15 3.74
N ALA A 688 -47.80 -7.57 3.18
CA ALA A 688 -49.16 -7.88 3.59
C ALA A 688 -49.54 -9.29 3.17
N GLU A 689 -50.15 -10.03 4.09
CA GLU A 689 -50.62 -11.38 3.77
C GLU A 689 -51.87 -11.32 2.91
N ASN A 690 -51.92 -12.17 1.89
CA ASN A 690 -53.04 -12.19 0.95
C ASN A 690 -53.38 -13.62 0.61
N SER A 691 -54.64 -13.82 0.19
CA SER A 691 -55.11 -15.13 -0.21
C SER A 691 -55.99 -15.00 -1.44
N VAL A 692 -55.80 -15.89 -2.41
CA VAL A 692 -56.60 -15.93 -3.63
C VAL A 692 -57.63 -17.04 -3.47
N ALA A 693 -58.90 -16.70 -3.62
CA ALA A 693 -60.00 -17.65 -3.48
C ALA A 693 -60.09 -18.51 -4.74
N TYR A 694 -59.21 -19.51 -4.81
CA TYR A 694 -59.13 -20.34 -6.01
C TYR A 694 -60.33 -21.27 -6.09
N SER A 695 -60.86 -21.41 -7.31
CA SER A 695 -61.88 -22.41 -7.61
C SER A 695 -61.72 -22.80 -9.07
N ASN A 696 -62.21 -23.99 -9.40
CA ASN A 696 -62.03 -24.52 -10.74
C ASN A 696 -63.10 -24.06 -11.72
N ASN A 697 -64.06 -23.24 -11.28
CA ASN A 697 -65.07 -22.69 -12.18
C ASN A 697 -65.31 -21.22 -11.87
N SER A 698 -64.26 -20.47 -11.56
CA SER A 698 -64.38 -19.06 -11.24
C SER A 698 -63.22 -18.27 -11.83
N ILE A 699 -63.53 -17.10 -12.37
CA ILE A 699 -62.52 -16.21 -12.93
C ILE A 699 -62.83 -14.78 -12.47
N ALA A 700 -61.81 -13.93 -12.51
CA ALA A 700 -61.95 -12.51 -12.22
C ALA A 700 -61.48 -11.71 -13.43
N ILE A 701 -62.38 -10.92 -14.01
CA ILE A 701 -62.11 -10.15 -15.21
C ILE A 701 -62.32 -8.68 -14.88
N PRO A 702 -61.35 -7.81 -15.13
CA PRO A 702 -61.49 -6.41 -14.73
C PRO A 702 -62.56 -5.69 -15.52
N THR A 703 -63.15 -4.67 -14.88
CA THR A 703 -64.10 -3.77 -15.53
C THR A 703 -63.56 -2.36 -15.69
N ASN A 704 -62.37 -2.08 -15.16
CA ASN A 704 -61.78 -0.75 -15.25
C ASN A 704 -60.28 -0.89 -15.22
N PHE A 705 -59.58 0.22 -15.43
CA PHE A 705 -58.14 0.21 -15.55
C PHE A 705 -57.57 1.52 -15.04
N THR A 706 -56.24 1.55 -14.88
CA THR A 706 -55.52 2.75 -14.50
C THR A 706 -54.32 2.94 -15.40
N ILE A 707 -54.12 4.16 -15.87
CA ILE A 707 -52.95 4.52 -16.65
C ILE A 707 -51.95 5.16 -15.68
N SER A 708 -50.90 4.43 -15.36
CA SER A 708 -49.93 4.85 -14.35
C SER A 708 -48.60 5.18 -15.02
N VAL A 709 -47.93 6.20 -14.49
CA VAL A 709 -46.62 6.61 -14.97
C VAL A 709 -45.63 6.43 -13.84
N THR A 710 -44.51 5.76 -14.13
CA THR A 710 -43.47 5.50 -13.15
C THR A 710 -42.15 6.02 -13.69
N THR A 711 -41.24 6.33 -12.78
CA THR A 711 -39.92 6.83 -13.12
C THR A 711 -38.87 5.73 -12.91
N GLU A 712 -37.87 5.73 -13.77
CA GLU A 712 -36.76 4.79 -13.66
C GLU A 712 -35.48 5.55 -13.99
N ILE A 713 -34.53 5.50 -13.07
CA ILE A 713 -33.29 6.28 -13.16
C ILE A 713 -32.15 5.33 -13.45
N LEU A 714 -31.35 5.67 -14.47
CA LEU A 714 -30.23 4.84 -14.89
C LEU A 714 -29.01 5.72 -15.17
N PRO A 715 -27.92 5.55 -14.43
CA PRO A 715 -26.69 6.26 -14.78
C PRO A 715 -26.18 5.84 -16.15
N VAL A 716 -25.59 6.80 -16.87
CA VAL A 716 -25.14 6.56 -18.23
C VAL A 716 -23.64 6.82 -18.35
N SER A 717 -23.10 7.72 -17.53
CA SER A 717 -21.71 8.11 -17.67
C SER A 717 -21.16 8.56 -16.32
N MET A 718 -19.85 8.78 -16.28
CA MET A 718 -19.17 9.30 -15.11
C MET A 718 -18.18 10.37 -15.56
N THR A 719 -17.51 10.99 -14.60
CA THR A 719 -16.59 12.07 -14.89
C THR A 719 -15.29 11.53 -15.47
N LYS A 720 -14.80 12.21 -16.51
CA LYS A 720 -13.54 11.86 -17.13
C LYS A 720 -12.41 12.59 -16.43
N THR A 721 -11.42 11.83 -15.97
CA THR A 721 -10.32 12.39 -15.20
C THR A 721 -8.99 11.97 -15.80
N SER A 722 -7.97 12.77 -15.55
CA SER A 722 -6.60 12.47 -15.95
C SER A 722 -5.66 12.92 -14.84
N VAL A 723 -4.50 12.28 -14.76
CA VAL A 723 -3.55 12.52 -13.69
C VAL A 723 -2.18 12.78 -14.29
N ASP A 724 -1.49 13.78 -13.74
CA ASP A 724 -0.10 14.08 -14.10
C ASP A 724 0.81 13.44 -13.06
N CYS A 725 1.54 12.40 -13.49
CA CYS A 725 2.40 11.66 -12.56
C CYS A 725 3.45 12.55 -11.93
N THR A 726 4.15 13.34 -12.73
CA THR A 726 5.23 14.15 -12.20
C THR A 726 4.72 15.13 -11.15
N MET A 727 3.61 15.83 -11.46
CA MET A 727 3.12 16.83 -10.53
C MET A 727 2.45 16.20 -9.31
N TYR A 728 1.91 14.99 -9.42
CA TYR A 728 1.32 14.36 -8.25
C TYR A 728 2.37 13.75 -7.33
N ILE A 729 3.25 12.92 -7.88
CA ILE A 729 4.24 12.24 -7.05
C ILE A 729 5.30 13.21 -6.56
N CYS A 730 5.79 14.09 -7.43
CA CYS A 730 6.93 14.94 -7.12
C CYS A 730 6.60 16.41 -7.03
N GLY A 731 5.78 16.93 -7.92
CA GLY A 731 5.52 18.36 -7.95
C GLY A 731 6.59 19.08 -8.72
N ASP A 732 7.14 20.13 -8.12
CA ASP A 732 8.21 20.92 -8.72
C ASP A 732 9.60 20.47 -8.29
N SER A 733 9.74 19.27 -7.73
CA SER A 733 11.03 18.78 -7.27
C SER A 733 11.79 18.17 -8.45
N THR A 734 12.89 18.81 -8.83
CA THR A 734 13.70 18.32 -9.95
C THR A 734 14.36 16.99 -9.64
N GLU A 735 14.87 16.82 -8.41
CA GLU A 735 15.47 15.55 -8.03
C GLU A 735 14.46 14.41 -8.08
N CYS A 736 13.26 14.66 -7.56
CA CYS A 736 12.22 13.64 -7.60
C CYS A 736 11.80 13.34 -9.04
N SER A 737 11.70 14.37 -9.87
CA SER A 737 11.35 14.15 -11.27
C SER A 737 12.40 13.32 -11.98
N ASN A 738 13.68 13.57 -11.69
CA ASN A 738 14.74 12.75 -12.27
C ASN A 738 14.68 11.31 -11.77
N LEU A 739 14.39 11.12 -10.48
CA LEU A 739 14.32 9.78 -9.93
C LEU A 739 13.09 9.00 -10.40
N LEU A 740 12.03 9.71 -10.81
CA LEU A 740 10.81 9.07 -11.29
C LEU A 740 10.96 8.45 -12.68
N LEU A 741 12.05 8.75 -13.39
CA LEU A 741 12.24 8.25 -14.75
C LEU A 741 12.37 6.73 -14.82
N GLN A 742 12.37 6.06 -13.67
CA GLN A 742 12.38 4.61 -13.63
C GLN A 742 10.99 3.99 -13.58
N TYR A 743 9.93 4.79 -13.69
CA TYR A 743 8.56 4.28 -13.64
C TYR A 743 7.72 4.90 -14.75
N GLY A 744 8.36 5.21 -15.88
CA GLY A 744 7.66 5.83 -16.98
C GLY A 744 6.62 4.91 -17.60
N SER A 745 6.96 3.63 -17.71
CA SER A 745 5.99 2.70 -18.29
C SER A 745 4.75 2.62 -17.43
N PHE A 746 4.93 2.63 -16.10
CA PHE A 746 3.79 2.62 -15.19
C PHE A 746 2.91 3.84 -15.41
N CYS A 747 3.52 5.01 -15.48
CA CYS A 747 2.71 6.22 -15.66
C CYS A 747 2.02 6.26 -17.02
N THR A 748 2.70 5.79 -18.06
CA THR A 748 2.06 5.67 -19.36
C THR A 748 0.86 4.72 -19.31
N GLN A 749 0.99 3.62 -18.55
CA GLN A 749 -0.13 2.70 -18.40
C GLN A 749 -1.32 3.36 -17.71
N LEU A 750 -1.05 4.10 -16.62
CA LEU A 750 -2.12 4.80 -15.93
C LEU A 750 -2.84 5.77 -16.86
N ASN A 751 -2.08 6.57 -17.61
CA ASN A 751 -2.70 7.52 -18.51
C ASN A 751 -3.47 6.82 -19.63
N ARG A 752 -2.95 5.69 -20.11
CA ARG A 752 -3.69 4.93 -21.13
C ARG A 752 -5.03 4.45 -20.60
N ALA A 753 -5.04 3.90 -19.37
CA ALA A 753 -6.30 3.44 -18.80
C ALA A 753 -7.28 4.57 -18.62
N LEU A 754 -6.80 5.71 -18.11
CA LEU A 754 -7.70 6.84 -17.90
C LEU A 754 -8.25 7.39 -19.22
N THR A 755 -7.41 7.45 -20.25
CA THR A 755 -7.89 7.90 -21.56
C THR A 755 -8.91 6.93 -22.14
N GLY A 756 -8.70 5.63 -21.94
CA GLY A 756 -9.68 4.66 -22.38
C GLY A 756 -11.02 4.86 -21.70
N ILE A 757 -11.01 5.08 -20.39
CA ILE A 757 -12.25 5.36 -19.66
C ILE A 757 -12.91 6.62 -20.19
N ALA A 758 -12.11 7.66 -20.45
CA ALA A 758 -12.67 8.92 -20.92
C ALA A 758 -13.36 8.77 -22.27
N VAL A 759 -12.73 8.06 -23.20
CA VAL A 759 -13.37 7.82 -24.49
C VAL A 759 -14.60 6.92 -24.33
N GLU A 760 -14.54 5.97 -23.40
CA GLU A 760 -15.65 5.06 -23.17
C GLU A 760 -16.89 5.80 -22.71
N GLN A 761 -16.72 6.81 -21.86
CA GLN A 761 -17.88 7.57 -21.38
C GLN A 761 -18.60 8.27 -22.53
N ASP A 762 -17.83 8.90 -23.43
CA ASP A 762 -18.44 9.52 -24.60
C ASP A 762 -19.14 8.49 -25.48
N LYS A 763 -18.53 7.31 -25.61
CA LYS A 763 -19.16 6.25 -26.40
C LYS A 763 -20.49 5.84 -25.78
N ASN A 764 -20.55 5.73 -24.46
CA ASN A 764 -21.80 5.36 -23.79
C ASN A 764 -22.88 6.41 -24.02
N THR A 765 -22.52 7.70 -23.87
CA THR A 765 -23.51 8.74 -24.08
C THR A 765 -24.02 8.75 -25.52
N GLN A 766 -23.10 8.61 -26.48
CA GLN A 766 -23.50 8.55 -27.89
C GLN A 766 -24.41 7.36 -28.16
N GLU A 767 -24.07 6.20 -27.60
CA GLU A 767 -24.88 5.01 -27.82
C GLU A 767 -26.29 5.18 -27.26
N VAL A 768 -26.40 5.79 -26.08
CA VAL A 768 -27.71 5.93 -25.45
C VAL A 768 -28.56 6.95 -26.19
N PHE A 769 -27.99 8.13 -26.49
CA PHE A 769 -28.83 9.23 -26.95
C PHE A 769 -28.85 9.43 -28.45
N ALA A 770 -27.90 8.87 -29.20
CA ALA A 770 -27.79 9.11 -30.64
C ALA A 770 -28.37 7.97 -31.46
N GLN A 771 -29.46 7.38 -31.00
CA GLN A 771 -30.09 6.29 -31.76
C GLN A 771 -30.53 6.76 -33.13
N VAL A 772 -31.12 7.96 -33.20
CA VAL A 772 -31.59 8.54 -34.45
C VAL A 772 -30.72 9.75 -34.76
N LYS A 773 -30.38 9.91 -36.04
CA LYS A 773 -29.55 11.01 -36.51
C LYS A 773 -30.37 12.06 -37.27
N GLN A 774 -31.66 12.16 -36.95
CA GLN A 774 -32.52 13.18 -37.50
C GLN A 774 -33.20 13.91 -36.35
N ILE A 775 -33.08 15.23 -36.32
CA ILE A 775 -33.60 16.03 -35.21
C ILE A 775 -35.02 16.43 -35.57
N TYR A 776 -35.97 15.59 -35.17
CA TYR A 776 -37.37 15.87 -35.42
C TYR A 776 -37.84 17.02 -34.54
N LYS A 777 -38.71 17.86 -35.08
CA LYS A 777 -39.30 18.98 -34.35
C LYS A 777 -40.80 18.79 -34.24
N THR A 778 -41.37 19.17 -33.10
CA THR A 778 -42.79 19.07 -32.88
C THR A 778 -43.52 20.19 -33.60
N PRO A 779 -44.67 19.91 -34.22
CA PRO A 779 -45.40 20.94 -34.94
C PRO A 779 -46.03 21.94 -34.00
N PRO A 780 -46.29 23.17 -34.45
CA PRO A 780 -47.02 24.13 -33.62
C PRO A 780 -48.46 23.72 -33.33
N ILE A 781 -48.99 22.72 -34.03
CA ILE A 781 -50.34 22.23 -33.79
C ILE A 781 -50.33 21.31 -32.58
N LYS A 782 -50.58 21.86 -31.40
CA LYS A 782 -50.61 21.07 -30.17
C LYS A 782 -51.98 20.46 -29.93
N ASP A 783 -52.49 19.76 -30.93
CA ASP A 783 -53.79 19.08 -30.86
C ASP A 783 -53.52 17.58 -30.90
N PHE A 784 -53.30 17.00 -29.73
CA PHE A 784 -52.95 15.59 -29.61
C PHE A 784 -54.12 14.77 -29.07
N GLY A 785 -55.34 15.22 -29.34
CA GLY A 785 -56.52 14.48 -28.94
C GLY A 785 -56.83 14.52 -27.47
N GLY A 786 -56.36 15.55 -26.76
CA GLY A 786 -56.58 15.66 -25.33
C GLY A 786 -55.36 15.32 -24.49
N PHE A 787 -54.34 14.71 -25.07
CA PHE A 787 -53.12 14.41 -24.35
C PHE A 787 -52.25 15.65 -24.28
N ASN A 788 -51.74 15.95 -23.09
CA ASN A 788 -50.92 17.14 -22.86
C ASN A 788 -49.49 16.70 -22.58
N PHE A 789 -48.56 17.19 -23.38
CA PHE A 789 -47.14 16.90 -23.22
C PHE A 789 -46.33 18.13 -22.84
N SER A 790 -46.99 19.15 -22.27
CA SER A 790 -46.30 20.39 -21.94
C SER A 790 -45.22 20.20 -20.89
N GLN A 791 -45.30 19.12 -20.11
CA GLN A 791 -44.29 18.86 -19.09
C GLN A 791 -43.10 18.07 -19.61
N ILE A 792 -43.21 17.46 -20.78
CA ILE A 792 -42.12 16.70 -21.37
C ILE A 792 -41.62 17.29 -22.68
N LEU A 793 -42.28 18.32 -23.22
CA LEU A 793 -41.84 19.01 -24.42
C LEU A 793 -41.08 20.27 -24.07
N PRO A 794 -40.18 20.74 -24.94
CA PRO A 794 -39.34 21.89 -24.59
C PRO A 794 -40.14 23.17 -24.36
N ASP A 795 -39.57 24.03 -23.51
CA ASP A 795 -40.15 25.33 -23.18
C ASP A 795 -39.27 26.43 -23.79
N PRO A 796 -39.78 27.21 -24.74
CA PRO A 796 -38.95 28.25 -25.36
C PRO A 796 -38.74 29.48 -24.48
N SER A 797 -39.33 29.54 -23.29
CA SER A 797 -39.18 30.69 -22.41
C SER A 797 -37.90 30.64 -21.58
N LYS A 798 -37.13 29.57 -21.68
CA LYS A 798 -35.89 29.41 -20.95
C LYS A 798 -34.70 29.72 -21.85
N PRO A 799 -33.56 30.12 -21.28
CA PRO A 799 -32.35 30.26 -22.11
C PRO A 799 -31.97 28.96 -22.82
N SER A 800 -32.12 27.83 -22.15
CA SER A 800 -31.99 26.53 -22.79
C SER A 800 -33.36 26.10 -23.32
N LYS A 801 -33.42 24.89 -23.88
CA LYS A 801 -34.66 24.36 -24.42
C LYS A 801 -35.10 23.13 -23.66
N ARG A 802 -35.03 23.19 -22.33
CA ARG A 802 -35.36 22.07 -21.48
C ARG A 802 -36.83 22.10 -21.08
N SER A 803 -37.41 20.91 -20.91
CA SER A 803 -38.77 20.80 -20.44
C SER A 803 -38.83 21.14 -18.95
N PRO A 804 -40.04 21.33 -18.38
CA PRO A 804 -40.16 21.59 -16.95
C PRO A 804 -39.54 20.44 -16.16
N ILE A 805 -39.97 19.21 -16.45
CA ILE A 805 -39.47 18.08 -15.66
C ILE A 805 -37.95 17.99 -15.81
N GLU A 806 -37.43 18.26 -17.02
CA GLU A 806 -35.99 18.23 -17.21
C GLU A 806 -35.30 19.30 -16.36
N ASP A 807 -35.88 20.49 -16.29
CA ASP A 807 -35.32 21.53 -15.43
C ASP A 807 -35.38 21.12 -13.96
N LEU A 808 -36.49 20.51 -13.55
CA LEU A 808 -36.61 20.06 -12.17
C LEU A 808 -35.55 19.02 -11.83
N LEU A 809 -35.28 18.10 -12.76
CA LEU A 809 -34.21 17.14 -12.56
C LEU A 809 -32.84 17.82 -12.51
N PHE A 810 -32.61 18.80 -13.38
CA PHE A 810 -31.33 19.47 -13.41
C PHE A 810 -31.06 20.25 -12.13
N ASN A 811 -32.11 20.76 -11.49
CA ASN A 811 -31.95 21.54 -10.27
C ASN A 811 -31.87 20.68 -9.01
N LYS A 812 -31.98 19.36 -9.12
CA LYS A 812 -31.95 18.48 -7.97
C LYS A 812 -30.69 17.63 -7.90
N VAL A 813 -29.73 17.83 -8.80
CA VAL A 813 -28.46 17.12 -8.78
C VAL A 813 -27.35 18.17 -8.75
N THR A 814 -26.54 18.15 -7.69
CA THR A 814 -25.50 19.13 -7.49
C THR A 814 -24.17 18.56 -7.95
N LEU A 815 -23.58 19.17 -8.98
CA LEU A 815 -22.27 18.77 -9.47
C LEU A 815 -21.18 19.39 -8.62
N ALA A 816 -19.93 19.12 -8.99
CA ALA A 816 -18.78 19.66 -8.28
C ALA A 816 -18.01 20.70 -9.10
N ASP A 817 -18.27 20.81 -10.40
CA ASP A 817 -17.58 21.73 -11.28
C ASP A 817 -18.61 22.56 -12.03
N ALA A 818 -18.85 23.78 -11.56
CA ALA A 818 -19.73 24.74 -12.26
C ALA A 818 -18.92 25.37 -13.39
N GLY A 819 -18.83 24.64 -14.50
CA GLY A 819 -17.95 25.00 -15.59
C GLY A 819 -16.66 24.21 -15.53
N PHE A 820 -15.82 24.44 -16.54
CA PHE A 820 -14.55 23.72 -16.66
C PHE A 820 -13.38 24.66 -16.93
N ILE A 821 -13.53 25.95 -16.61
CA ILE A 821 -12.46 26.93 -16.80
C ILE A 821 -12.21 27.55 -15.43
N LYS A 822 -11.23 27.02 -14.71
CA LYS A 822 -10.86 27.52 -13.39
C LYS A 822 -9.47 28.13 -13.52
N GLN A 823 -9.43 29.45 -13.58
CA GLN A 823 -8.20 30.17 -13.90
C GLN A 823 -7.21 30.11 -12.74
N TYR A 824 -5.93 30.30 -13.09
CA TYR A 824 -4.90 30.34 -12.06
C TYR A 824 -5.08 31.53 -11.13
N GLY A 825 -5.41 32.69 -11.70
CA GLY A 825 -5.64 33.88 -10.88
C GLY A 825 -6.93 33.84 -10.10
N ASP A 826 -7.85 32.94 -10.45
CA ASP A 826 -9.11 32.84 -9.72
C ASP A 826 -8.89 32.35 -8.30
N CYS A 827 -8.05 31.34 -8.12
CA CYS A 827 -7.68 30.84 -6.80
C CYS A 827 -6.16 30.94 -6.67
N LEU A 828 -5.69 32.12 -6.25
CA LEU A 828 -4.28 32.39 -6.02
C LEU A 828 -4.13 32.99 -4.64
N GLY A 829 -3.57 32.24 -3.70
CA GLY A 829 -3.40 32.71 -2.35
C GLY A 829 -4.00 31.79 -1.31
N ASP A 830 -4.85 32.34 -0.44
CA ASP A 830 -5.49 31.54 0.59
C ASP A 830 -6.70 30.76 0.07
N ILE A 831 -7.15 31.05 -1.15
CA ILE A 831 -8.24 30.28 -1.73
C ILE A 831 -7.80 28.85 -1.98
N ALA A 832 -6.54 28.64 -2.34
CA ALA A 832 -5.98 27.29 -2.45
C ALA A 832 -5.98 26.63 -1.08
N ALA A 833 -6.05 25.29 -1.09
CA ALA A 833 -6.20 24.46 0.11
C ALA A 833 -7.52 24.71 0.83
N ARG A 834 -8.42 25.48 0.23
CA ARG A 834 -9.77 25.69 0.73
C ARG A 834 -10.83 25.31 -0.29
N ASP A 835 -10.57 25.53 -1.59
CA ASP A 835 -11.43 25.03 -2.64
C ASP A 835 -10.87 23.69 -3.11
N LEU A 836 -11.69 22.64 -3.01
CA LEU A 836 -11.19 21.30 -3.29
C LEU A 836 -10.80 21.14 -4.75
N ILE A 837 -11.48 21.82 -5.67
CA ILE A 837 -11.13 21.72 -7.08
C ILE A 837 -9.73 22.29 -7.33
N CYS A 838 -9.44 23.46 -6.74
CA CYS A 838 -8.11 24.03 -6.88
C CYS A 838 -7.05 23.17 -6.19
N ALA A 839 -7.39 22.59 -5.04
CA ALA A 839 -6.45 21.70 -4.36
C ALA A 839 -6.12 20.50 -5.24
N GLN A 840 -7.13 19.92 -5.89
CA GLN A 840 -6.90 18.80 -6.80
C GLN A 840 -6.07 19.23 -8.00
N LYS A 841 -6.37 20.39 -8.58
CA LYS A 841 -5.67 20.83 -9.77
C LYS A 841 -4.20 21.12 -9.49
N PHE A 842 -3.89 21.63 -8.29
CA PHE A 842 -2.50 21.89 -7.95
C PHE A 842 -1.71 20.61 -7.76
N ASN A 843 -2.37 19.47 -7.62
CA ASN A 843 -1.70 18.18 -7.49
C ASN A 843 -1.80 17.33 -8.75
N GLY A 844 -2.29 17.90 -9.85
CA GLY A 844 -2.32 17.21 -11.11
C GLY A 844 -3.56 16.41 -11.41
N LEU A 845 -4.62 16.57 -10.63
CA LEU A 845 -5.87 15.86 -10.85
C LEU A 845 -6.83 16.79 -11.59
N THR A 846 -7.12 16.44 -12.84
CA THR A 846 -7.94 17.26 -13.72
C THR A 846 -9.21 16.51 -14.10
N VAL A 847 -10.28 17.27 -14.31
CA VAL A 847 -11.55 16.74 -14.80
C VAL A 847 -11.76 17.25 -16.21
N LEU A 848 -11.98 16.33 -17.14
CA LEU A 848 -12.17 16.71 -18.54
C LEU A 848 -13.66 16.86 -18.86
N PRO A 849 -14.03 17.80 -19.71
CA PRO A 849 -15.44 18.07 -19.97
C PRO A 849 -16.03 17.03 -20.90
N PRO A 850 -17.33 16.77 -20.80
CA PRO A 850 -17.98 15.84 -21.73
C PRO A 850 -17.98 16.40 -23.15
N LEU A 851 -17.95 15.48 -24.12
CA LEU A 851 -17.95 15.89 -25.51
C LEU A 851 -19.31 16.47 -25.92
N LEU A 852 -20.39 15.82 -25.49
CA LEU A 852 -21.74 16.28 -25.79
C LEU A 852 -22.25 17.13 -24.64
N THR A 853 -22.58 18.38 -24.93
CA THR A 853 -23.07 19.28 -23.90
C THR A 853 -24.52 18.97 -23.55
N ASP A 854 -24.97 19.55 -22.44
CA ASP A 854 -26.33 19.30 -21.98
C ASP A 854 -27.35 19.83 -22.97
N GLU A 855 -27.03 20.92 -23.67
CA GLU A 855 -27.95 21.42 -24.70
C GLU A 855 -28.12 20.41 -25.83
N MET A 856 -27.01 19.79 -26.26
CA MET A 856 -27.12 18.77 -27.31
C MET A 856 -27.87 17.53 -26.82
N ILE A 857 -27.64 17.13 -25.57
CA ILE A 857 -28.38 16.00 -25.04
C ILE A 857 -29.87 16.30 -24.98
N ALA A 858 -30.22 17.52 -24.57
CA ALA A 858 -31.62 17.94 -24.54
C ALA A 858 -32.21 17.96 -25.94
N GLN A 859 -31.42 18.39 -26.94
CA GLN A 859 -31.90 18.36 -28.32
C GLN A 859 -32.17 16.94 -28.77
N TYR A 860 -31.28 16.00 -28.42
CA TYR A 860 -31.49 14.60 -28.78
C TYR A 860 -32.76 14.07 -28.15
N THR A 861 -32.98 14.35 -26.86
CA THR A 861 -34.18 13.89 -26.18
C THR A 861 -35.43 14.51 -26.78
N SER A 862 -35.37 15.80 -27.14
CA SER A 862 -36.52 16.45 -27.75
C SER A 862 -36.84 15.83 -29.10
N ALA A 863 -35.81 15.53 -29.90
CA ALA A 863 -36.03 14.88 -31.18
C ALA A 863 -36.67 13.51 -30.99
N LEU A 864 -36.18 12.73 -30.02
CA LEU A 864 -36.77 11.44 -29.74
C LEU A 864 -38.23 11.57 -29.35
N LEU A 865 -38.53 12.52 -28.45
CA LEU A 865 -39.90 12.70 -28.00
C LEU A 865 -40.81 13.10 -29.15
N ALA A 866 -40.36 14.04 -29.99
CA ALA A 866 -41.16 14.47 -31.12
C ALA A 866 -41.41 13.33 -32.09
N GLY A 867 -40.37 12.54 -32.37
CA GLY A 867 -40.55 11.39 -33.24
C GLY A 867 -41.58 10.41 -32.71
N THR A 868 -41.49 10.08 -31.42
CA THR A 868 -42.48 9.18 -30.83
C THR A 868 -43.89 9.75 -30.89
N ILE A 869 -44.08 10.99 -30.46
CA ILE A 869 -45.44 11.51 -30.38
C ILE A 869 -46.01 11.86 -31.75
N THR A 870 -45.18 11.91 -32.79
CA THR A 870 -45.67 12.26 -34.10
C THR A 870 -45.79 11.06 -35.04
N SER A 871 -45.03 9.98 -34.81
CA SER A 871 -45.05 8.86 -35.73
C SER A 871 -45.20 7.49 -35.07
N GLY A 872 -45.17 7.40 -33.75
CA GLY A 872 -45.23 6.09 -33.12
C GLY A 872 -43.88 5.42 -33.06
N TRP A 873 -43.82 4.15 -33.40
CA TRP A 873 -42.58 3.39 -33.36
C TRP A 873 -41.97 3.19 -34.74
N THR A 874 -42.50 3.87 -35.75
CA THR A 874 -42.06 3.64 -37.12
C THR A 874 -40.77 4.40 -37.47
N PHE A 875 -40.35 5.34 -36.64
CA PHE A 875 -39.11 6.07 -36.97
C PHE A 875 -37.87 5.35 -36.50
N GLY A 876 -38.00 4.29 -35.71
CA GLY A 876 -36.86 3.50 -35.32
C GLY A 876 -36.54 2.35 -36.24
N ALA A 877 -37.32 2.15 -37.29
CA ALA A 877 -37.13 1.03 -38.21
C ALA A 877 -36.97 1.47 -39.66
N GLY A 878 -37.11 2.75 -39.96
CA GLY A 878 -36.99 3.22 -41.33
C GLY A 878 -37.38 4.67 -41.49
N PRO A 879 -38.14 5.00 -42.56
CA PRO A 879 -38.60 6.36 -42.79
C PRO A 879 -39.79 6.63 -41.86
N ALA A 880 -39.78 7.78 -41.21
CA ALA A 880 -40.84 8.13 -40.27
C ALA A 880 -42.17 8.39 -40.96
N LEU A 881 -43.22 7.73 -40.48
CA LEU A 881 -44.55 7.83 -41.07
C LEU A 881 -45.48 8.47 -40.05
N GLN A 882 -46.14 9.56 -40.46
CA GLN A 882 -47.00 10.28 -39.54
C GLN A 882 -48.25 9.48 -39.21
N ILE A 883 -48.75 9.67 -37.99
CA ILE A 883 -49.95 8.99 -37.51
C ILE A 883 -50.52 9.78 -36.33
N PRO A 884 -51.84 9.94 -36.24
CA PRO A 884 -52.42 10.62 -35.08
C PRO A 884 -52.11 9.89 -33.78
N PHE A 885 -52.00 10.67 -32.70
CA PHE A 885 -51.65 10.09 -31.42
C PHE A 885 -52.74 9.19 -30.85
N PRO A 886 -54.04 9.50 -31.05
CA PRO A 886 -55.11 8.58 -30.63
C PRO A 886 -54.87 7.24 -31.35
N MET A 887 -54.68 7.28 -32.68
CA MET A 887 -54.49 6.03 -33.40
C MET A 887 -53.25 5.29 -32.90
N GLN A 888 -52.19 6.02 -32.57
CA GLN A 888 -51.00 5.36 -32.03
C GLN A 888 -51.32 4.67 -30.70
N MET A 889 -52.07 5.35 -29.83
CA MET A 889 -52.40 4.75 -28.55
C MET A 889 -53.38 3.60 -28.71
N ALA A 890 -54.26 3.65 -29.71
CA ALA A 890 -55.13 2.51 -29.99
C ALA A 890 -54.31 1.30 -30.45
N TYR A 891 -53.33 1.54 -31.32
CA TYR A 891 -52.44 0.45 -31.72
C TYR A 891 -51.72 -0.13 -30.51
N ARG A 892 -51.25 0.73 -29.62
CA ARG A 892 -50.46 0.26 -28.50
C ARG A 892 -51.33 -0.42 -27.45
N PHE A 893 -52.62 -0.07 -27.38
CA PHE A 893 -53.59 -0.89 -26.64
C PHE A 893 -53.73 -2.26 -27.28
N ASN A 894 -53.81 -2.31 -28.61
CA ASN A 894 -53.86 -3.60 -29.29
C ASN A 894 -52.62 -4.42 -29.01
N GLY A 895 -51.50 -3.78 -28.68
CA GLY A 895 -50.29 -4.49 -28.36
C GLY A 895 -50.33 -5.24 -27.04
N ILE A 896 -51.23 -4.88 -26.13
CA ILE A 896 -51.32 -5.49 -24.82
C ILE A 896 -52.54 -6.40 -24.68
N GLY A 897 -53.24 -6.66 -25.77
CA GLY A 897 -54.36 -7.58 -25.72
C GLY A 897 -55.70 -6.97 -25.39
N VAL A 898 -55.85 -5.66 -25.52
CA VAL A 898 -57.13 -4.99 -25.31
C VAL A 898 -57.51 -4.28 -26.60
N THR A 899 -58.79 -4.33 -26.94
CA THR A 899 -59.25 -3.85 -28.23
C THR A 899 -59.19 -2.33 -28.30
N GLN A 900 -59.11 -1.82 -29.54
CA GLN A 900 -58.96 -0.40 -29.76
C GLN A 900 -60.24 0.38 -29.53
N ASN A 901 -61.39 -0.29 -29.58
CA ASN A 901 -62.65 0.41 -29.35
C ASN A 901 -62.76 0.88 -27.92
N VAL A 902 -62.08 0.21 -26.99
CA VAL A 902 -62.09 0.67 -25.60
C VAL A 902 -61.51 2.08 -25.50
N LEU A 903 -60.37 2.31 -26.14
CA LEU A 903 -59.80 3.65 -26.14
C LEU A 903 -60.63 4.61 -26.98
N TYR A 904 -61.11 4.15 -28.14
CA TYR A 904 -61.89 5.04 -28.99
C TYR A 904 -63.20 5.46 -28.32
N GLU A 905 -63.65 4.74 -27.30
CA GLU A 905 -64.83 5.11 -26.55
C GLU A 905 -64.53 5.79 -25.24
N ASN A 906 -63.33 5.60 -24.66
CA ASN A 906 -62.97 6.24 -23.40
C ASN A 906 -61.81 7.22 -23.57
N GLN A 907 -61.69 7.81 -24.76
CA GLN A 907 -60.60 8.74 -25.04
C GLN A 907 -60.49 9.86 -24.02
N LYS A 908 -61.60 10.50 -23.68
CA LYS A 908 -61.53 11.65 -22.77
C LYS A 908 -61.07 11.22 -21.38
N LEU A 909 -61.59 10.11 -20.88
CA LEU A 909 -61.16 9.62 -19.57
C LEU A 909 -59.69 9.24 -19.58
N ILE A 910 -59.24 8.58 -20.65
CA ILE A 910 -57.84 8.17 -20.72
C ILE A 910 -56.92 9.40 -20.81
N ALA A 911 -57.33 10.40 -21.57
CA ALA A 911 -56.52 11.62 -21.68
C ALA A 911 -56.42 12.33 -20.34
N ASN A 912 -57.54 12.44 -19.62
CA ASN A 912 -57.51 13.08 -18.31
C ASN A 912 -56.63 12.29 -17.35
N GLN A 913 -56.73 10.96 -17.37
CA GLN A 913 -55.89 10.13 -16.51
C GLN A 913 -54.42 10.31 -16.84
N PHE A 914 -54.08 10.37 -18.12
CA PHE A 914 -52.70 10.53 -18.52
C PHE A 914 -52.15 11.88 -18.06
N ASN A 915 -52.94 12.95 -18.24
CA ASN A 915 -52.48 14.27 -17.79
C ASN A 915 -52.31 14.30 -16.28
N SER A 916 -53.26 13.73 -15.54
CA SER A 916 -53.15 13.69 -14.09
C SER A 916 -51.94 12.90 -13.64
N ALA A 917 -51.66 11.78 -14.32
CA ALA A 917 -50.49 10.97 -13.97
C ALA A 917 -49.20 11.73 -14.22
N ILE A 918 -49.13 12.48 -15.32
CA ILE A 918 -47.92 13.28 -15.60
C ILE A 918 -47.74 14.34 -14.52
N GLY A 919 -48.83 15.03 -14.15
CA GLY A 919 -48.72 16.02 -13.09
C GLY A 919 -48.31 15.41 -11.76
N LYS A 920 -48.85 14.23 -11.44
CA LYS A 920 -48.47 13.55 -10.22
C LYS A 920 -47.00 13.16 -10.22
N ILE A 921 -46.49 12.74 -11.38
CA ILE A 921 -45.07 12.41 -11.49
C ILE A 921 -44.22 13.64 -11.24
N GLN A 922 -44.63 14.78 -11.81
CA GLN A 922 -43.91 16.03 -11.58
C GLN A 922 -43.89 16.37 -10.09
N ASP A 923 -45.04 16.27 -9.43
CA ASP A 923 -45.12 16.61 -8.01
C ASP A 923 -44.29 15.64 -7.16
N SER A 924 -44.32 14.35 -7.48
CA SER A 924 -43.56 13.38 -6.70
C SER A 924 -42.06 13.55 -6.88
N LEU A 925 -41.63 13.99 -8.07
CA LEU A 925 -40.24 14.33 -8.26
C LEU A 925 -39.86 15.57 -7.47
N SER A 926 -40.70 16.61 -7.53
CA SER A 926 -40.36 17.84 -6.84
C SER A 926 -40.29 17.59 -5.34
N SER A 927 -41.24 16.83 -4.80
CA SER A 927 -41.28 16.58 -3.36
C SER A 927 -40.09 15.74 -2.92
N THR A 928 -39.85 14.62 -3.60
CA THR A 928 -38.72 13.76 -3.25
C THR A 928 -38.02 13.26 -4.51
N ALA A 931 -35.93 10.31 -4.84
CA ALA A 931 -34.81 11.21 -5.08
C ALA A 931 -33.92 10.67 -6.20
N LEU A 932 -32.99 11.51 -6.66
CA LEU A 932 -32.03 11.10 -7.69
C LEU A 932 -30.74 10.59 -7.05
N GLY A 933 -30.91 9.61 -6.17
CA GLY A 933 -29.77 9.07 -5.45
C GLY A 933 -28.80 8.33 -6.34
N LYS A 934 -29.32 7.57 -7.31
CA LYS A 934 -28.45 6.79 -8.19
C LYS A 934 -27.58 7.70 -9.04
N LEU A 935 -28.03 8.91 -9.33
CA LEU A 935 -27.23 9.86 -10.08
C LEU A 935 -26.31 10.69 -9.19
N GLN A 936 -26.75 11.01 -7.98
CA GLN A 936 -25.88 11.73 -7.05
C GLN A 936 -24.72 10.87 -6.59
N ASP A 937 -24.92 9.55 -6.50
CA ASP A 937 -23.88 8.66 -6.00
C ASP A 937 -22.67 8.66 -6.91
N VAL A 938 -22.87 8.77 -8.22
CA VAL A 938 -21.74 8.75 -9.15
C VAL A 938 -20.82 9.94 -8.88
N VAL A 939 -21.40 11.15 -8.81
CA VAL A 939 -20.59 12.34 -8.60
C VAL A 939 -19.98 12.33 -7.20
N ASN A 940 -20.72 11.81 -6.21
CA ASN A 940 -20.19 11.73 -4.86
C ASN A 940 -18.99 10.81 -4.79
N GLN A 941 -19.07 9.65 -5.44
CA GLN A 941 -17.96 8.70 -5.43
C GLN A 941 -16.75 9.25 -6.17
N ASN A 942 -16.96 9.90 -7.31
CA ASN A 942 -15.83 10.47 -8.04
C ASN A 942 -15.15 11.56 -7.22
N ALA A 943 -15.93 12.46 -6.62
CA ALA A 943 -15.35 13.51 -5.79
C ALA A 943 -14.63 12.93 -4.60
N GLN A 944 -15.21 11.91 -3.97
CA GLN A 944 -14.59 11.29 -2.81
C GLN A 944 -13.28 10.62 -3.19
N ALA A 945 -13.23 9.95 -4.33
CA ALA A 945 -11.99 9.32 -4.78
C ALA A 945 -10.90 10.37 -5.03
N LEU A 946 -11.25 11.46 -5.70
CA LEU A 946 -10.26 12.50 -5.96
C LEU A 946 -9.76 13.14 -4.67
N ASN A 947 -10.68 13.42 -3.74
CA ASN A 947 -10.27 14.01 -2.46
C ASN A 947 -9.45 13.04 -1.64
N THR A 948 -9.74 11.75 -1.73
CA THR A 948 -8.93 10.75 -1.05
C THR A 948 -7.52 10.72 -1.63
N LEU A 949 -7.40 10.81 -2.96
CA LEU A 949 -6.08 10.89 -3.57
C LEU A 949 -5.32 12.11 -3.07
N VAL A 950 -6.00 13.26 -2.99
CA VAL A 950 -5.34 14.47 -2.49
C VAL A 950 -4.89 14.28 -1.05
N LYS A 951 -5.74 13.71 -0.22
CA LYS A 951 -5.43 13.54 1.20
C LYS A 951 -4.32 12.52 1.42
N GLN A 952 -4.21 11.52 0.54
CA GLN A 952 -3.22 10.47 0.71
C GLN A 952 -1.79 10.95 0.50
N LEU A 953 -1.58 12.25 0.26
CA LEU A 953 -0.25 12.80 0.14
C LEU A 953 0.38 13.09 1.49
N SER A 954 -0.34 12.88 2.59
CA SER A 954 0.15 13.14 3.93
C SER A 954 0.69 11.88 4.60
N SER A 955 0.82 10.79 3.86
CA SER A 955 1.31 9.53 4.41
C SER A 955 2.82 9.45 4.25
N ASN A 956 3.50 9.05 5.32
CA ASN A 956 4.95 8.99 5.29
C ASN A 956 5.46 7.80 4.48
N PHE A 957 4.71 6.71 4.42
CA PHE A 957 5.11 5.49 3.73
C PHE A 957 6.44 4.96 4.24
N GLY A 958 6.71 5.17 5.52
CA GLY A 958 7.95 4.70 6.11
C GLY A 958 9.13 5.65 5.98
N ALA A 959 8.91 6.88 5.54
CA ALA A 959 9.99 7.84 5.40
C ALA A 959 10.11 8.68 6.66
N ILE A 960 11.13 9.55 6.69
CA ILE A 960 11.32 10.44 7.83
C ILE A 960 10.38 11.63 7.78
N SER A 961 9.83 11.95 6.61
CA SER A 961 8.84 13.01 6.48
C SER A 961 8.03 12.74 5.23
N SER A 962 6.86 13.36 5.16
CA SER A 962 5.96 13.17 4.03
C SER A 962 6.04 14.30 3.01
N VAL A 963 6.95 15.25 3.20
CA VAL A 963 7.08 16.39 2.28
C VAL A 963 8.50 16.38 1.70
N LEU A 964 8.55 16.43 0.36
CA LEU A 964 9.82 16.33 -0.36
C LEU A 964 10.75 17.48 -0.04
N ASN A 965 10.22 18.66 0.27
CA ASN A 965 11.09 19.79 0.62
C ASN A 965 11.81 19.56 1.93
N ASP A 966 11.13 19.02 2.94
CA ASP A 966 11.81 18.70 4.19
C ASP A 966 12.75 17.52 4.02
N ILE A 967 12.42 16.56 3.15
CA ILE A 967 13.38 15.49 2.89
C ILE A 967 14.63 16.05 2.21
N LEU A 968 14.46 16.93 1.22
CA LEU A 968 15.59 17.41 0.44
C LEU A 968 16.45 18.41 1.22
N SER A 969 15.85 19.21 2.09
CA SER A 969 16.60 20.10 2.95
C SER A 969 16.84 19.42 4.28
N ARG A 970 18.11 19.38 4.70
CA ARG A 970 18.71 18.65 5.84
C ARG A 970 19.04 17.20 5.51
N LEU A 971 18.90 16.76 4.26
CA LEU A 971 19.45 15.49 3.83
C LEU A 971 20.15 15.66 2.49
N ASP A 972 21.30 15.00 2.34
CA ASP A 972 22.10 15.05 1.13
C ASP A 972 21.63 13.99 0.14
N PRO A 973 21.91 14.19 -1.15
CA PRO A 973 21.22 13.40 -2.20
C PRO A 973 21.27 11.90 -1.99
N PRO A 974 22.46 11.30 -1.76
CA PRO A 974 22.50 9.83 -1.72
C PRO A 974 21.66 9.22 -0.61
N GLU A 975 21.48 9.90 0.52
CA GLU A 975 20.67 9.34 1.59
C GLU A 975 19.26 9.93 1.65
N ALA A 976 18.98 10.99 0.87
CA ALA A 976 17.61 11.42 0.65
C ALA A 976 16.94 10.61 -0.46
N GLU A 977 17.74 9.93 -1.28
CA GLU A 977 17.17 9.10 -2.32
C GLU A 977 16.34 7.96 -1.76
N VAL A 978 16.71 7.43 -0.59
CA VAL A 978 15.93 6.36 0.01
C VAL A 978 14.53 6.85 0.35
N GLN A 979 14.44 7.99 1.01
CA GLN A 979 13.13 8.53 1.38
C GLN A 979 12.33 8.91 0.14
N ILE A 980 12.99 9.48 -0.86
CA ILE A 980 12.28 9.85 -2.09
C ILE A 980 11.73 8.61 -2.79
N ASP A 981 12.52 7.54 -2.83
CA ASP A 981 12.05 6.30 -3.43
C ASP A 981 10.88 5.70 -2.65
N ARG A 982 10.94 5.76 -1.33
CA ARG A 982 9.82 5.25 -0.53
C ARG A 982 8.54 6.04 -0.83
N LEU A 983 8.64 7.36 -0.87
CA LEU A 983 7.47 8.18 -1.19
C LEU A 983 6.97 7.90 -2.60
N ILE A 984 7.89 7.74 -3.56
CA ILE A 984 7.50 7.50 -4.94
C ILE A 984 6.74 6.18 -5.04
N THR A 985 7.25 5.14 -4.39
CA THR A 985 6.57 3.85 -4.41
C THR A 985 5.18 3.95 -3.79
N GLY A 986 5.08 4.61 -2.64
CA GLY A 986 3.78 4.74 -2.00
C GLY A 986 2.77 5.47 -2.84
N ARG A 987 3.18 6.60 -3.42
CA ARG A 987 2.24 7.40 -4.21
C ARG A 987 1.87 6.71 -5.52
N LEU A 988 2.83 6.00 -6.13
CA LEU A 988 2.51 5.26 -7.34
C LEU A 988 1.53 4.13 -7.05
N GLN A 989 1.68 3.46 -5.90
CA GLN A 989 0.72 2.44 -5.50
C GLN A 989 -0.66 3.05 -5.26
N SER A 990 -0.71 4.24 -4.65
CA SER A 990 -1.99 4.92 -4.46
C SER A 990 -2.65 5.22 -5.80
N LEU A 991 -1.89 5.71 -6.76
CA LEU A 991 -2.43 5.98 -8.08
C LEU A 991 -2.92 4.70 -8.76
N GLN A 992 -2.18 3.60 -8.59
CA GLN A 992 -2.62 2.33 -9.15
C GLN A 992 -3.95 1.90 -8.55
N THR A 993 -4.11 2.04 -7.23
CA THR A 993 -5.37 1.68 -6.59
C THR A 993 -6.52 2.53 -7.13
N TYR A 994 -6.28 3.83 -7.28
CA TYR A 994 -7.32 4.72 -7.81
C TYR A 994 -7.71 4.30 -9.23
N VAL A 995 -6.73 3.99 -10.06
CA VAL A 995 -7.01 3.61 -11.44
C VAL A 995 -7.80 2.31 -11.49
N THR A 996 -7.43 1.34 -10.65
CA THR A 996 -8.14 0.06 -10.64
C THR A 996 -9.60 0.24 -10.23
N GLN A 997 -9.85 1.02 -9.17
CA GLN A 997 -11.23 1.24 -8.76
C GLN A 997 -12.00 2.03 -9.81
N GLN A 998 -11.34 2.97 -10.49
CA GLN A 998 -11.99 3.68 -11.58
C GLN A 998 -12.36 2.73 -12.70
N LEU A 999 -11.50 1.76 -13.02
CA LEU A 999 -11.83 0.79 -14.05
C LEU A 999 -13.04 -0.06 -13.67
N ILE A 1000 -13.10 -0.51 -12.41
CA ILE A 1000 -14.23 -1.31 -11.97
C ILE A 1000 -15.52 -0.50 -12.05
N ARG A 1001 -15.48 0.75 -11.56
CA ARG A 1001 -16.66 1.61 -11.63
C ARG A 1001 -17.05 1.88 -13.08
N ALA A 1002 -16.07 2.00 -13.97
CA ALA A 1002 -16.36 2.21 -15.37
C ALA A 1002 -17.04 1.00 -15.98
N ALA A 1003 -16.64 -0.20 -15.56
CA ALA A 1003 -17.34 -1.40 -16.03
C ALA A 1003 -18.79 -1.41 -15.56
N GLU A 1004 -19.02 -1.03 -14.29
CA GLU A 1004 -20.39 -0.97 -13.79
C GLU A 1004 -21.22 0.06 -14.55
N ILE A 1005 -20.64 1.23 -14.83
CA ILE A 1005 -21.33 2.26 -15.59
C ILE A 1005 -21.57 1.81 -17.03
N ARG A 1006 -20.64 1.04 -17.61
CA ARG A 1006 -20.87 0.49 -18.94
C ARG A 1006 -22.07 -0.45 -18.94
N ALA A 1007 -22.17 -1.30 -17.92
CA ALA A 1007 -23.35 -2.17 -17.82
C ALA A 1007 -24.63 -1.35 -17.72
N SER A 1008 -24.61 -0.29 -16.89
CA SER A 1008 -25.79 0.55 -16.75
C SER A 1008 -26.13 1.25 -18.06
N ALA A 1009 -25.13 1.72 -18.79
CA ALA A 1009 -25.39 2.43 -20.04
C ALA A 1009 -25.88 1.49 -21.12
N ASN A 1010 -25.37 0.27 -21.16
CA ASN A 1010 -25.89 -0.72 -22.09
C ASN A 1010 -27.35 -1.04 -21.79
N LEU A 1011 -27.68 -1.21 -20.51
CA LEU A 1011 -29.07 -1.44 -20.14
C LEU A 1011 -29.94 -0.26 -20.53
N ALA A 1012 -29.45 0.96 -20.31
CA ALA A 1012 -30.22 2.14 -20.66
C ALA A 1012 -30.44 2.25 -22.16
N ALA A 1013 -29.41 1.95 -22.96
CA ALA A 1013 -29.57 1.99 -24.41
C ALA A 1013 -30.57 0.94 -24.89
N THR A 1014 -30.48 -0.27 -24.34
CA THR A 1014 -31.45 -1.30 -24.70
C THR A 1014 -32.86 -0.88 -24.32
N LYS A 1015 -33.02 -0.31 -23.12
CA LYS A 1015 -34.35 0.11 -22.69
C LYS A 1015 -34.88 1.23 -23.56
N MET A 1016 -34.03 2.17 -23.97
CA MET A 1016 -34.45 3.19 -24.91
C MET A 1016 -34.94 2.57 -26.21
N SER A 1017 -34.13 1.68 -26.79
CA SER A 1017 -34.47 1.09 -28.08
C SER A 1017 -35.75 0.26 -28.02
N GLU A 1018 -36.02 -0.39 -26.88
CA GLU A 1018 -37.17 -1.30 -26.82
C GLU A 1018 -38.43 -0.65 -26.25
N CYS A 1019 -38.33 0.37 -25.40
CA CYS A 1019 -39.52 0.98 -24.83
C CYS A 1019 -39.87 2.32 -25.47
N VAL A 1020 -38.89 3.09 -25.93
CA VAL A 1020 -39.18 4.39 -26.52
C VAL A 1020 -39.40 4.28 -28.02
N LEU A 1021 -38.57 3.51 -28.71
CA LEU A 1021 -38.68 3.31 -30.14
C LEU A 1021 -39.66 2.22 -30.51
N GLY A 1022 -40.31 1.61 -29.52
CA GLY A 1022 -41.26 0.57 -29.79
C GLY A 1022 -42.05 0.22 -28.54
N GLN A 1023 -42.70 -0.93 -28.58
CA GLN A 1023 -43.48 -1.44 -27.46
C GLN A 1023 -42.91 -2.78 -27.04
N SER A 1024 -42.69 -2.96 -25.74
CA SER A 1024 -42.03 -4.15 -25.22
C SER A 1024 -43.05 -5.11 -24.63
N LYS A 1025 -42.94 -6.38 -25.00
CA LYS A 1025 -43.74 -7.44 -24.44
C LYS A 1025 -43.11 -8.08 -23.21
N ARG A 1026 -41.89 -7.68 -22.85
CA ARG A 1026 -41.23 -8.24 -21.69
C ARG A 1026 -41.88 -7.75 -20.41
N VAL A 1027 -42.16 -8.68 -19.50
CA VAL A 1027 -42.79 -8.32 -18.24
C VAL A 1027 -41.79 -7.62 -17.34
N ASP A 1028 -42.20 -6.48 -16.78
CA ASP A 1028 -41.39 -5.70 -15.85
C ASP A 1028 -40.09 -5.21 -16.48
N PHE A 1029 -40.09 -4.93 -17.78
CA PHE A 1029 -38.93 -4.33 -18.42
C PHE A 1029 -39.07 -2.83 -18.59
N CYS A 1030 -40.28 -2.34 -18.89
CA CYS A 1030 -40.52 -0.91 -19.01
C CYS A 1030 -41.61 -0.49 -18.04
N GLY A 1031 -41.49 -0.92 -16.79
CA GLY A 1031 -42.44 -0.55 -15.75
C GLY A 1031 -43.26 -1.72 -15.29
N LYS A 1032 -44.00 -1.49 -14.20
CA LYS A 1032 -44.87 -2.49 -13.62
C LYS A 1032 -46.22 -2.44 -14.34
N GLY A 1033 -46.60 -3.53 -14.99
CA GLY A 1033 -47.85 -3.61 -15.72
C GLY A 1033 -47.61 -3.85 -17.20
N TYR A 1034 -48.67 -3.65 -17.98
CA TYR A 1034 -48.60 -3.81 -19.43
C TYR A 1034 -48.10 -2.53 -20.04
N HIS A 1035 -46.92 -2.59 -20.67
CA HIS A 1035 -46.24 -1.39 -21.13
C HIS A 1035 -46.96 -0.76 -22.31
N LEU A 1036 -47.19 0.55 -22.23
CA LEU A 1036 -47.73 1.31 -23.35
C LEU A 1036 -46.64 2.11 -24.07
N MET A 1037 -45.96 3.02 -23.37
CA MET A 1037 -44.91 3.80 -24.00
C MET A 1037 -43.96 4.31 -22.93
N SER A 1038 -42.94 5.04 -23.38
CA SER A 1038 -41.96 5.62 -22.48
C SER A 1038 -41.43 6.91 -23.10
N PHE A 1039 -41.06 7.85 -22.23
CA PHE A 1039 -40.52 9.14 -22.66
C PHE A 1039 -39.17 9.36 -22.00
N PRO A 1040 -38.10 9.54 -22.75
CA PRO A 1040 -36.79 9.77 -22.14
C PRO A 1040 -36.58 11.23 -21.75
N GLN A 1041 -35.97 11.42 -20.60
CA GLN A 1041 -35.63 12.76 -20.12
C GLN A 1041 -34.17 12.78 -19.69
N SER A 1042 -33.47 13.84 -20.07
CA SER A 1042 -32.06 13.97 -19.77
C SER A 1042 -31.85 14.33 -18.30
N ALA A 1043 -30.81 13.75 -17.72
CA ALA A 1043 -30.42 14.00 -16.35
C ALA A 1043 -28.90 14.14 -16.32
N PRO A 1044 -28.36 14.83 -15.32
CA PRO A 1044 -26.89 14.91 -15.22
C PRO A 1044 -26.28 13.55 -14.94
N HIS A 1045 -25.43 13.10 -15.86
CA HIS A 1045 -24.79 11.79 -15.81
C HIS A 1045 -25.78 10.63 -15.85
N GLY A 1046 -26.90 10.79 -16.54
CA GLY A 1046 -27.83 9.68 -16.65
C GLY A 1046 -29.08 10.06 -17.42
N VAL A 1047 -29.98 9.08 -17.50
CA VAL A 1047 -31.24 9.25 -18.20
C VAL A 1047 -32.36 8.73 -17.31
N VAL A 1048 -33.52 9.36 -17.40
CA VAL A 1048 -34.68 9.02 -16.58
C VAL A 1048 -35.86 8.74 -17.50
N PHE A 1049 -36.54 7.61 -17.27
CA PHE A 1049 -37.62 7.16 -18.12
C PHE A 1049 -38.95 7.31 -17.40
N LEU A 1050 -39.92 7.92 -18.07
CA LEU A 1050 -41.29 7.96 -17.60
C LEU A 1050 -42.07 6.87 -18.34
N HIS A 1051 -42.33 5.77 -17.66
CA HIS A 1051 -42.96 4.62 -18.27
C HIS A 1051 -44.47 4.71 -18.11
N VAL A 1052 -45.20 4.61 -19.22
CA VAL A 1052 -46.65 4.59 -19.21
C VAL A 1052 -47.09 3.13 -19.30
N THR A 1053 -47.81 2.67 -18.28
CA THR A 1053 -48.20 1.27 -18.16
C THR A 1053 -49.70 1.16 -17.93
N TYR A 1054 -50.22 -0.04 -18.13
CA TYR A 1054 -51.64 -0.33 -17.97
C TYR A 1054 -51.82 -1.28 -16.80
N VAL A 1055 -52.58 -0.85 -15.80
CA VAL A 1055 -52.82 -1.64 -14.59
C VAL A 1055 -54.31 -1.84 -14.41
N PRO A 1056 -54.82 -3.07 -14.52
CA PRO A 1056 -56.26 -3.29 -14.35
C PRO A 1056 -56.71 -3.07 -12.92
N ALA A 1057 -58.01 -2.80 -12.78
CA ALA A 1057 -58.60 -2.59 -11.48
C ALA A 1057 -60.08 -2.96 -11.55
N GLN A 1058 -60.70 -3.05 -10.37
CA GLN A 1058 -62.13 -3.33 -10.22
C GLN A 1058 -62.51 -4.67 -10.85
N GLU A 1059 -61.96 -5.74 -10.28
CA GLU A 1059 -62.27 -7.09 -10.73
C GLU A 1059 -63.60 -7.57 -10.15
N LYS A 1060 -64.19 -8.53 -10.84
CA LYS A 1060 -65.48 -9.09 -10.43
C LYS A 1060 -65.48 -10.59 -10.66
N ASN A 1061 -66.27 -11.29 -9.83
CA ASN A 1061 -66.36 -12.74 -9.91
C ASN A 1061 -67.29 -13.16 -11.04
N PHE A 1062 -66.95 -14.30 -11.66
CA PHE A 1062 -67.78 -14.90 -12.69
C PHE A 1062 -67.57 -16.40 -12.69
N THR A 1063 -68.53 -17.12 -13.25
CA THR A 1063 -68.44 -18.57 -13.43
C THR A 1063 -67.94 -18.87 -14.84
N THR A 1064 -67.00 -19.81 -14.94
CA THR A 1064 -66.25 -20.02 -16.15
C THR A 1064 -66.21 -21.51 -16.50
N ALA A 1065 -66.06 -21.81 -17.79
CA ALA A 1065 -66.07 -23.18 -18.25
C ALA A 1065 -65.14 -23.33 -19.44
N PRO A 1066 -64.40 -24.45 -19.53
CA PRO A 1066 -63.49 -24.66 -20.68
C PRO A 1066 -64.13 -24.42 -22.04
N ALA A 1067 -65.32 -24.93 -22.28
CA ALA A 1067 -65.94 -24.82 -23.59
C ALA A 1067 -67.44 -24.99 -23.45
N ILE A 1068 -68.15 -24.83 -24.57
CA ILE A 1068 -69.61 -24.88 -24.62
C ILE A 1068 -70.03 -25.95 -25.61
N CYS A 1069 -70.94 -26.83 -25.17
CA CYS A 1069 -71.49 -27.87 -26.02
C CYS A 1069 -72.85 -27.42 -26.52
N HIS A 1070 -73.04 -27.43 -27.84
CA HIS A 1070 -74.30 -26.99 -28.44
C HIS A 1070 -75.05 -28.12 -29.11
N ASP A 1071 -74.44 -28.81 -30.06
CA ASP A 1071 -75.09 -29.86 -30.84
C ASP A 1071 -74.21 -31.10 -30.87
N GLY A 1072 -73.73 -31.51 -29.71
CA GLY A 1072 -72.77 -32.60 -29.67
C GLY A 1072 -71.39 -32.20 -30.15
N LYS A 1073 -71.09 -30.91 -30.15
CA LYS A 1073 -69.80 -30.39 -30.59
C LYS A 1073 -69.27 -29.43 -29.54
N ALA A 1074 -67.95 -29.35 -29.44
CA ALA A 1074 -67.29 -28.52 -28.45
C ALA A 1074 -66.89 -27.20 -29.10
N HIS A 1075 -67.36 -26.09 -28.53
CA HIS A 1075 -67.04 -24.76 -29.02
C HIS A 1075 -66.16 -24.04 -28.02
N PHE A 1076 -65.00 -23.59 -28.48
CA PHE A 1076 -64.00 -22.88 -27.71
C PHE A 1076 -63.87 -21.45 -28.20
N PRO A 1077 -63.54 -20.51 -27.32
CA PRO A 1077 -63.45 -19.10 -27.74
C PRO A 1077 -62.33 -18.90 -28.75
N ARG A 1078 -62.53 -17.92 -29.63
CA ARG A 1078 -61.46 -17.58 -30.57
C ARG A 1078 -60.42 -16.69 -29.90
N GLU A 1079 -60.83 -15.52 -29.44
CA GLU A 1079 -59.95 -14.58 -28.73
C GLU A 1079 -60.65 -14.04 -27.50
N GLY A 1080 -61.32 -14.92 -26.76
CA GLY A 1080 -62.05 -14.51 -25.57
C GLY A 1080 -62.06 -15.58 -24.50
N VAL A 1081 -62.99 -15.48 -23.56
CA VAL A 1081 -63.11 -16.45 -22.48
C VAL A 1081 -64.57 -16.53 -22.07
N PHE A 1082 -65.04 -17.74 -21.78
CA PHE A 1082 -66.44 -17.95 -21.47
C PHE A 1082 -66.72 -17.55 -20.03
N VAL A 1083 -67.68 -16.64 -19.83
CA VAL A 1083 -68.10 -16.23 -18.50
C VAL A 1083 -69.62 -16.24 -18.44
N SER A 1084 -70.13 -16.26 -17.22
CA SER A 1084 -71.57 -16.21 -16.98
C SER A 1084 -71.85 -15.39 -15.74
N ASN A 1085 -72.79 -14.46 -15.84
CA ASN A 1085 -73.19 -13.65 -14.71
C ASN A 1085 -74.21 -14.34 -13.82
N GLY A 1086 -74.45 -15.64 -14.03
CA GLY A 1086 -75.36 -16.39 -13.21
C GLY A 1086 -76.46 -17.08 -14.00
N THR A 1087 -76.96 -16.42 -15.04
CA THR A 1087 -78.05 -16.97 -15.85
C THR A 1087 -77.69 -17.10 -17.32
N HIS A 1088 -76.98 -16.13 -17.90
CA HIS A 1088 -76.62 -16.16 -19.30
C HIS A 1088 -75.10 -16.22 -19.45
N TRP A 1089 -74.64 -16.74 -20.59
CA TRP A 1089 -73.23 -16.94 -20.85
C TRP A 1089 -72.75 -15.95 -21.92
N PHE A 1090 -71.61 -15.32 -21.67
CA PHE A 1090 -71.00 -14.37 -22.59
C PHE A 1090 -69.54 -14.74 -22.81
N VAL A 1091 -68.95 -14.15 -23.84
CA VAL A 1091 -67.53 -14.27 -24.13
C VAL A 1091 -66.90 -12.87 -24.08
N THR A 1092 -65.84 -12.74 -23.29
CA THR A 1092 -65.17 -11.45 -23.13
C THR A 1092 -63.67 -11.63 -23.28
N GLN A 1093 -62.97 -10.51 -23.48
CA GLN A 1093 -61.53 -10.50 -23.57
C GLN A 1093 -60.91 -10.61 -22.17
N ARG A 1094 -59.61 -10.92 -22.14
CA ARG A 1094 -58.95 -11.20 -20.87
C ARG A 1094 -58.78 -9.95 -20.02
N ASN A 1095 -58.44 -8.83 -20.64
CA ASN A 1095 -57.98 -7.66 -19.90
C ASN A 1095 -59.05 -6.60 -19.66
N PHE A 1096 -60.30 -6.85 -20.07
CA PHE A 1096 -61.34 -5.86 -19.93
C PHE A 1096 -62.68 -6.53 -20.14
N TYR A 1097 -63.65 -6.19 -19.30
CA TYR A 1097 -64.97 -6.82 -19.35
C TYR A 1097 -65.76 -6.21 -20.51
N GLU A 1098 -66.04 -7.00 -21.53
CA GLU A 1098 -66.86 -6.58 -22.66
C GLU A 1098 -67.68 -7.78 -23.11
N PRO A 1099 -68.80 -8.04 -22.45
CA PRO A 1099 -69.59 -9.23 -22.77
C PRO A 1099 -70.20 -9.16 -24.15
N GLN A 1100 -70.36 -10.33 -24.76
CA GLN A 1100 -70.96 -10.44 -26.08
C GLN A 1100 -71.74 -11.74 -26.15
N ILE A 1101 -72.70 -11.79 -27.08
CA ILE A 1101 -73.50 -12.99 -27.28
C ILE A 1101 -72.66 -14.03 -28.00
N ILE A 1102 -72.81 -15.30 -27.60
CA ILE A 1102 -72.00 -16.37 -28.16
C ILE A 1102 -72.50 -16.68 -29.56
N THR A 1103 -71.67 -16.43 -30.57
CA THR A 1103 -72.02 -16.66 -31.96
C THR A 1103 -71.00 -17.61 -32.59
N THR A 1104 -71.19 -17.87 -33.88
CA THR A 1104 -70.30 -18.77 -34.61
C THR A 1104 -69.03 -18.08 -35.09
N ASP A 1105 -69.00 -16.75 -35.11
CA ASP A 1105 -67.77 -16.02 -35.41
C ASP A 1105 -66.93 -15.75 -34.18
N ASN A 1106 -67.48 -15.98 -32.99
CA ASN A 1106 -66.73 -15.85 -31.75
C ASN A 1106 -66.05 -17.14 -31.33
N THR A 1107 -66.57 -18.29 -31.75
CA THR A 1107 -66.08 -19.58 -31.33
C THR A 1107 -65.69 -20.43 -32.52
N PHE A 1108 -64.90 -21.47 -32.25
CA PHE A 1108 -64.55 -22.48 -33.25
C PHE A 1108 -64.84 -23.85 -32.68
N VAL A 1109 -65.20 -24.78 -33.57
CA VAL A 1109 -65.64 -26.11 -33.19
C VAL A 1109 -64.48 -27.08 -33.35
N SER A 1110 -64.36 -28.01 -32.40
CA SER A 1110 -63.32 -29.04 -32.47
C SER A 1110 -63.77 -30.22 -31.62
N GLY A 1111 -64.10 -31.33 -32.27
CA GLY A 1111 -64.44 -32.54 -31.58
C GLY A 1111 -65.86 -32.56 -31.05
N ASN A 1112 -66.13 -33.58 -30.23
CA ASN A 1112 -67.44 -33.80 -29.63
C ASN A 1112 -67.37 -33.53 -28.12
N CYS A 1113 -68.52 -33.70 -27.45
CA CYS A 1113 -68.69 -33.28 -26.07
C CYS A 1113 -68.43 -34.39 -25.06
N ASP A 1114 -67.56 -35.35 -25.37
CA ASP A 1114 -67.25 -36.44 -24.46
C ASP A 1114 -65.83 -36.40 -23.91
N VAL A 1115 -65.02 -35.45 -24.37
CA VAL A 1115 -63.61 -35.37 -23.96
C VAL A 1115 -63.36 -34.21 -23.02
N VAL A 1116 -63.99 -33.06 -23.27
CA VAL A 1116 -63.77 -31.89 -22.43
C VAL A 1116 -64.37 -32.15 -21.05
N ILE A 1117 -63.61 -31.81 -20.01
CA ILE A 1117 -64.02 -32.15 -18.65
C ILE A 1117 -65.10 -31.19 -18.15
N GLY A 1118 -64.86 -29.89 -18.25
CA GLY A 1118 -65.78 -28.90 -17.72
C GLY A 1118 -66.67 -28.26 -18.76
N ILE A 1119 -67.17 -29.04 -19.70
CA ILE A 1119 -68.02 -28.50 -20.76
C ILE A 1119 -69.43 -28.26 -20.20
N VAL A 1120 -70.06 -27.18 -20.67
CA VAL A 1120 -71.38 -26.76 -20.19
C VAL A 1120 -72.29 -26.54 -21.39
N ASN A 1121 -73.57 -26.88 -21.21
CA ASN A 1121 -74.56 -26.76 -22.28
C ASN A 1121 -75.01 -25.31 -22.45
N ASN A 1122 -75.14 -24.89 -23.71
CA ASN A 1122 -75.68 -23.57 -24.03
C ASN A 1122 -76.04 -23.55 -25.52
N THR A 1123 -76.56 -22.41 -25.95
CA THR A 1123 -76.97 -22.19 -27.33
C THR A 1123 -75.99 -21.25 -28.03
N VAL A 1124 -75.62 -21.61 -29.25
CA VAL A 1124 -74.72 -20.80 -30.08
C VAL A 1124 -75.56 -20.19 -31.20
N TYR A 1125 -75.60 -18.86 -31.24
CA TYR A 1125 -76.45 -18.14 -32.18
C TYR A 1125 -75.72 -17.97 -33.50
N ASP A 1126 -76.26 -18.56 -34.57
CA ASP A 1126 -75.69 -18.41 -35.89
C ASP A 1126 -76.37 -17.27 -36.62
N PRO A 1127 -75.66 -16.22 -37.02
CA PRO A 1127 -76.33 -15.07 -37.63
C PRO A 1127 -76.59 -15.26 -39.12
N LEU A 1128 -77.08 -16.42 -39.51
CA LEU A 1128 -77.51 -16.70 -40.87
C LEU A 1128 -78.97 -17.08 -40.96
N GLN A 1129 -79.46 -17.91 -40.04
CA GLN A 1129 -80.88 -18.26 -40.03
C GLN A 1129 -81.79 -17.05 -39.87
N PRO A 1130 -81.48 -16.04 -39.03
CA PRO A 1130 -82.31 -14.83 -39.05
C PRO A 1130 -82.38 -14.17 -40.42
N GLU A 1131 -81.27 -14.17 -41.17
CA GLU A 1131 -81.27 -13.58 -42.50
C GLU A 1131 -81.95 -14.47 -43.54
N LEU A 1132 -82.08 -15.76 -43.27
CA LEU A 1132 -82.72 -16.68 -44.20
C LEU A 1132 -84.14 -17.04 -43.79
N ASP A 1133 -84.65 -16.44 -42.71
CA ASP A 1133 -86.01 -16.71 -42.25
C ASP A 1133 -86.85 -15.44 -42.26
N GLN B 1 50.71 -51.68 15.12
CA GLN B 1 49.49 -52.46 14.97
C GLN B 1 48.68 -51.98 13.77
N CYS B 2 49.05 -52.45 12.59
CA CYS B 2 48.37 -52.07 11.36
C CYS B 2 48.67 -53.14 10.32
N VAL B 3 47.65 -53.88 9.90
CA VAL B 3 47.82 -55.01 9.00
C VAL B 3 47.01 -54.78 7.73
N ASN B 4 47.38 -55.52 6.69
CA ASN B 4 46.72 -55.45 5.39
C ASN B 4 45.96 -56.74 5.15
N LEU B 5 44.65 -56.66 5.07
CA LEU B 5 43.84 -57.85 4.88
C LEU B 5 43.96 -58.38 3.45
N THR B 6 43.84 -59.70 3.31
CA THR B 6 43.97 -60.36 2.02
C THR B 6 42.85 -61.39 1.87
N THR B 7 42.94 -62.23 0.84
CA THR B 7 41.92 -63.24 0.54
C THR B 7 40.53 -62.61 0.42
N ARG B 8 40.43 -61.65 -0.50
CA ARG B 8 39.18 -60.98 -0.82
C ARG B 8 38.87 -61.19 -2.30
N THR B 9 37.66 -61.67 -2.60
CA THR B 9 37.30 -61.94 -3.98
C THR B 9 36.85 -60.67 -4.68
N GLN B 10 36.89 -60.71 -6.01
CA GLN B 10 36.52 -59.58 -6.85
C GLN B 10 35.07 -59.72 -7.32
N LEU B 11 34.34 -58.61 -7.24
CA LEU B 11 32.94 -58.58 -7.65
C LEU B 11 32.62 -57.17 -8.10
N PRO B 12 31.77 -56.99 -9.12
CA PRO B 12 31.39 -55.65 -9.54
C PRO B 12 30.49 -54.98 -8.51
N PRO B 13 30.47 -53.65 -8.48
CA PRO B 13 29.61 -52.97 -7.51
C PRO B 13 28.14 -53.19 -7.79
N ALA B 14 27.34 -53.14 -6.72
CA ALA B 14 25.91 -53.35 -6.81
C ALA B 14 25.17 -52.10 -6.36
N TYR B 15 23.99 -51.89 -6.94
CA TYR B 15 23.17 -50.72 -6.66
C TYR B 15 21.76 -51.15 -6.29
N THR B 16 21.11 -50.32 -5.48
CA THR B 16 19.73 -50.53 -5.08
C THR B 16 19.02 -49.18 -5.07
N ASN B 17 17.70 -49.22 -5.13
CA ASN B 17 16.90 -48.02 -5.28
C ASN B 17 16.28 -47.66 -3.93
N SER B 18 16.31 -46.36 -3.59
CA SER B 18 15.82 -45.87 -2.32
C SER B 18 14.36 -45.45 -2.48
N PHE B 19 13.46 -46.21 -1.87
CA PHE B 19 12.02 -45.94 -1.95
C PHE B 19 11.64 -44.88 -0.92
N THR B 20 11.87 -43.62 -1.29
CA THR B 20 11.49 -42.45 -0.50
C THR B 20 12.07 -42.54 0.92
N ARG B 21 13.38 -42.70 0.98
CA ARG B 21 14.12 -42.79 2.24
C ARG B 21 14.97 -41.54 2.44
N GLY B 22 15.28 -41.28 3.70
CA GLY B 22 16.24 -40.23 4.03
C GLY B 22 15.67 -38.84 4.19
N VAL B 23 14.56 -38.73 4.91
CA VAL B 23 13.96 -37.44 5.22
C VAL B 23 14.09 -37.21 6.72
N TYR B 24 14.53 -36.00 7.09
CA TYR B 24 14.79 -35.67 8.48
C TYR B 24 14.00 -34.42 8.86
N TYR B 25 13.85 -34.21 10.16
CA TYR B 25 13.20 -33.01 10.65
C TYR B 25 14.09 -31.82 10.34
N PRO B 26 13.62 -30.83 9.57
CA PRO B 26 14.49 -29.72 9.19
C PRO B 26 14.71 -28.68 10.27
N ASP B 27 13.85 -28.64 11.29
CA ASP B 27 13.95 -27.65 12.35
C ASP B 27 13.54 -28.28 13.67
N LYS B 28 13.56 -27.48 14.73
CA LYS B 28 13.17 -27.92 16.06
C LYS B 28 11.87 -27.25 16.52
N VAL B 29 11.01 -26.89 15.58
CA VAL B 29 9.73 -26.28 15.89
C VAL B 29 8.63 -27.33 15.71
N PHE B 30 7.72 -27.38 16.66
CA PHE B 30 6.64 -28.36 16.64
C PHE B 30 5.55 -27.92 15.67
N ARG B 31 5.14 -28.83 14.79
CA ARG B 31 4.04 -28.58 13.87
C ARG B 31 3.09 -29.77 13.89
N SER B 32 1.80 -29.49 13.84
CA SER B 32 0.77 -30.51 13.88
C SER B 32 -0.28 -30.22 12.82
N SER B 33 -0.64 -31.25 12.05
CA SER B 33 -1.67 -31.17 11.01
C SER B 33 -1.43 -29.99 10.07
N VAL B 34 -0.29 -30.04 9.38
CA VAL B 34 0.08 -29.01 8.42
C VAL B 34 1.02 -29.62 7.40
N LEU B 35 0.98 -29.09 6.18
CA LEU B 35 1.91 -29.48 5.12
C LEU B 35 2.91 -28.36 4.92
N HIS B 36 4.19 -28.65 5.14
CA HIS B 36 5.23 -27.64 5.14
C HIS B 36 6.19 -27.90 3.98
N SER B 37 6.48 -26.85 3.22
CA SER B 37 7.44 -26.90 2.13
C SER B 37 8.76 -26.31 2.59
N THR B 38 9.84 -27.08 2.44
CA THR B 38 11.15 -26.67 2.90
C THR B 38 12.19 -26.98 1.84
N GLN B 39 13.23 -26.16 1.81
CA GLN B 39 14.37 -26.37 0.91
C GLN B 39 15.61 -26.60 1.77
N ASP B 40 16.28 -27.72 1.53
CA ASP B 40 17.46 -28.09 2.30
C ASP B 40 18.18 -29.19 1.52
N LEU B 41 19.24 -29.73 2.12
CA LEU B 41 19.99 -30.82 1.51
C LEU B 41 19.29 -32.12 1.84
N PHE B 42 18.62 -32.71 0.85
CA PHE B 42 17.88 -33.95 1.03
C PHE B 42 18.35 -34.98 0.02
N LEU B 43 18.07 -36.24 0.33
CA LEU B 43 18.31 -37.33 -0.61
C LEU B 43 17.13 -37.40 -1.58
N PRO B 44 17.36 -37.25 -2.88
CA PRO B 44 16.25 -37.30 -3.84
C PRO B 44 15.54 -38.65 -3.81
N PHE B 45 14.22 -38.61 -3.98
CA PHE B 45 13.44 -39.83 -4.01
C PHE B 45 13.80 -40.66 -5.23
N PHE B 46 13.80 -41.98 -5.06
CA PHE B 46 14.17 -42.93 -6.10
C PHE B 46 15.57 -42.62 -6.65
N SER B 47 16.55 -42.65 -5.76
CA SER B 47 17.93 -42.36 -6.11
C SER B 47 18.71 -43.66 -6.29
N ASN B 48 19.88 -43.53 -6.90
CA ASN B 48 20.76 -44.65 -7.20
C ASN B 48 21.86 -44.71 -6.13
N VAL B 49 21.63 -45.50 -5.09
CA VAL B 49 22.59 -45.63 -4.00
C VAL B 49 23.39 -46.91 -4.21
N THR B 50 24.58 -46.95 -3.61
CA THR B 50 25.51 -48.06 -3.78
C THR B 50 25.40 -49.02 -2.60
N TRP B 51 25.52 -50.31 -2.89
CA TRP B 51 25.35 -51.37 -1.92
C TRP B 51 26.71 -52.02 -1.65
N PHE B 52 27.09 -52.10 -0.37
CA PHE B 52 28.28 -52.81 0.07
C PHE B 52 27.86 -53.90 1.05
N HIS B 53 28.36 -55.11 0.85
CA HIS B 53 27.98 -56.26 1.65
C HIS B 53 29.21 -56.92 2.24
N ALA B 54 29.11 -57.30 3.51
CA ALA B 54 30.12 -58.11 4.18
C ALA B 54 29.53 -59.50 4.41
N ILE B 55 30.14 -60.51 3.80
CA ILE B 55 29.62 -61.87 3.84
C ILE B 55 30.77 -62.84 3.62
N HIS B 56 30.58 -64.08 4.08
CA HIS B 56 31.56 -65.14 3.90
C HIS B 56 30.86 -66.33 3.25
N VAL B 57 31.44 -66.82 2.16
CA VAL B 57 30.86 -67.91 1.37
C VAL B 57 29.42 -67.57 0.96
N THR B 63 33.08 -67.31 -1.15
CA THR B 63 33.08 -65.89 -1.49
C THR B 63 33.31 -65.03 -0.25
N LYS B 64 34.40 -64.26 -0.28
CA LYS B 64 34.76 -63.38 0.82
C LYS B 64 34.72 -61.94 0.32
N ARG B 65 34.00 -61.08 1.04
CA ARG B 65 33.78 -59.71 0.61
C ARG B 65 33.80 -58.81 1.83
N PHE B 66 34.88 -58.06 1.99
CA PHE B 66 35.06 -57.13 3.11
C PHE B 66 35.21 -55.74 2.50
N ASP B 67 34.08 -55.05 2.32
CA ASP B 67 34.07 -53.76 1.66
C ASP B 67 34.27 -52.64 2.68
N ASN B 68 35.33 -51.85 2.49
CA ASN B 68 35.49 -50.59 3.19
C ASN B 68 36.33 -49.63 2.35
N PRO B 69 35.88 -49.26 1.15
CA PRO B 69 36.67 -48.35 0.32
C PRO B 69 36.48 -46.90 0.74
N VAL B 70 37.28 -46.04 0.13
CA VAL B 70 37.22 -44.60 0.39
C VAL B 70 36.21 -43.98 -0.55
N LEU B 71 35.17 -43.36 0.01
CA LEU B 71 34.10 -42.81 -0.80
C LEU B 71 34.07 -41.29 -0.72
N PRO B 72 33.60 -40.61 -1.76
CA PRO B 72 33.53 -39.15 -1.72
C PRO B 72 32.46 -38.67 -0.74
N PHE B 73 32.63 -37.42 -0.32
CA PHE B 73 31.69 -36.71 0.56
C PHE B 73 31.38 -35.39 -0.13
N ASN B 74 30.40 -35.39 -1.03
CA ASN B 74 30.17 -34.23 -1.88
C ASN B 74 29.44 -33.12 -1.13
N ASP B 75 28.20 -33.36 -0.72
CA ASP B 75 27.41 -32.36 -0.01
C ASP B 75 26.62 -32.97 1.13
N GLY B 76 26.87 -34.23 1.47
CA GLY B 76 26.15 -34.93 2.51
C GLY B 76 26.03 -36.40 2.15
N VAL B 77 26.12 -37.27 3.16
CA VAL B 77 26.10 -38.71 2.94
C VAL B 77 24.98 -39.31 3.77
N TYR B 78 24.07 -40.01 3.10
CA TYR B 78 23.05 -40.80 3.77
C TYR B 78 23.56 -42.22 3.94
N PHE B 79 23.55 -42.71 5.17
CA PHE B 79 24.07 -44.02 5.51
C PHE B 79 22.93 -44.90 6.03
N ALA B 80 22.81 -46.09 5.46
CA ALA B 80 21.83 -47.07 5.91
C ALA B 80 22.55 -48.34 6.31
N SER B 81 22.10 -48.97 7.39
CA SER B 81 22.79 -50.12 7.96
C SER B 81 21.78 -51.21 8.24
N THR B 82 22.07 -52.41 7.75
CA THR B 82 21.27 -53.60 8.04
C THR B 82 22.18 -54.66 8.64
N GLU B 83 22.11 -54.83 9.96
CA GLU B 83 22.97 -55.78 10.66
C GLU B 83 22.15 -56.56 11.67
N LYS B 84 22.75 -57.66 12.14
CA LYS B 84 22.19 -58.45 13.22
C LYS B 84 23.20 -58.78 14.31
N SER B 85 24.49 -58.53 14.09
CA SER B 85 25.53 -58.84 15.07
C SER B 85 26.43 -57.64 15.36
N ASN B 86 25.99 -56.43 14.99
CA ASN B 86 26.69 -55.19 15.29
C ASN B 86 28.11 -55.19 14.71
N ILE B 87 28.16 -55.19 13.38
CA ILE B 87 29.42 -55.22 12.65
C ILE B 87 29.96 -53.81 12.41
N ILE B 88 29.13 -52.90 11.89
CA ILE B 88 29.58 -51.55 11.62
C ILE B 88 29.75 -50.80 12.93
N ARG B 89 30.89 -50.14 13.09
CA ARG B 89 31.25 -49.50 14.35
C ARG B 89 31.48 -48.00 14.25
N GLY B 90 31.57 -47.43 13.05
CA GLY B 90 31.75 -46.00 12.94
C GLY B 90 32.27 -45.60 11.58
N TRP B 91 32.78 -44.37 11.50
CA TRP B 91 33.25 -43.78 10.25
C TRP B 91 34.44 -42.88 10.54
N ILE B 92 35.21 -42.62 9.50
CA ILE B 92 36.29 -41.63 9.52
C ILE B 92 36.08 -40.64 8.40
N PHE B 93 36.38 -39.37 8.65
CA PHE B 93 36.19 -38.30 7.69
C PHE B 93 37.46 -37.47 7.59
N GLY B 94 37.70 -36.94 6.40
CA GLY B 94 38.88 -36.10 6.19
C GLY B 94 39.02 -35.73 4.73
N THR B 95 40.19 -35.20 4.39
CA THR B 95 40.52 -34.82 3.03
C THR B 95 41.58 -35.73 2.43
N THR B 96 42.75 -35.84 3.07
CA THR B 96 43.82 -36.68 2.58
C THR B 96 44.13 -37.86 3.48
N LEU B 97 43.82 -37.77 4.77
CA LEU B 97 43.92 -38.90 5.70
C LEU B 97 45.35 -39.46 5.76
N ASP B 98 46.35 -38.60 5.68
CA ASP B 98 47.73 -39.06 5.79
C ASP B 98 48.54 -38.15 6.69
N SER B 99 47.93 -37.67 7.78
CA SER B 99 48.56 -36.90 8.86
C SER B 99 48.97 -35.50 8.45
N LYS B 100 48.69 -35.07 7.22
CA LYS B 100 48.98 -33.70 6.82
C LYS B 100 47.84 -32.74 7.08
N THR B 101 46.62 -33.25 7.31
CA THR B 101 45.49 -32.43 7.68
C THR B 101 44.73 -33.11 8.81
N GLN B 102 43.80 -32.36 9.40
CA GLN B 102 42.97 -32.88 10.48
C GLN B 102 41.93 -33.85 9.91
N SER B 103 41.59 -34.84 10.73
CA SER B 103 40.59 -35.83 10.34
C SER B 103 39.74 -36.19 11.55
N LEU B 104 38.48 -36.54 11.28
CA LEU B 104 37.51 -36.86 12.31
C LEU B 104 37.30 -38.37 12.42
N LEU B 105 37.16 -38.86 13.64
CA LEU B 105 37.00 -40.28 13.91
C LEU B 105 35.80 -40.49 14.82
N ILE B 106 34.82 -41.26 14.34
CA ILE B 106 33.71 -41.73 15.15
C ILE B 106 33.78 -43.25 15.21
N VAL B 107 33.91 -43.80 16.41
CA VAL B 107 34.08 -45.24 16.60
C VAL B 107 33.25 -45.67 17.79
N ASN B 108 32.58 -46.82 17.66
CA ASN B 108 31.75 -47.40 18.70
C ASN B 108 32.46 -48.67 19.19
N ASN B 109 33.28 -48.52 20.22
CA ASN B 109 33.90 -49.67 20.85
C ASN B 109 32.84 -50.53 21.55
N ALA B 110 33.29 -51.62 22.16
CA ALA B 110 32.39 -52.48 22.90
C ALA B 110 31.88 -51.82 24.18
N THR B 111 32.45 -50.69 24.57
CA THR B 111 32.08 -50.07 25.84
C THR B 111 31.67 -48.61 25.69
N ASN B 112 32.31 -47.85 24.80
CA ASN B 112 32.01 -46.43 24.65
C ASN B 112 31.98 -46.07 23.17
N VAL B 113 31.32 -44.96 22.86
CA VAL B 113 31.41 -44.31 21.55
C VAL B 113 32.31 -43.09 21.68
N VAL B 114 33.28 -42.96 20.77
CA VAL B 114 34.33 -41.97 20.87
C VAL B 114 34.33 -41.10 19.63
N ILE B 115 34.39 -39.79 19.81
CA ILE B 115 34.55 -38.82 18.73
C ILE B 115 35.85 -38.07 18.97
N LYS B 116 36.75 -38.10 17.99
CA LYS B 116 38.00 -37.35 18.08
C LYS B 116 38.39 -36.73 16.75
N VAL B 117 38.71 -35.44 16.74
CA VAL B 117 39.24 -34.78 15.55
C VAL B 117 40.71 -34.52 15.86
N CYS B 118 41.60 -35.08 15.04
CA CYS B 118 43.03 -35.04 15.35
C CYS B 118 43.78 -35.30 14.05
N GLU B 119 45.10 -35.10 14.11
CA GLU B 119 45.95 -35.41 12.96
C GLU B 119 46.27 -36.90 13.00
N PHE B 120 45.39 -37.70 12.40
CA PHE B 120 45.59 -39.15 12.36
C PHE B 120 46.36 -39.57 11.11
N GLN B 121 47.13 -40.64 11.25
CA GLN B 121 47.75 -41.33 10.12
C GLN B 121 47.02 -42.65 9.97
N PHE B 122 45.93 -42.63 9.21
CA PHE B 122 45.08 -43.80 9.07
C PHE B 122 45.74 -44.87 8.21
N CYS B 123 45.37 -46.12 8.46
CA CYS B 123 45.83 -47.22 7.63
C CYS B 123 44.93 -47.36 6.41
N ASN B 124 45.42 -48.10 5.41
CA ASN B 124 44.62 -48.34 4.22
C ASN B 124 43.46 -49.28 4.49
N ASP B 125 43.56 -50.13 5.51
CA ASP B 125 42.50 -51.06 5.89
C ASP B 125 42.28 -50.93 7.39
N PRO B 126 41.62 -49.86 7.84
CA PRO B 126 41.30 -49.75 9.26
C PRO B 126 40.13 -50.65 9.63
N PHE B 127 40.23 -51.26 10.81
CA PHE B 127 39.19 -52.14 11.30
C PHE B 127 39.35 -52.32 12.80
N LEU B 128 38.33 -52.92 13.41
CA LEU B 128 38.38 -53.39 14.78
C LEU B 128 38.39 -54.91 14.75
N GLY B 129 38.46 -55.53 15.92
CA GLY B 129 38.50 -56.98 15.96
C GLY B 129 37.91 -57.62 17.19
N VAL B 130 37.08 -58.64 17.00
CA VAL B 130 36.55 -59.46 18.08
C VAL B 130 36.97 -60.90 17.83
N TYR B 131 37.33 -61.59 18.91
CA TYR B 131 37.80 -62.96 18.84
C TYR B 131 36.86 -63.88 19.61
N TYR B 132 36.65 -65.08 19.09
CA TYR B 132 35.68 -66.02 19.62
C TYR B 132 36.40 -67.26 20.13
N HIS B 133 36.10 -67.63 21.37
CA HIS B 133 36.66 -68.82 21.99
C HIS B 133 35.57 -69.88 22.18
N LYS B 134 35.99 -71.15 22.13
CA LYS B 134 35.06 -72.23 22.43
C LYS B 134 35.11 -72.64 23.89
N ASN B 135 36.31 -72.67 24.49
CA ASN B 135 36.43 -72.97 25.91
C ASN B 135 35.84 -71.85 26.75
N ASN B 136 36.03 -70.60 26.32
CA ASN B 136 35.41 -69.47 26.96
C ASN B 136 34.00 -69.32 26.40
N LYS B 137 33.03 -69.06 27.27
CA LYS B 137 31.66 -68.84 26.82
C LYS B 137 31.35 -67.35 26.78
N SER B 138 31.92 -66.68 25.78
CA SER B 138 31.69 -65.25 25.54
C SER B 138 32.42 -64.84 24.27
N TRP B 139 31.93 -63.76 23.66
CA TRP B 139 32.61 -63.09 22.56
C TRP B 139 33.25 -61.81 23.10
N MET B 140 34.55 -61.66 22.89
CA MET B 140 35.30 -60.55 23.47
C MET B 140 36.03 -59.76 22.39
N GLU B 141 36.10 -58.45 22.59
CA GLU B 141 36.81 -57.57 21.69
C GLU B 141 38.31 -57.68 21.93
N SER B 142 39.08 -57.81 20.85
CA SER B 142 40.52 -58.05 20.95
C SER B 142 41.35 -56.94 20.33
N GLU B 143 41.06 -56.56 19.08
CA GLU B 143 41.96 -55.71 18.30
C GLU B 143 41.33 -54.35 18.03
N PHE B 144 42.18 -53.33 17.98
CA PHE B 144 41.79 -51.98 17.58
C PHE B 144 42.94 -51.41 16.74
N ARG B 145 42.83 -51.54 15.42
CA ARG B 145 43.88 -51.14 14.48
C ARG B 145 43.28 -50.20 13.44
N VAL B 146 43.34 -48.89 13.70
CA VAL B 146 42.73 -47.93 12.78
C VAL B 146 43.75 -46.87 12.37
N TYR B 147 44.40 -46.23 13.34
CA TYR B 147 45.34 -45.14 13.06
C TYR B 147 46.67 -45.42 13.74
N SER B 148 47.68 -44.65 13.34
CA SER B 148 49.03 -44.79 13.89
C SER B 148 49.39 -43.68 14.87
N SER B 149 49.01 -42.43 14.60
CA SER B 149 49.38 -41.31 15.46
C SER B 149 48.22 -40.34 15.58
N ALA B 150 48.34 -39.44 16.56
CA ALA B 150 47.36 -38.39 16.85
C ALA B 150 48.04 -37.27 17.61
N ASN B 151 49.03 -36.61 17.00
CA ASN B 151 49.82 -35.64 17.75
C ASN B 151 49.00 -34.43 18.22
N ASN B 152 48.16 -33.87 17.36
CA ASN B 152 47.46 -32.63 17.72
C ASN B 152 45.95 -32.90 17.71
N CYS B 153 45.29 -32.70 18.85
CA CYS B 153 43.89 -33.04 19.01
C CYS B 153 43.08 -31.81 19.38
N THR B 154 41.99 -31.56 18.64
CA THR B 154 41.19 -30.35 18.87
C THR B 154 39.93 -30.63 19.69
N PHE B 155 39.17 -31.68 19.36
CA PHE B 155 37.95 -32.05 20.05
C PHE B 155 38.07 -33.51 20.45
N GLU B 156 37.73 -33.82 21.70
CA GLU B 156 37.69 -35.20 22.17
C GLU B 156 36.47 -35.37 23.05
N TYR B 157 35.58 -36.30 22.69
CA TYR B 157 34.37 -36.59 23.47
C TYR B 157 34.22 -38.09 23.61
N VAL B 158 34.00 -38.55 24.84
CA VAL B 158 33.80 -39.96 25.15
C VAL B 158 32.52 -40.10 25.96
N SER B 159 31.62 -40.97 25.51
CA SER B 159 30.35 -41.17 26.19
C SER B 159 30.52 -42.11 27.38
N GLN B 160 29.44 -42.29 28.13
CA GLN B 160 29.46 -43.15 29.31
C GLN B 160 29.67 -44.60 28.92
N PRO B 161 30.29 -45.40 29.79
CA PRO B 161 30.53 -46.80 29.47
C PRO B 161 29.24 -47.60 29.38
N PHE B 162 29.26 -48.63 28.54
CA PHE B 162 28.16 -49.58 28.40
C PHE B 162 28.73 -50.93 28.00
N LEU B 163 27.86 -51.82 27.56
CA LEU B 163 28.28 -53.16 27.14
C LEU B 163 27.29 -53.68 26.12
N MET B 164 27.77 -53.97 24.90
CA MET B 164 26.93 -54.48 23.83
C MET B 164 26.88 -56.01 23.91
N ASP B 165 26.32 -56.63 22.88
CA ASP B 165 26.20 -58.09 22.86
C ASP B 165 27.39 -58.76 22.18
N LEU B 166 27.75 -58.29 20.99
CA LEU B 166 28.88 -58.79 20.21
C LEU B 166 28.72 -60.23 19.77
N GLU B 167 27.60 -60.87 20.10
CA GLU B 167 27.38 -62.26 19.71
C GLU B 167 26.90 -62.31 18.26
N GLY B 168 27.47 -63.23 17.48
CA GLY B 168 27.09 -63.36 16.09
C GLY B 168 25.85 -64.20 15.90
N LYS B 169 24.76 -63.56 15.48
CA LYS B 169 23.51 -64.28 15.25
C LYS B 169 23.54 -64.98 13.90
N GLN B 170 22.57 -65.88 13.69
CA GLN B 170 22.51 -66.66 12.47
C GLN B 170 21.14 -66.61 11.80
N GLY B 171 20.27 -65.69 12.21
CA GLY B 171 18.98 -65.56 11.59
C GLY B 171 19.01 -64.60 10.42
N ASN B 172 18.21 -63.54 10.50
CA ASN B 172 18.15 -62.49 9.48
C ASN B 172 18.49 -61.15 10.11
N PHE B 173 18.58 -60.14 9.26
CA PHE B 173 18.86 -58.78 9.72
C PHE B 173 17.69 -58.26 10.55
N LYS B 174 17.97 -57.84 11.79
CA LYS B 174 16.93 -57.42 12.71
C LYS B 174 17.02 -55.98 13.15
N ASN B 175 18.07 -55.25 12.77
CA ASN B 175 18.23 -53.85 13.17
C ASN B 175 18.56 -53.01 11.94
N LEU B 176 17.80 -51.95 11.73
CA LEU B 176 18.05 -50.98 10.67
C LEU B 176 18.42 -49.65 11.31
N ARG B 177 19.58 -49.11 10.91
CA ARG B 177 20.07 -47.85 11.44
C ARG B 177 20.36 -46.92 10.28
N GLU B 178 19.87 -45.69 10.38
CA GLU B 178 20.00 -44.71 9.32
C GLU B 178 20.71 -43.47 9.84
N PHE B 179 21.61 -42.92 9.03
CA PHE B 179 22.38 -41.74 9.42
C PHE B 179 22.46 -40.77 8.26
N VAL B 180 22.41 -39.47 8.58
CA VAL B 180 22.59 -38.40 7.62
C VAL B 180 23.65 -37.46 8.16
N PHE B 181 24.71 -37.23 7.37
CA PHE B 181 25.83 -36.40 7.78
C PHE B 181 25.88 -35.16 6.90
N LYS B 182 25.94 -33.98 7.53
CA LYS B 182 26.07 -32.71 6.83
C LYS B 182 27.20 -31.91 7.45
N ASN B 183 27.79 -31.02 6.65
CA ASN B 183 28.91 -30.19 7.09
C ASN B 183 28.71 -28.79 6.51
N ILE B 184 28.10 -27.90 7.30
CA ILE B 184 27.84 -26.53 6.90
C ILE B 184 28.26 -25.59 8.03
N ASP B 185 28.96 -24.52 7.66
CA ASP B 185 29.37 -23.46 8.59
C ASP B 185 30.16 -24.02 9.78
N GLY B 186 31.02 -25.00 9.50
CA GLY B 186 31.83 -25.57 10.55
C GLY B 186 31.11 -26.48 11.52
N TYR B 187 29.88 -26.89 11.20
CA TYR B 187 29.09 -27.77 12.04
C TYR B 187 28.90 -29.11 11.34
N PHE B 188 29.20 -30.19 12.03
CA PHE B 188 28.98 -31.54 11.52
C PHE B 188 27.68 -32.08 12.12
N LYS B 189 26.63 -32.11 11.31
CA LYS B 189 25.29 -32.47 11.78
C LYS B 189 25.02 -33.95 11.51
N ILE B 190 24.48 -34.64 12.51
CA ILE B 190 24.17 -36.06 12.43
C ILE B 190 22.70 -36.26 12.78
N TYR B 191 21.97 -36.96 11.92
CA TYR B 191 20.59 -37.34 12.17
C TYR B 191 20.47 -38.86 12.13
N SER B 192 19.74 -39.43 13.08
CA SER B 192 19.67 -40.88 13.19
C SER B 192 18.30 -41.32 13.70
N LYS B 193 17.90 -42.52 13.29
CA LYS B 193 16.74 -43.17 13.86
C LYS B 193 16.83 -44.67 13.63
N HIS B 194 16.48 -45.45 14.65
CA HIS B 194 16.54 -46.91 14.63
C HIS B 194 15.16 -47.51 14.43
N THR B 195 15.05 -48.45 13.49
CA THR B 195 13.78 -49.08 13.15
C THR B 195 13.98 -50.59 13.08
N PRO B 196 13.32 -51.36 13.95
CA PRO B 196 13.44 -52.82 13.87
C PRO B 196 12.82 -53.37 12.59
N ILE B 197 13.53 -54.30 11.96
CA ILE B 197 13.12 -54.90 10.70
C ILE B 197 13.35 -56.40 10.75
N ASN B 198 12.91 -57.08 9.69
CA ASN B 198 13.18 -58.51 9.50
C ASN B 198 13.12 -58.79 8.01
N LEU B 199 14.29 -58.85 7.37
CA LEU B 199 14.34 -58.98 5.92
C LEU B 199 15.68 -59.60 5.55
N VAL B 200 15.77 -60.08 4.31
CA VAL B 200 16.93 -60.86 3.87
C VAL B 200 17.94 -60.01 3.12
N ARG B 201 17.48 -59.00 2.38
CA ARG B 201 18.38 -58.19 1.57
C ARG B 201 17.66 -56.93 1.12
N ASP B 202 18.46 -55.96 0.65
CA ASP B 202 17.97 -54.73 0.03
C ASP B 202 17.36 -53.78 1.05
N LEU B 203 17.36 -52.49 0.75
CA LEU B 203 16.75 -51.50 1.63
C LEU B 203 15.24 -51.70 1.69
N PRO B 204 14.64 -51.73 2.87
CA PRO B 204 13.19 -51.91 2.97
C PRO B 204 12.43 -50.71 2.45
N GLN B 205 11.21 -50.97 2.01
CA GLN B 205 10.30 -49.91 1.61
C GLN B 205 9.67 -49.27 2.84
N GLY B 206 9.14 -48.06 2.65
CA GLY B 206 8.47 -47.34 3.71
C GLY B 206 9.08 -45.99 3.95
N PHE B 207 8.51 -45.29 4.93
CA PHE B 207 8.94 -43.95 5.27
C PHE B 207 9.27 -43.88 6.75
N SER B 208 10.44 -43.33 7.07
CA SER B 208 10.87 -43.17 8.45
C SER B 208 11.68 -41.90 8.54
N ALA B 209 11.26 -40.97 9.40
CA ALA B 209 11.84 -39.64 9.47
C ALA B 209 12.90 -39.58 10.57
N LEU B 210 14.08 -39.10 10.22
CA LEU B 210 15.20 -39.04 11.15
C LEU B 210 15.11 -37.79 12.02
N GLU B 211 15.43 -37.94 13.30
CA GLU B 211 15.39 -36.83 14.22
C GLU B 211 16.80 -36.31 14.50
N PRO B 212 16.95 -35.03 14.81
CA PRO B 212 18.27 -34.47 15.10
C PRO B 212 18.91 -35.17 16.29
N LEU B 213 20.22 -35.39 16.19
CA LEU B 213 20.98 -36.10 17.22
C LEU B 213 21.98 -35.20 17.93
N VAL B 214 22.88 -34.55 17.19
CA VAL B 214 23.96 -33.79 17.79
C VAL B 214 24.50 -32.80 16.77
N ASP B 215 25.12 -31.73 17.26
CA ASP B 215 25.75 -30.71 16.42
C ASP B 215 27.18 -30.52 16.92
N LEU B 216 28.15 -31.05 16.17
CA LEU B 216 29.54 -31.01 16.59
C LEU B 216 30.27 -29.84 15.95
N PRO B 217 30.85 -28.93 16.73
CA PRO B 217 31.64 -27.81 16.18
C PRO B 217 33.09 -28.22 15.91
N ILE B 218 33.30 -28.94 14.81
CA ILE B 218 34.61 -29.46 14.48
C ILE B 218 35.42 -28.47 13.65
N GLY B 219 34.80 -27.91 12.63
CA GLY B 219 35.45 -26.87 11.84
C GLY B 219 36.65 -27.34 11.04
N ILE B 220 36.55 -28.50 10.38
CA ILE B 220 37.59 -28.96 9.48
C ILE B 220 37.01 -29.15 8.09
N ASN B 221 37.86 -29.54 7.14
CA ASN B 221 37.46 -29.78 5.76
C ASN B 221 37.19 -31.27 5.58
N ILE B 222 36.08 -31.60 4.92
CA ILE B 222 35.67 -32.98 4.70
C ILE B 222 35.36 -33.17 3.22
N THR B 223 36.09 -34.09 2.58
CA THR B 223 35.80 -34.45 1.20
C THR B 223 35.81 -35.95 0.95
N ARG B 224 36.34 -36.77 1.85
CA ARG B 224 36.32 -38.22 1.72
C ARG B 224 35.98 -38.83 3.07
N PHE B 225 35.46 -40.06 3.02
CA PHE B 225 35.11 -40.77 4.23
C PHE B 225 35.18 -42.26 3.99
N GLN B 226 35.27 -43.02 5.08
CA GLN B 226 35.41 -44.46 5.01
C GLN B 226 34.66 -45.10 6.16
N THR B 227 34.11 -46.28 5.91
CA THR B 227 33.26 -46.99 6.87
C THR B 227 34.08 -48.04 7.61
N LEU B 228 33.91 -48.10 8.92
CA LEU B 228 34.68 -48.97 9.79
C LEU B 228 33.87 -50.20 10.15
N LEU B 229 34.46 -51.38 9.97
CA LEU B 229 33.80 -52.65 10.22
C LEU B 229 34.46 -53.36 11.39
N ALA B 230 33.82 -54.45 11.81
CA ALA B 230 34.35 -55.33 12.85
C ALA B 230 34.74 -56.66 12.23
N LEU B 231 35.83 -57.23 12.72
CA LEU B 231 36.38 -58.47 12.18
C LEU B 231 36.08 -59.63 13.12
N HIS B 232 35.98 -60.82 12.54
CA HIS B 232 35.69 -62.05 13.28
C HIS B 232 36.86 -63.01 13.15
N ARG B 233 37.35 -63.51 14.28
CA ARG B 233 38.45 -64.46 14.30
C ARG B 233 38.12 -65.59 15.26
N SER B 234 38.48 -66.81 14.88
CA SER B 234 38.15 -68.00 15.66
C SER B 234 39.14 -69.09 15.30
N TYR B 235 38.82 -70.33 15.71
CA TYR B 235 39.70 -71.47 15.47
C TYR B 235 39.57 -72.04 14.06
N LEU B 236 38.57 -71.64 13.29
CA LEU B 236 38.38 -72.17 11.95
C LEU B 236 39.06 -71.33 10.88
N THR B 237 39.74 -70.25 11.25
CA THR B 237 40.41 -69.35 10.32
C THR B 237 41.85 -69.17 10.78
N PRO B 238 42.72 -70.13 10.47
CA PRO B 238 44.09 -70.07 11.00
C PRO B 238 44.90 -68.88 10.50
N GLY B 239 45.08 -68.77 9.18
CA GLY B 239 45.91 -67.75 8.56
C GLY B 239 47.23 -67.58 9.27
N ASP B 240 47.82 -66.39 9.14
CA ASP B 240 48.84 -65.95 10.08
C ASP B 240 48.41 -64.70 10.83
N SER B 241 48.17 -63.59 10.14
CA SER B 241 47.47 -62.46 10.74
C SER B 241 46.59 -61.72 9.74
N SER B 242 46.52 -62.15 8.48
CA SER B 242 45.80 -61.43 7.45
C SER B 242 44.92 -62.30 6.58
N SER B 243 45.00 -63.63 6.72
CA SER B 243 44.14 -64.55 5.98
C SER B 243 43.18 -65.30 6.87
N GLY B 244 43.46 -65.39 8.17
CA GLY B 244 42.58 -66.08 9.10
C GLY B 244 41.55 -65.17 9.73
N TRP B 245 40.54 -64.77 8.95
CA TRP B 245 39.47 -63.92 9.46
C TRP B 245 38.16 -64.32 8.80
N THR B 246 37.06 -63.97 9.44
CA THR B 246 35.71 -64.17 8.93
C THR B 246 35.01 -62.83 8.79
N ALA B 247 34.26 -62.67 7.71
CA ALA B 247 33.61 -61.39 7.43
C ALA B 247 32.46 -61.14 8.41
N GLY B 248 31.47 -62.03 8.42
CA GLY B 248 30.28 -61.87 9.23
C GLY B 248 29.02 -61.81 8.36
N ALA B 249 28.07 -60.99 8.78
CA ALA B 249 26.82 -60.83 8.02
C ALA B 249 26.28 -59.43 8.28
N ALA B 250 26.56 -58.52 7.34
CA ALA B 250 26.07 -57.15 7.45
C ALA B 250 26.20 -56.47 6.10
N ALA B 251 25.47 -55.38 5.94
CA ALA B 251 25.53 -54.58 4.72
C ALA B 251 25.22 -53.13 5.05
N TYR B 252 25.69 -52.23 4.20
CA TYR B 252 25.43 -50.81 4.38
C TYR B 252 25.31 -50.14 3.02
N TYR B 253 24.55 -49.05 2.98
CA TYR B 253 24.26 -48.34 1.75
C TYR B 253 24.66 -46.88 1.90
N VAL B 254 25.16 -46.30 0.82
CA VAL B 254 25.68 -44.93 0.81
C VAL B 254 24.96 -44.13 -0.26
N GLY B 255 24.46 -42.95 0.13
CA GLY B 255 23.81 -42.05 -0.81
C GLY B 255 24.30 -40.64 -0.62
N TYR B 256 23.96 -39.79 -1.60
CA TYR B 256 24.46 -38.42 -1.64
C TYR B 256 23.29 -37.45 -1.72
N LEU B 257 23.39 -36.36 -0.97
CA LEU B 257 22.32 -35.38 -0.89
C LEU B 257 22.54 -34.24 -1.89
N GLN B 258 21.44 -33.61 -2.28
CA GLN B 258 21.45 -32.47 -3.18
C GLN B 258 20.43 -31.46 -2.68
N PRO B 259 20.63 -30.17 -2.98
CA PRO B 259 19.65 -29.17 -2.57
C PRO B 259 18.35 -29.31 -3.34
N ARG B 260 17.28 -29.71 -2.64
CA ARG B 260 15.98 -29.94 -3.24
C ARG B 260 14.90 -29.29 -2.38
N THR B 261 13.71 -29.16 -2.96
CA THR B 261 12.54 -28.65 -2.26
C THR B 261 11.59 -29.81 -1.97
N PHE B 262 11.28 -30.01 -0.69
CA PHE B 262 10.43 -31.09 -0.23
C PHE B 262 9.17 -30.53 0.41
N LEU B 263 8.10 -31.32 0.37
CA LEU B 263 6.83 -30.97 1.00
C LEU B 263 6.55 -32.00 2.08
N LEU B 264 6.69 -31.59 3.34
CA LEU B 264 6.55 -32.48 4.48
C LEU B 264 5.14 -32.45 5.02
N LYS B 265 4.71 -33.59 5.57
CA LYS B 265 3.37 -33.73 6.14
C LYS B 265 3.49 -34.15 7.60
N TYR B 266 2.90 -33.37 8.48
CA TYR B 266 2.85 -33.66 9.91
C TYR B 266 1.44 -34.11 10.26
N ASN B 267 1.33 -35.24 10.94
CA ASN B 267 0.02 -35.73 11.37
C ASN B 267 -0.39 -34.99 12.64
N GLU B 268 -1.48 -35.43 13.27
CA GLU B 268 -1.98 -34.74 14.45
C GLU B 268 -1.04 -34.89 15.65
N ASN B 269 -0.21 -35.92 15.69
CA ASN B 269 0.70 -36.13 16.81
C ASN B 269 2.03 -35.41 16.64
N GLY B 270 2.27 -34.80 15.48
CA GLY B 270 3.51 -34.08 15.27
C GLY B 270 4.60 -34.84 14.58
N THR B 271 4.31 -36.00 13.98
CA THR B 271 5.30 -36.83 13.33
C THR B 271 5.19 -36.68 11.81
N ILE B 272 6.33 -36.74 11.14
CA ILE B 272 6.36 -36.70 9.68
C ILE B 272 6.01 -38.08 9.16
N THR B 273 4.93 -38.17 8.37
CA THR B 273 4.43 -39.44 7.88
C THR B 273 4.50 -39.59 6.37
N ASP B 274 4.65 -38.51 5.62
CA ASP B 274 4.72 -38.56 4.17
C ASP B 274 5.51 -37.36 3.67
N ALA B 275 6.00 -37.48 2.43
CA ALA B 275 6.78 -36.42 1.81
C ALA B 275 6.59 -36.45 0.31
N VAL B 276 6.78 -35.30 -0.32
CA VAL B 276 6.65 -35.13 -1.77
C VAL B 276 7.86 -34.37 -2.27
N ASP B 277 8.52 -34.91 -3.30
CA ASP B 277 9.69 -34.29 -3.90
C ASP B 277 9.24 -33.36 -5.02
N CYS B 278 9.44 -32.06 -4.83
CA CYS B 278 8.93 -31.05 -5.76
C CYS B 278 9.75 -30.96 -7.05
N ALA B 279 10.74 -31.83 -7.24
CA ALA B 279 11.57 -31.75 -8.44
C ALA B 279 11.88 -33.11 -9.05
N LEU B 280 11.13 -34.15 -8.67
CA LEU B 280 11.36 -35.47 -9.25
C LEU B 280 10.64 -35.62 -10.59
N ASP B 281 9.33 -35.41 -10.59
CA ASP B 281 8.48 -35.60 -11.75
C ASP B 281 7.54 -34.41 -11.86
N PRO B 282 7.05 -34.10 -13.06
CA PRO B 282 6.04 -33.04 -13.18
C PRO B 282 4.81 -33.29 -12.33
N LEU B 283 4.39 -34.56 -12.17
CA LEU B 283 3.26 -34.86 -11.30
C LEU B 283 3.56 -34.46 -9.86
N SER B 284 4.75 -34.80 -9.37
CA SER B 284 5.11 -34.47 -8.00
C SER B 284 5.26 -32.96 -7.82
N GLU B 285 5.78 -32.26 -8.84
CA GLU B 285 5.90 -30.82 -8.73
C GLU B 285 4.54 -30.14 -8.74
N THR B 286 3.59 -30.68 -9.51
CA THR B 286 2.22 -30.19 -9.46
C THR B 286 1.59 -30.43 -8.09
N LYS B 287 1.84 -31.61 -7.51
CA LYS B 287 1.42 -31.87 -6.13
C LYS B 287 1.97 -30.82 -5.19
N CYS B 288 3.25 -30.49 -5.34
CA CYS B 288 3.91 -29.52 -4.48
C CYS B 288 3.35 -28.11 -4.66
N THR B 289 3.03 -27.74 -5.90
CA THR B 289 2.42 -26.44 -6.15
C THR B 289 1.01 -26.35 -5.61
N LEU B 290 0.21 -27.41 -5.77
CA LEU B 290 -1.14 -27.43 -5.23
C LEU B 290 -1.18 -27.53 -3.72
N LYS B 291 -0.03 -27.78 -3.08
CA LYS B 291 0.05 -27.93 -1.62
C LYS B 291 -0.90 -29.03 -1.14
N SER B 292 -0.93 -30.15 -1.87
CA SER B 292 -1.75 -31.29 -1.52
C SER B 292 -1.11 -32.56 -2.05
N PHE B 293 -1.48 -33.68 -1.45
CA PHE B 293 -0.99 -34.98 -1.89
C PHE B 293 -1.93 -35.67 -2.88
N THR B 294 -3.10 -35.10 -3.13
CA THR B 294 -4.06 -35.64 -4.08
C THR B 294 -4.29 -34.61 -5.19
N VAL B 295 -4.23 -35.08 -6.43
CA VAL B 295 -4.41 -34.23 -7.60
C VAL B 295 -5.61 -34.75 -8.37
N GLU B 296 -6.56 -33.86 -8.65
CA GLU B 296 -7.79 -34.24 -9.31
C GLU B 296 -7.59 -34.32 -10.82
N LYS B 297 -8.54 -34.97 -11.49
CA LYS B 297 -8.47 -35.14 -12.93
C LYS B 297 -8.46 -33.79 -13.64
N GLY B 298 -7.59 -33.65 -14.62
CA GLY B 298 -7.51 -32.45 -15.40
C GLY B 298 -6.11 -32.27 -15.96
N ILE B 299 -5.86 -31.07 -16.49
CA ILE B 299 -4.57 -30.71 -17.05
C ILE B 299 -4.02 -29.53 -16.24
N TYR B 300 -2.79 -29.67 -15.77
CA TYR B 300 -2.19 -28.71 -14.85
C TYR B 300 -0.92 -28.13 -15.46
N GLN B 301 -0.79 -26.80 -15.40
CA GLN B 301 0.38 -26.14 -15.94
C GLN B 301 1.58 -26.34 -15.02
N THR B 302 2.74 -26.55 -15.64
CA THR B 302 3.97 -26.88 -14.95
C THR B 302 5.03 -25.84 -15.32
N SER B 303 6.16 -25.90 -14.64
CA SER B 303 7.22 -24.93 -14.90
C SER B 303 7.84 -25.17 -16.27
N ASN B 304 8.44 -24.10 -16.81
CA ASN B 304 9.02 -24.16 -18.14
C ASN B 304 10.22 -25.10 -18.17
N PHE B 305 10.58 -25.52 -19.37
CA PHE B 305 11.65 -26.50 -19.56
C PHE B 305 12.99 -25.86 -19.23
N ARG B 306 13.67 -26.39 -18.23
CA ARG B 306 14.94 -25.86 -17.77
C ARG B 306 16.09 -26.75 -18.24
N VAL B 307 17.17 -26.12 -18.70
CA VAL B 307 18.39 -26.82 -19.11
C VAL B 307 19.50 -26.34 -18.19
N GLN B 308 20.11 -27.26 -17.46
CA GLN B 308 21.14 -26.86 -16.53
C GLN B 308 22.49 -26.70 -17.23
N PRO B 309 23.32 -25.78 -16.76
CA PRO B 309 24.64 -25.62 -17.37
C PRO B 309 25.52 -26.84 -17.12
N THR B 310 26.43 -27.08 -18.06
CA THR B 310 27.32 -28.23 -17.98
C THR B 310 28.75 -27.89 -17.60
N GLU B 311 29.27 -26.75 -18.05
CA GLU B 311 30.64 -26.33 -17.75
C GLU B 311 30.61 -24.93 -17.15
N SER B 312 31.79 -24.45 -16.77
CA SER B 312 31.99 -23.08 -16.32
C SER B 312 33.24 -22.54 -17.00
N ILE B 313 33.12 -21.39 -17.65
CA ILE B 313 34.21 -20.80 -18.40
C ILE B 313 34.44 -19.37 -17.95
N VAL B 314 35.69 -18.93 -18.05
CA VAL B 314 36.09 -17.56 -17.74
C VAL B 314 36.90 -17.04 -18.91
N ARG B 315 36.60 -15.81 -19.36
CA ARG B 315 37.29 -15.19 -20.48
C ARG B 315 37.80 -13.82 -20.03
N PHE B 316 39.09 -13.76 -19.71
CA PHE B 316 39.77 -12.54 -19.34
C PHE B 316 40.82 -12.18 -20.40
N PRO B 317 41.15 -10.89 -20.54
CA PRO B 317 42.15 -10.50 -21.54
C PRO B 317 43.52 -11.07 -21.23
N ASN B 318 44.30 -11.25 -22.30
CA ASN B 318 45.69 -11.69 -22.18
C ASN B 318 46.55 -10.58 -21.60
N ILE B 319 46.72 -10.61 -20.28
CA ILE B 319 47.51 -9.63 -19.53
C ILE B 319 48.50 -10.40 -18.66
N THR B 320 49.75 -9.95 -18.66
CA THR B 320 50.82 -10.65 -17.96
C THR B 320 51.43 -9.86 -16.83
N ASN B 321 51.71 -8.57 -17.02
CA ASN B 321 52.45 -7.80 -16.03
C ASN B 321 51.63 -7.60 -14.77
N LEU B 322 52.34 -7.36 -13.66
CA LEU B 322 51.72 -7.07 -12.37
C LEU B 322 51.49 -5.58 -12.22
N CYS B 323 50.42 -5.23 -11.50
CA CYS B 323 50.08 -3.83 -11.31
C CYS B 323 51.11 -3.15 -10.41
N PRO B 324 51.36 -1.86 -10.63
CA PRO B 324 52.41 -1.18 -9.85
C PRO B 324 52.03 -0.96 -8.40
N PHE B 325 51.97 -2.03 -7.62
CA PHE B 325 51.72 -1.91 -6.19
C PHE B 325 52.93 -1.41 -5.43
N GLY B 326 54.11 -1.40 -6.07
CA GLY B 326 55.34 -1.00 -5.40
C GLY B 326 55.73 0.45 -5.63
N GLU B 327 54.99 1.15 -6.49
CA GLU B 327 55.22 2.57 -6.73
C GLU B 327 53.99 3.41 -6.49
N VAL B 328 52.90 2.82 -6.03
CA VAL B 328 51.71 3.55 -5.61
C VAL B 328 51.55 3.52 -4.09
N PHE B 329 51.68 2.34 -3.49
CA PHE B 329 51.60 2.20 -2.05
C PHE B 329 52.96 2.26 -1.38
N ASN B 330 54.06 2.22 -2.14
CA ASN B 330 55.40 2.08 -1.58
C ASN B 330 56.32 3.22 -2.01
N ALA B 331 55.76 4.35 -2.43
CA ALA B 331 56.57 5.47 -2.90
C ALA B 331 57.35 6.09 -1.75
N THR B 332 58.41 6.81 -2.11
CA THR B 332 59.27 7.43 -1.12
C THR B 332 58.79 8.81 -0.70
N ARG B 333 57.88 9.42 -1.44
CA ARG B 333 57.34 10.72 -1.07
C ARG B 333 55.93 10.86 -1.62
N PHE B 334 55.00 11.25 -0.76
CA PHE B 334 53.62 11.50 -1.16
C PHE B 334 53.41 12.99 -1.39
N ALA B 335 52.34 13.30 -2.09
CA ALA B 335 52.02 14.69 -2.41
C ALA B 335 51.21 15.33 -1.30
N SER B 336 51.16 16.65 -1.33
CA SER B 336 50.34 17.40 -0.40
C SER B 336 48.85 17.25 -0.73
N VAL B 337 48.01 17.47 0.27
CA VAL B 337 46.58 17.28 0.09
C VAL B 337 46.02 18.31 -0.88
N TYR B 338 46.55 19.53 -0.88
CA TYR B 338 46.06 20.57 -1.77
C TYR B 338 46.50 20.37 -3.21
N ALA B 339 47.56 19.60 -3.43
CA ALA B 339 48.07 19.30 -4.77
C ALA B 339 48.21 17.81 -4.95
N TRP B 340 47.22 17.05 -4.50
CA TRP B 340 47.22 15.60 -4.60
C TRP B 340 47.50 15.15 -6.03
N ASN B 341 48.14 13.99 -6.14
CA ASN B 341 48.59 13.44 -7.42
C ASN B 341 47.64 12.35 -7.87
N ARG B 342 47.40 12.29 -9.18
CA ARG B 342 46.53 11.28 -9.78
C ARG B 342 47.34 10.48 -10.80
N LYS B 343 47.29 9.17 -10.69
CA LYS B 343 48.06 8.27 -11.54
C LYS B 343 47.11 7.29 -12.24
N ARG B 344 47.41 6.97 -13.49
CA ARG B 344 46.61 6.05 -14.28
C ARG B 344 47.22 4.66 -14.23
N ILE B 345 46.37 3.65 -14.02
CA ILE B 345 46.79 2.26 -13.95
C ILE B 345 46.07 1.51 -15.06
N SER B 346 46.84 0.85 -15.93
CA SER B 346 46.26 0.14 -17.05
C SER B 346 47.18 -1.00 -17.47
N ASN B 347 46.57 -2.06 -18.00
CA ASN B 347 47.28 -3.22 -18.56
C ASN B 347 48.14 -3.92 -17.50
N CYS B 348 47.48 -4.36 -16.43
CA CYS B 348 48.16 -5.14 -15.41
C CYS B 348 47.13 -5.88 -14.57
N VAL B 349 47.53 -7.04 -14.05
CA VAL B 349 46.66 -7.83 -13.18
C VAL B 349 46.76 -7.30 -11.76
N ALA B 350 45.60 -7.10 -11.13
CA ALA B 350 45.53 -6.53 -9.78
C ALA B 350 45.44 -7.62 -8.72
N ASP B 351 46.56 -8.34 -8.56
CA ASP B 351 46.66 -9.39 -7.56
C ASP B 351 47.18 -8.76 -6.28
N TYR B 352 46.24 -8.36 -5.41
CA TYR B 352 46.60 -7.64 -4.19
C TYR B 352 47.10 -8.54 -3.08
N SER B 353 47.29 -9.83 -3.35
CA SER B 353 47.88 -10.71 -2.35
C SER B 353 49.33 -10.35 -2.05
N VAL B 354 49.98 -9.61 -2.94
CA VAL B 354 51.37 -9.20 -2.72
C VAL B 354 51.48 -8.25 -1.53
N LEU B 355 50.48 -7.40 -1.31
CA LEU B 355 50.55 -6.41 -0.25
C LEU B 355 50.49 -7.03 1.15
N TYR B 356 50.18 -8.32 1.26
CA TYR B 356 50.00 -8.95 2.56
C TYR B 356 51.31 -9.04 3.34
N ASN B 357 52.46 -9.00 2.65
CA ASN B 357 53.74 -9.18 3.33
C ASN B 357 54.24 -7.90 4.00
N SER B 358 54.09 -6.75 3.35
CA SER B 358 54.72 -5.53 3.83
C SER B 358 53.76 -4.37 4.02
N ALA B 359 52.46 -4.62 4.09
CA ALA B 359 51.50 -3.54 4.27
C ALA B 359 50.52 -3.89 5.38
N SER B 360 50.16 -2.89 6.17
CA SER B 360 49.15 -3.03 7.22
C SER B 360 48.25 -1.80 7.17
N PHE B 361 47.05 -1.96 6.62
CA PHE B 361 46.13 -0.86 6.40
C PHE B 361 45.15 -0.78 7.55
N SER B 362 44.99 0.42 8.10
CA SER B 362 44.07 0.60 9.23
C SER B 362 42.63 0.86 8.83
N THR B 363 42.38 1.44 7.66
CA THR B 363 41.02 1.79 7.26
C THR B 363 40.77 1.42 5.80
N PHE B 364 40.11 0.29 5.53
CA PHE B 364 39.79 -0.10 4.14
C PHE B 364 38.28 -0.16 3.95
N LYS B 365 37.72 0.79 3.22
CA LYS B 365 36.31 0.86 2.90
C LYS B 365 36.14 0.89 1.38
N CYS B 366 35.28 0.02 0.86
CA CYS B 366 35.00 0.00 -0.58
C CYS B 366 33.55 0.37 -0.84
N TYR B 367 33.35 1.31 -1.77
CA TYR B 367 32.02 1.80 -2.11
C TYR B 367 31.69 1.38 -3.54
N GLY B 368 30.52 0.78 -3.72
CA GLY B 368 30.08 0.37 -5.03
C GLY B 368 30.45 -1.04 -5.43
N VAL B 369 31.10 -1.79 -4.55
CA VAL B 369 31.63 -3.11 -4.87
C VAL B 369 31.89 -3.84 -3.57
N SER B 370 31.70 -5.15 -3.60
CA SER B 370 31.97 -5.84 -2.35
C SER B 370 33.42 -6.30 -2.31
N PRO B 371 34.08 -6.16 -1.14
CA PRO B 371 35.50 -6.50 -1.06
C PRO B 371 35.81 -7.96 -1.36
N THR B 372 34.85 -8.86 -1.20
CA THR B 372 35.07 -10.27 -1.53
C THR B 372 34.97 -10.55 -3.02
N LYS B 373 34.40 -9.63 -3.80
CA LYS B 373 34.26 -9.81 -5.24
C LYS B 373 35.42 -9.22 -6.03
N LEU B 374 36.40 -8.62 -5.35
CA LEU B 374 37.50 -7.96 -6.03
C LEU B 374 38.43 -8.95 -6.73
N ASN B 375 38.34 -10.24 -6.42
CA ASN B 375 39.20 -11.24 -7.02
C ASN B 375 38.63 -11.81 -8.32
N ASP B 376 37.39 -11.48 -8.65
CA ASP B 376 36.74 -12.03 -9.84
C ASP B 376 36.44 -10.98 -10.90
N LEU B 377 36.55 -9.70 -10.57
CA LEU B 377 36.06 -8.64 -11.44
C LEU B 377 37.15 -8.15 -12.39
N CYS B 378 36.80 -7.13 -13.17
CA CYS B 378 37.74 -6.48 -14.08
C CYS B 378 37.36 -5.02 -14.16
N PHE B 379 38.30 -4.13 -13.85
CA PHE B 379 38.03 -2.72 -13.62
C PHE B 379 38.49 -1.88 -14.80
N THR B 380 37.68 -0.90 -15.18
CA THR B 380 37.99 0.01 -16.28
C THR B 380 38.18 1.42 -15.76
N ASN B 381 39.12 2.15 -16.37
CA ASN B 381 39.44 3.52 -16.00
C ASN B 381 39.83 3.63 -14.53
N VAL B 382 40.93 2.98 -14.19
CA VAL B 382 41.41 2.95 -12.82
C VAL B 382 42.37 4.12 -12.61
N TYR B 383 42.12 4.92 -11.58
CA TYR B 383 42.99 6.02 -11.20
C TYR B 383 43.30 5.92 -9.72
N ALA B 384 44.53 6.28 -9.35
CA ALA B 384 45.00 6.19 -7.98
C ALA B 384 45.38 7.58 -7.50
N ASP B 385 44.67 8.07 -6.48
CA ASP B 385 44.93 9.38 -5.89
C ASP B 385 45.59 9.21 -4.54
N SER B 386 46.73 9.86 -4.35
CA SER B 386 47.53 9.69 -3.15
C SER B 386 47.85 11.03 -2.52
N PHE B 387 47.77 11.09 -1.19
CA PHE B 387 48.09 12.28 -0.43
C PHE B 387 48.32 11.87 1.03
N VAL B 388 48.71 12.85 1.85
CA VAL B 388 48.99 12.63 3.26
C VAL B 388 48.23 13.66 4.08
N ILE B 389 47.46 13.19 5.06
CA ILE B 389 46.67 14.05 5.93
C ILE B 389 46.90 13.62 7.38
N ARG B 390 46.35 14.41 8.29
CA ARG B 390 46.42 14.10 9.71
C ARG B 390 45.46 12.97 10.05
N GLY B 391 45.60 12.44 11.27
CA GLY B 391 44.83 11.26 11.65
C GLY B 391 43.33 11.50 11.72
N ASP B 392 42.92 12.69 12.17
CA ASP B 392 41.50 12.97 12.35
C ASP B 392 40.77 13.23 11.04
N GLU B 393 41.46 13.53 9.95
CA GLU B 393 40.81 13.78 8.69
C GLU B 393 40.82 12.57 7.76
N VAL B 394 41.22 11.40 8.26
CA VAL B 394 41.03 10.17 7.49
C VAL B 394 39.54 9.89 7.32
N ARG B 395 38.74 10.22 8.34
CA ARG B 395 37.30 10.02 8.26
C ARG B 395 36.65 10.93 7.22
N GLN B 396 37.29 12.05 6.88
CA GLN B 396 36.68 13.01 5.97
C GLN B 396 36.76 12.59 4.52
N ILE B 397 37.52 11.55 4.19
CA ILE B 397 37.60 11.05 2.81
C ILE B 397 36.47 10.03 2.67
N ALA B 398 35.28 10.54 2.41
CA ALA B 398 34.08 9.73 2.26
C ALA B 398 33.00 10.60 1.60
N PRO B 399 32.08 10.00 0.85
CA PRO B 399 31.02 10.80 0.23
C PRO B 399 30.16 11.51 1.27
N GLY B 400 29.80 12.75 0.95
CA GLY B 400 28.92 13.52 1.82
C GLY B 400 29.49 13.83 3.19
N GLN B 401 30.76 14.22 3.25
CA GLN B 401 31.40 14.55 4.52
C GLN B 401 31.80 16.03 4.52
N THR B 402 31.99 16.56 5.72
CA THR B 402 32.34 17.95 5.92
C THR B 402 33.67 18.06 6.65
N GLY B 403 34.20 19.28 6.68
CA GLY B 403 35.50 19.56 7.24
C GLY B 403 36.36 20.33 6.27
N LYS B 404 37.51 20.78 6.78
CA LYS B 404 38.41 21.57 5.94
C LYS B 404 38.96 20.75 4.79
N ILE B 405 39.32 19.49 5.05
CA ILE B 405 39.84 18.64 3.97
C ILE B 405 38.79 18.43 2.90
N ALA B 406 37.63 17.88 3.30
CA ALA B 406 36.57 17.58 2.34
C ALA B 406 35.93 18.82 1.74
N ASP B 407 36.22 20.01 2.27
CA ASP B 407 35.62 21.23 1.78
C ASP B 407 36.54 22.03 0.86
N TYR B 408 37.82 22.15 1.20
CA TYR B 408 38.74 22.97 0.44
C TYR B 408 39.86 22.21 -0.25
N ASN B 409 40.09 20.94 0.09
CA ASN B 409 41.25 20.23 -0.41
C ASN B 409 40.91 19.05 -1.31
N TYR B 410 40.03 18.16 -0.87
CA TYR B 410 39.75 16.94 -1.63
C TYR B 410 38.32 16.50 -1.36
N LYS B 411 37.48 16.55 -2.40
CA LYS B 411 36.09 16.15 -2.30
C LYS B 411 35.85 14.92 -3.16
N LEU B 412 35.10 13.96 -2.63
CA LEU B 412 34.72 12.75 -3.33
C LEU B 412 33.28 12.86 -3.85
N PRO B 413 32.99 12.30 -5.02
CA PRO B 413 31.62 12.39 -5.55
C PRO B 413 30.65 11.58 -4.70
N ASP B 414 29.38 11.99 -4.73
CA ASP B 414 28.39 11.27 -3.95
C ASP B 414 28.02 9.93 -4.57
N ASP B 415 28.23 9.75 -5.86
CA ASP B 415 28.05 8.45 -6.51
C ASP B 415 29.45 7.95 -6.87
N PHE B 416 30.12 7.31 -5.92
CA PHE B 416 31.50 6.89 -6.11
C PHE B 416 31.64 5.38 -6.10
N THR B 417 32.28 4.82 -7.12
CA THR B 417 32.64 3.41 -7.12
C THR B 417 34.14 3.34 -6.87
N GLY B 418 34.55 2.73 -5.78
CA GLY B 418 35.96 2.78 -5.44
C GLY B 418 36.23 2.22 -4.06
N CYS B 419 37.49 2.37 -3.65
CA CYS B 419 37.96 1.91 -2.37
C CYS B 419 38.87 3.01 -1.82
N VAL B 420 38.87 3.20 -0.49
CA VAL B 420 39.81 4.12 0.14
C VAL B 420 40.60 3.30 1.15
N ILE B 421 41.92 3.38 1.02
CA ILE B 421 42.83 2.61 1.89
C ILE B 421 43.74 3.62 2.57
N ALA B 422 43.89 3.60 3.89
CA ALA B 422 44.62 4.65 4.59
C ALA B 422 45.34 3.99 5.76
N TRP B 423 46.66 4.19 5.82
CA TRP B 423 47.49 3.53 6.83
C TRP B 423 48.42 4.54 7.46
N ASN B 424 48.73 4.33 8.73
CA ASN B 424 49.60 5.23 9.47
C ASN B 424 51.03 5.18 8.91
N SER B 425 51.64 6.36 8.76
CA SER B 425 53.01 6.46 8.27
C SER B 425 53.80 7.43 9.13
N ASN B 426 53.67 7.33 10.45
CA ASN B 426 54.40 8.21 11.34
C ASN B 426 55.91 7.96 11.33
N ASN B 427 56.34 6.79 10.88
CA ASN B 427 57.75 6.43 10.85
C ASN B 427 58.47 6.91 9.60
N LEU B 428 57.77 7.57 8.67
CA LEU B 428 58.41 8.05 7.46
C LEU B 428 58.16 9.54 7.21
N ASP B 429 57.01 10.05 7.66
CA ASP B 429 56.61 11.42 7.36
C ASP B 429 56.72 12.34 8.57
N SER B 430 57.53 11.98 9.56
CA SER B 430 57.71 12.78 10.76
C SER B 430 59.19 12.92 11.06
N LYS B 431 59.59 14.13 11.43
CA LYS B 431 60.97 14.41 11.81
C LYS B 431 61.01 14.94 13.24
N VAL B 432 62.19 14.82 13.87
CA VAL B 432 62.33 15.18 15.27
C VAL B 432 62.08 16.67 15.49
N GLY B 433 62.40 17.50 14.48
CA GLY B 433 62.10 18.91 14.57
C GLY B 433 60.76 19.30 13.99
N GLY B 434 60.15 18.41 13.22
CA GLY B 434 58.88 18.67 12.58
C GLY B 434 58.97 18.57 11.07
N ASN B 435 57.91 18.10 10.43
CA ASN B 435 57.86 17.96 8.98
C ASN B 435 56.88 18.99 8.45
N TYR B 436 57.41 20.07 7.87
CA TYR B 436 56.59 21.15 7.34
C TYR B 436 56.54 21.15 5.82
N ASN B 437 56.76 20.00 5.19
CA ASN B 437 56.74 19.88 3.74
C ASN B 437 55.35 19.57 3.20
N TYR B 438 54.41 19.16 4.04
CA TYR B 438 53.05 18.86 3.63
C TYR B 438 52.14 20.02 3.99
N LEU B 439 51.41 20.51 3.01
CA LEU B 439 50.59 21.70 3.16
C LEU B 439 49.11 21.37 2.98
N TYR B 440 48.26 22.26 3.47
CA TYR B 440 46.83 22.12 3.34
C TYR B 440 46.19 23.49 3.25
N ARG B 441 45.03 23.54 2.59
CA ARG B 441 44.31 24.79 2.40
C ARG B 441 43.32 24.99 3.54
N LEU B 442 43.36 26.18 4.15
CA LEU B 442 42.51 26.47 5.30
C LEU B 442 41.42 27.50 5.01
N PHE B 443 41.62 28.37 4.03
CA PHE B 443 40.63 29.37 3.65
C PHE B 443 40.31 29.24 2.17
N ARG B 444 39.02 29.34 1.84
CA ARG B 444 38.60 29.37 0.46
C ARG B 444 37.23 30.02 0.38
N LYS B 445 36.95 30.62 -0.78
CA LYS B 445 35.68 31.34 -0.96
C LYS B 445 34.50 30.40 -1.18
N SER B 446 34.73 29.22 -1.76
CA SER B 446 33.65 28.29 -2.02
C SER B 446 34.18 26.86 -1.94
N ASN B 447 33.26 25.94 -1.66
CA ASN B 447 33.63 24.54 -1.56
C ASN B 447 34.01 23.97 -2.93
N LEU B 448 34.87 22.97 -2.91
CA LEU B 448 35.37 22.37 -4.14
C LEU B 448 34.33 21.44 -4.75
N LYS B 449 34.39 21.31 -6.07
CA LYS B 449 33.63 20.29 -6.76
C LYS B 449 34.33 18.94 -6.64
N PRO B 450 33.60 17.84 -6.81
CA PRO B 450 34.22 16.52 -6.71
C PRO B 450 35.40 16.36 -7.67
N PHE B 451 36.48 15.80 -7.16
CA PHE B 451 37.69 15.51 -7.94
C PHE B 451 38.23 16.76 -8.63
N GLU B 452 38.13 17.89 -7.94
CA GLU B 452 38.66 19.15 -8.42
C GLU B 452 39.86 19.54 -7.55
N ARG B 453 40.89 20.08 -8.20
CA ARG B 453 42.13 20.42 -7.52
C ARG B 453 42.39 21.90 -7.66
N ASP B 454 42.55 22.59 -6.53
CA ASP B 454 42.80 24.03 -6.50
C ASP B 454 44.22 24.24 -5.99
N ILE B 455 45.03 24.93 -6.79
CA ILE B 455 46.45 25.08 -6.52
C ILE B 455 46.84 26.55 -6.42
N SER B 456 45.89 27.46 -6.60
CA SER B 456 46.18 28.90 -6.57
C SER B 456 46.62 29.33 -5.18
N THR B 457 47.45 30.37 -5.15
CA THR B 457 48.04 30.89 -3.92
C THR B 457 47.75 32.38 -3.76
N GLU B 458 46.51 32.78 -3.96
CA GLU B 458 46.11 34.16 -3.78
C GLU B 458 45.74 34.41 -2.32
N ILE B 459 45.97 35.66 -1.88
CA ILE B 459 45.68 36.03 -0.50
C ILE B 459 44.18 36.05 -0.27
N TYR B 460 43.73 35.44 0.82
CA TYR B 460 42.31 35.34 1.13
C TYR B 460 41.88 36.57 1.93
N GLN B 461 40.97 37.36 1.36
CA GLN B 461 40.47 38.56 2.02
C GLN B 461 39.31 38.16 2.92
N ALA B 462 39.52 38.25 4.23
CA ALA B 462 38.50 37.90 5.20
C ALA B 462 37.73 39.11 5.74
N GLY B 463 38.21 40.32 5.48
CA GLY B 463 37.58 41.53 5.94
C GLY B 463 36.69 42.15 4.88
N SER B 464 36.59 43.47 4.92
CA SER B 464 35.78 44.22 3.96
C SER B 464 36.63 45.23 3.17
N THR B 465 37.94 45.00 3.08
CA THR B 465 38.85 45.90 2.39
C THR B 465 39.85 45.06 1.60
N PRO B 466 40.07 45.36 0.33
CA PRO B 466 41.09 44.63 -0.43
C PRO B 466 42.47 44.79 0.18
N CYS B 467 43.26 43.72 0.14
CA CYS B 467 44.60 43.73 0.69
C CYS B 467 45.69 43.81 -0.38
N ASN B 468 45.35 43.66 -1.66
CA ASN B 468 46.30 43.79 -2.76
C ASN B 468 47.48 42.83 -2.60
N GLY B 469 47.26 41.69 -1.97
CA GLY B 469 48.31 40.69 -1.82
C GLY B 469 49.49 41.12 -0.98
N VAL B 470 49.24 41.70 0.19
CA VAL B 470 50.31 42.06 1.12
C VAL B 470 50.23 41.29 2.42
N GLU B 471 49.16 40.55 2.67
CA GLU B 471 48.97 39.78 3.91
C GLU B 471 49.04 40.68 5.13
N GLY B 472 48.09 41.61 5.21
CA GLY B 472 48.02 42.53 6.32
C GLY B 472 47.05 42.09 7.40
N PHE B 473 46.09 42.93 7.73
CA PHE B 473 45.12 42.65 8.78
C PHE B 473 43.84 42.12 8.14
N ASN B 474 43.26 41.09 8.76
CA ASN B 474 42.01 40.47 8.32
C ASN B 474 42.12 39.89 6.91
N CYS B 475 43.33 39.55 6.48
CA CYS B 475 43.54 38.83 5.22
C CYS B 475 44.76 37.94 5.39
N TYR B 476 44.57 36.64 5.19
CA TYR B 476 45.57 35.65 5.53
C TYR B 476 46.08 34.91 4.29
N PHE B 477 47.25 34.32 4.43
CA PHE B 477 47.76 33.39 3.43
C PHE B 477 46.93 32.11 3.45
N PRO B 478 46.52 31.58 2.30
CA PRO B 478 45.56 30.48 2.31
C PRO B 478 46.15 29.13 2.74
N LEU B 479 47.43 28.90 2.49
CA LEU B 479 48.05 27.61 2.77
C LEU B 479 48.73 27.62 4.13
N GLN B 480 48.54 26.54 4.88
CA GLN B 480 49.18 26.33 6.17
C GLN B 480 49.92 25.00 6.11
N SER B 481 50.86 24.82 7.03
CA SER B 481 51.71 23.64 7.05
C SER B 481 51.40 22.77 8.26
N TYR B 482 51.23 21.47 8.02
CA TYR B 482 51.04 20.52 9.11
C TYR B 482 52.31 20.40 9.93
N GLY B 483 52.14 20.24 11.24
CA GLY B 483 53.28 19.98 12.11
C GLY B 483 53.32 18.55 12.57
N PHE B 484 54.24 17.76 12.01
CA PHE B 484 54.34 16.34 12.30
C PHE B 484 55.63 16.08 13.07
N GLN B 485 55.50 15.56 14.27
CA GLN B 485 56.62 15.15 15.11
C GLN B 485 56.42 13.73 15.60
N PRO B 486 57.49 13.01 15.92
CA PRO B 486 57.34 11.62 16.38
C PRO B 486 56.69 11.50 17.75
N THR B 487 56.56 12.60 18.50
CA THR B 487 55.97 12.57 19.83
C THR B 487 54.55 13.12 19.85
N ASN B 488 53.90 13.20 18.70
CA ASN B 488 52.54 13.69 18.61
C ASN B 488 51.55 12.54 18.82
N GLY B 489 50.33 12.91 19.18
CA GLY B 489 49.32 11.90 19.45
C GLY B 489 48.91 11.16 18.19
N VAL B 490 48.15 10.09 18.41
CA VAL B 490 47.68 9.26 17.30
C VAL B 490 46.84 10.10 16.34
N GLY B 491 46.06 11.02 16.88
CA GLY B 491 45.25 11.88 16.03
C GLY B 491 46.02 12.96 15.31
N TYR B 492 47.28 13.20 15.68
CA TYR B 492 48.11 14.20 15.04
C TYR B 492 49.24 13.61 14.22
N GLN B 493 49.35 12.28 14.16
CA GLN B 493 50.34 11.61 13.34
C GLN B 493 49.88 11.54 11.88
N PRO B 494 50.81 11.60 10.94
CA PRO B 494 50.42 11.57 9.52
C PRO B 494 49.86 10.23 9.10
N TYR B 495 48.93 10.27 8.16
CA TYR B 495 48.35 9.08 7.56
C TYR B 495 48.37 9.22 6.04
N ARG B 496 48.88 8.20 5.36
CA ARG B 496 48.86 8.18 3.90
C ARG B 496 47.54 7.57 3.45
N VAL B 497 46.87 8.22 2.50
CA VAL B 497 45.59 7.74 2.01
C VAL B 497 45.65 7.65 0.49
N VAL B 498 45.29 6.49 -0.05
CA VAL B 498 45.18 6.30 -1.49
C VAL B 498 43.74 5.94 -1.81
N VAL B 499 43.15 6.68 -2.74
CA VAL B 499 41.76 6.47 -3.16
C VAL B 499 41.78 5.94 -4.59
N LEU B 500 41.14 4.81 -4.82
CA LEU B 500 41.18 4.17 -6.13
C LEU B 500 39.80 4.22 -6.75
N SER B 501 39.72 4.74 -7.97
CA SER B 501 38.45 4.98 -8.63
C SER B 501 38.36 4.11 -9.87
N PHE B 502 37.14 3.69 -10.21
CA PHE B 502 36.92 2.92 -11.42
C PHE B 502 35.42 2.77 -11.67
N GLU B 503 35.09 2.31 -12.87
CA GLU B 503 33.76 1.91 -13.27
C GLU B 503 33.74 0.41 -13.50
N LEU B 504 32.54 -0.16 -13.51
CA LEU B 504 32.41 -1.61 -13.56
C LEU B 504 31.37 -2.03 -14.59
N LEU B 505 31.75 -2.98 -15.45
CA LEU B 505 30.81 -3.73 -16.28
C LEU B 505 30.04 -2.84 -17.25
N HIS B 506 30.66 -1.76 -17.72
CA HIS B 506 30.01 -0.91 -18.72
C HIS B 506 30.93 -0.63 -19.89
N ALA B 507 32.23 -0.62 -19.65
CA ALA B 507 33.23 -0.25 -20.64
C ALA B 507 34.31 -1.32 -20.68
N PRO B 508 35.05 -1.40 -21.78
CA PRO B 508 36.17 -2.35 -21.84
C PRO B 508 37.18 -2.09 -20.74
N ALA B 509 37.67 -3.18 -20.15
CA ALA B 509 38.57 -3.11 -19.01
C ALA B 509 39.89 -3.78 -19.35
N THR B 510 40.97 -3.27 -18.75
CA THR B 510 42.31 -3.76 -19.05
C THR B 510 43.09 -4.16 -17.80
N VAL B 511 42.47 -4.16 -16.62
CA VAL B 511 43.17 -4.50 -15.40
C VAL B 511 42.89 -5.96 -15.01
N CYS B 512 41.64 -6.27 -14.71
CA CYS B 512 41.20 -7.61 -14.34
C CYS B 512 41.90 -8.14 -13.09
N GLY B 513 41.52 -9.34 -12.66
CA GLY B 513 42.08 -9.94 -11.48
C GLY B 513 42.90 -11.16 -11.79
N PRO B 514 43.24 -11.95 -10.77
CA PRO B 514 44.12 -13.10 -10.96
C PRO B 514 43.43 -14.36 -11.45
N LYS B 515 42.15 -14.26 -11.81
CA LYS B 515 41.42 -15.42 -12.34
C LYS B 515 42.05 -15.90 -13.63
N LYS B 516 42.11 -17.22 -13.80
CA LYS B 516 42.71 -17.84 -14.97
C LYS B 516 41.63 -18.18 -15.97
N SER B 517 41.86 -17.84 -17.23
CA SER B 517 40.85 -18.01 -18.27
C SER B 517 40.83 -19.44 -18.78
N THR B 518 39.71 -19.81 -19.38
CA THR B 518 39.51 -21.14 -19.95
C THR B 518 39.18 -21.01 -21.44
N ASN B 519 38.86 -22.14 -22.05
CA ASN B 519 38.54 -22.17 -23.47
C ASN B 519 37.13 -21.68 -23.72
N LEU B 520 36.85 -21.36 -24.99
CA LEU B 520 35.54 -20.90 -25.42
C LEU B 520 34.77 -22.09 -25.97
N VAL B 521 33.69 -22.46 -25.29
CA VAL B 521 32.83 -23.55 -25.71
C VAL B 521 31.50 -22.95 -26.17
N LYS B 522 31.14 -23.21 -27.41
CA LYS B 522 29.98 -22.61 -28.05
C LYS B 522 28.90 -23.65 -28.27
N ASN B 523 27.68 -23.16 -28.52
CA ASN B 523 26.52 -23.99 -28.79
C ASN B 523 26.20 -24.93 -27.63
N LYS B 524 26.54 -24.52 -26.40
CA LYS B 524 26.27 -25.30 -25.22
C LYS B 524 25.93 -24.38 -24.06
N CYS B 525 25.18 -24.91 -23.10
CA CYS B 525 24.79 -24.15 -21.92
C CYS B 525 25.92 -24.19 -20.90
N VAL B 526 26.60 -23.07 -20.72
CA VAL B 526 27.72 -22.97 -19.78
C VAL B 526 27.57 -21.71 -18.94
N ASN B 527 28.17 -21.74 -17.76
CA ASN B 527 28.36 -20.53 -16.97
C ASN B 527 29.54 -19.77 -17.52
N PHE B 528 29.37 -18.46 -17.71
CA PHE B 528 30.41 -17.64 -18.32
C PHE B 528 30.79 -16.49 -17.41
N ASN B 529 32.01 -15.99 -17.61
CA ASN B 529 32.54 -14.85 -16.85
C ASN B 529 33.35 -14.01 -17.84
N PHE B 530 32.69 -13.04 -18.47
CA PHE B 530 33.31 -12.17 -19.46
C PHE B 530 33.64 -10.84 -18.79
N ASN B 531 34.91 -10.64 -18.46
CA ASN B 531 35.40 -9.39 -17.89
C ASN B 531 34.65 -9.03 -16.59
N GLY B 532 34.30 -10.05 -15.82
CA GLY B 532 33.59 -9.85 -14.57
C GLY B 532 32.09 -10.04 -14.64
N LEU B 533 31.52 -10.11 -15.83
CA LEU B 533 30.08 -10.28 -16.01
C LEU B 533 29.75 -11.76 -15.96
N THR B 534 29.06 -12.20 -14.92
CA THR B 534 28.69 -13.59 -14.74
C THR B 534 27.28 -13.84 -15.27
N GLY B 535 27.02 -15.07 -15.66
CA GLY B 535 25.72 -15.44 -16.15
C GLY B 535 25.73 -16.83 -16.76
N THR B 536 24.56 -17.23 -17.24
CA THR B 536 24.38 -18.53 -17.88
C THR B 536 23.69 -18.33 -19.22
N GLY B 537 24.05 -19.17 -20.18
CA GLY B 537 23.42 -19.10 -21.48
C GLY B 537 24.21 -19.87 -22.52
N VAL B 538 23.79 -19.71 -23.77
CA VAL B 538 24.41 -20.35 -24.91
C VAL B 538 25.09 -19.29 -25.74
N LEU B 539 26.37 -19.51 -26.05
CA LEU B 539 27.18 -18.57 -26.80
C LEU B 539 27.24 -18.99 -28.26
N THR B 540 26.90 -18.08 -29.17
CA THR B 540 26.92 -18.35 -30.59
C THR B 540 27.62 -17.20 -31.31
N GLU B 541 28.16 -17.52 -32.49
CA GLU B 541 28.77 -16.50 -33.32
C GLU B 541 27.73 -15.48 -33.74
N SER B 542 28.13 -14.21 -33.78
CA SER B 542 27.21 -13.10 -33.98
C SER B 542 27.54 -12.36 -35.27
N ASN B 543 26.52 -11.72 -35.84
CA ASN B 543 26.69 -10.90 -37.03
C ASN B 543 26.81 -9.43 -36.72
N LYS B 544 26.60 -9.02 -35.47
CA LYS B 544 26.73 -7.62 -35.09
C LYS B 544 28.19 -7.17 -35.19
N LYS B 545 28.38 -5.89 -35.45
CA LYS B 545 29.71 -5.30 -35.58
C LYS B 545 29.85 -4.16 -34.58
N PHE B 546 30.56 -4.41 -33.49
CA PHE B 546 30.75 -3.41 -32.45
C PHE B 546 31.77 -2.37 -32.87
N LEU B 547 31.51 -1.12 -32.50
CA LEU B 547 32.50 -0.08 -32.65
C LEU B 547 33.61 -0.30 -31.63
N PRO B 548 34.80 0.29 -31.87
CA PRO B 548 35.94 0.00 -30.99
C PRO B 548 35.69 0.27 -29.52
N PHE B 549 34.86 1.26 -29.18
CA PHE B 549 34.66 1.66 -27.80
C PHE B 549 33.53 0.91 -27.12
N GLN B 550 33.12 -0.22 -27.66
CA GLN B 550 32.01 -1.00 -27.10
C GLN B 550 32.48 -2.41 -26.75
N GLN B 551 31.91 -2.94 -25.68
CA GLN B 551 32.21 -4.30 -25.24
C GLN B 551 30.95 -5.15 -25.07
N PHE B 552 29.86 -4.55 -24.59
CA PHE B 552 28.65 -5.29 -24.29
C PHE B 552 27.49 -4.80 -25.14
N GLY B 553 26.45 -5.61 -25.23
CA GLY B 553 25.23 -5.23 -25.91
C GLY B 553 24.02 -5.55 -25.06
N ARG B 554 23.04 -4.65 -25.10
CA ARG B 554 21.87 -4.76 -24.25
C ARG B 554 20.60 -4.61 -25.08
N ASP B 555 19.59 -5.40 -24.72
CA ASP B 555 18.32 -5.41 -25.44
C ASP B 555 17.34 -4.44 -24.79
N ILE B 556 16.07 -4.53 -25.19
CA ILE B 556 15.04 -3.67 -24.60
C ILE B 556 14.89 -3.93 -23.12
N ALA B 557 15.01 -5.19 -22.71
CA ALA B 557 14.91 -5.55 -21.30
C ALA B 557 16.17 -5.24 -20.51
N ASP B 558 17.12 -4.53 -21.11
CA ASP B 558 18.38 -4.09 -20.50
C ASP B 558 19.28 -5.28 -20.15
N THR B 559 18.98 -6.47 -20.64
CA THR B 559 19.81 -7.64 -20.38
C THR B 559 20.88 -7.76 -21.45
N THR B 560 22.02 -8.32 -21.05
CA THR B 560 23.16 -8.47 -21.95
C THR B 560 22.88 -9.60 -22.93
N ASP B 561 22.87 -9.28 -24.23
CA ASP B 561 22.62 -10.27 -25.26
C ASP B 561 23.79 -10.47 -26.22
N ALA B 562 24.79 -9.61 -26.20
CA ALA B 562 25.98 -9.77 -27.01
C ALA B 562 27.20 -9.38 -26.18
N VAL B 563 28.33 -10.02 -26.47
CA VAL B 563 29.57 -9.75 -25.75
C VAL B 563 30.73 -10.02 -26.69
N ARG B 564 31.81 -9.26 -26.51
CA ARG B 564 33.02 -9.40 -27.30
C ARG B 564 34.06 -10.16 -26.49
N ASP B 565 34.61 -11.22 -27.08
CA ASP B 565 35.64 -12.00 -26.41
C ASP B 565 36.90 -11.16 -26.25
N PRO B 566 37.44 -11.03 -25.04
CA PRO B 566 38.61 -10.16 -24.84
C PRO B 566 39.91 -10.70 -25.43
N GLN B 567 39.94 -11.96 -25.87
CA GLN B 567 41.17 -12.56 -26.40
C GLN B 567 41.14 -12.74 -27.91
N THR B 568 39.99 -13.08 -28.48
CA THR B 568 39.86 -13.28 -29.92
C THR B 568 39.18 -12.13 -30.64
N LEU B 569 38.61 -11.17 -29.90
CA LEU B 569 37.97 -9.98 -30.47
C LEU B 569 36.85 -10.34 -31.45
N GLU B 570 36.10 -11.40 -31.15
CA GLU B 570 34.95 -11.78 -31.93
C GLU B 570 33.68 -11.57 -31.10
N ILE B 571 32.58 -11.31 -31.79
CA ILE B 571 31.32 -10.98 -31.14
C ILE B 571 30.52 -12.26 -30.91
N LEU B 572 30.06 -12.47 -29.69
CA LEU B 572 29.30 -13.65 -29.31
C LEU B 572 27.95 -13.23 -28.76
N ASP B 573 26.90 -13.96 -29.15
CA ASP B 573 25.55 -13.70 -28.69
C ASP B 573 25.20 -14.63 -27.53
N ILE B 574 24.49 -14.10 -26.55
CA ILE B 574 24.07 -14.84 -25.37
C ILE B 574 22.56 -15.05 -25.44
N THR B 575 22.15 -16.32 -25.47
CA THR B 575 20.74 -16.69 -25.46
C THR B 575 20.45 -17.60 -24.28
N PRO B 576 19.31 -17.41 -23.61
CA PRO B 576 19.02 -18.22 -22.42
C PRO B 576 18.86 -19.69 -22.77
N CYS B 577 19.02 -20.53 -21.75
CA CYS B 577 18.93 -21.97 -21.93
C CYS B 577 17.53 -22.52 -21.67
N SER B 578 16.73 -21.86 -20.84
CA SER B 578 15.39 -22.31 -20.52
C SER B 578 14.40 -21.75 -21.53
N PHE B 579 13.49 -22.61 -22.00
CA PHE B 579 12.56 -22.24 -23.06
C PHE B 579 11.51 -23.34 -23.19
N GLY B 580 10.26 -22.94 -23.38
CA GLY B 580 9.20 -23.88 -23.66
C GLY B 580 8.34 -24.25 -22.46
N GLY B 581 7.02 -24.29 -22.66
CA GLY B 581 6.12 -24.65 -21.60
C GLY B 581 5.96 -26.16 -21.46
N VAL B 582 5.50 -26.57 -20.28
CA VAL B 582 5.27 -27.97 -19.95
C VAL B 582 3.93 -28.09 -19.24
N SER B 583 3.11 -29.04 -19.67
CA SER B 583 1.83 -29.32 -19.04
C SER B 583 1.72 -30.81 -18.77
N VAL B 584 1.12 -31.18 -17.65
CA VAL B 584 1.01 -32.56 -17.22
C VAL B 584 -0.46 -32.94 -17.13
N ILE B 585 -0.81 -34.09 -17.72
CA ILE B 585 -2.18 -34.56 -17.80
C ILE B 585 -2.31 -35.78 -16.92
N THR B 586 -3.21 -35.73 -15.94
CA THR B 586 -3.39 -36.86 -15.05
C THR B 586 -4.86 -37.24 -14.96
N PRO B 587 -5.16 -38.53 -14.87
CA PRO B 587 -6.53 -38.98 -14.66
C PRO B 587 -6.99 -38.96 -13.21
N GLY B 588 -6.26 -38.28 -12.33
CA GLY B 588 -6.53 -38.32 -10.91
C GLY B 588 -5.65 -39.29 -10.19
N THR B 589 -4.92 -38.81 -9.18
CA THR B 589 -4.01 -39.66 -8.42
C THR B 589 -4.74 -40.65 -7.53
N ASN B 590 -6.06 -40.52 -7.39
CA ASN B 590 -6.81 -41.40 -6.51
C ASN B 590 -7.14 -42.70 -7.23
N THR B 591 -7.06 -42.71 -8.55
CA THR B 591 -7.36 -43.89 -9.36
C THR B 591 -6.16 -44.43 -10.13
N SER B 592 -5.16 -43.61 -10.44
CA SER B 592 -3.97 -44.06 -11.13
C SER B 592 -2.87 -43.04 -10.95
N ASN B 593 -1.63 -43.48 -11.20
CA ASN B 593 -0.47 -42.61 -11.14
C ASN B 593 0.18 -42.38 -12.50
N GLN B 594 -0.42 -42.91 -13.57
CA GLN B 594 0.09 -42.66 -14.92
C GLN B 594 -0.19 -41.22 -15.33
N VAL B 595 0.81 -40.58 -15.94
CA VAL B 595 0.69 -39.19 -16.37
C VAL B 595 1.17 -39.08 -17.80
N ALA B 596 0.75 -37.99 -18.45
CA ALA B 596 1.25 -37.61 -19.76
C ALA B 596 1.73 -36.18 -19.70
N VAL B 597 2.83 -35.90 -20.39
CA VAL B 597 3.49 -34.60 -20.34
C VAL B 597 3.46 -33.98 -21.72
N LEU B 598 3.05 -32.72 -21.79
CA LEU B 598 2.86 -32.01 -23.06
C LEU B 598 3.90 -30.90 -23.13
N TYR B 599 4.71 -30.91 -24.18
CA TYR B 599 5.72 -29.88 -24.41
C TYR B 599 5.22 -28.96 -25.52
N GLN B 600 4.85 -27.74 -25.14
CA GLN B 600 4.20 -26.82 -26.08
C GLN B 600 5.16 -26.24 -27.12
N ASP B 601 6.46 -26.41 -26.97
CA ASP B 601 7.42 -25.80 -27.88
C ASP B 601 8.37 -26.82 -28.51
N VAL B 602 7.98 -28.09 -28.57
CA VAL B 602 8.78 -29.13 -29.20
C VAL B 602 7.91 -29.80 -30.26
N ASN B 603 8.46 -29.92 -31.47
CA ASN B 603 7.73 -30.52 -32.58
C ASN B 603 8.47 -31.83 -32.86
N CYS B 604 7.81 -32.94 -32.55
CA CYS B 604 8.42 -34.27 -32.64
C CYS B 604 7.90 -34.98 -33.88
N THR B 605 8.78 -35.22 -34.84
CA THR B 605 8.43 -35.99 -36.03
C THR B 605 9.48 -37.05 -36.34
N TRP B 620 15.75 -34.56 -28.60
CA TRP B 620 14.71 -33.57 -28.34
C TRP B 620 14.91 -32.89 -26.99
N ARG B 621 14.11 -31.85 -26.74
CA ARG B 621 14.15 -31.14 -25.47
C ARG B 621 13.01 -31.62 -24.58
N VAL B 622 13.11 -32.88 -24.17
CA VAL B 622 12.09 -33.53 -23.35
C VAL B 622 12.74 -34.16 -22.12
N TYR B 623 11.93 -34.35 -21.08
CA TYR B 623 12.42 -35.02 -19.88
C TYR B 623 12.67 -36.50 -20.15
N SER B 624 11.73 -37.15 -20.82
CA SER B 624 11.89 -38.56 -21.18
C SER B 624 11.14 -38.80 -22.47
N THR B 625 11.48 -39.91 -23.14
CA THR B 625 10.90 -40.25 -24.43
C THR B 625 9.92 -41.41 -24.37
N GLY B 626 10.25 -42.46 -23.63
CA GLY B 626 9.35 -43.61 -23.50
C GLY B 626 8.89 -44.13 -24.85
N SER B 627 7.58 -44.33 -24.96
CA SER B 627 6.95 -44.72 -26.21
C SER B 627 5.64 -43.94 -26.36
N ASN B 628 4.94 -44.20 -27.46
CA ASN B 628 3.66 -43.57 -27.77
C ASN B 628 3.79 -42.04 -27.77
N VAL B 629 4.67 -41.55 -28.64
CA VAL B 629 4.86 -40.13 -28.85
C VAL B 629 3.93 -39.67 -29.97
N PHE B 630 3.06 -38.72 -29.67
CA PHE B 630 2.03 -38.27 -30.59
C PHE B 630 2.15 -36.76 -30.74
N GLN B 631 2.17 -36.30 -31.99
CA GLN B 631 2.35 -34.88 -32.29
C GLN B 631 0.99 -34.20 -32.45
N THR B 632 0.86 -33.03 -31.82
CA THR B 632 -0.35 -32.24 -31.89
C THR B 632 0.02 -30.82 -32.33
N ARG B 633 -0.99 -30.06 -32.74
CA ARG B 633 -0.74 -28.66 -33.05
C ARG B 633 -0.52 -27.82 -31.79
N ALA B 634 -0.74 -28.41 -30.61
CA ALA B 634 -0.48 -27.73 -29.34
C ALA B 634 0.83 -28.16 -28.68
N GLY B 635 1.57 -29.07 -29.29
CA GLY B 635 2.85 -29.50 -28.76
C GLY B 635 3.04 -30.98 -28.94
N CYS B 636 4.10 -31.50 -28.33
CA CYS B 636 4.45 -32.91 -28.38
C CYS B 636 3.92 -33.59 -27.13
N LEU B 637 3.06 -34.58 -27.29
CA LEU B 637 2.44 -35.29 -26.18
C LEU B 637 3.09 -36.66 -26.04
N ILE B 638 3.63 -36.94 -24.86
CA ILE B 638 4.38 -38.16 -24.59
C ILE B 638 3.68 -38.92 -23.48
N GLY B 639 3.35 -40.18 -23.73
CA GLY B 639 2.68 -41.02 -22.76
C GLY B 639 1.23 -41.32 -23.06
N ALA B 640 0.74 -40.97 -24.24
CA ALA B 640 -0.65 -41.18 -24.61
C ALA B 640 -0.71 -41.88 -25.97
N GLU B 641 -1.75 -42.69 -26.13
CA GLU B 641 -1.95 -43.45 -27.37
C GLU B 641 -3.01 -42.77 -28.23
N HIS B 642 -2.71 -42.64 -29.52
CA HIS B 642 -3.70 -42.17 -30.47
C HIS B 642 -4.78 -43.22 -30.70
N VAL B 643 -6.02 -42.77 -30.83
CA VAL B 643 -7.14 -43.65 -31.15
C VAL B 643 -7.89 -43.08 -32.34
N ASN B 644 -8.54 -43.97 -33.08
CA ASN B 644 -9.29 -43.60 -34.28
C ASN B 644 -10.63 -42.95 -33.93
N ASN B 645 -11.20 -43.26 -32.78
CA ASN B 645 -12.57 -42.88 -32.47
C ASN B 645 -12.65 -41.40 -32.11
N SER B 646 -13.82 -40.97 -31.66
CA SER B 646 -14.03 -39.59 -31.22
C SER B 646 -15.04 -39.56 -30.10
N TYR B 647 -14.60 -39.14 -28.93
CA TYR B 647 -15.54 -39.04 -27.82
C TYR B 647 -15.64 -37.56 -27.46
N GLU B 648 -16.54 -37.25 -26.55
CA GLU B 648 -16.69 -35.87 -26.11
C GLU B 648 -15.43 -35.51 -25.33
N CYS B 649 -15.03 -34.25 -25.37
CA CYS B 649 -13.75 -33.86 -24.75
C CYS B 649 -13.80 -34.19 -23.29
N ASP B 650 -12.84 -34.98 -22.83
CA ASP B 650 -12.74 -35.21 -21.39
C ASP B 650 -11.77 -34.24 -20.70
N ILE B 651 -10.51 -34.24 -21.09
CA ILE B 651 -9.48 -33.41 -20.47
C ILE B 651 -8.85 -32.53 -21.55
N PRO B 652 -9.31 -31.29 -21.69
CA PRO B 652 -8.89 -30.46 -22.83
C PRO B 652 -7.39 -30.32 -22.97
N ILE B 653 -6.83 -30.85 -24.06
CA ILE B 653 -5.41 -30.70 -24.35
C ILE B 653 -5.14 -29.43 -25.14
N GLY B 654 -5.89 -29.21 -26.21
CA GLY B 654 -5.72 -28.03 -27.03
C GLY B 654 -5.62 -28.35 -28.51
N ALA B 655 -5.93 -27.35 -29.34
CA ALA B 655 -5.87 -27.48 -30.79
C ALA B 655 -6.76 -28.63 -31.29
N GLY B 656 -7.89 -28.84 -30.63
CA GLY B 656 -8.83 -29.85 -31.05
C GLY B 656 -8.57 -31.24 -30.53
N ILE B 657 -7.59 -31.41 -29.65
CA ILE B 657 -7.22 -32.71 -29.10
C ILE B 657 -7.43 -32.67 -27.60
N CYS B 658 -7.95 -33.76 -27.05
CA CYS B 658 -8.02 -33.94 -25.61
C CYS B 658 -7.98 -35.42 -25.26
N ALA B 659 -7.83 -35.71 -23.98
CA ALA B 659 -7.42 -37.03 -23.51
C ALA B 659 -8.35 -37.55 -22.43
N SER B 660 -8.38 -38.88 -22.29
CA SER B 660 -9.20 -39.54 -21.30
C SER B 660 -8.55 -40.85 -20.89
N TYR B 661 -8.93 -41.35 -19.72
CA TYR B 661 -8.40 -42.61 -19.18
C TYR B 661 -9.35 -43.74 -19.57
N GLN B 662 -9.08 -44.36 -20.71
CA GLN B 662 -9.92 -45.43 -21.25
C GLN B 662 -9.08 -46.69 -21.44
N THR B 663 -9.69 -47.69 -22.05
CA THR B 663 -9.00 -48.93 -22.36
C THR B 663 -8.49 -48.94 -23.79
N GLN B 677 -5.48 -50.62 -19.00
CA GLN B 677 -5.86 -49.22 -18.97
C GLN B 677 -4.69 -48.33 -19.38
N SER B 678 -4.99 -47.22 -20.05
CA SER B 678 -3.97 -46.28 -20.50
C SER B 678 -4.63 -44.93 -20.75
N ILE B 679 -3.81 -43.95 -21.07
CA ILE B 679 -4.28 -42.60 -21.42
C ILE B 679 -4.29 -42.49 -22.93
N ILE B 680 -5.43 -42.09 -23.49
CA ILE B 680 -5.60 -41.99 -24.93
C ILE B 680 -5.92 -40.55 -25.29
N ALA B 681 -5.44 -40.13 -26.46
CA ALA B 681 -5.67 -38.78 -26.98
C ALA B 681 -6.38 -38.89 -28.32
N TYR B 682 -7.38 -38.04 -28.52
CA TYR B 682 -8.23 -38.14 -29.70
C TYR B 682 -8.69 -36.75 -30.12
N THR B 683 -9.32 -36.69 -31.29
CA THR B 683 -9.94 -35.48 -31.79
C THR B 683 -11.38 -35.42 -31.30
N MET B 684 -11.74 -34.33 -30.64
CA MET B 684 -13.06 -34.22 -30.05
C MET B 684 -14.14 -34.17 -31.14
N SER B 685 -15.31 -34.69 -30.80
CA SER B 685 -16.43 -34.78 -31.73
C SER B 685 -17.37 -33.62 -31.50
N LEU B 686 -17.76 -32.95 -32.58
CA LEU B 686 -18.70 -31.83 -32.47
C LEU B 686 -20.11 -32.31 -32.21
N GLY B 687 -20.44 -33.52 -32.64
CA GLY B 687 -21.76 -34.07 -32.40
C GLY B 687 -22.10 -35.10 -33.46
N ALA B 688 -23.28 -35.67 -33.32
CA ALA B 688 -23.76 -36.66 -34.28
C ALA B 688 -24.04 -35.99 -35.61
N GLU B 689 -23.54 -36.60 -36.69
CA GLU B 689 -23.78 -36.09 -38.03
C GLU B 689 -25.24 -36.30 -38.40
N ASN B 690 -25.83 -35.30 -39.04
CA ASN B 690 -27.23 -35.37 -39.44
C ASN B 690 -27.42 -34.65 -40.76
N SER B 691 -28.40 -35.12 -41.54
CA SER B 691 -28.78 -34.50 -42.79
C SER B 691 -30.30 -34.50 -42.90
N VAL B 692 -30.86 -33.34 -43.17
CA VAL B 692 -32.31 -33.15 -43.28
C VAL B 692 -32.70 -33.18 -44.75
N ALA B 693 -33.71 -33.98 -45.08
CA ALA B 693 -34.13 -34.20 -46.46
C ALA B 693 -34.91 -33.00 -46.97
N TYR B 694 -34.18 -31.96 -47.36
CA TYR B 694 -34.79 -30.80 -48.00
C TYR B 694 -35.28 -31.18 -49.39
N SER B 695 -36.55 -30.86 -49.66
CA SER B 695 -37.07 -30.98 -51.01
C SER B 695 -37.95 -29.77 -51.31
N ASN B 696 -38.38 -29.69 -52.56
CA ASN B 696 -39.12 -28.52 -53.04
C ASN B 696 -40.52 -28.43 -52.47
N ASN B 697 -41.19 -29.57 -52.23
CA ASN B 697 -42.60 -29.56 -51.86
C ASN B 697 -42.89 -30.54 -50.74
N SER B 698 -42.05 -30.57 -49.72
CA SER B 698 -42.28 -31.44 -48.58
C SER B 698 -42.10 -30.67 -47.29
N ILE B 699 -42.95 -30.95 -46.30
CA ILE B 699 -42.93 -30.31 -45.00
C ILE B 699 -43.05 -31.38 -43.93
N ALA B 700 -42.57 -31.05 -42.74
CA ALA B 700 -42.69 -31.93 -41.57
C ALA B 700 -43.51 -31.23 -40.51
N ILE B 701 -44.61 -31.85 -40.11
CA ILE B 701 -45.52 -31.28 -39.11
C ILE B 701 -45.68 -32.32 -38.00
N PRO B 702 -45.44 -31.95 -36.75
CA PRO B 702 -45.49 -32.95 -35.67
C PRO B 702 -46.90 -33.46 -35.43
N THR B 703 -46.97 -34.70 -34.95
CA THR B 703 -48.23 -35.32 -34.57
C THR B 703 -48.35 -35.54 -33.07
N ASN B 704 -47.29 -35.30 -32.30
CA ASN B 704 -47.31 -35.45 -30.86
C ASN B 704 -46.37 -34.42 -30.27
N PHE B 705 -46.31 -34.38 -28.93
CA PHE B 705 -45.49 -33.39 -28.24
C PHE B 705 -45.06 -33.95 -26.90
N THR B 706 -44.05 -33.31 -26.31
CA THR B 706 -43.54 -33.69 -25.00
C THR B 706 -43.43 -32.44 -24.14
N ILE B 707 -43.90 -32.53 -22.90
CA ILE B 707 -43.79 -31.46 -21.93
C ILE B 707 -42.56 -31.77 -21.08
N SER B 708 -41.46 -31.09 -21.37
CA SER B 708 -40.18 -31.38 -20.74
C SER B 708 -39.87 -30.32 -19.70
N VAL B 709 -39.28 -30.76 -18.59
CA VAL B 709 -38.91 -29.88 -17.49
C VAL B 709 -37.41 -29.96 -17.29
N THR B 710 -36.76 -28.80 -17.32
CA THR B 710 -35.31 -28.72 -17.21
C THR B 710 -34.94 -27.85 -16.01
N THR B 711 -33.73 -28.04 -15.51
CA THR B 711 -33.22 -27.30 -14.37
C THR B 711 -32.21 -26.25 -14.83
N GLU B 712 -32.11 -25.18 -14.06
CA GLU B 712 -31.21 -24.08 -14.38
C GLU B 712 -30.79 -23.40 -13.08
N ILE B 713 -29.48 -23.30 -12.87
CA ILE B 713 -28.91 -22.82 -11.62
C ILE B 713 -28.18 -21.51 -11.89
N LEU B 714 -28.47 -20.50 -11.06
CA LEU B 714 -27.85 -19.19 -11.19
C LEU B 714 -27.48 -18.64 -9.82
N PRO B 715 -26.22 -18.30 -9.58
CA PRO B 715 -25.85 -17.65 -8.32
C PRO B 715 -26.51 -16.28 -8.21
N VAL B 716 -26.86 -15.90 -6.99
CA VAL B 716 -27.56 -14.65 -6.75
C VAL B 716 -26.76 -13.76 -5.81
N SER B 717 -25.97 -14.37 -4.92
CA SER B 717 -25.26 -13.60 -3.92
C SER B 717 -24.02 -14.36 -3.48
N MET B 718 -23.10 -13.65 -2.82
CA MET B 718 -21.89 -14.24 -2.28
C MET B 718 -21.75 -13.81 -0.82
N THR B 719 -20.74 -14.37 -0.15
CA THR B 719 -20.56 -14.13 1.26
C THR B 719 -20.13 -12.68 1.51
N LYS B 720 -20.67 -12.10 2.58
CA LYS B 720 -20.30 -10.75 2.98
C LYS B 720 -19.21 -10.85 4.04
N THR B 721 -18.09 -10.19 3.80
CA THR B 721 -16.93 -10.28 4.67
C THR B 721 -16.48 -8.89 5.11
N SER B 722 -15.82 -8.85 6.26
CA SER B 722 -15.22 -7.63 6.77
C SER B 722 -13.84 -7.95 7.30
N VAL B 723 -12.96 -6.95 7.27
CA VAL B 723 -11.55 -7.14 7.63
C VAL B 723 -11.15 -6.05 8.62
N ASP B 724 -10.48 -6.46 9.69
CA ASP B 724 -9.90 -5.53 10.66
C ASP B 724 -8.41 -5.40 10.37
N CYS B 725 -8.01 -4.22 9.86
CA CYS B 725 -6.62 -4.00 9.51
C CYS B 725 -5.69 -4.21 10.69
N THR B 726 -6.02 -3.60 11.83
CA THR B 726 -5.10 -3.64 12.96
C THR B 726 -4.87 -5.06 13.43
N MET B 727 -5.93 -5.86 13.52
CA MET B 727 -5.78 -7.24 13.97
C MET B 727 -5.08 -8.10 12.92
N TYR B 728 -5.35 -7.87 11.63
CA TYR B 728 -4.69 -8.67 10.61
C TYR B 728 -3.21 -8.36 10.50
N ILE B 729 -2.84 -7.08 10.53
CA ILE B 729 -1.47 -6.68 10.26
C ILE B 729 -0.62 -6.73 11.52
N CYS B 730 -1.14 -6.25 12.64
CA CYS B 730 -0.36 -6.10 13.87
C CYS B 730 -0.77 -7.06 14.97
N GLY B 731 -2.06 -7.31 15.12
CA GLY B 731 -2.52 -8.13 16.23
C GLY B 731 -2.65 -7.29 17.48
N ASP B 732 -2.02 -7.74 18.56
CA ASP B 732 -2.03 -7.03 19.83
C ASP B 732 -0.75 -6.23 20.07
N SER B 733 0.05 -5.98 19.02
CA SER B 733 1.29 -5.24 19.17
C SER B 733 1.00 -3.75 19.15
N THR B 734 1.21 -3.08 20.28
CA THR B 734 0.97 -1.65 20.38
C THR B 734 1.93 -0.86 19.50
N GLU B 735 3.19 -1.31 19.41
CA GLU B 735 4.15 -0.64 18.55
C GLU B 735 3.71 -0.67 17.10
N CYS B 736 3.29 -1.84 16.63
CA CYS B 736 2.82 -1.95 15.25
C CYS B 736 1.55 -1.15 15.04
N SER B 737 0.64 -1.14 16.02
CA SER B 737 -0.58 -0.35 15.89
C SER B 737 -0.27 1.13 15.79
N ASN B 738 0.73 1.60 16.55
CA ASN B 738 1.15 2.99 16.45
C ASN B 738 1.77 3.28 15.09
N LEU B 739 2.58 2.35 14.57
CA LEU B 739 3.21 2.56 13.27
C LEU B 739 2.23 2.49 12.11
N LEU B 740 1.11 1.80 12.27
CA LEU B 740 0.12 1.64 11.21
C LEU B 740 -0.72 2.90 10.98
N LEU B 741 -0.64 3.88 11.87
CA LEU B 741 -1.49 5.07 11.77
C LEU B 741 -1.18 5.92 10.55
N GLN B 742 -0.23 5.53 9.72
CA GLN B 742 0.09 6.23 8.48
C GLN B 742 -0.61 5.65 7.27
N TYR B 743 -1.50 4.65 7.45
CA TYR B 743 -2.20 4.04 6.33
C TYR B 743 -3.71 3.96 6.62
N GLY B 744 -4.21 4.96 7.34
CA GLY B 744 -5.62 4.97 7.69
C GLY B 744 -6.49 5.14 6.46
N SER B 745 -6.04 5.93 5.48
CA SER B 745 -6.83 6.12 4.29
C SER B 745 -6.97 4.79 3.55
N PHE B 746 -5.89 4.01 3.50
CA PHE B 746 -5.94 2.71 2.84
C PHE B 746 -6.96 1.79 3.52
N CYS B 747 -6.93 1.76 4.85
CA CYS B 747 -7.87 0.87 5.55
C CYS B 747 -9.32 1.35 5.44
N THR B 748 -9.53 2.66 5.50
CA THR B 748 -10.87 3.19 5.26
C THR B 748 -11.36 2.83 3.88
N GLN B 749 -10.49 2.91 2.86
CA GLN B 749 -10.88 2.55 1.51
C GLN B 749 -11.28 1.08 1.42
N LEU B 750 -10.46 0.20 2.00
CA LEU B 750 -10.75 -1.23 1.92
C LEU B 750 -12.08 -1.55 2.60
N ASN B 751 -12.28 -1.01 3.79
CA ASN B 751 -13.53 -1.30 4.51
C ASN B 751 -14.74 -0.70 3.80
N ARG B 752 -14.58 0.48 3.19
CA ARG B 752 -15.69 1.06 2.45
C ARG B 752 -16.08 0.20 1.26
N ALA B 753 -15.08 -0.32 0.52
CA ALA B 753 -15.38 -1.20 -0.60
C ALA B 753 -16.07 -2.47 -0.13
N LEU B 754 -15.59 -3.05 0.98
CA LEU B 754 -16.19 -4.28 1.48
C LEU B 754 -17.63 -4.05 1.95
N THR B 755 -17.89 -2.92 2.59
CA THR B 755 -19.27 -2.61 2.99
C THR B 755 -20.16 -2.38 1.77
N GLY B 756 -19.62 -1.77 0.71
CA GLY B 756 -20.38 -1.65 -0.52
C GLY B 756 -20.77 -3.00 -1.08
N ILE B 757 -19.83 -3.94 -1.10
CA ILE B 757 -20.13 -5.29 -1.54
C ILE B 757 -21.19 -5.93 -0.66
N ALA B 758 -21.08 -5.74 0.66
CA ALA B 758 -22.00 -6.35 1.61
C ALA B 758 -23.43 -5.88 1.38
N VAL B 759 -23.62 -4.56 1.22
CA VAL B 759 -24.98 -4.08 0.96
C VAL B 759 -25.55 -4.46 -0.40
N GLU B 760 -24.68 -4.58 -1.40
CA GLU B 760 -25.14 -4.98 -2.77
C GLU B 760 -25.66 -6.42 -2.78
N GLN B 761 -25.04 -7.29 -1.97
CA GLN B 761 -25.45 -8.70 -1.96
C GLN B 761 -26.89 -8.73 -1.46
N ASP B 762 -27.19 -8.01 -0.40
CA ASP B 762 -28.56 -7.93 0.09
C ASP B 762 -29.46 -7.28 -0.96
N LYS B 763 -28.95 -6.27 -1.67
CA LYS B 763 -29.73 -5.65 -2.73
C LYS B 763 -30.04 -6.66 -3.85
N ASN B 764 -29.06 -7.49 -4.20
CA ASN B 764 -29.27 -8.51 -5.22
C ASN B 764 -30.35 -9.49 -4.80
N THR B 765 -30.29 -9.96 -3.55
CA THR B 765 -31.32 -10.87 -3.06
C THR B 765 -32.69 -10.21 -3.09
N GLN B 766 -32.76 -8.94 -2.69
CA GLN B 766 -34.03 -8.23 -2.71
C GLN B 766 -34.58 -8.11 -4.12
N GLU B 767 -33.74 -7.76 -5.10
CA GLU B 767 -34.23 -7.66 -6.47
C GLU B 767 -34.71 -9.02 -6.99
N VAL B 768 -33.99 -10.09 -6.69
CA VAL B 768 -34.36 -11.39 -7.26
C VAL B 768 -35.64 -11.91 -6.64
N PHE B 769 -35.79 -11.82 -5.32
CA PHE B 769 -36.87 -12.53 -4.65
C PHE B 769 -38.03 -11.65 -4.20
N ALA B 770 -37.85 -10.34 -4.09
CA ALA B 770 -38.87 -9.44 -3.55
C ALA B 770 -39.62 -8.71 -4.65
N GLN B 771 -39.90 -9.40 -5.77
CA GLN B 771 -40.60 -8.76 -6.87
C GLN B 771 -41.99 -8.30 -6.44
N VAL B 772 -42.70 -9.14 -5.69
CA VAL B 772 -44.04 -8.84 -5.22
C VAL B 772 -43.99 -8.66 -3.71
N LYS B 773 -44.95 -7.89 -3.18
CA LYS B 773 -45.03 -7.60 -1.76
C LYS B 773 -46.34 -8.08 -1.16
N GLN B 774 -46.96 -9.09 -1.76
CA GLN B 774 -48.16 -9.71 -1.22
C GLN B 774 -47.92 -11.21 -1.14
N ILE B 775 -48.03 -11.75 0.07
CA ILE B 775 -47.70 -13.16 0.32
C ILE B 775 -48.97 -13.97 0.08
N TYR B 776 -49.13 -14.43 -1.16
CA TYR B 776 -50.28 -15.25 -1.53
C TYR B 776 -50.14 -16.64 -0.92
N LYS B 777 -51.26 -17.23 -0.53
CA LYS B 777 -51.27 -18.55 0.07
C LYS B 777 -52.07 -19.53 -0.79
N THR B 778 -51.65 -20.79 -0.74
CA THR B 778 -52.29 -21.89 -1.47
C THR B 778 -53.53 -22.38 -0.73
N PRO B 779 -54.67 -22.44 -1.39
CA PRO B 779 -55.89 -22.91 -0.71
C PRO B 779 -55.82 -24.40 -0.44
N PRO B 780 -56.59 -24.90 0.54
CA PRO B 780 -56.60 -26.34 0.81
C PRO B 780 -57.27 -27.20 -0.26
N ILE B 781 -57.89 -26.59 -1.27
CA ILE B 781 -58.51 -27.35 -2.36
C ILE B 781 -57.43 -27.65 -3.39
N LYS B 782 -56.79 -28.81 -3.24
CA LYS B 782 -55.72 -29.22 -4.14
C LYS B 782 -56.29 -29.93 -5.38
N ASP B 783 -57.23 -29.27 -6.06
CA ASP B 783 -57.85 -29.78 -7.27
C ASP B 783 -57.39 -28.90 -8.42
N PHE B 784 -56.26 -29.26 -9.03
CA PHE B 784 -55.68 -28.51 -10.14
C PHE B 784 -55.92 -29.21 -11.48
N GLY B 785 -56.97 -30.01 -11.59
CA GLY B 785 -57.25 -30.70 -12.83
C GLY B 785 -56.32 -31.84 -13.15
N GLY B 786 -55.64 -32.38 -12.15
CA GLY B 786 -54.73 -33.50 -12.34
C GLY B 786 -53.27 -33.17 -12.17
N PHE B 787 -52.92 -31.90 -12.02
CA PHE B 787 -51.52 -31.53 -11.84
C PHE B 787 -51.10 -31.70 -10.39
N ASN B 788 -49.93 -32.29 -10.18
CA ASN B 788 -49.33 -32.45 -8.87
C ASN B 788 -48.26 -31.38 -8.66
N PHE B 789 -48.46 -30.54 -7.65
CA PHE B 789 -47.47 -29.55 -7.26
C PHE B 789 -46.88 -29.86 -5.89
N SER B 790 -47.08 -31.07 -5.39
CA SER B 790 -46.68 -31.40 -4.03
C SER B 790 -45.17 -31.39 -3.84
N GLN B 791 -44.41 -31.52 -4.92
CA GLN B 791 -42.97 -31.59 -4.82
C GLN B 791 -42.30 -30.23 -4.92
N ILE B 792 -43.05 -29.18 -5.25
CA ILE B 792 -42.50 -27.83 -5.29
C ILE B 792 -43.19 -26.89 -4.33
N LEU B 793 -44.29 -27.29 -3.69
CA LEU B 793 -45.00 -26.51 -2.71
C LEU B 793 -44.49 -26.83 -1.30
N PRO B 794 -44.64 -25.88 -0.37
CA PRO B 794 -44.13 -26.12 0.98
C PRO B 794 -44.77 -27.32 1.65
N ASP B 795 -43.98 -28.01 2.47
CA ASP B 795 -44.43 -29.18 3.22
C ASP B 795 -44.63 -28.79 4.68
N PRO B 796 -45.85 -28.87 5.22
CA PRO B 796 -46.07 -28.43 6.60
C PRO B 796 -45.50 -29.37 7.65
N SER B 797 -45.01 -30.55 7.27
CA SER B 797 -44.50 -31.53 8.22
C SER B 797 -43.05 -31.31 8.59
N LYS B 798 -42.40 -30.29 8.04
CA LYS B 798 -41.02 -29.98 8.35
C LYS B 798 -40.94 -28.84 9.35
N PRO B 799 -39.84 -28.74 10.11
CA PRO B 799 -39.70 -27.58 11.01
C PRO B 799 -39.74 -26.25 10.28
N SER B 800 -39.13 -26.17 9.10
CA SER B 800 -39.29 -25.02 8.22
C SER B 800 -40.45 -25.29 7.27
N LYS B 801 -40.64 -24.41 6.30
CA LYS B 801 -41.70 -24.55 5.30
C LYS B 801 -41.10 -24.73 3.91
N ARG B 802 -40.06 -25.54 3.81
CA ARG B 802 -39.41 -25.81 2.54
C ARG B 802 -40.07 -26.99 1.83
N SER B 803 -40.06 -26.93 0.50
CA SER B 803 -40.60 -28.02 -0.29
C SER B 803 -39.65 -29.23 -0.30
N PRO B 804 -40.11 -30.41 -0.81
CA PRO B 804 -39.22 -31.56 -0.92
C PRO B 804 -38.02 -31.14 -1.76
N ILE B 805 -38.28 -30.66 -2.98
CA ILE B 805 -37.15 -30.30 -3.85
C ILE B 805 -36.25 -29.25 -3.22
N GLU B 806 -36.82 -28.28 -2.51
CA GLU B 806 -36.00 -27.27 -1.85
C GLU B 806 -35.11 -27.89 -0.77
N ASP B 807 -35.64 -28.85 -0.01
CA ASP B 807 -34.83 -29.51 1.00
C ASP B 807 -33.71 -30.31 0.35
N LEU B 808 -34.01 -31.00 -0.76
CA LEU B 808 -32.98 -31.74 -1.48
C LEU B 808 -31.90 -30.79 -2.00
N LEU B 809 -32.32 -29.62 -2.50
CA LEU B 809 -31.38 -28.61 -2.96
C LEU B 809 -30.50 -28.12 -1.82
N PHE B 810 -31.12 -27.88 -0.64
CA PHE B 810 -30.38 -27.36 0.50
C PHE B 810 -29.39 -28.38 1.05
N ASN B 811 -29.68 -29.66 0.91
CA ASN B 811 -28.80 -30.69 1.44
C ASN B 811 -27.62 -31.01 0.52
N LYS B 812 -27.54 -30.39 -0.66
CA LYS B 812 -26.48 -30.69 -1.61
C LYS B 812 -25.46 -29.57 -1.74
N VAL B 813 -25.57 -28.52 -0.92
CA VAL B 813 -24.57 -27.46 -0.86
C VAL B 813 -24.04 -27.41 0.56
N THR B 814 -22.75 -27.65 0.73
CA THR B 814 -22.11 -27.67 2.04
C THR B 814 -21.47 -26.31 2.30
N LEU B 815 -22.06 -25.54 3.20
CA LEU B 815 -21.51 -24.25 3.58
C LEU B 815 -20.37 -24.45 4.58
N ALA B 816 -19.78 -23.34 5.01
CA ALA B 816 -18.69 -23.38 5.98
C ALA B 816 -19.08 -22.84 7.36
N ASP B 817 -20.26 -22.24 7.49
CA ASP B 817 -20.71 -21.65 8.75
C ASP B 817 -22.09 -22.20 9.08
N ALA B 818 -22.14 -23.18 9.98
CA ALA B 818 -23.41 -23.69 10.50
C ALA B 818 -23.87 -22.74 11.60
N GLY B 819 -24.47 -21.63 11.18
CA GLY B 819 -24.77 -20.53 12.06
C GLY B 819 -23.73 -19.43 11.95
N PHE B 820 -23.97 -18.35 12.69
CA PHE B 820 -23.09 -17.19 12.65
C PHE B 820 -22.72 -16.70 14.04
N ILE B 821 -22.81 -17.56 15.05
CA ILE B 821 -22.44 -17.23 16.42
C ILE B 821 -21.41 -18.27 16.85
N LYS B 822 -20.13 -17.91 16.74
CA LYS B 822 -19.03 -18.77 17.19
C LYS B 822 -18.36 -18.07 18.37
N GLN B 823 -18.60 -18.58 19.57
CA GLN B 823 -18.16 -17.92 20.78
C GLN B 823 -16.64 -18.03 20.94
N TYR B 824 -16.09 -17.13 21.75
CA TYR B 824 -14.67 -17.17 22.07
C TYR B 824 -14.30 -18.43 22.85
N GLY B 825 -15.14 -18.82 23.80
CA GLY B 825 -14.87 -20.01 24.58
C GLY B 825 -15.04 -21.31 23.81
N ASP B 826 -15.72 -21.26 22.67
CA ASP B 826 -15.90 -22.48 21.88
C ASP B 826 -14.58 -22.98 21.32
N CYS B 827 -13.72 -22.07 20.86
CA CYS B 827 -12.38 -22.43 20.40
C CYS B 827 -11.36 -21.62 21.18
N LEU B 828 -10.94 -22.18 22.32
CA LEU B 828 -9.90 -21.59 23.17
C LEU B 828 -8.93 -22.70 23.54
N GLY B 829 -7.72 -22.65 22.99
CA GLY B 829 -6.73 -23.67 23.28
C GLY B 829 -6.21 -24.36 22.04
N ASP B 830 -6.29 -25.69 22.03
CA ASP B 830 -5.84 -26.46 20.88
C ASP B 830 -6.84 -26.47 19.73
N ILE B 831 -8.07 -26.03 19.97
CA ILE B 831 -9.06 -25.94 18.90
C ILE B 831 -8.66 -24.89 17.89
N ALA B 832 -8.04 -23.80 18.34
CA ALA B 832 -7.48 -22.81 17.43
C ALA B 832 -6.32 -23.41 16.64
N ALA B 833 -6.07 -22.84 15.47
CA ALA B 833 -5.10 -23.33 14.49
C ALA B 833 -5.48 -24.71 13.96
N ARG B 834 -6.65 -25.21 14.32
CA ARG B 834 -7.20 -26.44 13.77
C ARG B 834 -8.60 -26.26 13.19
N ASP B 835 -9.33 -25.24 13.61
CA ASP B 835 -10.61 -24.88 13.01
C ASP B 835 -10.39 -23.66 12.12
N LEU B 836 -10.72 -23.79 10.84
CA LEU B 836 -10.43 -22.73 9.88
C LEU B 836 -11.20 -21.45 10.21
N ILE B 837 -12.44 -21.58 10.66
CA ILE B 837 -13.24 -20.39 10.96
C ILE B 837 -12.63 -19.61 12.12
N CYS B 838 -12.21 -20.31 13.18
CA CYS B 838 -11.56 -19.62 14.29
C CYS B 838 -10.21 -19.04 13.88
N ALA B 839 -9.48 -19.74 13.01
CA ALA B 839 -8.23 -19.19 12.51
C ALA B 839 -8.45 -17.89 11.74
N GLN B 840 -9.50 -17.84 10.93
CA GLN B 840 -9.85 -16.61 10.23
C GLN B 840 -10.26 -15.52 11.21
N LYS B 841 -11.08 -15.86 12.20
CA LYS B 841 -11.60 -14.86 13.11
C LYS B 841 -10.52 -14.27 14.00
N PHE B 842 -9.54 -15.08 14.39
CA PHE B 842 -8.43 -14.56 15.21
C PHE B 842 -7.56 -13.59 14.44
N ASN B 843 -7.65 -13.56 13.12
CA ASN B 843 -6.90 -12.64 12.29
C ASN B 843 -7.74 -11.49 11.76
N GLY B 844 -8.97 -11.34 12.25
CA GLY B 844 -9.79 -10.20 11.88
C GLY B 844 -10.64 -10.36 10.65
N LEU B 845 -10.89 -11.58 10.18
CA LEU B 845 -11.73 -11.82 9.02
C LEU B 845 -13.07 -12.36 9.50
N THR B 846 -14.12 -11.57 9.31
CA THR B 846 -15.45 -11.90 9.79
C THR B 846 -16.39 -12.10 8.61
N VAL B 847 -17.35 -13.01 8.79
CA VAL B 847 -18.40 -13.26 7.81
C VAL B 847 -19.72 -12.80 8.41
N LEU B 848 -20.42 -11.91 7.71
CA LEU B 848 -21.65 -11.33 8.23
C LEU B 848 -22.86 -12.08 7.68
N PRO B 849 -23.92 -12.22 8.47
CA PRO B 849 -25.08 -12.98 8.04
C PRO B 849 -25.92 -12.19 7.05
N PRO B 850 -26.65 -12.86 6.17
CA PRO B 850 -27.55 -12.15 5.25
C PRO B 850 -28.74 -11.56 5.98
N LEU B 851 -29.27 -10.48 5.43
CA LEU B 851 -30.44 -9.85 6.04
C LEU B 851 -31.69 -10.71 5.87
N LEU B 852 -31.89 -11.26 4.67
CA LEU B 852 -33.04 -12.11 4.41
C LEU B 852 -32.65 -13.56 4.70
N THR B 853 -33.30 -14.15 5.69
CA THR B 853 -32.97 -15.50 6.10
C THR B 853 -33.57 -16.53 5.16
N ASP B 854 -33.18 -17.79 5.37
CA ASP B 854 -33.61 -18.87 4.49
C ASP B 854 -35.12 -19.10 4.55
N GLU B 855 -35.71 -19.03 5.76
CA GLU B 855 -37.15 -19.16 5.86
C GLU B 855 -37.87 -18.01 5.16
N MET B 856 -37.33 -16.80 5.25
CA MET B 856 -37.94 -15.68 4.55
C MET B 856 -37.86 -15.84 3.04
N ILE B 857 -36.72 -16.31 2.53
CA ILE B 857 -36.60 -16.55 1.10
C ILE B 857 -37.57 -17.65 0.66
N ALA B 858 -37.72 -18.69 1.49
CA ALA B 858 -38.68 -19.74 1.18
C ALA B 858 -40.10 -19.20 1.18
N GLN B 859 -40.41 -18.28 2.09
CA GLN B 859 -41.73 -17.65 2.10
C GLN B 859 -41.96 -16.85 0.83
N TYR B 860 -40.96 -16.11 0.38
CA TYR B 860 -41.07 -15.37 -0.88
C TYR B 860 -41.31 -16.32 -2.05
N THR B 861 -40.55 -17.42 -2.08
CA THR B 861 -40.71 -18.40 -3.16
C THR B 861 -42.10 -19.03 -3.14
N SER B 862 -42.59 -19.37 -1.94
CA SER B 862 -43.93 -19.94 -1.84
C SER B 862 -45.00 -18.95 -2.27
N ALA B 863 -44.81 -17.66 -1.93
CA ALA B 863 -45.76 -16.65 -2.39
C ALA B 863 -45.76 -16.55 -3.90
N LEU B 864 -44.58 -16.56 -4.52
CA LEU B 864 -44.52 -16.51 -5.98
C LEU B 864 -45.21 -17.71 -6.61
N LEU B 865 -44.95 -18.91 -6.06
CA LEU B 865 -45.55 -20.12 -6.61
C LEU B 865 -47.06 -20.10 -6.46
N ALA B 866 -47.55 -19.71 -5.28
CA ALA B 866 -49.00 -19.66 -5.06
C ALA B 866 -49.66 -18.66 -5.99
N GLY B 867 -49.06 -17.48 -6.12
CA GLY B 867 -49.61 -16.49 -7.03
C GLY B 867 -49.65 -16.98 -8.45
N THR B 868 -48.58 -17.63 -8.92
CA THR B 868 -48.57 -18.07 -10.31
C THR B 868 -49.57 -19.19 -10.55
N ILE B 869 -49.70 -20.14 -9.62
CA ILE B 869 -50.64 -21.24 -9.88
C ILE B 869 -52.09 -20.81 -9.67
N THR B 870 -52.35 -19.74 -8.94
CA THR B 870 -53.72 -19.31 -8.71
C THR B 870 -54.15 -18.15 -9.60
N SER B 871 -53.23 -17.45 -10.26
CA SER B 871 -53.64 -16.32 -11.08
C SER B 871 -52.89 -16.22 -12.41
N GLY B 872 -52.07 -17.20 -12.77
CA GLY B 872 -51.35 -17.09 -14.03
C GLY B 872 -50.28 -16.03 -13.94
N TRP B 873 -50.26 -15.12 -14.91
CA TRP B 873 -49.30 -14.02 -14.95
C TRP B 873 -49.93 -12.69 -14.56
N THR B 874 -51.17 -12.71 -14.08
CA THR B 874 -51.86 -11.47 -13.75
C THR B 874 -51.36 -10.83 -12.48
N PHE B 875 -50.67 -11.59 -11.63
CA PHE B 875 -50.19 -11.04 -10.37
C PHE B 875 -48.92 -10.21 -10.50
N GLY B 876 -48.30 -10.20 -11.68
CA GLY B 876 -47.14 -9.37 -11.90
C GLY B 876 -47.41 -8.05 -12.57
N ALA B 877 -48.65 -7.85 -13.06
CA ALA B 877 -48.98 -6.65 -13.81
C ALA B 877 -50.08 -5.82 -13.16
N GLY B 878 -50.61 -6.24 -12.02
CA GLY B 878 -51.63 -5.46 -11.34
C GLY B 878 -52.30 -6.23 -10.24
N PRO B 879 -53.67 -6.17 -10.18
CA PRO B 879 -54.42 -6.88 -9.15
C PRO B 879 -54.49 -8.35 -9.56
N ALA B 880 -54.24 -9.23 -8.60
CA ALA B 880 -54.26 -10.66 -8.89
C ALA B 880 -55.66 -11.16 -9.22
N LEU B 881 -55.81 -11.70 -10.43
CA LEU B 881 -57.10 -12.18 -10.91
C LEU B 881 -57.06 -13.70 -10.97
N GLN B 882 -57.94 -14.34 -10.21
CA GLN B 882 -57.95 -15.79 -10.14
C GLN B 882 -58.39 -16.39 -11.47
N ILE B 883 -57.84 -17.56 -11.77
CA ILE B 883 -58.13 -18.29 -13.01
C ILE B 883 -57.78 -19.76 -12.80
N PRO B 884 -58.60 -20.69 -13.29
CA PRO B 884 -58.28 -22.11 -13.10
C PRO B 884 -56.98 -22.48 -13.80
N PHE B 885 -56.29 -23.47 -13.24
CA PHE B 885 -54.97 -23.83 -13.75
C PHE B 885 -55.06 -24.44 -15.15
N PRO B 886 -56.05 -25.31 -15.46
CA PRO B 886 -56.21 -25.80 -16.83
C PRO B 886 -56.37 -24.60 -17.77
N MET B 887 -57.17 -23.60 -17.34
CA MET B 887 -57.40 -22.46 -18.21
C MET B 887 -56.13 -21.66 -18.45
N GLN B 888 -55.30 -21.51 -17.42
CA GLN B 888 -54.00 -20.86 -17.60
C GLN B 888 -53.11 -21.67 -18.53
N MET B 889 -53.17 -23.00 -18.42
CA MET B 889 -52.43 -23.85 -19.34
C MET B 889 -52.90 -23.66 -20.77
N ALA B 890 -54.21 -23.54 -20.97
CA ALA B 890 -54.73 -23.28 -22.31
C ALA B 890 -54.24 -21.94 -22.84
N TYR B 891 -54.22 -20.92 -21.99
CA TYR B 891 -53.70 -19.61 -22.39
C TYR B 891 -52.25 -19.71 -22.81
N ARG B 892 -51.44 -20.41 -22.01
CA ARG B 892 -50.01 -20.53 -22.33
C ARG B 892 -49.77 -21.37 -23.57
N PHE B 893 -50.61 -22.38 -23.82
CA PHE B 893 -50.55 -23.11 -25.09
C PHE B 893 -50.87 -22.18 -26.25
N ASN B 894 -51.86 -21.31 -26.08
CA ASN B 894 -52.16 -20.32 -27.11
C ASN B 894 -51.00 -19.37 -27.32
N GLY B 895 -50.19 -19.14 -26.28
CA GLY B 895 -49.06 -18.25 -26.39
C GLY B 895 -47.97 -18.73 -27.34
N ILE B 896 -47.92 -20.02 -27.63
CA ILE B 896 -46.89 -20.58 -28.50
C ILE B 896 -47.46 -21.04 -29.84
N GLY B 897 -48.69 -20.64 -30.16
CA GLY B 897 -49.27 -20.98 -31.44
C GLY B 897 -50.00 -22.30 -31.50
N VAL B 898 -50.42 -22.84 -30.36
CA VAL B 898 -51.18 -24.09 -30.30
C VAL B 898 -52.54 -23.78 -29.71
N THR B 899 -53.60 -24.20 -30.41
CA THR B 899 -54.94 -23.85 -30.00
C THR B 899 -55.33 -24.53 -28.69
N GLN B 900 -56.37 -24.00 -28.06
CA GLN B 900 -56.78 -24.46 -26.74
C GLN B 900 -57.29 -25.91 -26.77
N ASN B 901 -57.84 -26.33 -27.90
CA ASN B 901 -58.45 -27.66 -27.95
C ASN B 901 -57.44 -28.76 -27.74
N VAL B 902 -56.17 -28.53 -28.07
CA VAL B 902 -55.15 -29.55 -27.84
C VAL B 902 -55.07 -29.90 -26.37
N LEU B 903 -54.95 -28.87 -25.51
CA LEU B 903 -54.95 -29.12 -24.08
C LEU B 903 -56.30 -29.65 -23.59
N TYR B 904 -57.39 -29.04 -24.05
CA TYR B 904 -58.69 -29.46 -23.52
C TYR B 904 -59.05 -30.88 -23.93
N GLU B 905 -58.36 -31.45 -24.93
CA GLU B 905 -58.58 -32.82 -25.32
C GLU B 905 -57.52 -33.79 -24.80
N ASN B 906 -56.32 -33.29 -24.47
CA ASN B 906 -55.27 -34.15 -23.93
C ASN B 906 -54.88 -33.74 -22.52
N GLN B 907 -55.84 -33.21 -21.75
CA GLN B 907 -55.57 -32.78 -20.38
C GLN B 907 -54.98 -33.90 -19.53
N LYS B 908 -55.58 -35.09 -19.57
CA LYS B 908 -55.09 -36.18 -18.72
C LYS B 908 -53.67 -36.57 -19.10
N LEU B 909 -53.40 -36.73 -20.39
CA LEU B 909 -52.07 -37.11 -20.84
C LEU B 909 -51.04 -36.04 -20.49
N ILE B 910 -51.40 -34.77 -20.66
CA ILE B 910 -50.47 -33.68 -20.36
C ILE B 910 -50.20 -33.60 -18.87
N ALA B 911 -51.23 -33.79 -18.04
CA ALA B 911 -51.03 -33.78 -16.60
C ALA B 911 -50.13 -34.93 -16.17
N ASN B 912 -50.34 -36.12 -16.73
CA ASN B 912 -49.48 -37.26 -16.41
C ASN B 912 -48.05 -36.99 -16.84
N GLN B 913 -47.87 -36.39 -18.01
CA GLN B 913 -46.52 -36.05 -18.48
C GLN B 913 -45.85 -35.04 -17.54
N PHE B 914 -46.62 -34.05 -17.08
CA PHE B 914 -46.05 -33.05 -16.17
C PHE B 914 -45.63 -33.68 -14.85
N ASN B 915 -46.48 -34.54 -14.29
CA ASN B 915 -46.13 -35.22 -13.05
C ASN B 915 -44.91 -36.12 -13.24
N SER B 916 -44.83 -36.82 -14.37
CA SER B 916 -43.68 -37.66 -14.64
C SER B 916 -42.41 -36.83 -14.78
N ALA B 917 -42.51 -35.66 -15.41
CA ALA B 917 -41.35 -34.78 -15.53
C ALA B 917 -40.89 -34.28 -14.17
N ILE B 918 -41.84 -33.94 -13.30
CA ILE B 918 -41.48 -33.51 -11.95
C ILE B 918 -40.77 -34.64 -11.20
N GLY B 919 -41.28 -35.86 -11.32
CA GLY B 919 -40.61 -37.00 -10.71
C GLY B 919 -39.22 -37.22 -11.28
N LYS B 920 -39.07 -37.09 -12.59
CA LYS B 920 -37.75 -37.26 -13.20
C LYS B 920 -36.77 -36.23 -12.68
N ILE B 921 -37.20 -34.98 -12.54
CA ILE B 921 -36.28 -33.95 -12.06
C ILE B 921 -35.95 -34.19 -10.59
N GLN B 922 -36.92 -34.65 -9.80
CA GLN B 922 -36.62 -34.94 -8.39
C GLN B 922 -35.60 -36.06 -8.27
N ASP B 923 -35.72 -37.09 -9.10
CA ASP B 923 -34.77 -38.20 -9.05
C ASP B 923 -33.39 -37.78 -9.55
N SER B 924 -33.33 -37.00 -10.63
CA SER B 924 -32.04 -36.57 -11.15
C SER B 924 -31.37 -35.56 -10.24
N LEU B 925 -32.13 -34.91 -9.36
CA LEU B 925 -31.55 -34.02 -8.37
C LEU B 925 -31.07 -34.81 -7.17
N SER B 926 -31.85 -35.79 -6.72
CA SER B 926 -31.40 -36.64 -5.62
C SER B 926 -30.12 -37.36 -5.99
N SER B 927 -30.08 -37.97 -7.18
CA SER B 927 -28.92 -38.73 -7.61
C SER B 927 -27.77 -37.80 -7.96
N THR B 928 -27.92 -37.00 -9.01
CA THR B 928 -26.86 -36.08 -9.39
C THR B 928 -27.41 -34.69 -9.67
N ALA B 931 -25.35 -31.48 -11.01
CA ALA B 931 -24.86 -31.07 -9.71
C ALA B 931 -24.95 -29.56 -9.54
N LEU B 932 -24.73 -29.09 -8.32
CA LEU B 932 -24.77 -27.66 -8.01
C LEU B 932 -23.37 -27.06 -8.05
N GLY B 933 -22.69 -27.25 -9.18
CA GLY B 933 -21.32 -26.78 -9.30
C GLY B 933 -21.21 -25.27 -9.27
N LYS B 934 -22.10 -24.58 -9.98
CA LYS B 934 -22.03 -23.12 -10.05
C LYS B 934 -22.27 -22.49 -8.68
N LEU B 935 -23.17 -23.05 -7.88
CA LEU B 935 -23.42 -22.51 -6.56
C LEU B 935 -22.35 -22.90 -5.56
N GLN B 936 -21.81 -24.12 -5.67
CA GLN B 936 -20.74 -24.53 -4.76
C GLN B 936 -19.44 -23.80 -5.04
N ASP B 937 -19.23 -23.39 -6.30
CA ASP B 937 -18.00 -22.70 -6.65
C ASP B 937 -17.88 -21.36 -5.92
N VAL B 938 -18.99 -20.66 -5.72
CA VAL B 938 -18.94 -19.38 -5.02
C VAL B 938 -18.48 -19.58 -3.57
N VAL B 939 -19.07 -20.56 -2.89
CA VAL B 939 -18.70 -20.83 -1.50
C VAL B 939 -17.24 -21.27 -1.42
N ASN B 940 -16.83 -22.18 -2.32
CA ASN B 940 -15.45 -22.64 -2.33
C ASN B 940 -14.49 -21.49 -2.59
N GLN B 941 -14.82 -20.61 -3.52
CA GLN B 941 -13.94 -19.49 -3.85
C GLN B 941 -13.80 -18.53 -2.69
N ASN B 942 -14.92 -18.20 -2.02
CA ASN B 942 -14.83 -17.30 -0.87
C ASN B 942 -14.01 -17.91 0.26
N ALA B 943 -14.29 -19.18 0.59
CA ALA B 943 -13.54 -19.84 1.66
C ALA B 943 -12.06 -19.94 1.32
N GLN B 944 -11.75 -20.27 0.07
CA GLN B 944 -10.36 -20.40 -0.35
C GLN B 944 -9.65 -19.05 -0.33
N ALA B 945 -10.33 -17.98 -0.74
CA ALA B 945 -9.72 -16.66 -0.67
C ALA B 945 -9.40 -16.27 0.77
N LEU B 946 -10.35 -16.50 1.68
CA LEU B 946 -10.09 -16.18 3.09
C LEU B 946 -8.94 -17.03 3.64
N ASN B 947 -8.91 -18.32 3.30
CA ASN B 947 -7.84 -19.19 3.79
C ASN B 947 -6.49 -18.77 3.23
N THR B 948 -6.45 -18.37 1.96
CA THR B 948 -5.21 -17.88 1.37
C THR B 948 -4.75 -16.60 2.07
N LEU B 949 -5.68 -15.70 2.36
CA LEU B 949 -5.32 -14.48 3.07
C LEU B 949 -4.76 -14.78 4.45
N VAL B 950 -5.34 -15.76 5.13
CA VAL B 950 -4.81 -16.18 6.43
C VAL B 950 -3.41 -16.78 6.27
N LYS B 951 -3.23 -17.62 5.25
CA LYS B 951 -1.96 -18.31 5.06
C LYS B 951 -0.84 -17.37 4.64
N GLN B 952 -1.18 -16.27 3.99
CA GLN B 952 -0.16 -15.34 3.51
C GLN B 952 0.48 -14.53 4.61
N LEU B 953 0.24 -14.82 5.89
CA LEU B 953 0.90 -14.14 6.99
C LEU B 953 2.27 -14.75 7.32
N SER B 954 2.67 -15.80 6.61
CA SER B 954 3.93 -16.47 6.84
C SER B 954 5.03 -16.00 5.90
N SER B 955 4.80 -14.92 5.17
CA SER B 955 5.77 -14.38 4.22
C SER B 955 6.62 -13.32 4.89
N ASN B 956 7.93 -13.41 4.70
CA ASN B 956 8.84 -12.45 5.32
C ASN B 956 8.73 -11.07 4.68
N PHE B 957 8.37 -11.01 3.40
CA PHE B 957 8.29 -9.75 2.66
C PHE B 957 9.61 -8.99 2.71
N GLY B 958 10.72 -9.74 2.67
CA GLY B 958 12.04 -9.13 2.72
C GLY B 958 12.58 -8.87 4.10
N ALA B 959 11.83 -9.18 5.15
CA ALA B 959 12.28 -8.94 6.51
C ALA B 959 13.08 -10.14 7.01
N ILE B 960 13.49 -10.08 8.27
CA ILE B 960 14.28 -11.16 8.85
C ILE B 960 13.41 -12.25 9.47
N SER B 961 12.14 -11.97 9.71
CA SER B 961 11.22 -12.97 10.24
C SER B 961 9.80 -12.56 9.89
N SER B 962 8.89 -13.53 9.95
CA SER B 962 7.49 -13.29 9.69
C SER B 962 6.66 -13.16 10.96
N VAL B 963 7.30 -13.01 12.11
CA VAL B 963 6.61 -12.90 13.39
C VAL B 963 6.98 -11.56 14.01
N LEU B 964 5.97 -10.73 14.24
CA LEU B 964 6.21 -9.42 14.85
C LEU B 964 6.75 -9.55 16.26
N ASN B 965 6.35 -10.58 17.00
CA ASN B 965 6.91 -10.82 18.32
C ASN B 965 8.39 -11.15 18.24
N ASP B 966 8.79 -11.95 17.26
CA ASP B 966 10.20 -12.28 17.06
C ASP B 966 10.99 -11.11 16.53
N ILE B 967 10.34 -10.11 15.92
CA ILE B 967 11.06 -8.90 15.54
C ILE B 967 11.21 -7.96 16.74
N LEU B 968 10.11 -7.71 17.47
CA LEU B 968 10.18 -6.82 18.62
C LEU B 968 11.08 -7.35 19.72
N SER B 969 11.15 -8.67 19.87
CA SER B 969 12.13 -9.28 20.75
C SER B 969 13.41 -9.53 19.95
N ARG B 970 14.55 -9.17 20.53
CA ARG B 970 15.92 -9.23 20.01
C ARG B 970 16.24 -8.07 19.07
N LEU B 971 15.30 -7.16 18.81
CA LEU B 971 15.61 -5.94 18.08
C LEU B 971 15.06 -4.73 18.84
N ASP B 972 15.77 -3.62 18.76
CA ASP B 972 15.43 -2.35 19.39
C ASP B 972 14.62 -1.50 18.41
N PRO B 973 13.77 -0.61 18.94
CA PRO B 973 12.74 0.05 18.10
C PRO B 973 13.31 0.73 16.87
N PRO B 974 14.35 1.56 16.97
CA PRO B 974 14.76 2.34 15.79
C PRO B 974 15.20 1.50 14.61
N GLU B 975 15.67 0.27 14.84
CA GLU B 975 16.08 -0.61 13.75
C GLU B 975 15.12 -1.76 13.50
N ALA B 976 14.19 -2.02 14.41
CA ALA B 976 13.09 -2.94 14.13
C ALA B 976 11.96 -2.28 13.36
N GLU B 977 11.94 -0.94 13.34
CA GLU B 977 10.93 -0.24 12.55
C GLU B 977 11.04 -0.57 11.07
N VAL B 978 12.26 -0.83 10.57
CA VAL B 978 12.42 -1.17 9.16
C VAL B 978 11.73 -2.50 8.84
N GLN B 979 11.99 -3.52 9.66
CA GLN B 979 11.35 -4.81 9.44
C GLN B 979 9.85 -4.72 9.60
N ILE B 980 9.39 -3.97 10.61
CA ILE B 980 7.95 -3.81 10.81
C ILE B 980 7.32 -3.10 9.61
N ASP B 981 8.01 -2.12 9.04
CA ASP B 981 7.48 -1.41 7.88
C ASP B 981 7.41 -2.33 6.67
N ARG B 982 8.43 -3.17 6.48
CA ARG B 982 8.37 -4.13 5.37
C ARG B 982 7.19 -5.07 5.53
N LEU B 983 6.98 -5.60 6.75
CA LEU B 983 5.85 -6.48 6.98
C LEU B 983 4.52 -5.75 6.76
N ILE B 984 4.42 -4.51 7.21
CA ILE B 984 3.19 -3.74 7.06
C ILE B 984 2.88 -3.54 5.59
N THR B 985 3.89 -3.17 4.79
CA THR B 985 3.67 -2.99 3.36
C THR B 985 3.22 -4.28 2.71
N GLY B 986 3.87 -5.39 3.04
CA GLY B 986 3.49 -6.66 2.43
C GLY B 986 2.06 -7.06 2.76
N ARG B 987 1.68 -6.95 4.03
CA ARG B 987 0.34 -7.37 4.43
C ARG B 987 -0.73 -6.42 3.89
N LEU B 988 -0.43 -5.13 3.81
CA LEU B 988 -1.37 -4.19 3.22
C LEU B 988 -1.58 -4.49 1.74
N GLN B 989 -0.50 -4.85 1.03
CA GLN B 989 -0.65 -5.24 -0.38
C GLN B 989 -1.48 -6.51 -0.50
N SER B 990 -1.30 -7.46 0.42
CA SER B 990 -2.12 -8.66 0.39
C SER B 990 -3.60 -8.33 0.57
N LEU B 991 -3.91 -7.43 1.50
CA LEU B 991 -5.29 -7.01 1.71
C LEU B 991 -5.86 -6.33 0.47
N GLN B 992 -5.05 -5.47 -0.17
CA GLN B 992 -5.51 -4.80 -1.39
C GLN B 992 -5.81 -5.80 -2.49
N THR B 993 -4.96 -6.81 -2.65
CA THR B 993 -5.20 -7.85 -3.65
C THR B 993 -6.50 -8.59 -3.36
N TYR B 994 -6.72 -8.95 -2.10
CA TYR B 994 -7.94 -9.65 -1.73
C TYR B 994 -9.17 -8.81 -2.04
N VAL B 995 -9.11 -7.52 -1.71
CA VAL B 995 -10.26 -6.63 -1.94
C VAL B 995 -10.52 -6.48 -3.43
N THR B 996 -9.46 -6.35 -4.24
CA THR B 996 -9.66 -6.22 -5.69
C THR B 996 -10.31 -7.45 -6.28
N GLN B 997 -9.83 -8.64 -5.90
CA GLN B 997 -10.45 -9.87 -6.40
C GLN B 997 -11.90 -9.98 -5.93
N GLN B 998 -12.19 -9.59 -4.69
CA GLN B 998 -13.56 -9.61 -4.21
C GLN B 998 -14.44 -8.66 -5.01
N LEU B 999 -13.92 -7.49 -5.37
CA LEU B 999 -14.70 -6.56 -6.19
C LEU B 999 -15.01 -7.15 -7.57
N ILE B 1000 -14.03 -7.79 -8.19
CA ILE B 1000 -14.28 -8.39 -9.51
C ILE B 1000 -15.31 -9.50 -9.40
N ARG B 1001 -15.18 -10.35 -8.39
CA ARG B 1001 -16.16 -11.42 -8.21
C ARG B 1001 -17.54 -10.86 -7.89
N ALA B 1002 -17.61 -9.76 -7.15
CA ALA B 1002 -18.89 -9.12 -6.86
C ALA B 1002 -19.52 -8.56 -8.12
N ALA B 1003 -18.70 -8.06 -9.05
CA ALA B 1003 -19.24 -7.62 -10.33
C ALA B 1003 -19.83 -8.80 -11.10
N GLU B 1004 -19.12 -9.94 -11.11
CA GLU B 1004 -19.66 -11.13 -11.76
C GLU B 1004 -20.98 -11.56 -11.12
N ILE B 1005 -21.03 -11.56 -9.80
CA ILE B 1005 -22.26 -11.96 -9.09
C ILE B 1005 -23.46 -11.04 -9.34
N ARG B 1006 -23.18 -9.74 -9.46
CA ARG B 1006 -24.26 -8.79 -9.80
C ARG B 1006 -24.80 -9.07 -11.20
N ALA B 1007 -23.89 -9.34 -12.14
CA ALA B 1007 -24.29 -9.64 -13.51
C ALA B 1007 -25.20 -10.87 -13.45
N SER B 1008 -24.77 -11.89 -12.72
CA SER B 1008 -25.59 -13.09 -12.58
C SER B 1008 -26.92 -12.79 -11.91
N ALA B 1009 -26.90 -11.94 -10.89
CA ALA B 1009 -28.13 -11.63 -10.16
C ALA B 1009 -29.08 -10.80 -11.01
N ASN B 1010 -28.55 -9.89 -11.82
CA ASN B 1010 -29.39 -9.15 -12.76
C ASN B 1010 -30.03 -10.09 -13.77
N LEU B 1011 -29.24 -11.05 -14.28
CA LEU B 1011 -29.81 -12.03 -15.20
C LEU B 1011 -30.88 -12.87 -14.52
N ALA B 1012 -30.65 -13.26 -13.26
CA ALA B 1012 -31.64 -14.04 -12.53
C ALA B 1012 -32.91 -13.24 -12.29
N ALA B 1013 -32.80 -11.96 -11.95
CA ALA B 1013 -33.97 -11.13 -11.75
C ALA B 1013 -34.76 -10.97 -13.05
N THR B 1014 -34.06 -10.72 -14.15
CA THR B 1014 -34.74 -10.61 -15.44
C THR B 1014 -35.43 -11.92 -15.80
N LYS B 1015 -34.76 -13.05 -15.59
CA LYS B 1015 -35.34 -14.34 -15.92
C LYS B 1015 -36.55 -14.64 -15.05
N MET B 1016 -36.50 -14.28 -13.76
CA MET B 1016 -37.66 -14.46 -12.90
C MET B 1016 -38.82 -13.61 -13.40
N SER B 1017 -38.58 -12.33 -13.64
CA SER B 1017 -39.65 -11.42 -14.04
C SER B 1017 -40.21 -11.76 -15.42
N GLU B 1018 -39.45 -12.44 -16.27
CA GLU B 1018 -39.90 -12.74 -17.61
C GLU B 1018 -40.47 -14.14 -17.79
N CYS B 1019 -39.99 -15.12 -17.04
CA CYS B 1019 -40.44 -16.50 -17.20
C CYS B 1019 -41.36 -16.97 -16.07
N VAL B 1020 -41.20 -16.45 -14.86
CA VAL B 1020 -42.06 -16.84 -13.75
C VAL B 1020 -43.31 -15.97 -13.68
N LEU B 1021 -43.14 -14.67 -13.84
CA LEU B 1021 -44.25 -13.72 -13.79
C LEU B 1021 -44.95 -13.59 -15.13
N GLY B 1022 -44.51 -14.31 -16.14
CA GLY B 1022 -45.15 -14.27 -17.44
C GLY B 1022 -44.62 -15.36 -18.33
N GLN B 1023 -44.92 -15.23 -19.62
CA GLN B 1023 -44.46 -16.16 -20.64
C GLN B 1023 -43.53 -15.44 -21.60
N SER B 1024 -42.37 -16.02 -21.86
CA SER B 1024 -41.35 -15.40 -22.70
C SER B 1024 -41.40 -15.98 -24.10
N LYS B 1025 -41.33 -15.09 -25.09
CA LYS B 1025 -41.23 -15.49 -26.49
C LYS B 1025 -39.79 -15.50 -26.97
N ARG B 1026 -38.82 -15.20 -26.11
CA ARG B 1026 -37.42 -15.25 -26.50
C ARG B 1026 -36.96 -16.70 -26.59
N VAL B 1027 -36.27 -17.03 -27.67
CA VAL B 1027 -35.80 -18.38 -27.90
C VAL B 1027 -34.60 -18.67 -27.00
N ASP B 1028 -34.65 -19.80 -26.31
CA ASP B 1028 -33.57 -20.27 -25.45
C ASP B 1028 -33.25 -19.30 -24.32
N PHE B 1029 -34.24 -18.54 -23.85
CA PHE B 1029 -34.05 -17.69 -22.69
C PHE B 1029 -34.56 -18.31 -21.40
N CYS B 1030 -35.65 -19.07 -21.47
CA CYS B 1030 -36.21 -19.73 -20.30
C CYS B 1030 -36.32 -21.22 -20.56
N GLY B 1031 -35.25 -21.82 -21.05
CA GLY B 1031 -35.22 -23.24 -21.34
C GLY B 1031 -35.23 -23.51 -22.84
N LYS B 1032 -35.04 -24.79 -23.17
CA LYS B 1032 -34.97 -25.21 -24.56
C LYS B 1032 -36.36 -25.62 -25.02
N GLY B 1033 -36.85 -24.98 -26.08
CA GLY B 1033 -38.15 -25.28 -26.64
C GLY B 1033 -39.11 -24.11 -26.55
N TYR B 1034 -40.40 -24.38 -26.72
CA TYR B 1034 -41.43 -23.36 -26.61
C TYR B 1034 -41.86 -23.26 -25.15
N HIS B 1035 -41.60 -22.10 -24.55
CA HIS B 1035 -41.77 -21.95 -23.12
C HIS B 1035 -43.23 -21.90 -22.69
N LEU B 1036 -43.53 -22.52 -21.54
CA LEU B 1036 -44.84 -22.47 -20.94
C LEU B 1036 -44.86 -21.73 -19.60
N MET B 1037 -44.06 -22.16 -18.63
CA MET B 1037 -44.01 -21.48 -17.34
C MET B 1037 -42.62 -21.68 -16.73
N SER B 1038 -42.48 -21.28 -15.47
CA SER B 1038 -41.26 -21.49 -14.72
C SER B 1038 -41.59 -21.41 -13.23
N PHE B 1039 -40.86 -22.19 -12.43
CA PHE B 1039 -41.06 -22.24 -10.99
C PHE B 1039 -39.72 -22.06 -10.29
N PRO B 1040 -39.56 -21.06 -9.44
CA PRO B 1040 -38.29 -20.86 -8.74
C PRO B 1040 -38.22 -21.66 -7.46
N GLN B 1041 -37.01 -22.09 -7.14
CA GLN B 1041 -36.75 -22.80 -5.89
C GLN B 1041 -35.52 -22.21 -5.24
N SER B 1042 -35.62 -21.91 -3.95
CA SER B 1042 -34.51 -21.31 -3.22
C SER B 1042 -33.38 -22.29 -3.05
N ALA B 1043 -32.16 -21.80 -3.22
CA ALA B 1043 -30.96 -22.60 -3.05
C ALA B 1043 -29.94 -21.75 -2.30
N PRO B 1044 -28.99 -22.36 -1.61
CA PRO B 1044 -27.94 -21.59 -0.93
C PRO B 1044 -27.18 -20.70 -1.89
N HIS B 1045 -27.28 -19.38 -1.66
CA HIS B 1045 -26.57 -18.36 -2.43
C HIS B 1045 -26.99 -18.34 -3.90
N GLY B 1046 -28.22 -18.71 -4.20
CA GLY B 1046 -28.64 -18.70 -5.59
C GLY B 1046 -30.08 -19.11 -5.75
N VAL B 1047 -30.48 -19.24 -7.01
CA VAL B 1047 -31.85 -19.62 -7.36
C VAL B 1047 -31.80 -20.70 -8.43
N VAL B 1048 -32.76 -21.63 -8.36
CA VAL B 1048 -32.87 -22.73 -9.30
C VAL B 1048 -34.23 -22.64 -9.98
N PHE B 1049 -34.22 -22.70 -11.30
CA PHE B 1049 -35.44 -22.55 -12.10
C PHE B 1049 -35.82 -23.89 -12.71
N LEU B 1050 -37.08 -24.26 -12.54
CA LEU B 1050 -37.65 -25.43 -13.21
C LEU B 1050 -38.48 -24.92 -14.39
N HIS B 1051 -37.93 -25.07 -15.59
CA HIS B 1051 -38.53 -24.53 -16.80
C HIS B 1051 -39.38 -25.60 -17.48
N VAL B 1052 -40.65 -25.30 -17.68
CA VAL B 1052 -41.58 -26.19 -18.36
C VAL B 1052 -41.67 -25.76 -19.82
N THR B 1053 -41.30 -26.64 -20.73
CA THR B 1053 -41.18 -26.30 -22.14
C THR B 1053 -41.93 -27.29 -23.00
N TYR B 1054 -42.17 -26.90 -24.25
CA TYR B 1054 -42.89 -27.70 -25.23
C TYR B 1054 -41.93 -28.12 -26.32
N VAL B 1055 -41.74 -29.43 -26.49
CA VAL B 1055 -40.84 -29.99 -27.49
C VAL B 1055 -41.65 -30.92 -28.38
N PRO B 1056 -41.78 -30.64 -29.67
CA PRO B 1056 -42.55 -31.52 -30.56
C PRO B 1056 -41.87 -32.87 -30.74
N ALA B 1057 -42.70 -33.86 -31.08
CA ALA B 1057 -42.21 -35.22 -31.30
C ALA B 1057 -43.08 -35.89 -32.34
N GLN B 1058 -42.56 -36.99 -32.89
CA GLN B 1058 -43.26 -37.82 -33.88
C GLN B 1058 -43.64 -37.01 -35.12
N GLU B 1059 -42.61 -36.53 -35.81
CA GLU B 1059 -42.81 -35.77 -37.03
C GLU B 1059 -43.20 -36.69 -38.19
N LYS B 1060 -43.88 -36.11 -39.17
CA LYS B 1060 -44.37 -36.86 -40.32
C LYS B 1060 -44.13 -36.06 -41.60
N ASN B 1061 -43.99 -36.78 -42.71
CA ASN B 1061 -43.77 -36.20 -44.02
C ASN B 1061 -45.10 -35.85 -44.67
N PHE B 1062 -45.14 -34.70 -45.33
CA PHE B 1062 -46.33 -34.27 -46.04
C PHE B 1062 -45.93 -33.46 -47.27
N THR B 1063 -46.82 -33.42 -48.25
CA THR B 1063 -46.64 -32.60 -49.43
C THR B 1063 -47.33 -31.26 -49.23
N THR B 1064 -46.65 -30.19 -49.62
CA THR B 1064 -47.09 -28.84 -49.31
C THR B 1064 -47.13 -27.99 -50.58
N ALA B 1065 -47.76 -26.81 -50.46
CA ALA B 1065 -47.86 -25.87 -51.55
C ALA B 1065 -48.21 -24.50 -51.00
N PRO B 1066 -47.65 -23.41 -51.54
CA PRO B 1066 -47.91 -22.09 -50.97
C PRO B 1066 -49.37 -21.67 -50.96
N ALA B 1067 -50.14 -22.03 -51.99
CA ALA B 1067 -51.49 -21.53 -52.11
C ALA B 1067 -52.32 -22.51 -52.94
N ILE B 1068 -53.62 -22.25 -52.97
CA ILE B 1068 -54.59 -23.08 -53.68
C ILE B 1068 -55.36 -22.20 -54.64
N CYS B 1069 -55.48 -22.64 -55.89
CA CYS B 1069 -56.25 -21.94 -56.91
C CYS B 1069 -57.55 -22.69 -57.13
N HIS B 1070 -58.68 -21.99 -56.98
CA HIS B 1070 -59.99 -22.62 -57.14
C HIS B 1070 -60.77 -22.08 -58.33
N ASP B 1071 -60.97 -20.76 -58.40
CA ASP B 1071 -61.71 -20.14 -59.48
C ASP B 1071 -60.91 -19.01 -60.11
N GLY B 1072 -59.64 -19.30 -60.43
CA GLY B 1072 -58.79 -18.28 -60.96
C GLY B 1072 -58.29 -17.28 -59.95
N LYS B 1073 -58.39 -17.61 -58.67
CA LYS B 1073 -57.95 -16.75 -57.58
C LYS B 1073 -57.02 -17.54 -56.67
N ALA B 1074 -56.06 -16.84 -56.07
CA ALA B 1074 -55.09 -17.46 -55.19
C ALA B 1074 -55.63 -17.41 -53.75
N HIS B 1075 -55.72 -18.58 -53.12
CA HIS B 1075 -56.19 -18.69 -51.74
C HIS B 1075 -55.02 -19.09 -50.86
N PHE B 1076 -54.74 -18.26 -49.87
CA PHE B 1076 -53.65 -18.43 -48.92
C PHE B 1076 -54.21 -18.77 -47.54
N PRO B 1077 -53.48 -19.55 -46.74
CA PRO B 1077 -53.97 -19.89 -45.41
C PRO B 1077 -54.01 -18.67 -44.50
N ARG B 1078 -54.94 -18.69 -43.55
CA ARG B 1078 -55.04 -17.59 -42.60
C ARG B 1078 -54.06 -17.79 -41.43
N GLU B 1079 -54.19 -18.89 -40.72
CA GLU B 1079 -53.31 -19.20 -39.58
C GLU B 1079 -52.93 -20.68 -39.61
N GLY B 1080 -52.53 -21.16 -40.78
CA GLY B 1080 -52.14 -22.55 -40.93
C GLY B 1080 -51.16 -22.77 -42.05
N VAL B 1081 -51.06 -24.01 -42.52
CA VAL B 1081 -50.15 -24.37 -43.61
C VAL B 1081 -50.84 -25.42 -44.46
N PHE B 1082 -50.63 -25.35 -45.78
CA PHE B 1082 -51.26 -26.29 -46.70
C PHE B 1082 -50.46 -27.59 -46.73
N VAL B 1083 -51.14 -28.70 -46.43
CA VAL B 1083 -50.53 -30.01 -46.46
C VAL B 1083 -51.46 -30.97 -47.20
N SER B 1084 -50.90 -32.08 -47.65
CA SER B 1084 -51.66 -33.11 -48.33
C SER B 1084 -51.13 -34.48 -47.92
N ASN B 1085 -52.03 -35.41 -47.63
CA ASN B 1085 -51.66 -36.77 -47.29
C ASN B 1085 -51.50 -37.65 -48.53
N GLY B 1086 -51.42 -37.05 -49.71
CA GLY B 1086 -51.21 -37.79 -50.93
C GLY B 1086 -52.27 -37.54 -52.00
N THR B 1087 -53.52 -37.45 -51.59
CA THR B 1087 -54.63 -37.23 -52.52
C THR B 1087 -55.45 -36.00 -52.18
N HIS B 1088 -55.73 -35.75 -50.91
CA HIS B 1088 -56.56 -34.63 -50.49
C HIS B 1088 -55.70 -33.57 -49.82
N TRP B 1089 -56.12 -32.31 -49.95
CA TRP B 1089 -55.39 -31.18 -49.40
C TRP B 1089 -56.13 -30.64 -48.19
N PHE B 1090 -55.38 -30.39 -47.11
CA PHE B 1090 -55.91 -29.86 -45.87
C PHE B 1090 -55.09 -28.66 -45.43
N VAL B 1091 -55.58 -27.96 -44.40
CA VAL B 1091 -54.86 -26.88 -43.74
C VAL B 1091 -54.69 -27.26 -42.28
N THR B 1092 -53.46 -27.15 -41.78
CA THR B 1092 -53.15 -27.52 -40.41
C THR B 1092 -52.31 -26.44 -39.76
N GLN B 1093 -52.35 -26.42 -38.43
CA GLN B 1093 -51.51 -25.50 -37.67
C GLN B 1093 -50.07 -25.99 -37.66
N ARG B 1094 -49.16 -25.05 -37.40
CA ARG B 1094 -47.75 -25.31 -37.66
C ARG B 1094 -47.13 -26.26 -36.65
N ASN B 1095 -47.56 -26.23 -35.40
CA ASN B 1095 -46.92 -27.01 -34.35
C ASN B 1095 -47.69 -28.26 -33.94
N PHE B 1096 -48.72 -28.64 -34.69
CA PHE B 1096 -49.48 -29.82 -34.37
C PHE B 1096 -50.31 -30.22 -35.58
N TYR B 1097 -50.36 -31.51 -35.87
CA TYR B 1097 -51.07 -32.00 -37.05
C TYR B 1097 -52.56 -32.08 -36.74
N GLU B 1098 -53.33 -31.16 -37.30
CA GLU B 1098 -54.79 -31.18 -37.18
C GLU B 1098 -55.37 -30.79 -38.54
N PRO B 1099 -55.55 -31.77 -39.43
CA PRO B 1099 -56.05 -31.46 -40.76
C PRO B 1099 -57.49 -30.96 -40.72
N GLN B 1100 -57.81 -30.07 -41.67
CA GLN B 1100 -59.14 -29.53 -41.82
C GLN B 1100 -59.43 -29.32 -43.30
N ILE B 1101 -60.72 -29.27 -43.63
CA ILE B 1101 -61.14 -29.11 -45.02
C ILE B 1101 -60.97 -27.65 -45.43
N ILE B 1102 -60.49 -27.43 -46.65
CA ILE B 1102 -60.25 -26.07 -47.13
C ILE B 1102 -61.60 -25.41 -47.42
N THR B 1103 -61.91 -24.37 -46.66
CA THR B 1103 -63.14 -23.61 -46.85
C THR B 1103 -62.81 -22.13 -46.98
N THR B 1104 -63.86 -21.31 -47.06
CA THR B 1104 -63.70 -19.88 -47.25
C THR B 1104 -63.26 -19.16 -45.98
N ASP B 1105 -63.45 -19.78 -44.81
CA ASP B 1105 -63.05 -19.16 -43.55
C ASP B 1105 -61.64 -19.51 -43.11
N ASN B 1106 -61.06 -20.58 -43.67
CA ASN B 1106 -59.66 -20.89 -43.37
C ASN B 1106 -58.70 -20.12 -44.26
N THR B 1107 -59.17 -19.62 -45.40
CA THR B 1107 -58.30 -19.01 -46.39
C THR B 1107 -58.84 -17.64 -46.78
N PHE B 1108 -57.96 -16.85 -47.41
CA PHE B 1108 -58.33 -15.55 -47.95
C PHE B 1108 -57.78 -15.40 -49.35
N VAL B 1109 -58.44 -14.56 -50.14
CA VAL B 1109 -58.17 -14.42 -51.56
C VAL B 1109 -57.28 -13.21 -51.80
N SER B 1110 -56.34 -13.35 -52.74
CA SER B 1110 -55.47 -12.23 -53.12
C SER B 1110 -54.91 -12.52 -54.50
N GLY B 1111 -55.34 -11.75 -55.49
CA GLY B 1111 -54.77 -11.84 -56.82
C GLY B 1111 -55.26 -13.03 -57.62
N ASN B 1112 -54.55 -13.27 -58.72
CA ASN B 1112 -54.86 -14.35 -59.65
C ASN B 1112 -53.90 -15.51 -59.45
N CYS B 1113 -54.00 -16.52 -60.31
CA CYS B 1113 -53.21 -17.74 -60.19
C CYS B 1113 -52.05 -17.78 -61.18
N ASP B 1114 -51.49 -16.61 -61.51
CA ASP B 1114 -50.40 -16.53 -62.47
C ASP B 1114 -49.11 -15.98 -61.88
N VAL B 1115 -49.10 -15.59 -60.60
CA VAL B 1115 -47.93 -15.01 -59.97
C VAL B 1115 -47.27 -15.97 -59.00
N VAL B 1116 -48.07 -16.73 -58.24
CA VAL B 1116 -47.51 -17.69 -57.31
C VAL B 1116 -46.79 -18.79 -58.08
N ILE B 1117 -45.65 -19.24 -57.53
CA ILE B 1117 -44.82 -20.21 -58.24
C ILE B 1117 -45.32 -21.63 -58.03
N GLY B 1118 -45.50 -22.03 -56.78
CA GLY B 1118 -45.84 -23.41 -56.47
C GLY B 1118 -47.30 -23.66 -56.16
N ILE B 1119 -48.19 -22.92 -56.82
CA ILE B 1119 -49.61 -23.03 -56.56
C ILE B 1119 -50.15 -24.31 -57.19
N VAL B 1120 -51.23 -24.84 -56.60
CA VAL B 1120 -51.84 -26.08 -57.07
C VAL B 1120 -53.34 -25.88 -57.19
N ASN B 1121 -53.99 -26.88 -57.77
CA ASN B 1121 -55.44 -26.86 -58.00
C ASN B 1121 -56.13 -27.79 -57.00
N ASN B 1122 -57.09 -27.24 -56.26
CA ASN B 1122 -57.96 -28.05 -55.43
C ASN B 1122 -59.15 -27.17 -55.07
N THR B 1123 -60.24 -27.83 -54.69
CA THR B 1123 -61.53 -27.15 -54.51
C THR B 1123 -61.64 -26.54 -53.12
N VAL B 1124 -62.28 -25.37 -53.05
CA VAL B 1124 -62.51 -24.66 -51.80
C VAL B 1124 -64.00 -24.74 -51.50
N TYR B 1125 -64.34 -25.41 -50.41
CA TYR B 1125 -65.74 -25.62 -50.06
C TYR B 1125 -66.34 -24.34 -49.51
N ASP B 1126 -67.45 -23.89 -50.12
CA ASP B 1126 -68.15 -22.72 -49.63
C ASP B 1126 -69.25 -23.16 -48.67
N PRO B 1127 -69.20 -22.78 -47.40
CA PRO B 1127 -70.22 -23.20 -46.43
C PRO B 1127 -71.51 -22.38 -46.51
N LEU B 1128 -71.99 -22.18 -47.73
CA LEU B 1128 -73.21 -21.44 -48.00
C LEU B 1128 -74.15 -22.18 -48.93
N GLN B 1129 -73.63 -22.90 -49.92
CA GLN B 1129 -74.48 -23.67 -50.83
C GLN B 1129 -75.28 -24.74 -50.09
N PRO B 1130 -74.69 -25.56 -49.21
CA PRO B 1130 -75.53 -26.47 -48.41
C PRO B 1130 -76.54 -25.76 -47.54
N GLU B 1131 -76.20 -24.56 -47.03
CA GLU B 1131 -77.14 -23.84 -46.18
C GLU B 1131 -78.27 -23.20 -46.97
N LEU B 1132 -78.12 -23.04 -48.27
CA LEU B 1132 -79.20 -22.54 -49.12
C LEU B 1132 -79.83 -23.63 -49.98
N ASP B 1133 -79.33 -24.86 -49.90
CA ASP B 1133 -79.87 -25.95 -50.69
C ASP B 1133 -80.51 -27.01 -49.80
N GLN C 1 57.40 37.29 -27.16
CA GLN C 1 56.70 36.85 -28.37
C GLN C 1 55.19 36.87 -28.16
N CYS C 2 54.63 38.08 -28.16
CA CYS C 2 53.19 38.26 -27.95
C CYS C 2 52.81 39.61 -28.53
N VAL C 3 51.92 39.61 -29.51
CA VAL C 3 51.57 40.83 -30.23
C VAL C 3 50.06 41.04 -30.16
N ASN C 4 49.66 42.31 -30.22
CA ASN C 4 48.25 42.69 -30.23
C ASN C 4 47.87 43.00 -31.67
N LEU C 5 46.96 42.20 -32.22
CA LEU C 5 46.60 42.37 -33.61
C LEU C 5 45.77 43.64 -33.81
N THR C 6 45.84 44.19 -35.02
CA THR C 6 45.15 45.42 -35.36
C THR C 6 44.60 45.28 -36.77
N THR C 7 44.17 46.40 -37.36
CA THR C 7 43.55 46.43 -38.68
C THR C 7 42.40 45.44 -38.77
N ARG C 8 41.54 45.48 -37.77
CA ARG C 8 40.36 44.62 -37.69
C ARG C 8 39.11 45.47 -37.78
N THR C 9 38.19 45.09 -38.67
CA THR C 9 36.97 45.83 -38.89
C THR C 9 35.88 45.41 -37.91
N GLN C 10 35.02 46.37 -37.57
CA GLN C 10 33.96 46.14 -36.61
C GLN C 10 32.71 45.62 -37.30
N LEU C 11 32.06 44.63 -36.67
CA LEU C 11 30.85 44.04 -37.20
C LEU C 11 30.03 43.47 -36.04
N PRO C 12 28.71 43.55 -36.09
CA PRO C 12 27.88 42.93 -35.04
C PRO C 12 27.87 41.43 -35.17
N PRO C 13 27.56 40.71 -34.09
CA PRO C 13 27.50 39.24 -34.18
C PRO C 13 26.35 38.78 -35.05
N ALA C 14 26.52 37.59 -35.63
CA ALA C 14 25.52 36.97 -36.49
C ALA C 14 25.08 35.66 -35.87
N TYR C 15 23.82 35.29 -36.13
CA TYR C 15 23.22 34.11 -35.52
C TYR C 15 22.63 33.22 -36.61
N THR C 16 22.56 31.93 -36.31
CA THR C 16 22.02 30.95 -37.23
C THR C 16 21.40 29.81 -36.42
N ASN C 17 20.62 28.98 -37.10
CA ASN C 17 19.85 27.93 -36.46
C ASN C 17 20.59 26.60 -36.53
N SER C 18 20.44 25.80 -35.48
CA SER C 18 21.06 24.48 -35.40
C SER C 18 19.97 23.43 -35.66
N PHE C 19 19.96 22.88 -36.86
CA PHE C 19 18.90 21.97 -37.30
C PHE C 19 19.23 20.57 -36.81
N THR C 20 18.79 20.26 -35.59
CA THR C 20 18.91 18.93 -34.99
C THR C 20 20.36 18.43 -35.02
N ARG C 21 21.29 19.30 -34.66
CA ARG C 21 22.70 18.95 -34.57
C ARG C 21 23.11 18.77 -33.12
N GLY C 22 24.20 18.05 -32.92
CA GLY C 22 24.79 17.91 -31.60
C GLY C 22 24.19 16.80 -30.76
N VAL C 23 24.04 15.62 -31.34
CA VAL C 23 23.60 14.43 -30.63
C VAL C 23 24.75 13.45 -30.58
N TYR C 24 25.08 12.98 -29.38
CA TYR C 24 26.24 12.12 -29.18
C TYR C 24 25.82 10.86 -28.45
N TYR C 25 26.67 9.85 -28.52
CA TYR C 25 26.41 8.60 -27.83
C TYR C 25 26.51 8.83 -26.33
N PRO C 26 25.44 8.58 -25.56
CA PRO C 26 25.48 8.84 -24.12
C PRO C 26 26.13 7.72 -23.32
N ASP C 27 26.52 6.63 -23.96
CA ASP C 27 26.98 5.45 -23.27
C ASP C 27 27.90 4.66 -24.20
N LYS C 28 28.39 3.52 -23.71
CA LYS C 28 29.33 2.70 -24.46
C LYS C 28 28.83 1.26 -24.58
N VAL C 29 27.52 1.04 -24.54
CA VAL C 29 26.95 -0.27 -24.77
C VAL C 29 26.22 -0.26 -26.10
N PHE C 30 26.33 -1.37 -26.82
CA PHE C 30 25.80 -1.47 -28.17
C PHE C 30 24.30 -1.75 -28.11
N ARG C 31 23.52 -1.02 -28.90
CA ARG C 31 22.09 -1.24 -29.02
C ARG C 31 21.72 -1.31 -30.50
N SER C 32 20.75 -2.15 -30.83
CA SER C 32 20.33 -2.35 -32.21
C SER C 32 18.82 -2.42 -32.30
N SER C 33 18.24 -1.68 -33.24
CA SER C 33 16.81 -1.66 -33.50
C SER C 33 16.01 -1.42 -32.22
N VAL C 34 16.22 -0.23 -31.65
CA VAL C 34 15.60 0.13 -30.38
C VAL C 34 15.48 1.64 -30.30
N LEU C 35 14.48 2.10 -29.55
CA LEU C 35 14.32 3.52 -29.21
C LEU C 35 14.64 3.67 -27.73
N HIS C 36 15.66 4.46 -27.42
CA HIS C 36 16.16 4.61 -26.06
C HIS C 36 16.05 6.05 -25.62
N SER C 37 15.55 6.27 -24.41
CA SER C 37 15.40 7.60 -23.83
C SER C 37 16.48 7.82 -22.79
N THR C 38 17.23 8.91 -22.95
CA THR C 38 18.34 9.25 -22.06
C THR C 38 18.21 10.71 -21.65
N GLN C 39 18.69 11.02 -20.44
CA GLN C 39 18.76 12.39 -19.96
C GLN C 39 20.22 12.72 -19.70
N ASP C 40 20.78 13.57 -20.56
CA ASP C 40 22.16 14.04 -20.48
C ASP C 40 22.15 15.52 -20.84
N LEU C 41 23.34 16.09 -21.01
CA LEU C 41 23.48 17.47 -21.46
C LEU C 41 23.55 17.48 -22.98
N PHE C 42 22.45 17.88 -23.61
CA PHE C 42 22.37 17.96 -25.06
C PHE C 42 22.15 19.41 -25.49
N LEU C 43 22.57 19.71 -26.71
CA LEU C 43 22.22 20.99 -27.33
C LEU C 43 20.77 20.93 -27.78
N PRO C 44 19.91 21.85 -27.31
CA PRO C 44 18.48 21.78 -27.67
C PRO C 44 18.28 21.91 -29.18
N PHE C 45 17.25 21.22 -29.67
CA PHE C 45 16.93 21.29 -31.08
C PHE C 45 16.49 22.70 -31.47
N PHE C 46 16.88 23.12 -32.66
CA PHE C 46 16.56 24.44 -33.20
C PHE C 46 17.00 25.55 -32.24
N SER C 47 18.27 25.49 -31.85
CA SER C 47 18.85 26.47 -30.95
C SER C 47 19.48 27.61 -31.74
N ASN C 48 19.72 28.72 -31.04
CA ASN C 48 20.27 29.93 -31.65
C ASN C 48 21.77 29.95 -31.36
N VAL C 49 22.55 29.46 -32.31
CA VAL C 49 23.99 29.39 -32.15
C VAL C 49 24.62 30.62 -32.79
N THR C 50 25.80 30.99 -32.29
CA THR C 50 26.51 32.18 -32.74
C THR C 50 27.45 31.83 -33.88
N TRP C 51 27.57 32.75 -34.83
CA TRP C 51 28.35 32.54 -36.05
C TRP C 51 29.51 33.52 -36.07
N PHE C 52 30.73 33.01 -36.24
CA PHE C 52 31.93 33.81 -36.29
C PHE C 52 32.63 33.63 -37.63
N HIS C 53 33.17 34.71 -38.17
CA HIS C 53 33.74 34.75 -39.50
C HIS C 53 35.25 34.96 -39.43
N ALA C 54 35.98 34.20 -40.24
CA ALA C 54 37.39 34.48 -40.53
C ALA C 54 37.51 34.74 -42.02
N ILE C 55 37.34 36.00 -42.42
CA ILE C 55 37.24 36.36 -43.83
C ILE C 55 38.02 37.65 -44.08
N HIS C 56 38.75 37.69 -45.19
CA HIS C 56 39.48 38.87 -45.62
C HIS C 56 38.97 39.29 -47.00
N VAL C 57 38.51 40.54 -47.11
CA VAL C 57 38.00 41.09 -48.35
C VAL C 57 36.89 40.22 -48.93
N THR C 63 37.23 43.97 -46.62
CA THR C 63 36.67 43.73 -45.30
C THR C 63 37.44 42.64 -44.57
N LYS C 64 37.94 42.95 -43.38
CA LYS C 64 38.70 42.02 -42.57
C LYS C 64 37.90 41.67 -41.32
N ARG C 65 37.87 40.39 -40.98
CA ARG C 65 37.08 39.91 -39.86
C ARG C 65 37.79 38.71 -39.26
N PHE C 66 38.43 38.92 -38.10
CA PHE C 66 39.19 37.89 -37.40
C PHE C 66 38.60 37.74 -36.01
N ASP C 67 37.60 36.86 -35.88
CA ASP C 67 36.88 36.69 -34.62
C ASP C 67 37.55 35.61 -33.78
N ASN C 68 37.93 35.98 -32.56
CA ASN C 68 38.46 35.03 -31.59
C ASN C 68 38.28 35.54 -30.16
N PRO C 69 37.04 35.79 -29.74
CA PRO C 69 36.80 36.38 -28.42
C PRO C 69 36.68 35.33 -27.32
N VAL C 70 36.63 35.83 -26.08
CA VAL C 70 36.46 34.97 -24.91
C VAL C 70 34.96 34.73 -24.72
N LEU C 71 34.55 33.48 -24.84
CA LEU C 71 33.14 33.14 -24.82
C LEU C 71 32.79 32.33 -23.56
N PRO C 72 31.56 32.44 -23.08
CA PRO C 72 31.17 31.72 -21.87
C PRO C 72 31.17 30.21 -22.08
N PHE C 73 31.37 29.50 -20.97
CA PHE C 73 31.34 28.04 -20.92
C PHE C 73 30.42 27.69 -19.76
N ASN C 74 29.12 27.63 -20.02
CA ASN C 74 28.15 27.52 -18.92
C ASN C 74 28.11 26.11 -18.35
N ASP C 75 27.63 25.15 -19.14
CA ASP C 75 27.60 23.75 -18.74
C ASP C 75 28.26 22.84 -19.78
N GLY C 76 28.76 23.41 -20.85
CA GLY C 76 29.27 22.65 -21.98
C GLY C 76 29.05 23.44 -23.26
N VAL C 77 29.88 23.13 -24.26
CA VAL C 77 29.89 23.89 -25.51
C VAL C 77 29.84 22.93 -26.67
N TYR C 78 28.93 23.18 -27.61
CA TYR C 78 28.92 22.49 -28.90
C TYR C 78 29.62 23.37 -29.91
N PHE C 79 30.67 22.84 -30.53
CA PHE C 79 31.53 23.58 -31.42
C PHE C 79 31.58 22.89 -32.77
N ALA C 80 31.29 23.64 -33.83
CA ALA C 80 31.36 23.13 -35.19
C ALA C 80 32.17 24.08 -36.05
N SER C 81 32.97 23.52 -36.95
CA SER C 81 33.88 24.32 -37.77
C SER C 81 33.80 23.86 -39.21
N THR C 82 33.60 24.80 -40.12
CA THR C 82 33.65 24.54 -41.56
C THR C 82 34.92 25.19 -42.10
N GLU C 83 35.91 24.36 -42.45
CA GLU C 83 37.20 24.87 -42.86
C GLU C 83 37.60 24.24 -44.18
N LYS C 84 38.52 24.92 -44.88
CA LYS C 84 39.10 24.41 -46.11
C LYS C 84 40.62 24.43 -46.13
N SER C 85 41.27 25.17 -45.23
CA SER C 85 42.73 25.26 -45.22
C SER C 85 43.32 25.08 -43.83
N ASN C 86 42.58 24.44 -42.92
CA ASN C 86 43.05 24.12 -41.58
C ASN C 86 43.51 25.38 -40.83
N ILE C 87 42.52 26.23 -40.57
CA ILE C 87 42.77 27.48 -39.84
C ILE C 87 42.58 27.29 -38.34
N ILE C 88 41.53 26.59 -37.93
CA ILE C 88 41.27 26.36 -36.51
C ILE C 88 42.19 25.26 -36.01
N ARG C 89 42.88 25.51 -34.91
CA ARG C 89 43.88 24.58 -34.39
C ARG C 89 43.62 24.10 -32.97
N GLY C 90 42.70 24.71 -32.24
CA GLY C 90 42.42 24.23 -30.90
C GLY C 90 41.73 25.31 -30.07
N TRP C 91 41.73 25.08 -28.76
CA TRP C 91 41.01 25.92 -27.82
C TRP C 91 41.79 26.01 -26.51
N ILE C 92 41.45 27.01 -25.70
CA ILE C 92 41.97 27.16 -24.35
C ILE C 92 40.80 27.28 -23.40
N PHE C 93 40.93 26.69 -22.21
CA PHE C 93 39.87 26.69 -21.21
C PHE C 93 40.44 27.13 -19.87
N GLY C 94 39.59 27.79 -19.08
CA GLY C 94 40.01 28.26 -17.77
C GLY C 94 38.98 29.20 -17.20
N THR C 95 39.38 29.88 -16.12
CA THR C 95 38.53 30.85 -15.45
C THR C 95 39.02 32.28 -15.63
N THR C 96 40.26 32.56 -15.24
CA THR C 96 40.81 33.91 -15.34
C THR C 96 41.86 34.07 -16.44
N LEU C 97 42.55 32.98 -16.80
CA LEU C 97 43.54 33.00 -17.88
C LEU C 97 44.63 34.04 -17.64
N ASP C 98 45.04 34.21 -16.38
CA ASP C 98 46.01 35.25 -16.05
C ASP C 98 47.09 34.75 -15.09
N SER C 99 47.44 33.47 -15.18
CA SER C 99 48.52 32.82 -14.44
C SER C 99 48.27 32.73 -12.94
N LYS C 100 47.15 33.24 -12.44
CA LYS C 100 46.77 33.03 -11.05
C LYS C 100 45.94 31.77 -10.86
N THR C 101 45.51 31.14 -11.95
CA THR C 101 44.72 29.91 -11.90
C THR C 101 45.19 28.98 -13.00
N GLN C 102 44.86 27.71 -12.86
CA GLN C 102 45.20 26.71 -13.85
C GLN C 102 44.29 26.82 -15.07
N SER C 103 44.83 26.42 -16.22
CA SER C 103 44.10 26.47 -17.48
C SER C 103 44.48 25.28 -18.35
N LEU C 104 43.56 24.89 -19.23
CA LEU C 104 43.76 23.78 -20.15
C LEU C 104 43.97 24.31 -21.56
N LEU C 105 44.99 23.79 -22.24
CA LEU C 105 45.33 24.20 -23.60
C LEU C 105 45.33 22.98 -24.49
N ILE C 106 44.50 23.01 -25.53
CA ILE C 106 44.49 22.00 -26.58
C ILE C 106 44.92 22.69 -27.87
N VAL C 107 46.10 22.34 -28.37
CA VAL C 107 46.66 22.97 -29.56
C VAL C 107 47.28 21.89 -30.43
N ASN C 108 47.25 22.13 -31.74
CA ASN C 108 47.67 21.14 -32.73
C ASN C 108 48.63 21.89 -33.66
N ASN C 109 49.93 21.76 -33.44
CA ASN C 109 50.89 22.44 -34.30
C ASN C 109 50.85 21.81 -35.69
N ALA C 110 51.78 22.22 -36.55
CA ALA C 110 51.89 21.55 -37.84
C ALA C 110 52.38 20.11 -37.71
N THR C 111 52.72 19.64 -36.51
CA THR C 111 53.35 18.33 -36.37
C THR C 111 52.66 17.41 -35.36
N ASN C 112 52.17 17.94 -34.24
CA ASN C 112 51.65 17.10 -33.16
C ASN C 112 50.38 17.70 -32.58
N VAL C 113 49.66 16.88 -31.82
CA VAL C 113 48.50 17.30 -31.05
C VAL C 113 48.92 17.41 -29.58
N VAL C 114 48.59 18.54 -28.95
CA VAL C 114 49.15 18.90 -27.66
C VAL C 114 48.02 19.16 -26.68
N ILE C 115 48.10 18.53 -25.51
CA ILE C 115 47.19 18.81 -24.41
C ILE C 115 48.03 19.07 -23.16
N LYS C 116 47.91 20.28 -22.61
CA LYS C 116 48.68 20.72 -21.46
C LYS C 116 47.77 21.50 -20.54
N VAL C 117 47.90 21.26 -19.24
CA VAL C 117 47.13 22.00 -18.24
C VAL C 117 48.13 22.61 -17.27
N CYS C 118 48.64 23.78 -17.60
CA CYS C 118 49.63 24.46 -16.77
C CYS C 118 49.10 25.82 -16.34
N GLU C 119 49.94 26.58 -15.65
CA GLU C 119 49.61 27.94 -15.24
C GLU C 119 50.15 28.89 -16.30
N PHE C 120 49.34 29.17 -17.31
CA PHE C 120 49.76 29.99 -18.44
C PHE C 120 49.35 31.44 -18.23
N GLN C 121 50.13 32.34 -18.83
CA GLN C 121 49.78 33.76 -18.93
C GLN C 121 49.46 33.99 -20.40
N PHE C 122 48.19 33.80 -20.76
CA PHE C 122 47.79 33.87 -22.16
C PHE C 122 47.82 35.31 -22.66
N CYS C 123 47.96 35.45 -23.98
CA CYS C 123 47.85 36.75 -24.62
C CYS C 123 46.39 37.07 -24.88
N ASN C 124 46.12 38.36 -25.09
CA ASN C 124 44.76 38.77 -25.43
C ASN C 124 44.37 38.32 -26.83
N ASP C 125 45.33 38.14 -27.72
CA ASP C 125 45.09 37.65 -29.08
C ASP C 125 46.05 36.51 -29.35
N PRO C 126 45.78 35.32 -28.82
CA PRO C 126 46.65 34.17 -29.11
C PRO C 126 46.35 33.59 -30.48
N PHE C 127 47.41 33.27 -31.20
CA PHE C 127 47.26 32.70 -32.53
C PHE C 127 48.53 31.95 -32.90
N LEU C 128 48.44 31.15 -33.96
CA LEU C 128 49.58 30.58 -34.65
C LEU C 128 49.71 31.28 -35.99
N GLY C 129 50.77 30.94 -36.72
CA GLY C 129 51.01 31.61 -37.98
C GLY C 129 51.76 30.80 -39.01
N VAL C 130 51.32 30.90 -40.27
CA VAL C 130 52.01 30.25 -41.37
C VAL C 130 52.51 31.32 -42.33
N TYR C 131 53.65 31.05 -42.96
CA TYR C 131 54.24 31.95 -43.93
C TYR C 131 54.28 31.28 -45.29
N TYR C 132 53.98 32.04 -46.33
CA TYR C 132 53.91 31.53 -47.70
C TYR C 132 55.07 32.11 -48.50
N HIS C 133 55.87 31.23 -49.10
CA HIS C 133 57.00 31.64 -49.93
C HIS C 133 56.70 31.33 -51.39
N LYS C 134 57.28 32.14 -52.28
CA LYS C 134 57.17 31.90 -53.72
C LYS C 134 58.37 31.16 -54.28
N ASN C 135 59.58 31.49 -53.83
CA ASN C 135 60.77 30.77 -54.28
C ASN C 135 60.68 29.29 -53.92
N ASN C 136 60.17 28.99 -52.74
CA ASN C 136 59.90 27.62 -52.31
C ASN C 136 58.41 27.34 -52.45
N LYS C 137 58.08 26.21 -53.05
CA LYS C 137 56.68 25.83 -53.27
C LYS C 137 56.19 24.99 -52.09
N SER C 138 55.99 25.69 -50.97
CA SER C 138 55.57 25.02 -49.74
C SER C 138 55.04 26.05 -48.76
N TRP C 139 54.10 25.61 -47.92
CA TRP C 139 53.61 26.38 -46.78
C TRP C 139 54.18 25.78 -45.51
N MET C 140 54.76 26.62 -44.66
CA MET C 140 55.39 26.16 -43.44
C MET C 140 54.87 26.95 -42.24
N GLU C 141 54.80 26.28 -41.09
CA GLU C 141 54.43 26.92 -39.85
C GLU C 141 55.59 27.77 -39.34
N SER C 142 55.31 29.02 -39.01
CA SER C 142 56.36 29.97 -38.65
C SER C 142 56.24 30.48 -37.22
N GLU C 143 55.07 30.99 -36.83
CA GLU C 143 54.92 31.70 -35.57
C GLU C 143 54.04 30.92 -34.61
N PHE C 144 54.36 31.04 -33.32
CA PHE C 144 53.57 30.44 -32.24
C PHE C 144 53.59 31.45 -31.10
N ARG C 145 52.52 32.24 -31.00
CA ARG C 145 52.37 33.29 -30.00
C ARG C 145 51.04 33.09 -29.29
N VAL C 146 51.04 32.26 -28.24
CA VAL C 146 49.82 31.97 -27.50
C VAL C 146 49.97 32.42 -26.05
N TYR C 147 50.96 31.89 -25.34
CA TYR C 147 51.14 32.16 -23.92
C TYR C 147 52.53 32.73 -23.67
N SER C 148 52.76 33.14 -22.43
CA SER C 148 54.04 33.71 -22.00
C SER C 148 54.86 32.78 -21.13
N SER C 149 54.24 32.09 -20.17
CA SER C 149 54.95 31.23 -19.25
C SER C 149 54.13 29.99 -18.96
N ALA C 150 54.79 28.97 -18.43
CA ALA C 150 54.14 27.71 -18.03
C ALA C 150 54.86 27.20 -16.80
N ASN C 151 54.26 27.41 -15.62
CA ASN C 151 54.97 27.21 -14.35
C ASN C 151 54.69 25.84 -13.73
N ASN C 152 53.44 25.54 -13.39
CA ASN C 152 53.11 24.39 -12.56
C ASN C 152 52.05 23.55 -13.26
N CYS C 153 52.44 22.44 -13.87
CA CYS C 153 51.46 21.49 -14.39
C CYS C 153 51.81 20.04 -14.07
N THR C 154 50.75 19.25 -13.95
CA THR C 154 50.81 17.83 -13.59
C THR C 154 50.40 16.91 -14.72
N PHE C 155 49.53 17.35 -15.61
CA PHE C 155 49.05 16.55 -16.72
C PHE C 155 49.54 17.15 -18.04
N GLU C 156 50.07 16.29 -18.91
CA GLU C 156 50.59 16.71 -20.20
C GLU C 156 50.54 15.53 -21.16
N TYR C 157 50.04 15.78 -22.37
CA TYR C 157 49.95 14.73 -23.38
C TYR C 157 50.33 15.29 -24.74
N VAL C 158 51.17 14.56 -25.47
CA VAL C 158 51.61 14.93 -26.80
C VAL C 158 51.41 13.73 -27.72
N SER C 159 50.74 13.94 -28.84
CA SER C 159 50.45 12.85 -29.76
C SER C 159 51.64 12.54 -30.66
N GLN C 160 51.51 11.50 -31.46
CA GLN C 160 52.58 11.09 -32.36
C GLN C 160 52.76 12.12 -33.47
N PRO C 161 53.98 12.25 -34.01
CA PRO C 161 54.23 13.26 -35.04
C PRO C 161 53.47 12.95 -36.33
N PHE C 162 53.06 14.03 -37.00
CA PHE C 162 52.45 13.94 -38.32
C PHE C 162 52.79 15.21 -39.09
N LEU C 163 52.11 15.43 -40.21
CA LEU C 163 52.32 16.62 -41.02
C LEU C 163 51.04 16.95 -41.76
N MET C 164 50.49 18.12 -41.50
CA MET C 164 49.25 18.56 -42.14
C MET C 164 49.57 19.13 -43.52
N ASP C 165 48.57 19.76 -44.14
CA ASP C 165 48.71 20.31 -45.48
C ASP C 165 49.10 21.79 -45.45
N LEU C 166 48.36 22.60 -44.69
CA LEU C 166 48.57 24.03 -44.48
C LEU C 166 48.38 24.85 -45.76
N GLU C 167 48.01 24.23 -46.88
CA GLU C 167 47.84 24.96 -48.12
C GLU C 167 46.49 25.66 -48.16
N GLY C 168 46.49 26.90 -48.64
CA GLY C 168 45.26 27.66 -48.74
C GLY C 168 44.47 27.36 -50.00
N LYS C 169 43.33 26.69 -49.84
CA LYS C 169 42.48 26.37 -50.98
C LYS C 169 41.62 27.57 -51.34
N GLN C 170 40.99 27.48 -52.52
CA GLN C 170 40.18 28.59 -53.03
C GLN C 170 38.79 28.14 -53.47
N GLY C 171 38.37 26.91 -53.13
CA GLY C 171 37.05 26.44 -53.50
C GLY C 171 36.01 26.78 -52.45
N ASN C 172 35.28 25.76 -52.01
CA ASN C 172 34.23 25.91 -51.00
C ASN C 172 34.64 25.14 -49.74
N PHE C 173 33.84 25.33 -48.69
CA PHE C 173 34.06 24.62 -47.43
C PHE C 173 33.86 23.13 -47.65
N LYS C 174 34.92 22.34 -47.47
CA LYS C 174 34.88 20.92 -47.79
C LYS C 174 34.92 20.01 -46.57
N ASN C 175 35.24 20.52 -45.39
CA ASN C 175 35.37 19.68 -44.21
C ASN C 175 34.59 20.31 -43.05
N LEU C 176 33.79 19.50 -42.38
CA LEU C 176 33.05 19.90 -41.19
C LEU C 176 33.50 19.08 -40.01
N ARG C 177 33.87 19.74 -38.92
CA ARG C 177 34.32 19.08 -37.70
C ARG C 177 33.46 19.56 -36.54
N GLU C 178 32.97 18.60 -35.75
CA GLU C 178 32.09 18.91 -34.63
C GLU C 178 32.72 18.40 -33.33
N PHE C 179 32.53 19.16 -32.26
CA PHE C 179 33.03 18.80 -30.94
C PHE C 179 32.00 19.16 -29.88
N VAL C 180 31.91 18.33 -28.85
CA VAL C 180 31.09 18.59 -27.68
C VAL C 180 31.98 18.45 -26.46
N PHE C 181 32.09 19.53 -25.67
CA PHE C 181 32.95 19.58 -24.51
C PHE C 181 32.12 19.60 -23.25
N LYS C 182 32.43 18.71 -22.32
CA LYS C 182 31.75 18.67 -21.02
C LYS C 182 32.79 18.60 -19.92
N ASN C 183 32.43 19.11 -18.75
CA ASN C 183 33.31 19.12 -17.57
C ASN C 183 32.49 18.73 -16.36
N ILE C 184 32.50 17.45 -16.03
CA ILE C 184 31.76 16.91 -14.89
C ILE C 184 32.68 16.06 -14.05
N ASP C 185 32.59 16.24 -12.72
CA ASP C 185 33.31 15.41 -11.75
C ASP C 185 34.82 15.42 -11.99
N GLY C 186 35.36 16.54 -12.47
CA GLY C 186 36.77 16.63 -12.73
C GLY C 186 37.24 15.94 -13.99
N TYR C 187 36.33 15.48 -14.83
CA TYR C 187 36.67 14.85 -16.10
C TYR C 187 36.26 15.77 -17.25
N PHE C 188 37.18 15.99 -18.19
CA PHE C 188 36.92 16.79 -19.38
C PHE C 188 36.62 15.85 -20.53
N LYS C 189 35.37 15.77 -20.92
CA LYS C 189 34.92 14.83 -21.94
C LYS C 189 34.80 15.53 -23.29
N ILE C 190 35.42 14.94 -24.31
CA ILE C 190 35.41 15.49 -25.66
C ILE C 190 34.80 14.46 -26.60
N TYR C 191 33.77 14.86 -27.33
CA TYR C 191 33.19 14.04 -28.39
C TYR C 191 33.48 14.69 -29.74
N SER C 192 33.58 13.87 -30.78
CA SER C 192 33.97 14.37 -32.08
C SER C 192 33.30 13.56 -33.18
N LYS C 193 33.13 14.20 -34.33
CA LYS C 193 32.63 13.55 -35.54
C LYS C 193 33.06 14.37 -36.74
N HIS C 194 33.62 13.69 -37.74
CA HIS C 194 34.09 14.33 -38.97
C HIS C 194 33.18 13.94 -40.12
N THR C 195 32.79 14.93 -40.93
CA THR C 195 31.85 14.70 -42.01
C THR C 195 32.28 15.51 -43.23
N PRO C 196 32.38 14.87 -44.41
CA PRO C 196 32.71 15.62 -45.62
C PRO C 196 31.50 16.34 -46.18
N ILE C 197 31.65 17.65 -46.42
CA ILE C 197 30.59 18.50 -46.93
C ILE C 197 31.13 19.30 -48.10
N ASN C 198 30.22 20.01 -48.78
CA ASN C 198 30.60 20.96 -49.84
C ASN C 198 29.54 22.05 -49.84
N LEU C 199 29.86 23.18 -49.21
CA LEU C 199 28.88 24.22 -48.95
C LEU C 199 29.60 25.56 -48.83
N VAL C 200 28.83 26.64 -48.96
CA VAL C 200 29.44 27.98 -49.05
C VAL C 200 29.28 28.74 -47.75
N ARG C 201 28.22 28.48 -47.00
CA ARG C 201 27.96 29.21 -45.76
C ARG C 201 26.90 28.48 -44.95
N ASP C 202 26.74 28.90 -43.69
CA ASP C 202 25.74 28.38 -42.77
C ASP C 202 26.03 26.94 -42.34
N LEU C 203 25.42 26.52 -41.25
CA LEU C 203 25.51 25.13 -40.83
C LEU C 203 24.70 24.24 -41.76
N PRO C 204 25.24 23.11 -42.20
CA PRO C 204 24.50 22.24 -43.10
C PRO C 204 23.45 21.42 -42.38
N GLN C 205 22.46 20.99 -43.15
CA GLN C 205 21.44 20.09 -42.63
C GLN C 205 22.03 18.69 -42.41
N GLY C 206 21.28 17.87 -41.69
CA GLY C 206 21.63 16.47 -41.53
C GLY C 206 21.60 16.05 -40.08
N PHE C 207 22.00 14.80 -39.86
CA PHE C 207 22.07 14.20 -38.54
C PHE C 207 23.31 13.33 -38.48
N SER C 208 24.22 13.67 -37.58
CA SER C 208 25.44 12.89 -37.37
C SER C 208 25.65 12.71 -35.87
N ALA C 209 25.86 11.47 -35.46
CA ALA C 209 26.06 11.15 -34.05
C ALA C 209 27.54 11.28 -33.70
N LEU C 210 27.83 12.09 -32.70
CA LEU C 210 29.22 12.29 -32.28
C LEU C 210 29.67 11.11 -31.42
N GLU C 211 30.90 10.67 -31.66
CA GLU C 211 31.46 9.54 -30.94
C GLU C 211 32.41 10.00 -29.85
N PRO C 212 32.51 9.26 -28.75
CA PRO C 212 33.47 9.61 -27.70
C PRO C 212 34.90 9.52 -28.23
N LEU C 213 35.72 10.50 -27.84
CA LEU C 213 37.09 10.59 -28.30
C LEU C 213 38.11 10.38 -27.18
N VAL C 214 37.99 11.14 -26.08
CA VAL C 214 38.94 11.04 -24.97
C VAL C 214 38.28 11.58 -23.73
N ASP C 215 38.77 11.18 -22.57
CA ASP C 215 38.28 11.65 -21.27
C ASP C 215 39.49 12.01 -20.42
N LEU C 216 39.77 13.31 -20.32
CA LEU C 216 40.96 13.77 -19.62
C LEU C 216 40.63 14.07 -18.16
N PRO C 217 41.32 13.48 -17.20
CA PRO C 217 41.10 13.79 -15.77
C PRO C 217 41.92 14.99 -15.30
N ILE C 218 41.48 16.19 -15.67
CA ILE C 218 42.23 17.39 -15.31
C ILE C 218 41.87 17.89 -13.92
N GLY C 219 40.59 17.87 -13.58
CA GLY C 219 40.16 18.32 -12.26
C GLY C 219 40.39 19.79 -12.00
N ILE C 220 40.07 20.64 -12.97
CA ILE C 220 40.20 22.09 -12.82
C ILE C 220 38.83 22.73 -13.00
N ASN C 221 38.77 24.02 -12.67
CA ASN C 221 37.56 24.83 -12.78
C ASN C 221 37.58 25.55 -14.12
N ILE C 222 36.50 25.42 -14.89
CA ILE C 222 36.42 26.00 -16.22
C ILE C 222 35.15 26.83 -16.31
N THR C 223 35.31 28.11 -16.68
CA THR C 223 34.18 29.01 -16.88
C THR C 223 34.25 29.80 -18.17
N ARG C 224 35.42 29.93 -18.79
CA ARG C 224 35.56 30.68 -20.04
C ARG C 224 36.46 29.90 -20.98
N PHE C 225 36.27 30.13 -22.27
CA PHE C 225 37.08 29.45 -23.28
C PHE C 225 37.26 30.36 -24.48
N GLN C 226 38.33 30.10 -25.23
CA GLN C 226 38.67 30.90 -26.39
C GLN C 226 39.22 29.98 -27.49
N THR C 227 38.88 30.29 -28.73
CA THR C 227 39.27 29.47 -29.87
C THR C 227 40.55 30.01 -30.49
N LEU C 228 41.42 29.09 -30.89
CA LEU C 228 42.73 29.43 -31.44
C LEU C 228 42.66 29.39 -32.95
N LEU C 229 43.08 30.47 -33.59
CA LEU C 229 43.06 30.60 -35.04
C LEU C 229 44.48 30.67 -35.57
N ALA C 230 44.63 30.36 -36.86
CA ALA C 230 45.90 30.44 -37.55
C ALA C 230 45.95 31.70 -38.40
N LEU C 231 47.16 32.19 -38.64
CA LEU C 231 47.37 33.43 -39.37
C LEU C 231 48.14 33.16 -40.66
N HIS C 232 47.91 34.01 -41.65
CA HIS C 232 48.53 33.90 -42.96
C HIS C 232 49.43 35.10 -43.18
N ARG C 233 50.67 34.84 -43.57
CA ARG C 233 51.64 35.90 -43.85
C ARG C 233 52.38 35.56 -45.14
N SER C 234 52.61 36.58 -45.96
CA SER C 234 53.25 36.38 -47.26
C SER C 234 53.85 37.70 -47.72
N TYR C 235 54.21 37.77 -49.00
CA TYR C 235 54.82 38.95 -49.58
C TYR C 235 53.81 40.05 -49.91
N LEU C 236 52.52 39.75 -49.87
CA LEU C 236 51.50 40.75 -50.19
C LEU C 236 50.97 41.48 -48.97
N THR C 237 51.49 41.18 -47.77
CA THR C 237 51.04 41.78 -46.53
C THR C 237 52.25 42.31 -45.79
N PRO C 238 52.74 43.49 -46.17
CA PRO C 238 53.98 44.01 -45.56
C PRO C 238 53.87 44.28 -44.07
N GLY C 239 52.96 45.17 -43.67
CA GLY C 239 52.82 45.60 -42.29
C GLY C 239 54.14 45.93 -41.61
N ASP C 240 54.19 45.83 -40.29
CA ASP C 240 55.46 45.72 -39.58
C ASP C 240 55.57 44.40 -38.82
N SER C 241 54.70 44.17 -37.84
CA SER C 241 54.53 42.83 -37.29
C SER C 241 53.10 42.54 -36.87
N SER C 242 52.16 43.47 -37.05
CA SER C 242 50.79 43.30 -36.57
C SER C 242 49.73 43.72 -37.56
N SER C 243 50.10 44.33 -38.69
CA SER C 243 49.14 44.70 -39.73
C SER C 243 49.32 43.91 -41.02
N GLY C 244 50.49 43.31 -41.23
CA GLY C 244 50.72 42.51 -42.41
C GLY C 244 50.32 41.06 -42.22
N TRP C 245 49.02 40.79 -42.22
CA TRP C 245 48.50 39.45 -42.06
C TRP C 245 47.25 39.27 -42.92
N THR C 246 46.95 38.02 -43.25
CA THR C 246 45.76 37.66 -44.00
C THR C 246 44.89 36.75 -43.15
N ALA C 247 43.58 36.99 -43.19
CA ALA C 247 42.65 36.21 -42.36
C ALA C 247 42.52 34.79 -42.87
N GLY C 248 42.05 34.63 -44.12
CA GLY C 248 41.85 33.33 -44.71
C GLY C 248 40.38 33.09 -45.03
N ALA C 249 39.97 31.83 -44.92
CA ALA C 249 38.58 31.44 -45.18
C ALA C 249 38.21 30.32 -44.22
N ALA C 250 37.51 30.68 -43.13
CA ALA C 250 37.09 29.70 -42.14
C ALA C 250 35.97 30.30 -41.31
N ALA C 251 35.22 29.43 -40.65
CA ALA C 251 34.15 29.86 -39.76
C ALA C 251 33.94 28.79 -38.70
N TYR C 252 33.34 29.18 -37.58
CA TYR C 252 33.03 28.25 -36.52
C TYR C 252 31.78 28.70 -35.77
N TYR C 253 31.14 27.75 -35.11
CA TYR C 253 29.87 27.98 -34.43
C TYR C 253 29.96 27.48 -33.00
N VAL C 254 29.28 28.18 -32.09
CA VAL C 254 29.33 27.91 -30.66
C VAL C 254 27.90 27.76 -30.14
N GLY C 255 27.65 26.68 -29.40
CA GLY C 255 26.36 26.46 -28.77
C GLY C 255 26.55 26.03 -27.34
N TYR C 256 25.46 26.06 -26.58
CA TYR C 256 25.49 25.79 -25.15
C TYR C 256 24.52 24.66 -24.82
N LEU C 257 24.95 23.77 -23.92
CA LEU C 257 24.18 22.58 -23.58
C LEU C 257 23.34 22.82 -22.34
N GLN C 258 22.18 22.17 -22.30
CA GLN C 258 21.25 22.22 -21.19
C GLN C 258 20.76 20.81 -20.89
N PRO C 259 20.39 20.52 -19.65
CA PRO C 259 19.88 19.17 -19.33
C PRO C 259 18.50 18.92 -19.90
N ARG C 260 18.42 18.02 -20.87
CA ARG C 260 17.17 17.67 -21.53
C ARG C 260 17.05 16.16 -21.63
N THR C 261 15.86 15.71 -22.01
CA THR C 261 15.59 14.30 -22.25
C THR C 261 15.36 14.09 -23.75
N PHE C 262 16.09 13.15 -24.33
CA PHE C 262 16.03 12.87 -25.75
C PHE C 262 15.53 11.45 -25.98
N LEU C 263 14.97 11.23 -27.17
CA LEU C 263 14.52 9.91 -27.60
C LEU C 263 15.37 9.50 -28.79
N LEU C 264 16.33 8.61 -28.55
CA LEU C 264 17.31 8.24 -29.55
C LEU C 264 16.85 6.99 -30.28
N LYS C 265 17.19 6.91 -31.57
CA LYS C 265 16.82 5.79 -32.42
C LYS C 265 18.06 5.08 -32.89
N TYR C 266 18.14 3.77 -32.60
CA TYR C 266 19.21 2.91 -33.07
C TYR C 266 18.68 2.02 -34.18
N ASN C 267 19.40 1.97 -35.30
CA ASN C 267 19.01 1.12 -36.41
C ASN C 267 19.44 -0.33 -36.14
N GLU C 268 19.19 -1.21 -37.11
CA GLU C 268 19.58 -2.61 -36.97
C GLU C 268 21.08 -2.77 -37.07
N ASN C 269 21.78 -1.77 -37.57
CA ASN C 269 23.22 -1.81 -37.78
C ASN C 269 23.97 -1.26 -36.58
N GLY C 270 23.32 -0.44 -35.75
CA GLY C 270 23.90 0.07 -34.53
C GLY C 270 24.29 1.54 -34.54
N THR C 271 23.86 2.30 -35.53
CA THR C 271 24.19 3.71 -35.64
C THR C 271 22.96 4.57 -35.38
N ILE C 272 23.14 5.64 -34.61
CA ILE C 272 22.05 6.57 -34.34
C ILE C 272 21.72 7.34 -35.62
N THR C 273 20.45 7.36 -35.98
CA THR C 273 20.01 8.02 -37.20
C THR C 273 19.00 9.14 -36.97
N ASP C 274 18.33 9.18 -35.83
CA ASP C 274 17.34 10.23 -35.58
C ASP C 274 17.17 10.35 -34.07
N ALA C 275 16.66 11.50 -33.65
CA ALA C 275 16.42 11.78 -32.24
C ALA C 275 15.28 12.76 -32.10
N VAL C 276 14.59 12.71 -30.96
CA VAL C 276 13.44 13.55 -30.69
C VAL C 276 13.66 14.26 -29.36
N ASP C 277 13.50 15.58 -29.36
CA ASP C 277 13.67 16.39 -28.16
C ASP C 277 12.35 16.37 -27.40
N CYS C 278 12.35 15.74 -26.23
CA CYS C 278 11.12 15.54 -25.47
C CYS C 278 10.59 16.81 -24.83
N ALA C 279 11.11 18.01 -25.10
CA ALA C 279 10.57 19.21 -24.48
C ALA C 279 10.55 20.40 -25.43
N LEU C 280 10.71 20.20 -26.73
CA LEU C 280 10.71 21.32 -27.67
C LEU C 280 9.30 21.83 -27.94
N ASP C 281 8.39 20.94 -28.31
CA ASP C 281 7.01 21.28 -28.60
C ASP C 281 6.11 20.24 -27.95
N PRO C 282 4.82 20.54 -27.77
CA PRO C 282 3.89 19.50 -27.30
C PRO C 282 3.82 18.29 -28.22
N LEU C 283 3.97 18.50 -29.54
CA LEU C 283 4.02 17.37 -30.46
C LEU C 283 5.21 16.47 -30.16
N SER C 284 6.37 17.08 -29.91
CA SER C 284 7.55 16.28 -29.56
C SER C 284 7.37 15.61 -28.21
N GLU C 285 6.69 16.28 -27.28
CA GLU C 285 6.41 15.67 -25.99
C GLU C 285 5.56 14.42 -26.15
N THR C 286 4.54 14.47 -27.00
CA THR C 286 3.69 13.30 -27.20
C THR C 286 4.41 12.22 -28.01
N LYS C 287 5.30 12.62 -28.92
CA LYS C 287 6.14 11.64 -29.60
C LYS C 287 7.01 10.90 -28.61
N CYS C 288 7.59 11.62 -27.66
CA CYS C 288 8.48 11.01 -26.67
C CYS C 288 7.71 10.17 -25.66
N THR C 289 6.49 10.58 -25.29
CA THR C 289 5.69 9.77 -24.38
C THR C 289 5.03 8.58 -25.05
N LEU C 290 4.91 8.60 -26.38
CA LEU C 290 4.39 7.45 -27.12
C LEU C 290 5.46 6.43 -27.44
N LYS C 291 6.74 6.77 -27.23
CA LYS C 291 7.87 5.91 -27.60
C LYS C 291 7.78 5.52 -29.08
N SER C 292 7.43 6.50 -29.91
CA SER C 292 7.32 6.27 -31.35
C SER C 292 7.54 7.60 -32.07
N PHE C 293 8.12 7.51 -33.27
CA PHE C 293 8.38 8.69 -34.07
C PHE C 293 7.18 9.13 -34.89
N THR C 294 6.11 8.32 -34.94
CA THR C 294 4.91 8.64 -35.69
C THR C 294 3.74 8.80 -34.73
N VAL C 295 2.98 9.88 -34.90
CA VAL C 295 1.81 10.15 -34.08
C VAL C 295 0.59 10.13 -34.99
N GLU C 296 -0.43 9.38 -34.60
CA GLU C 296 -1.61 9.21 -35.41
C GLU C 296 -2.62 10.32 -35.14
N LYS C 297 -3.61 10.41 -36.02
CA LYS C 297 -4.64 11.44 -35.91
C LYS C 297 -5.37 11.32 -34.58
N GLY C 298 -5.55 12.45 -33.91
CA GLY C 298 -6.29 12.48 -32.67
C GLY C 298 -5.85 13.65 -31.81
N ILE C 299 -6.31 13.63 -30.57
CA ILE C 299 -5.96 14.63 -29.56
C ILE C 299 -5.31 13.91 -28.39
N TYR C 300 -4.14 14.41 -27.97
CA TYR C 300 -3.34 13.75 -26.96
C TYR C 300 -3.09 14.69 -25.79
N GLN C 301 -3.15 14.15 -24.58
CA GLN C 301 -2.87 14.92 -23.37
C GLN C 301 -1.38 14.95 -23.10
N THR C 302 -0.87 16.12 -22.75
CA THR C 302 0.54 16.32 -22.45
C THR C 302 0.69 16.78 -21.00
N SER C 303 1.92 17.13 -20.64
CA SER C 303 2.20 17.56 -19.27
C SER C 303 1.53 18.90 -18.98
N ASN C 304 1.24 19.12 -17.70
CA ASN C 304 0.56 20.34 -17.30
C ASN C 304 1.49 21.55 -17.46
N PHE C 305 0.88 22.72 -17.52
CA PHE C 305 1.63 23.93 -17.82
C PHE C 305 2.59 24.25 -16.69
N ARG C 306 3.87 24.31 -17.01
CA ARG C 306 4.94 24.56 -16.04
C ARG C 306 5.47 25.97 -16.19
N VAL C 307 5.77 26.61 -15.06
CA VAL C 307 6.42 27.92 -15.04
C VAL C 307 7.74 27.78 -14.29
N GLN C 308 8.81 28.19 -14.93
CA GLN C 308 10.10 27.99 -14.29
C GLN C 308 10.42 29.13 -13.32
N PRO C 309 11.12 28.81 -12.24
CA PRO C 309 11.56 29.86 -11.31
C PRO C 309 12.48 30.86 -12.01
N THR C 310 12.35 32.13 -11.63
CA THR C 310 13.15 33.19 -12.21
C THR C 310 14.23 33.72 -11.29
N GLU C 311 13.97 33.77 -9.97
CA GLU C 311 14.95 34.21 -8.99
C GLU C 311 15.03 33.22 -7.85
N SER C 312 16.03 33.42 -7.00
CA SER C 312 16.19 32.66 -5.77
C SER C 312 16.38 33.64 -4.62
N ILE C 313 15.59 33.47 -3.56
CA ILE C 313 15.62 34.39 -2.42
C ILE C 313 15.86 33.61 -1.15
N VAL C 314 16.49 34.28 -0.18
CA VAL C 314 16.79 33.71 1.13
C VAL C 314 16.28 34.69 2.18
N ARG C 315 15.56 34.17 3.18
CA ARG C 315 15.01 34.99 4.26
C ARG C 315 15.37 34.35 5.59
N PHE C 316 16.39 34.91 6.25
CA PHE C 316 16.86 34.48 7.55
C PHE C 316 16.69 35.61 8.56
N PRO C 317 16.56 35.29 9.84
CA PRO C 317 16.40 36.35 10.85
C PRO C 317 17.64 37.25 10.93
N ASN C 318 17.40 38.49 11.32
CA ASN C 318 18.46 39.47 11.53
C ASN C 318 19.24 39.10 12.78
N ILE C 319 20.34 38.39 12.59
CA ILE C 319 21.22 37.98 13.68
C ILE C 319 22.64 38.42 13.33
N THR C 320 23.34 39.00 14.29
CA THR C 320 24.69 39.51 14.10
C THR C 320 25.74 38.79 14.92
N ASN C 321 25.44 38.45 16.17
CA ASN C 321 26.45 37.88 17.05
C ASN C 321 26.85 36.49 16.61
N LEU C 322 28.07 36.10 16.99
CA LEU C 322 28.59 34.77 16.70
C LEU C 322 28.36 33.84 17.88
N CYS C 323 28.16 32.57 17.58
CA CYS C 323 27.81 31.61 18.61
C CYS C 323 29.00 31.33 19.53
N PRO C 324 28.74 30.98 20.79
CA PRO C 324 29.84 30.77 21.75
C PRO C 324 30.65 29.51 21.45
N PHE C 325 31.42 29.55 20.36
CA PHE C 325 32.31 28.43 20.05
C PHE C 325 33.52 28.38 20.97
N GLY C 326 33.85 29.48 21.62
CA GLY C 326 35.04 29.56 22.44
C GLY C 326 34.81 29.29 23.91
N GLU C 327 33.56 29.10 24.33
CA GLU C 327 33.23 28.78 25.70
C GLU C 327 32.48 27.46 25.81
N VAL C 328 32.22 26.79 24.70
CA VAL C 328 31.65 25.45 24.67
C VAL C 328 32.71 24.42 24.31
N PHE C 329 33.45 24.65 23.23
CA PHE C 329 34.50 23.75 22.79
C PHE C 329 35.86 24.06 23.40
N ASN C 330 36.03 25.25 23.97
CA ASN C 330 37.35 25.73 24.39
C ASN C 330 37.38 26.05 25.87
N ALA C 331 36.48 25.48 26.66
CA ALA C 331 36.42 25.78 28.08
C ALA C 331 37.63 25.21 28.82
N THR C 332 37.95 25.83 29.95
CA THR C 332 39.09 25.39 30.74
C THR C 332 38.80 24.14 31.54
N ARG C 333 37.56 23.96 31.99
CA ARG C 333 37.19 22.79 32.78
C ARG C 333 35.85 22.27 32.32
N PHE C 334 35.80 20.97 32.00
CA PHE C 334 34.59 20.31 31.56
C PHE C 334 33.92 19.59 32.73
N ALA C 335 32.67 19.22 32.52
CA ALA C 335 31.88 18.56 33.54
C ALA C 335 32.10 17.05 33.53
N SER C 336 31.77 16.42 34.65
CA SER C 336 31.86 14.97 34.75
C SER C 336 30.71 14.31 34.00
N VAL C 337 30.92 13.03 33.66
CA VAL C 337 29.92 12.31 32.88
C VAL C 337 28.64 12.11 33.68
N TYR C 338 28.77 11.88 34.99
CA TYR C 338 27.59 11.64 35.82
C TYR C 338 26.82 12.92 36.13
N ALA C 339 27.46 14.09 36.03
CA ALA C 339 26.83 15.38 36.28
C ALA C 339 27.12 16.33 35.12
N TRP C 340 26.94 15.84 33.90
CA TRP C 340 27.20 16.62 32.70
C TRP C 340 26.42 17.94 32.71
N ASN C 341 26.96 18.90 31.97
CA ASN C 341 26.41 20.26 31.92
C ASN C 341 25.66 20.46 30.62
N ARG C 342 24.56 21.21 30.69
CA ARG C 342 23.73 21.53 29.54
C ARG C 342 23.64 23.04 29.40
N LYS C 343 23.85 23.53 28.18
CA LYS C 343 23.91 24.96 27.93
C LYS C 343 22.99 25.31 26.77
N ARG C 344 22.38 26.49 26.85
CA ARG C 344 21.48 26.98 25.82
C ARG C 344 22.22 27.87 24.85
N ILE C 345 22.00 27.66 23.55
CA ILE C 345 22.59 28.46 22.49
C ILE C 345 21.45 29.12 21.74
N SER C 346 21.48 30.45 21.65
CA SER C 346 20.38 31.17 21.03
C SER C 346 20.88 32.51 20.51
N ASN C 347 20.28 32.96 19.41
CA ASN C 347 20.51 34.28 18.84
C ASN C 347 21.97 34.48 18.45
N CYS C 348 22.46 33.59 17.59
CA CYS C 348 23.82 33.72 17.09
C CYS C 348 23.97 32.91 15.80
N VAL C 349 24.82 33.38 14.91
CA VAL C 349 25.10 32.69 13.66
C VAL C 349 26.10 31.58 13.92
N ALA C 350 25.78 30.38 13.43
CA ALA C 350 26.60 29.19 13.68
C ALA C 350 27.53 28.92 12.50
N ASP C 351 28.54 29.78 12.37
CA ASP C 351 29.57 29.62 11.34
C ASP C 351 30.70 28.81 11.94
N TYR C 352 30.74 27.52 11.61
CA TYR C 352 31.72 26.61 12.21
C TYR C 352 33.08 26.67 11.53
N SER C 353 33.26 27.52 10.54
CA SER C 353 34.57 27.64 9.89
C SER C 353 35.63 28.17 10.84
N VAL C 354 35.23 28.84 11.93
CA VAL C 354 36.19 29.35 12.90
C VAL C 354 36.86 28.25 13.71
N LEU C 355 36.32 27.04 13.67
CA LEU C 355 36.92 25.89 14.35
C LEU C 355 37.95 25.17 13.49
N TYR C 356 38.18 25.66 12.27
CA TYR C 356 39.03 24.93 11.33
C TYR C 356 40.52 25.04 11.68
N ASN C 357 40.94 26.15 12.28
CA ASN C 357 42.36 26.37 12.50
C ASN C 357 42.86 25.85 13.84
N SER C 358 42.02 25.84 14.88
CA SER C 358 42.46 25.50 16.22
C SER C 358 41.76 24.29 16.81
N ALA C 359 40.98 23.56 16.02
CA ALA C 359 40.26 22.40 16.53
C ALA C 359 40.40 21.23 15.55
N SER C 360 40.56 20.04 16.10
CA SER C 360 40.65 18.82 15.30
C SER C 360 39.88 17.73 16.02
N PHE C 361 38.79 17.27 15.42
CA PHE C 361 37.90 16.31 16.05
C PHE C 361 38.14 14.92 15.48
N SER C 362 38.20 13.93 16.36
CA SER C 362 38.39 12.55 15.94
C SER C 362 37.10 11.80 15.62
N THR C 363 35.94 12.30 16.04
CA THR C 363 34.69 11.66 15.67
C THR C 363 33.55 12.67 15.57
N PHE C 364 33.18 13.05 14.34
CA PHE C 364 31.99 13.85 14.13
C PHE C 364 30.95 12.99 13.44
N LYS C 365 29.82 12.74 14.12
CA LYS C 365 28.70 11.99 13.58
C LYS C 365 27.41 12.78 13.72
N CYS C 366 26.64 12.90 12.63
CA CYS C 366 25.43 13.70 12.66
C CYS C 366 24.22 12.80 12.44
N TYR C 367 23.23 12.90 13.32
CA TYR C 367 22.03 12.08 13.26
C TYR C 367 20.84 12.96 12.93
N GLY C 368 20.10 12.60 11.90
CA GLY C 368 18.92 13.37 11.54
C GLY C 368 19.20 14.52 10.61
N VAL C 369 20.43 14.66 10.12
CA VAL C 369 20.82 15.79 9.29
C VAL C 369 22.15 15.47 8.62
N SER C 370 22.34 15.99 7.41
CA SER C 370 23.58 15.73 6.68
C SER C 370 24.60 16.82 6.98
N PRO C 371 25.86 16.41 7.22
CA PRO C 371 26.89 17.40 7.57
C PRO C 371 27.12 18.46 6.51
N THR C 372 26.84 18.16 5.25
CA THR C 372 27.02 19.13 4.19
C THR C 372 25.90 20.17 4.13
N LYS C 373 24.77 19.92 4.78
CA LYS C 373 23.64 20.83 4.76
C LYS C 373 23.61 21.77 5.97
N LEU C 374 24.60 21.68 6.85
CA LEU C 374 24.59 22.49 8.07
C LEU C 374 24.77 23.98 7.78
N ASN C 375 25.31 24.34 6.63
CA ASN C 375 25.54 25.74 6.30
C ASN C 375 24.30 26.43 5.72
N ASP C 376 23.24 25.68 5.41
CA ASP C 376 22.06 26.25 4.78
C ASP C 376 20.81 26.19 5.65
N LEU C 377 20.87 25.56 6.82
CA LEU C 377 19.70 25.33 7.64
C LEU C 377 19.56 26.41 8.71
N CYS C 378 18.57 26.23 9.59
CA CYS C 378 18.38 27.08 10.74
C CYS C 378 17.83 26.21 11.87
N PHE C 379 18.48 26.26 13.03
CA PHE C 379 18.23 25.32 14.11
C PHE C 379 17.47 25.99 15.24
N THR C 380 16.50 25.26 15.80
CA THR C 380 15.68 25.73 16.90
C THR C 380 15.91 24.86 18.13
N ASN C 381 15.90 25.49 19.30
CA ASN C 381 16.07 24.80 20.58
C ASN C 381 17.39 24.02 20.62
N VAL C 382 18.48 24.76 20.46
CA VAL C 382 19.81 24.18 20.39
C VAL C 382 20.38 24.08 21.80
N TYR C 383 20.87 22.89 22.15
CA TYR C 383 21.47 22.62 23.44
C TYR C 383 22.85 22.01 23.24
N ALA C 384 23.77 22.34 24.15
CA ALA C 384 25.15 21.87 24.09
C ALA C 384 25.45 21.11 25.37
N ASP C 385 25.67 19.80 25.24
CA ASP C 385 25.97 18.93 26.37
C ASP C 385 27.44 18.56 26.33
N SER C 386 28.14 18.74 27.45
CA SER C 386 29.58 18.53 27.51
C SER C 386 29.94 17.63 28.69
N PHE C 387 30.87 16.71 28.45
CA PHE C 387 31.43 15.88 29.50
C PHE C 387 32.73 15.29 29.00
N VAL C 388 33.43 14.58 29.89
CA VAL C 388 34.72 13.95 29.59
C VAL C 388 34.66 12.49 29.99
N ILE C 389 34.94 11.60 29.04
CA ILE C 389 34.90 10.16 29.27
C ILE C 389 36.19 9.54 28.72
N ARG C 390 36.26 8.21 28.80
CA ARG C 390 37.43 7.47 28.36
C ARG C 390 37.43 7.30 26.85
N GLY C 391 38.55 6.80 26.32
CA GLY C 391 38.65 6.56 24.88
C GLY C 391 37.76 5.44 24.39
N ASP C 392 37.71 4.33 25.12
CA ASP C 392 36.89 3.19 24.70
C ASP C 392 35.41 3.44 24.85
N GLU C 393 35.01 4.44 25.63
CA GLU C 393 33.61 4.74 25.85
C GLU C 393 33.07 5.82 24.91
N VAL C 394 33.90 6.33 24.00
CA VAL C 394 33.42 7.30 23.03
C VAL C 394 32.39 6.68 22.10
N ARG C 395 32.50 5.37 21.85
CA ARG C 395 31.53 4.68 21.00
C ARG C 395 30.16 4.57 21.67
N GLN C 396 30.09 4.73 22.99
CA GLN C 396 28.84 4.53 23.70
C GLN C 396 27.91 5.74 23.64
N ILE C 397 28.39 6.88 23.19
CA ILE C 397 27.53 8.07 23.03
C ILE C 397 26.94 7.98 21.63
N ALA C 398 25.87 7.20 21.53
CA ALA C 398 25.17 6.95 20.27
C ALA C 398 23.83 6.30 20.58
N PRO C 399 22.80 6.51 19.77
CA PRO C 399 21.49 5.92 20.06
C PRO C 399 21.55 4.39 20.07
N GLY C 400 20.84 3.80 21.03
CA GLY C 400 20.71 2.36 21.10
C GLY C 400 21.99 1.61 21.37
N GLN C 401 22.81 2.09 22.29
CA GLN C 401 24.05 1.43 22.66
C GLN C 401 23.98 0.99 24.11
N THR C 402 24.76 -0.04 24.43
CA THR C 402 24.82 -0.60 25.77
C THR C 402 26.19 -0.33 26.38
N GLY C 403 26.28 -0.52 27.70
CA GLY C 403 27.49 -0.25 28.44
C GLY C 403 27.20 0.59 29.68
N LYS C 404 28.25 0.74 30.49
CA LYS C 404 28.10 1.47 31.74
C LYS C 404 27.72 2.92 31.52
N ILE C 405 28.37 3.59 30.56
CA ILE C 405 28.05 5.00 30.32
C ILE C 405 26.63 5.16 29.82
N ALA C 406 26.26 4.40 28.80
CA ALA C 406 24.93 4.53 28.22
C ALA C 406 23.83 4.00 29.13
N ASP C 407 24.17 3.22 30.15
CA ASP C 407 23.17 2.67 31.05
C ASP C 407 22.98 3.50 32.31
N TYR C 408 24.07 3.94 32.95
CA TYR C 408 23.98 4.60 34.24
C TYR C 408 24.36 6.07 34.21
N ASN C 409 24.94 6.57 33.10
CA ASN C 409 25.50 7.91 33.10
C ASN C 409 24.82 8.85 32.11
N TYR C 410 24.67 8.44 30.85
CA TYR C 410 24.18 9.35 29.81
C TYR C 410 23.52 8.52 28.72
N LYS C 411 22.21 8.68 28.56
CA LYS C 411 21.43 7.93 27.57
C LYS C 411 20.88 8.87 26.52
N LEU C 412 20.99 8.46 25.26
CA LEU C 412 20.52 9.23 24.11
C LEU C 412 19.20 8.69 23.59
N PRO C 413 18.29 9.54 23.14
CA PRO C 413 17.02 9.05 22.59
C PRO C 413 17.22 8.32 21.27
N ASP C 414 16.29 7.42 20.97
CA ASP C 414 16.36 6.73 19.69
C ASP C 414 15.99 7.63 18.53
N ASP C 415 15.10 8.61 18.74
CA ASP C 415 14.77 9.60 17.71
C ASP C 415 15.51 10.89 18.03
N PHE C 416 16.80 10.93 17.69
CA PHE C 416 17.63 12.06 18.05
C PHE C 416 18.03 12.84 16.80
N THR C 417 17.78 14.15 16.81
CA THR C 417 18.28 15.03 15.77
C THR C 417 19.46 15.77 16.38
N GLY C 418 20.65 15.59 15.83
CA GLY C 418 21.81 16.19 16.45
C GLY C 418 23.10 15.73 15.80
N CYS C 419 24.19 16.16 16.42
CA CYS C 419 25.53 15.78 15.99
C CYS C 419 26.33 15.48 17.26
N VAL C 420 27.26 14.54 17.17
CA VAL C 420 28.15 14.20 18.28
C VAL C 420 29.59 14.50 17.89
N ILE C 421 30.30 15.22 18.75
CA ILE C 421 31.65 15.69 18.46
C ILE C 421 32.56 15.26 19.60
N ALA C 422 33.73 14.71 19.26
CA ALA C 422 34.66 14.23 20.27
C ALA C 422 36.09 14.44 19.79
N TRP C 423 36.97 14.73 20.73
CA TRP C 423 38.38 14.90 20.42
C TRP C 423 39.24 14.54 21.62
N ASN C 424 40.44 14.06 21.36
CA ASN C 424 41.36 13.66 22.42
C ASN C 424 41.80 14.88 23.22
N SER C 425 41.89 14.72 24.53
CA SER C 425 42.31 15.80 25.43
C SER C 425 43.32 15.28 26.44
N ASN C 426 44.31 14.50 25.98
CA ASN C 426 45.35 14.02 26.86
C ASN C 426 46.33 15.12 27.27
N ASN C 427 46.41 16.20 26.50
CA ASN C 427 47.34 17.28 26.81
C ASN C 427 46.79 18.28 27.81
N LEU C 428 45.51 18.20 28.16
CA LEU C 428 44.89 19.12 29.10
C LEU C 428 44.17 18.46 30.27
N ASP C 429 43.75 17.21 30.14
CA ASP C 429 42.95 16.55 31.16
C ASP C 429 43.69 15.41 31.83
N SER C 430 45.02 15.43 31.83
CA SER C 430 45.82 14.39 32.46
C SER C 430 47.00 15.02 33.20
N LYS C 431 47.27 14.51 34.39
CA LYS C 431 48.41 14.93 35.19
C LYS C 431 49.35 13.75 35.40
N VAL C 432 50.62 14.08 35.70
CA VAL C 432 51.64 13.04 35.83
C VAL C 432 51.33 12.11 36.99
N GLY C 433 50.78 12.64 38.07
CA GLY C 433 50.42 11.81 39.20
C GLY C 433 49.05 11.18 39.09
N GLY C 434 48.27 11.59 38.10
CA GLY C 434 46.91 11.13 37.92
C GLY C 434 45.92 12.26 38.09
N ASN C 435 44.76 12.15 37.44
CA ASN C 435 43.72 13.17 37.53
C ASN C 435 42.48 12.51 38.10
N TYR C 436 42.22 12.73 39.38
CA TYR C 436 41.07 12.13 40.07
C TYR C 436 39.93 13.11 40.26
N ASN C 437 39.75 14.04 39.31
CA ASN C 437 38.66 15.00 39.38
C ASN C 437 37.44 14.59 38.56
N TYR C 438 37.58 13.64 37.64
CA TYR C 438 36.48 13.20 36.79
C TYR C 438 35.92 11.90 37.34
N LEU C 439 34.61 11.90 37.60
CA LEU C 439 33.95 10.77 38.25
C LEU C 439 32.92 10.16 37.31
N TYR C 440 32.61 8.90 37.58
CA TYR C 440 31.63 8.16 36.80
C TYR C 440 30.85 7.23 37.74
N ARG C 441 29.62 6.93 37.37
CA ARG C 441 28.77 6.06 38.16
C ARG C 441 28.88 4.63 37.67
N LEU C 442 29.16 3.71 38.59
CA LEU C 442 29.41 2.32 38.24
C LEU C 442 28.29 1.37 38.64
N PHE C 443 27.53 1.68 39.69
CA PHE C 443 26.43 0.84 40.16
C PHE C 443 25.15 1.65 40.15
N ARG C 444 24.08 1.06 39.63
CA ARG C 444 22.76 1.68 39.66
C ARG C 444 21.71 0.59 39.54
N LYS C 445 20.54 0.85 40.13
CA LYS C 445 19.49 -0.15 40.18
C LYS C 445 18.78 -0.31 38.83
N SER C 446 18.70 0.76 38.04
CA SER C 446 18.00 0.69 36.76
C SER C 446 18.71 1.57 35.75
N ASN C 447 18.52 1.23 34.47
CA ASN C 447 19.09 2.03 33.40
C ASN C 447 18.37 3.36 33.27
N LEU C 448 19.08 4.34 32.72
CA LEU C 448 18.55 5.69 32.62
C LEU C 448 17.63 5.83 31.42
N LYS C 449 16.63 6.69 31.57
CA LYS C 449 15.82 7.14 30.46
C LYS C 449 16.60 8.18 29.67
N PRO C 450 16.22 8.43 28.42
CA PRO C 450 16.98 9.38 27.59
C PRO C 450 17.08 10.76 28.23
N PHE C 451 18.28 11.34 28.16
CA PHE C 451 18.55 12.71 28.59
C PHE C 451 18.16 12.93 30.06
N GLU C 452 18.49 11.96 30.90
CA GLU C 452 18.29 12.09 32.34
C GLU C 452 19.64 12.23 33.04
N ARG C 453 19.62 12.89 34.19
CA ARG C 453 20.82 13.13 34.99
C ARG C 453 20.56 12.68 36.42
N ASP C 454 21.45 11.87 36.96
CA ASP C 454 21.37 11.38 38.33
C ASP C 454 22.61 11.86 39.07
N ILE C 455 22.40 12.61 40.15
CA ILE C 455 23.49 13.22 40.91
C ILE C 455 23.52 12.73 42.35
N SER C 456 22.67 11.77 42.69
CA SER C 456 22.63 11.22 44.04
C SER C 456 23.88 10.39 44.32
N THR C 457 24.24 10.31 45.60
CA THR C 457 25.42 9.57 46.04
C THR C 457 25.04 8.58 47.14
N GLU C 458 23.89 7.92 47.00
CA GLU C 458 23.46 6.95 47.98
C GLU C 458 24.20 5.62 47.79
N ILE C 459 24.40 4.91 48.90
CA ILE C 459 25.13 3.65 48.86
C ILE C 459 24.26 2.58 48.19
N TYR C 460 24.84 1.87 47.23
CA TYR C 460 24.14 0.83 46.49
C TYR C 460 24.35 -0.51 47.20
N GLN C 461 23.25 -1.16 47.56
CA GLN C 461 23.28 -2.44 48.25
C GLN C 461 23.30 -3.55 47.22
N ALA C 462 24.42 -4.28 47.14
CA ALA C 462 24.56 -5.35 46.17
C ALA C 462 24.27 -6.72 46.75
N GLY C 463 24.18 -6.85 48.07
CA GLY C 463 23.86 -8.10 48.73
C GLY C 463 22.38 -8.22 49.03
N SER C 464 22.07 -8.95 50.09
CA SER C 464 20.69 -9.15 50.52
C SER C 464 20.45 -8.60 51.91
N THR C 465 21.32 -7.70 52.38
CA THR C 465 21.22 -7.09 53.70
C THR C 465 21.61 -5.62 53.60
N PRO C 466 20.73 -4.71 53.99
CA PRO C 466 21.09 -3.28 53.96
C PRO C 466 22.27 -2.99 54.88
N CYS C 467 23.16 -2.12 54.42
CA CYS C 467 24.32 -1.73 55.21
C CYS C 467 24.16 -0.35 55.84
N ASN C 468 22.99 0.28 55.67
CA ASN C 468 22.67 1.55 56.34
C ASN C 468 23.65 2.66 56.00
N GLY C 469 24.24 2.61 54.80
CA GLY C 469 25.15 3.65 54.37
C GLY C 469 26.41 3.76 55.19
N VAL C 470 27.07 2.63 55.48
CA VAL C 470 28.34 2.62 56.19
C VAL C 470 29.48 2.13 55.33
N GLU C 471 29.20 1.67 54.10
CA GLU C 471 30.20 1.12 53.19
C GLU C 471 30.93 -0.06 53.86
N GLY C 472 30.16 -1.11 54.10
CA GLY C 472 30.69 -2.31 54.69
C GLY C 472 31.03 -3.37 53.66
N PHE C 473 30.48 -4.56 53.83
CA PHE C 473 30.68 -5.66 52.89
C PHE C 473 29.47 -5.76 51.96
N ASN C 474 29.75 -5.98 50.68
CA ASN C 474 28.72 -6.21 49.67
C ASN C 474 27.84 -4.99 49.45
N CYS C 475 28.31 -3.81 49.81
CA CYS C 475 27.65 -2.56 49.46
C CYS C 475 28.74 -1.51 49.19
N TYR C 476 28.68 -0.89 48.02
CA TYR C 476 29.76 -0.05 47.55
C TYR C 476 29.27 1.36 47.26
N PHE C 477 30.22 2.30 47.25
CA PHE C 477 29.94 3.67 46.88
C PHE C 477 29.65 3.75 45.38
N PRO C 478 28.63 4.49 44.96
CA PRO C 478 28.23 4.45 43.54
C PRO C 478 29.24 5.07 42.59
N LEU C 479 30.00 6.07 43.03
CA LEU C 479 30.87 6.81 42.13
C LEU C 479 32.32 6.36 42.28
N GLN C 480 33.00 6.25 41.14
CA GLN C 480 34.43 5.99 41.09
C GLN C 480 35.09 7.08 40.25
N SER C 481 36.42 7.15 40.33
CA SER C 481 37.18 8.21 39.69
C SER C 481 38.07 7.63 38.60
N TYR C 482 38.02 8.25 37.42
CA TYR C 482 38.88 7.83 36.32
C TYR C 482 40.34 8.12 36.66
N GLY C 483 41.22 7.19 36.30
CA GLY C 483 42.63 7.43 36.45
C GLY C 483 43.27 7.80 35.12
N PHE C 484 43.51 9.08 34.89
CA PHE C 484 44.03 9.57 33.62
C PHE C 484 45.47 9.99 33.82
N GLN C 485 46.38 9.31 33.12
CA GLN C 485 47.80 9.60 33.18
C GLN C 485 48.34 9.82 31.79
N PRO C 486 49.40 10.62 31.65
CA PRO C 486 49.95 10.90 30.31
C PRO C 486 50.63 9.72 29.66
N THR C 487 50.91 8.65 30.41
CA THR C 487 51.56 7.47 29.85
C THR C 487 50.60 6.29 29.67
N ASN C 488 49.31 6.56 29.67
CA ASN C 488 48.32 5.50 29.52
C ASN C 488 47.99 5.29 28.04
N GLY C 489 47.35 4.16 27.76
CA GLY C 489 47.05 3.81 26.39
C GLY C 489 46.07 4.75 25.73
N VAL C 490 45.98 4.61 24.41
CA VAL C 490 45.12 5.48 23.62
C VAL C 490 43.68 5.39 24.08
N GLY C 491 43.22 4.19 24.41
CA GLY C 491 41.87 4.03 24.90
C GLY C 491 41.65 4.35 26.35
N TYR C 492 42.72 4.62 27.10
CA TYR C 492 42.61 4.98 28.51
C TYR C 492 42.91 6.46 28.75
N GLN C 493 43.00 7.27 27.67
CA GLN C 493 43.18 8.71 27.73
C GLN C 493 41.83 9.42 27.75
N PRO C 494 41.77 10.61 28.36
CA PRO C 494 40.49 11.32 28.43
C PRO C 494 40.08 11.91 27.09
N TYR C 495 38.79 11.82 26.79
CA TYR C 495 38.21 12.38 25.58
C TYR C 495 37.06 13.30 25.94
N ARG C 496 37.01 14.46 25.30
CA ARG C 496 35.93 15.42 25.52
C ARG C 496 34.86 15.22 24.44
N VAL C 497 33.62 15.00 24.88
CA VAL C 497 32.52 14.73 23.96
C VAL C 497 31.49 15.82 24.15
N VAL C 498 31.13 16.51 23.06
CA VAL C 498 30.06 17.50 23.07
C VAL C 498 28.99 17.06 22.09
N VAL C 499 27.75 16.99 22.57
CA VAL C 499 26.62 16.52 21.79
C VAL C 499 25.64 17.68 21.66
N LEU C 500 25.22 17.98 20.43
CA LEU C 500 24.33 19.11 20.20
C LEU C 500 22.96 18.63 19.78
N SER C 501 21.94 19.06 20.49
CA SER C 501 20.57 18.63 20.26
C SER C 501 19.76 19.79 19.67
N PHE C 502 18.91 19.48 18.68
CA PHE C 502 18.04 20.50 18.11
C PHE C 502 16.93 19.83 17.32
N GLU C 503 16.00 20.67 16.86
CA GLU C 503 14.95 20.26 15.93
C GLU C 503 15.07 21.10 14.67
N LEU C 504 14.44 20.63 13.60
CA LEU C 504 14.60 21.27 12.29
C LEU C 504 13.24 21.45 11.62
N LEU C 505 12.99 22.68 11.15
CA LEU C 505 11.88 22.98 10.24
C LEU C 505 10.52 22.67 10.86
N HIS C 506 10.37 22.93 12.16
CA HIS C 506 9.07 22.73 12.78
C HIS C 506 8.65 23.93 13.62
N ALA C 507 9.60 24.65 14.18
CA ALA C 507 9.35 25.72 15.13
C ALA C 507 10.18 26.94 14.76
N PRO C 508 9.82 28.12 15.25
CA PRO C 508 10.66 29.30 15.02
C PRO C 508 12.07 29.08 15.56
N ALA C 509 13.05 29.53 14.80
CA ALA C 509 14.45 29.31 15.12
C ALA C 509 15.15 30.65 15.33
N THR C 510 16.29 30.60 16.01
CA THR C 510 17.03 31.80 16.32
C THR C 510 18.54 31.68 16.08
N VAL C 511 19.03 30.54 15.59
CA VAL C 511 20.47 30.37 15.39
C VAL C 511 20.83 30.59 13.93
N CYS C 512 20.31 29.75 13.05
CA CYS C 512 20.58 29.82 11.61
C CYS C 512 22.07 29.67 11.28
N GLY C 513 22.39 29.65 9.98
CA GLY C 513 23.75 29.51 9.54
C GLY C 513 24.30 30.81 8.99
N PRO C 514 25.46 30.75 8.34
CA PRO C 514 26.10 31.96 7.81
C PRO C 514 25.58 32.43 6.47
N LYS C 515 24.54 31.81 5.91
CA LYS C 515 24.01 32.25 4.63
C LYS C 515 23.43 33.66 4.73
N LYS C 516 23.63 34.43 3.67
CA LYS C 516 23.19 35.82 3.64
C LYS C 516 21.82 35.93 2.99
N SER C 517 20.95 36.75 3.59
CA SER C 517 19.59 36.89 3.11
C SER C 517 19.52 37.87 1.94
N THR C 518 18.38 37.85 1.25
CA THR C 518 18.14 38.76 0.13
C THR C 518 16.83 39.50 0.31
N ASN C 519 16.42 40.27 -0.70
CA ASN C 519 15.18 40.99 -0.63
C ASN C 519 14.00 40.07 -0.95
N LEU C 520 12.80 40.57 -0.63
CA LEU C 520 11.57 39.81 -0.81
C LEU C 520 10.91 40.23 -2.11
N VAL C 521 10.72 39.28 -3.01
CA VAL C 521 10.03 39.51 -4.28
C VAL C 521 8.71 38.74 -4.24
N LYS C 522 7.63 39.43 -4.57
CA LYS C 522 6.29 38.86 -4.48
C LYS C 522 5.64 38.81 -5.86
N ASN C 523 4.61 37.97 -5.96
CA ASN C 523 3.83 37.80 -7.19
C ASN C 523 4.68 37.30 -8.35
N LYS C 524 5.77 36.60 -8.06
CA LYS C 524 6.59 35.99 -9.09
C LYS C 524 6.99 34.59 -8.62
N CYS C 525 7.32 33.74 -9.59
CA CYS C 525 7.71 32.37 -9.30
C CYS C 525 9.20 32.35 -8.96
N VAL C 526 9.52 32.09 -7.70
CA VAL C 526 10.89 32.13 -7.21
C VAL C 526 11.16 30.92 -6.32
N ASN C 527 12.45 30.58 -6.21
CA ASN C 527 12.89 29.64 -5.19
C ASN C 527 13.14 30.38 -3.88
N PHE C 528 12.70 29.79 -2.78
CA PHE C 528 12.78 30.45 -1.49
C PHE C 528 13.44 29.54 -0.46
N ASN C 529 14.04 30.18 0.54
CA ASN C 529 14.69 29.48 1.67
C ASN C 529 14.31 30.25 2.93
N PHE C 530 13.20 29.86 3.55
CA PHE C 530 12.69 30.50 4.75
C PHE C 530 13.11 29.66 5.96
N ASN C 531 14.09 30.17 6.71
CA ASN C 531 14.57 29.51 7.93
C ASN C 531 14.99 28.07 7.67
N GLY C 532 15.63 27.83 6.51
CA GLY C 532 16.08 26.52 6.15
C GLY C 532 15.12 25.70 5.32
N LEU C 533 13.89 26.16 5.16
CA LEU C 533 12.88 25.45 4.37
C LEU C 533 12.97 25.91 2.93
N THR C 534 13.36 25.00 2.04
CA THR C 534 13.46 25.29 0.62
C THR C 534 12.17 24.91 -0.10
N GLY C 535 11.94 25.55 -1.24
CA GLY C 535 10.75 25.24 -2.01
C GLY C 535 10.63 26.18 -3.20
N THR C 536 9.54 26.00 -3.92
CA THR C 536 9.23 26.82 -5.09
C THR C 536 7.77 27.21 -5.06
N GLY C 537 7.49 28.45 -5.43
CA GLY C 537 6.12 28.93 -5.46
C GLY C 537 6.08 30.44 -5.59
N VAL C 538 4.88 30.99 -5.45
CA VAL C 538 4.65 32.42 -5.53
C VAL C 538 4.17 32.90 -4.17
N LEU C 539 4.72 34.02 -3.72
CA LEU C 539 4.42 34.56 -2.40
C LEU C 539 3.50 35.77 -2.54
N THR C 540 2.42 35.78 -1.77
CA THR C 540 1.45 36.87 -1.76
C THR C 540 1.13 37.22 -0.32
N GLU C 541 0.67 38.45 -0.13
CA GLU C 541 0.26 38.89 1.20
C GLU C 541 -0.93 38.07 1.69
N SER C 542 -0.95 37.79 2.99
CA SER C 542 -1.92 36.87 3.56
C SER C 542 -2.71 37.56 4.67
N ASN C 543 -3.90 37.01 4.92
CA ASN C 543 -4.77 37.49 6.00
C ASN C 543 -4.76 36.55 7.21
N LYS C 544 -4.08 35.42 7.13
CA LYS C 544 -4.00 34.52 8.27
C LYS C 544 -3.24 35.18 9.41
N LYS C 545 -3.66 34.89 10.64
CA LYS C 545 -3.07 35.48 11.83
C LYS C 545 -2.42 34.37 12.65
N PHE C 546 -1.11 34.25 12.52
CA PHE C 546 -0.36 33.25 13.27
C PHE C 546 -0.25 33.66 14.74
N LEU C 547 -0.34 32.67 15.62
CA LEU C 547 -0.04 32.90 17.02
C LEU C 547 1.46 33.15 17.18
N PRO C 548 1.87 33.83 18.26
CA PRO C 548 3.29 34.21 18.38
C PRO C 548 4.26 33.04 18.38
N PHE C 549 3.80 31.84 18.75
CA PHE C 549 4.65 30.67 18.81
C PHE C 549 4.67 29.84 17.52
N GLN C 550 3.91 30.24 16.51
CA GLN C 550 3.82 29.50 15.25
C GLN C 550 4.64 30.19 14.17
N GLN C 551 5.24 29.39 13.30
CA GLN C 551 6.06 29.89 12.21
C GLN C 551 5.60 29.43 10.83
N PHE C 552 5.16 28.17 10.70
CA PHE C 552 4.77 27.61 9.44
C PHE C 552 3.30 27.22 9.46
N GLY C 553 2.72 27.08 8.28
CA GLY C 553 1.36 26.59 8.14
C GLY C 553 1.29 25.47 7.14
N ARG C 554 0.45 24.49 7.43
CA ARG C 554 0.34 23.30 6.60
C ARG C 554 -1.11 23.02 6.26
N ASP C 555 -1.33 22.48 5.06
CA ASP C 555 -2.66 22.13 4.58
C ASP C 555 -2.93 20.65 4.83
N ILE C 556 -4.04 20.15 4.28
CA ILE C 556 -4.45 18.77 4.56
C ILE C 556 -3.46 17.77 3.99
N ALA C 557 -2.70 18.15 2.97
CA ALA C 557 -1.69 17.29 2.39
C ALA C 557 -0.33 17.45 3.06
N ASP C 558 -0.27 18.20 4.16
CA ASP C 558 0.93 18.45 4.95
C ASP C 558 1.96 19.31 4.22
N THR C 559 1.60 19.90 3.09
CA THR C 559 2.49 20.79 2.38
C THR C 559 2.43 22.19 2.99
N THR C 560 3.58 22.87 3.00
CA THR C 560 3.66 24.20 3.59
C THR C 560 2.87 25.19 2.75
N ASP C 561 1.99 25.94 3.39
CA ASP C 561 1.12 26.88 2.71
C ASP C 561 1.33 28.32 3.14
N ALA C 562 1.58 28.57 4.42
CA ALA C 562 1.80 29.92 4.92
C ALA C 562 3.10 29.96 5.70
N VAL C 563 3.84 31.04 5.56
CA VAL C 563 5.17 31.18 6.17
C VAL C 563 5.33 32.62 6.66
N ARG C 564 5.94 32.76 7.83
CA ARG C 564 6.19 34.06 8.43
C ARG C 564 7.60 34.52 8.06
N ASP C 565 7.71 35.72 7.50
CA ASP C 565 9.02 36.28 7.19
C ASP C 565 9.76 36.59 8.48
N PRO C 566 10.94 36.03 8.72
CA PRO C 566 11.62 36.23 10.01
C PRO C 566 12.16 37.63 10.24
N GLN C 567 12.11 38.51 9.25
CA GLN C 567 12.59 39.89 9.43
C GLN C 567 11.47 40.91 9.53
N THR C 568 10.43 40.80 8.72
CA THR C 568 9.33 41.76 8.74
C THR C 568 8.12 41.27 9.52
N LEU C 569 8.12 40.01 9.97
CA LEU C 569 7.04 39.46 10.79
C LEU C 569 5.68 39.57 10.12
N GLU C 570 5.65 39.34 8.80
CA GLU C 570 4.40 39.34 8.05
C GLU C 570 4.17 37.94 7.48
N ILE C 571 2.90 37.56 7.38
CA ILE C 571 2.52 36.23 6.93
C ILE C 571 2.36 36.24 5.43
N LEU C 572 2.94 35.23 4.77
CA LEU C 572 2.90 35.10 3.32
C LEU C 572 2.41 33.70 2.96
N ASP C 573 1.66 33.62 1.86
CA ASP C 573 1.14 32.35 1.37
C ASP C 573 1.98 31.84 0.21
N ILE C 574 2.14 30.52 0.14
CA ILE C 574 2.89 29.87 -0.93
C ILE C 574 1.90 29.14 -1.81
N THR C 575 1.88 29.50 -3.09
CA THR C 575 1.03 28.88 -4.09
C THR C 575 1.89 28.30 -5.21
N PRO C 576 1.64 27.06 -5.63
CA PRO C 576 2.49 26.45 -6.66
C PRO C 576 2.45 27.23 -7.96
N CYS C 577 3.52 27.08 -8.74
CA CYS C 577 3.68 27.82 -9.99
C CYS C 577 3.06 27.11 -11.19
N SER C 578 2.89 25.79 -11.12
CA SER C 578 2.36 25.02 -12.24
C SER C 578 0.88 24.77 -12.03
N PHE C 579 0.10 24.96 -13.09
CA PHE C 579 -1.36 24.87 -13.04
C PHE C 579 -1.90 24.84 -14.46
N GLY C 580 -2.91 24.00 -14.68
CA GLY C 580 -3.58 23.97 -15.96
C GLY C 580 -3.21 22.82 -16.85
N GLY C 581 -4.19 22.27 -17.57
CA GLY C 581 -3.93 21.17 -18.49
C GLY C 581 -3.63 21.65 -19.89
N VAL C 582 -2.86 20.85 -20.62
CA VAL C 582 -2.43 21.16 -21.97
C VAL C 582 -2.64 19.93 -22.84
N SER C 583 -3.28 20.11 -24.00
CA SER C 583 -3.50 19.03 -24.95
C SER C 583 -3.09 19.48 -26.34
N VAL C 584 -2.68 18.53 -27.18
CA VAL C 584 -2.19 18.82 -28.52
C VAL C 584 -3.06 18.05 -29.52
N ILE C 585 -3.47 18.74 -30.58
CA ILE C 585 -4.31 18.17 -31.63
C ILE C 585 -3.46 18.04 -32.88
N THR C 586 -3.26 16.81 -33.35
CA THR C 586 -2.45 16.58 -34.53
C THR C 586 -3.23 15.78 -35.57
N PRO C 587 -3.12 16.13 -36.84
CA PRO C 587 -3.77 15.35 -37.91
C PRO C 587 -2.96 14.17 -38.41
N GLY C 588 -1.90 13.78 -37.71
CA GLY C 588 -1.02 12.71 -38.16
C GLY C 588 0.28 13.25 -38.71
N THR C 589 1.41 12.70 -38.25
CA THR C 589 2.71 13.20 -38.68
C THR C 589 3.08 12.78 -40.09
N ASN C 590 2.32 11.86 -40.70
CA ASN C 590 2.61 11.42 -42.06
C ASN C 590 1.93 12.28 -43.11
N THR C 591 1.12 13.25 -42.70
CA THR C 591 0.44 14.16 -43.62
C THR C 591 0.75 15.62 -43.35
N SER C 592 1.10 15.99 -42.12
CA SER C 592 1.43 17.36 -41.80
C SER C 592 2.13 17.40 -40.45
N ASN C 593 2.80 18.51 -40.18
CA ASN C 593 3.48 18.73 -38.92
C ASN C 593 2.75 19.74 -38.05
N GLN C 594 1.81 20.48 -38.63
CA GLN C 594 1.09 21.54 -37.93
C GLN C 594 0.22 20.96 -36.81
N VAL C 595 0.26 21.61 -35.65
CA VAL C 595 -0.50 21.18 -34.48
C VAL C 595 -1.25 22.37 -33.92
N ALA C 596 -2.28 22.07 -33.13
CA ALA C 596 -2.98 23.06 -32.33
C ALA C 596 -2.98 22.60 -30.88
N VAL C 597 -2.88 23.56 -29.96
CA VAL C 597 -2.73 23.28 -28.54
C VAL C 597 -3.94 23.85 -27.81
N LEU C 598 -4.56 23.03 -26.96
CA LEU C 598 -5.77 23.38 -26.23
C LEU C 598 -5.41 23.59 -24.76
N TYR C 599 -5.53 24.83 -24.29
CA TYR C 599 -5.24 25.19 -22.91
C TYR C 599 -6.55 25.21 -22.13
N GLN C 600 -6.71 24.24 -21.23
CA GLN C 600 -8.00 24.02 -20.58
C GLN C 600 -8.25 24.92 -19.39
N ASP C 601 -7.30 25.76 -18.99
CA ASP C 601 -7.48 26.63 -17.83
C ASP C 601 -7.17 28.08 -18.15
N VAL C 602 -7.31 28.49 -19.41
CA VAL C 602 -7.05 29.86 -19.83
C VAL C 602 -8.31 30.43 -20.45
N ASN C 603 -8.63 31.67 -20.09
CA ASN C 603 -9.81 32.36 -20.59
C ASN C 603 -9.31 33.52 -21.45
N CYS C 604 -9.34 33.32 -22.77
CA CYS C 604 -8.83 34.32 -23.71
C CYS C 604 -10.00 35.20 -24.17
N THR C 605 -10.06 36.43 -23.67
CA THR C 605 -11.07 37.37 -24.08
C THR C 605 -10.46 38.75 -24.34
N TRP C 620 -0.83 36.04 -21.29
CA TRP C 620 -1.50 34.79 -20.91
C TRP C 620 -0.50 33.72 -20.51
N ARG C 621 -1.00 32.65 -19.91
CA ARG C 621 -0.17 31.50 -19.54
C ARG C 621 -0.14 30.51 -20.70
N VAL C 622 0.49 30.96 -21.78
CA VAL C 622 0.57 30.20 -23.03
C VAL C 622 2.03 30.12 -23.46
N TYR C 623 2.37 29.03 -24.15
CA TYR C 623 3.72 28.87 -24.69
C TYR C 623 4.00 29.91 -25.77
N SER C 624 3.09 30.04 -26.73
CA SER C 624 3.23 31.03 -27.80
C SER C 624 1.85 31.51 -28.21
N THR C 625 1.79 32.75 -28.69
CA THR C 625 0.52 33.38 -29.00
C THR C 625 0.10 33.24 -30.46
N GLY C 626 1.05 33.23 -31.40
CA GLY C 626 0.75 33.08 -32.81
C GLY C 626 -0.43 33.87 -33.30
N SER C 627 -1.38 33.19 -33.96
CA SER C 627 -2.62 33.80 -34.40
C SER C 627 -3.74 32.77 -34.25
N ASN C 628 -4.95 33.17 -34.63
CA ASN C 628 -6.13 32.31 -34.59
C ASN C 628 -6.35 31.73 -33.20
N VAL C 629 -6.62 32.63 -32.26
CA VAL C 629 -6.93 32.26 -30.88
C VAL C 629 -8.45 32.24 -30.73
N PHE C 630 -8.99 31.08 -30.36
CA PHE C 630 -10.43 30.88 -30.27
C PHE C 630 -10.77 30.33 -28.90
N GLN C 631 -11.74 30.94 -28.25
CA GLN C 631 -12.17 30.52 -26.92
C GLN C 631 -13.32 29.54 -27.01
N THR C 632 -13.22 28.44 -26.27
CA THR C 632 -14.26 27.42 -26.19
C THR C 632 -14.52 27.12 -24.71
N ARG C 633 -15.64 26.44 -24.44
CA ARG C 633 -15.95 26.08 -23.07
C ARG C 633 -14.99 25.04 -22.51
N ALA C 634 -14.19 24.39 -23.36
CA ALA C 634 -13.17 23.46 -22.90
C ALA C 634 -11.82 24.12 -22.73
N GLY C 635 -11.69 25.39 -23.05
CA GLY C 635 -10.45 26.11 -22.89
C GLY C 635 -10.18 27.01 -24.08
N CYS C 636 -8.94 27.46 -24.17
CA CYS C 636 -8.49 28.34 -25.23
C CYS C 636 -7.72 27.52 -26.26
N LEU C 637 -8.23 27.48 -27.48
CA LEU C 637 -7.62 26.70 -28.55
C LEU C 637 -6.82 27.64 -29.44
N ILE C 638 -5.52 27.37 -29.57
CA ILE C 638 -4.60 28.23 -30.31
C ILE C 638 -3.92 27.39 -31.37
N GLY C 639 -3.97 27.86 -32.61
CA GLY C 639 -3.46 27.13 -33.75
C GLY C 639 -4.52 26.60 -34.69
N ALA C 640 -5.79 26.92 -34.44
CA ALA C 640 -6.89 26.45 -35.26
C ALA C 640 -7.79 27.62 -35.62
N GLU C 641 -8.40 27.54 -36.81
CA GLU C 641 -9.26 28.60 -37.32
C GLU C 641 -10.72 28.20 -37.11
N HIS C 642 -11.51 29.14 -36.60
CA HIS C 642 -12.91 28.89 -36.32
C HIS C 642 -13.74 29.04 -37.60
N VAL C 643 -14.67 28.10 -37.80
CA VAL C 643 -15.58 28.15 -38.93
C VAL C 643 -17.01 28.11 -38.41
N ASN C 644 -17.93 28.62 -39.22
CA ASN C 644 -19.34 28.68 -38.86
C ASN C 644 -20.16 27.51 -39.37
N ASN C 645 -19.55 26.60 -40.13
CA ASN C 645 -20.26 25.44 -40.64
C ASN C 645 -20.45 24.41 -39.53
N SER C 646 -21.05 23.28 -39.87
CA SER C 646 -21.26 22.19 -38.92
C SER C 646 -21.12 20.87 -39.64
N TYR C 647 -20.13 20.09 -39.23
CA TYR C 647 -19.84 18.78 -39.81
C TYR C 647 -19.83 17.74 -38.70
N GLU C 648 -19.65 16.48 -39.10
CA GLU C 648 -19.50 15.40 -38.13
C GLU C 648 -18.17 15.51 -37.40
N CYS C 649 -18.15 15.05 -36.16
CA CYS C 649 -16.96 15.17 -35.34
C CYS C 649 -15.84 14.29 -35.89
N ASP C 650 -14.64 14.85 -35.96
CA ASP C 650 -13.47 14.12 -36.45
C ASP C 650 -12.45 13.94 -35.33
N ILE C 651 -12.02 15.02 -34.69
CA ILE C 651 -11.17 14.96 -33.52
C ILE C 651 -11.88 15.68 -32.38
N PRO C 652 -12.26 15.00 -31.31
CA PRO C 652 -13.05 15.64 -30.26
C PRO C 652 -12.24 16.57 -29.38
N ILE C 653 -12.51 17.88 -29.47
CA ILE C 653 -11.87 18.84 -28.59
C ILE C 653 -12.55 18.85 -27.23
N GLY C 654 -13.88 18.89 -27.22
CA GLY C 654 -14.64 18.93 -26.00
C GLY C 654 -15.66 20.05 -25.96
N ALA C 655 -16.66 19.90 -25.11
CA ALA C 655 -17.71 20.91 -24.93
C ALA C 655 -18.40 21.24 -26.26
N GLY C 656 -18.63 20.22 -27.08
CA GLY C 656 -19.33 20.40 -28.33
C GLY C 656 -18.48 20.87 -29.49
N ILE C 657 -17.17 20.98 -29.30
CA ILE C 657 -16.27 21.48 -30.33
C ILE C 657 -15.40 20.32 -30.82
N CYS C 658 -15.27 20.21 -32.14
CA CYS C 658 -14.43 19.20 -32.76
C CYS C 658 -13.49 19.88 -33.75
N ALA C 659 -12.46 19.14 -34.17
CA ALA C 659 -11.43 19.68 -35.03
C ALA C 659 -11.18 18.76 -36.22
N SER C 660 -10.68 19.34 -37.30
CA SER C 660 -10.42 18.58 -38.52
C SER C 660 -9.36 19.28 -39.34
N TYR C 661 -8.77 18.53 -40.27
CA TYR C 661 -7.73 19.03 -41.18
C TYR C 661 -8.37 19.24 -42.54
N GLN C 662 -8.91 20.44 -42.76
CA GLN C 662 -9.60 20.79 -43.99
C GLN C 662 -8.92 22.01 -44.62
N THR C 663 -9.44 22.44 -45.76
CA THR C 663 -8.92 23.62 -46.44
C THR C 663 -9.64 24.88 -45.99
N GLN C 677 -3.71 24.38 -46.63
CA GLN C 677 -4.30 23.53 -45.61
C GLN C 677 -4.11 24.12 -44.23
N SER C 678 -5.04 23.84 -43.33
CA SER C 678 -4.98 24.33 -41.96
C SER C 678 -5.85 23.43 -41.09
N ILE C 679 -5.80 23.71 -39.78
CA ILE C 679 -6.62 23.00 -38.80
C ILE C 679 -7.80 23.89 -38.44
N ILE C 680 -9.00 23.35 -38.50
CA ILE C 680 -10.21 24.11 -38.27
C ILE C 680 -10.98 23.49 -37.11
N ALA C 681 -11.75 24.33 -36.42
CA ALA C 681 -12.57 23.91 -35.29
C ALA C 681 -13.99 24.39 -35.53
N TYR C 682 -14.96 23.57 -35.12
CA TYR C 682 -16.35 23.87 -35.39
C TYR C 682 -17.23 23.22 -34.33
N THR C 683 -18.51 23.57 -34.36
CA THR C 683 -19.51 22.94 -33.51
C THR C 683 -20.11 21.77 -34.26
N MET C 684 -20.08 20.59 -33.65
CA MET C 684 -20.51 19.38 -34.34
C MET C 684 -22.01 19.42 -34.61
N SER C 685 -22.40 18.83 -35.73
CA SER C 685 -23.80 18.77 -36.14
C SER C 685 -24.40 17.45 -35.68
N LEU C 686 -25.56 17.53 -35.03
CA LEU C 686 -26.21 16.32 -34.55
C LEU C 686 -26.81 15.51 -35.69
N GLY C 687 -27.19 16.17 -36.78
CA GLY C 687 -27.76 15.47 -37.91
C GLY C 687 -28.66 16.40 -38.71
N ALA C 688 -29.19 15.87 -39.79
CA ALA C 688 -30.08 16.65 -40.65
C ALA C 688 -31.35 16.99 -39.91
N GLU C 689 -31.74 18.26 -39.96
CA GLU C 689 -32.97 18.69 -39.33
C GLU C 689 -34.16 18.17 -40.12
N ASN C 690 -35.16 17.68 -39.40
CA ASN C 690 -36.33 17.05 -40.02
C ASN C 690 -37.58 17.45 -39.27
N SER C 691 -38.70 17.44 -39.97
CA SER C 691 -40.01 17.72 -39.38
C SER C 691 -41.04 16.82 -40.01
N VAL C 692 -41.89 16.21 -39.18
CA VAL C 692 -42.95 15.33 -39.65
C VAL C 692 -44.27 16.09 -39.58
N ALA C 693 -44.98 16.14 -40.70
CA ALA C 693 -46.21 16.92 -40.82
C ALA C 693 -47.34 16.19 -40.10
N TYR C 694 -47.45 16.43 -38.80
CA TYR C 694 -48.54 15.85 -38.02
C TYR C 694 -49.85 16.50 -38.43
N SER C 695 -50.86 15.66 -38.68
CA SER C 695 -52.20 16.15 -38.95
C SER C 695 -53.19 15.30 -38.18
N ASN C 696 -54.39 15.85 -37.99
CA ASN C 696 -55.43 15.14 -37.26
C ASN C 696 -55.98 13.95 -38.03
N ASN C 697 -55.97 14.02 -39.37
CA ASN C 697 -56.59 12.99 -40.17
C ASN C 697 -55.72 12.60 -41.36
N SER C 698 -54.43 12.43 -41.12
CA SER C 698 -53.51 12.03 -42.17
C SER C 698 -52.60 10.93 -41.66
N ILE C 699 -52.37 9.92 -42.49
CA ILE C 699 -51.48 8.83 -42.15
C ILE C 699 -50.60 8.54 -43.37
N ALA C 700 -49.40 8.00 -43.10
CA ALA C 700 -48.45 7.64 -44.15
C ALA C 700 -48.20 6.14 -44.09
N ILE C 701 -48.48 5.46 -45.19
CA ILE C 701 -48.37 4.00 -45.27
C ILE C 701 -47.49 3.65 -46.46
N PRO C 702 -46.46 2.83 -46.29
CA PRO C 702 -45.55 2.56 -47.40
C PRO C 702 -46.20 1.76 -48.51
N THR C 703 -45.70 1.96 -49.72
CA THR C 703 -46.11 1.19 -50.88
C THR C 703 -45.04 0.22 -51.37
N ASN C 704 -43.83 0.29 -50.82
CA ASN C 704 -42.74 -0.58 -51.23
C ASN C 704 -41.88 -0.85 -50.00
N PHE C 705 -40.77 -1.57 -50.22
CA PHE C 705 -39.91 -1.97 -49.12
C PHE C 705 -38.51 -2.24 -49.64
N THR C 706 -37.56 -2.28 -48.72
CA THR C 706 -36.18 -2.65 -49.01
C THR C 706 -35.71 -3.70 -48.03
N ILE C 707 -35.02 -4.71 -48.55
CA ILE C 707 -34.42 -5.76 -47.72
C ILE C 707 -32.95 -5.41 -47.56
N SER C 708 -32.54 -5.09 -46.34
CA SER C 708 -31.20 -4.61 -46.06
C SER C 708 -30.45 -5.61 -45.19
N VAL C 709 -29.15 -5.75 -45.45
CA VAL C 709 -28.28 -6.62 -44.67
C VAL C 709 -27.20 -5.77 -44.01
N THR C 710 -27.05 -5.91 -42.70
CA THR C 710 -26.09 -5.14 -41.94
C THR C 710 -25.20 -6.06 -41.13
N THR C 711 -24.00 -5.59 -40.82
CA THR C 711 -23.01 -6.36 -40.08
C THR C 711 -22.94 -5.89 -38.64
N GLU C 712 -22.87 -6.85 -37.73
CA GLU C 712 -22.68 -6.58 -36.31
C GLU C 712 -21.57 -7.49 -35.80
N ILE C 713 -20.49 -6.88 -35.32
CA ILE C 713 -19.29 -7.59 -34.91
C ILE C 713 -19.21 -7.55 -33.39
N LEU C 714 -19.01 -8.72 -32.78
CA LEU C 714 -18.96 -8.84 -31.34
C LEU C 714 -17.77 -9.73 -30.97
N PRO C 715 -16.85 -9.26 -30.14
CA PRO C 715 -15.79 -10.14 -29.64
C PRO C 715 -16.36 -11.26 -28.79
N VAL C 716 -15.69 -12.41 -28.84
CA VAL C 716 -16.16 -13.57 -28.09
C VAL C 716 -15.10 -14.05 -27.11
N SER C 717 -13.83 -13.86 -27.44
CA SER C 717 -12.76 -14.41 -26.62
C SER C 717 -11.51 -13.55 -26.74
N MET C 718 -10.55 -13.82 -25.86
CA MET C 718 -9.26 -13.17 -25.86
C MET C 718 -8.17 -14.22 -25.73
N THR C 719 -6.93 -13.79 -25.92
CA THR C 719 -5.81 -14.73 -25.91
C THR C 719 -5.58 -15.26 -24.51
N LYS C 720 -5.33 -16.56 -24.42
CA LYS C 720 -5.02 -17.22 -23.15
C LYS C 720 -3.52 -17.16 -22.90
N THR C 721 -3.15 -16.71 -21.71
CA THR C 721 -1.75 -16.47 -21.38
C THR C 721 -1.39 -17.18 -20.08
N SER C 722 -0.11 -17.55 -19.96
CA SER C 722 0.43 -18.13 -18.74
C SER C 722 1.75 -17.47 -18.42
N VAL C 723 2.05 -17.34 -17.13
CA VAL C 723 3.21 -16.60 -16.66
C VAL C 723 3.96 -17.47 -15.66
N ASP C 724 5.28 -17.54 -15.81
CA ASP C 724 6.17 -18.20 -14.86
C ASP C 724 6.94 -17.13 -14.08
N CYS C 725 6.63 -17.00 -12.79
CA CYS C 725 7.33 -16.00 -11.97
C CYS C 725 8.83 -16.26 -11.93
N THR C 726 9.24 -17.50 -11.75
CA THR C 726 10.67 -17.77 -11.61
C THR C 726 11.44 -17.25 -12.81
N MET C 727 10.96 -17.58 -14.02
CA MET C 727 11.68 -17.15 -15.22
C MET C 727 11.52 -15.66 -15.47
N TYR C 728 10.36 -15.07 -15.14
CA TYR C 728 10.17 -13.65 -15.40
C TYR C 728 10.99 -12.78 -14.44
N ILE C 729 11.03 -13.17 -13.16
CA ILE C 729 11.64 -12.33 -12.14
C ILE C 729 13.13 -12.64 -11.99
N CYS C 730 13.48 -13.92 -11.90
CA CYS C 730 14.83 -14.33 -11.60
C CYS C 730 15.60 -14.85 -12.79
N GLY C 731 14.92 -15.40 -13.79
CA GLY C 731 15.63 -16.00 -14.91
C GLY C 731 16.28 -17.30 -14.49
N ASP C 732 17.57 -17.41 -14.79
CA ASP C 732 18.38 -18.55 -14.37
C ASP C 732 19.18 -18.27 -13.11
N SER C 733 18.81 -17.25 -12.34
CA SER C 733 19.54 -16.90 -11.12
C SER C 733 19.06 -17.80 -9.98
N THR C 734 19.92 -18.70 -9.53
CA THR C 734 19.57 -19.60 -8.43
C THR C 734 19.43 -18.85 -7.12
N GLU C 735 20.26 -17.83 -6.89
CA GLU C 735 20.13 -17.03 -5.67
C GLU C 735 18.80 -16.30 -5.63
N CYS C 736 18.39 -15.71 -6.76
CA CYS C 736 17.09 -15.06 -6.81
C CYS C 736 15.97 -16.06 -6.65
N SER C 737 16.10 -17.24 -7.27
CA SER C 737 15.07 -18.26 -7.12
C SER C 737 14.92 -18.68 -5.68
N ASN C 738 16.03 -18.82 -4.95
CA ASN C 738 15.97 -19.13 -3.52
C ASN C 738 15.33 -17.99 -2.74
N LEU C 739 15.65 -16.74 -3.09
CA LEU C 739 15.04 -15.60 -2.41
C LEU C 739 13.57 -15.44 -2.74
N LEU C 740 13.08 -16.07 -3.80
CA LEU C 740 11.69 -15.93 -4.21
C LEU C 740 10.74 -16.84 -3.43
N LEU C 741 11.25 -17.75 -2.59
CA LEU C 741 10.38 -18.68 -1.88
C LEU C 741 9.47 -18.02 -0.86
N GLN C 742 9.63 -16.72 -0.62
CA GLN C 742 8.77 -16.01 0.32
C GLN C 742 7.53 -15.40 -0.36
N TYR C 743 7.34 -15.64 -1.65
CA TYR C 743 6.24 -15.04 -2.40
C TYR C 743 5.55 -16.10 -3.27
N GLY C 744 5.60 -17.36 -2.86
CA GLY C 744 4.99 -18.42 -3.67
C GLY C 744 3.48 -18.36 -3.73
N SER C 745 2.85 -17.89 -2.65
CA SER C 745 1.40 -17.76 -2.65
C SER C 745 0.93 -16.77 -3.71
N PHE C 746 1.72 -15.71 -3.93
CA PHE C 746 1.37 -14.73 -4.94
C PHE C 746 1.34 -15.36 -6.33
N CYS C 747 2.36 -16.15 -6.67
CA CYS C 747 2.36 -16.84 -7.96
C CYS C 747 1.26 -17.88 -8.05
N THR C 748 0.96 -18.59 -6.97
CA THR C 748 -0.18 -19.49 -7.00
C THR C 748 -1.45 -18.74 -7.35
N GLN C 749 -1.64 -17.55 -6.75
CA GLN C 749 -2.82 -16.75 -7.03
C GLN C 749 -2.85 -16.27 -8.49
N LEU C 750 -1.72 -15.78 -8.98
CA LEU C 750 -1.67 -15.28 -10.36
C LEU C 750 -1.96 -16.40 -11.35
N ASN C 751 -1.36 -17.56 -11.16
CA ASN C 751 -1.59 -18.67 -12.06
C ASN C 751 -3.03 -19.17 -11.96
N ARG C 752 -3.61 -19.14 -10.76
CA ARG C 752 -5.01 -19.52 -10.61
C ARG C 752 -5.92 -18.57 -11.39
N ALA C 753 -5.67 -17.26 -11.29
CA ALA C 753 -6.48 -16.29 -12.02
C ALA C 753 -6.33 -16.47 -13.52
N LEU C 754 -5.10 -16.67 -13.99
CA LEU C 754 -4.87 -16.85 -15.42
C LEU C 754 -5.53 -18.12 -15.94
N THR C 755 -5.47 -19.20 -15.15
CA THR C 755 -6.14 -20.44 -15.55
C THR C 755 -7.65 -20.25 -15.61
N GLY C 756 -8.21 -19.51 -14.65
CA GLY C 756 -9.63 -19.20 -14.70
C GLY C 756 -10.01 -18.44 -15.96
N ILE C 757 -9.20 -17.45 -16.33
CA ILE C 757 -9.44 -16.71 -17.57
C ILE C 757 -9.37 -17.67 -18.77
N ALA C 758 -8.35 -18.53 -18.79
CA ALA C 758 -8.13 -19.41 -19.93
C ALA C 758 -9.29 -20.37 -20.13
N VAL C 759 -9.79 -20.97 -19.04
CA VAL C 759 -10.93 -21.87 -19.18
C VAL C 759 -12.20 -21.09 -19.51
N GLU C 760 -12.31 -19.85 -19.00
CA GLU C 760 -13.49 -19.05 -19.28
C GLU C 760 -13.61 -18.72 -20.76
N GLN C 761 -12.48 -18.49 -21.43
CA GLN C 761 -12.53 -18.22 -22.87
C GLN C 761 -13.07 -19.41 -23.67
N ASP C 762 -12.61 -20.63 -23.33
CA ASP C 762 -13.14 -21.81 -24.01
C ASP C 762 -14.62 -21.99 -23.71
N LYS C 763 -15.02 -21.71 -22.47
CA LYS C 763 -16.44 -21.76 -22.13
C LYS C 763 -17.25 -20.76 -22.95
N ASN C 764 -16.70 -19.55 -23.14
CA ASN C 764 -17.38 -18.54 -23.94
C ASN C 764 -17.59 -19.02 -25.37
N THR C 765 -16.53 -19.53 -25.99
CA THR C 765 -16.64 -20.00 -27.37
C THR C 765 -17.63 -21.15 -27.49
N GLN C 766 -17.59 -22.09 -26.55
CA GLN C 766 -18.53 -23.20 -26.59
C GLN C 766 -19.96 -22.72 -26.40
N GLU C 767 -20.18 -21.77 -25.49
CA GLU C 767 -21.53 -21.26 -25.25
C GLU C 767 -22.06 -20.55 -26.49
N VAL C 768 -21.22 -19.79 -27.17
CA VAL C 768 -21.72 -19.00 -28.29
C VAL C 768 -21.93 -19.85 -29.53
N PHE C 769 -21.06 -20.83 -29.79
CA PHE C 769 -21.13 -21.54 -31.06
C PHE C 769 -21.74 -22.94 -30.98
N ALA C 770 -21.76 -23.56 -29.80
CA ALA C 770 -22.19 -24.95 -29.66
C ALA C 770 -23.62 -25.06 -29.18
N GLN C 771 -24.50 -24.17 -29.64
CA GLN C 771 -25.90 -24.21 -29.22
C GLN C 771 -26.55 -25.53 -29.64
N VAL C 772 -26.30 -25.97 -30.86
CA VAL C 772 -26.85 -27.22 -31.38
C VAL C 772 -25.72 -28.23 -31.51
N LYS C 773 -26.01 -29.49 -31.17
CA LYS C 773 -25.03 -30.57 -31.21
C LYS C 773 -25.36 -31.58 -32.30
N GLN C 774 -25.95 -31.12 -33.40
CA GLN C 774 -26.20 -31.94 -34.58
C GLN C 774 -25.72 -31.17 -35.80
N ILE C 775 -24.76 -31.75 -36.52
CA ILE C 775 -24.11 -31.07 -37.64
C ILE C 775 -24.97 -31.32 -38.87
N TYR C 776 -25.95 -30.45 -39.08
CA TYR C 776 -26.76 -30.49 -40.28
C TYR C 776 -25.92 -30.09 -41.49
N LYS C 777 -26.22 -30.70 -42.63
CA LYS C 777 -25.55 -30.37 -43.88
C LYS C 777 -26.54 -29.92 -44.94
N THR C 778 -26.10 -28.96 -45.75
CA THR C 778 -26.85 -28.47 -46.90
C THR C 778 -26.72 -29.46 -48.06
N PRO C 779 -27.83 -29.83 -48.70
CA PRO C 779 -27.78 -30.85 -49.75
C PRO C 779 -27.37 -30.24 -51.09
N PRO C 780 -26.97 -31.08 -52.06
CA PRO C 780 -26.56 -30.55 -53.37
C PRO C 780 -27.67 -29.89 -54.17
N ILE C 781 -28.93 -29.99 -53.73
CA ILE C 781 -30.03 -29.33 -54.44
C ILE C 781 -30.11 -27.88 -53.98
N LYS C 782 -29.37 -27.00 -54.65
CA LYS C 782 -29.32 -25.58 -54.31
C LYS C 782 -30.46 -24.82 -54.97
N ASP C 783 -31.69 -25.28 -54.76
CA ASP C 783 -32.89 -24.65 -55.32
C ASP C 783 -33.63 -24.00 -54.16
N PHE C 784 -33.23 -22.77 -53.82
CA PHE C 784 -33.79 -22.03 -52.70
C PHE C 784 -34.83 -21.01 -53.13
N GLY C 785 -35.40 -21.18 -54.32
CA GLY C 785 -36.37 -20.24 -54.82
C GLY C 785 -35.81 -18.94 -55.35
N GLY C 786 -34.52 -18.89 -55.64
CA GLY C 786 -33.86 -17.70 -56.11
C GLY C 786 -32.89 -17.08 -55.13
N PHE C 787 -32.94 -17.48 -53.86
CA PHE C 787 -32.00 -17.00 -52.87
C PHE C 787 -30.69 -17.77 -53.02
N ASN C 788 -29.59 -17.07 -53.25
CA ASN C 788 -28.29 -17.69 -53.42
C ASN C 788 -27.47 -17.48 -52.16
N PHE C 789 -27.13 -18.57 -51.49
CA PHE C 789 -26.34 -18.53 -50.27
C PHE C 789 -24.89 -18.94 -50.53
N SER C 790 -24.42 -18.79 -51.76
CA SER C 790 -23.09 -19.27 -52.12
C SER C 790 -21.99 -18.51 -51.41
N GLN C 791 -22.25 -17.28 -50.97
CA GLN C 791 -21.22 -16.48 -50.31
C GLN C 791 -21.22 -16.64 -48.80
N ILE C 792 -22.15 -17.40 -48.22
CA ILE C 792 -22.15 -17.67 -46.79
C ILE C 792 -22.08 -19.15 -46.47
N LEU C 793 -22.07 -20.01 -47.47
CA LEU C 793 -21.93 -21.44 -47.25
C LEU C 793 -20.50 -21.89 -47.52
N PRO C 794 -20.08 -23.01 -46.92
CA PRO C 794 -18.71 -23.48 -47.12
C PRO C 794 -18.40 -23.72 -48.59
N ASP C 795 -17.15 -23.43 -48.97
CA ASP C 795 -16.69 -23.63 -50.33
C ASP C 795 -15.82 -24.88 -50.38
N PRO C 796 -16.22 -25.94 -51.08
CA PRO C 796 -15.42 -27.17 -51.09
C PRO C 796 -14.16 -27.07 -51.93
N SER C 797 -13.90 -25.94 -52.59
CA SER C 797 -12.71 -25.77 -53.41
C SER C 797 -11.51 -25.25 -52.63
N LYS C 798 -11.66 -25.01 -51.35
CA LYS C 798 -10.58 -24.50 -50.51
C LYS C 798 -10.04 -25.60 -49.60
N PRO C 799 -8.79 -25.49 -49.16
CA PRO C 799 -8.28 -26.46 -48.17
C PRO C 799 -9.11 -26.48 -46.90
N SER C 800 -9.55 -25.33 -46.42
CA SER C 800 -10.53 -25.26 -45.35
C SER C 800 -11.94 -25.25 -45.94
N LYS C 801 -12.94 -25.19 -45.07
CA LYS C 801 -14.34 -25.18 -45.49
C LYS C 801 -14.98 -23.83 -45.17
N ARG C 802 -14.24 -22.75 -45.40
CA ARG C 802 -14.70 -21.42 -45.09
C ARG C 802 -15.43 -20.80 -46.26
N SER C 803 -16.41 -19.95 -45.94
CA SER C 803 -17.15 -19.25 -46.98
C SER C 803 -16.36 -18.13 -47.63
N PRO C 804 -16.94 -17.54 -48.68
CA PRO C 804 -16.29 -16.40 -49.32
C PRO C 804 -16.10 -15.26 -48.33
N ILE C 805 -17.17 -14.88 -47.63
CA ILE C 805 -17.07 -13.85 -46.60
C ILE C 805 -16.19 -14.24 -45.42
N GLU C 806 -16.19 -15.51 -45.04
CA GLU C 806 -15.33 -15.97 -43.95
C GLU C 806 -13.86 -15.79 -44.31
N ASP C 807 -13.49 -16.12 -45.56
CA ASP C 807 -12.11 -15.90 -46.00
C ASP C 807 -11.76 -14.42 -46.00
N LEU C 808 -12.69 -13.58 -46.45
CA LEU C 808 -12.45 -12.14 -46.43
C LEU C 808 -12.24 -11.63 -45.02
N LEU C 809 -13.03 -12.12 -44.07
CA LEU C 809 -12.86 -11.74 -42.67
C LEU C 809 -11.53 -12.22 -42.11
N PHE C 810 -11.14 -13.45 -42.45
CA PHE C 810 -9.87 -13.97 -41.96
C PHE C 810 -8.69 -13.18 -42.50
N ASN C 811 -8.79 -12.73 -43.76
CA ASN C 811 -7.68 -12.01 -44.37
C ASN C 811 -7.52 -10.59 -43.86
N LYS C 812 -8.48 -10.08 -43.06
CA LYS C 812 -8.45 -8.70 -42.61
C LYS C 812 -8.12 -8.54 -41.14
N VAL C 813 -7.88 -9.63 -40.42
CA VAL C 813 -7.46 -9.59 -39.02
C VAL C 813 -6.10 -10.27 -38.94
N THR C 814 -5.07 -9.48 -38.67
CA THR C 814 -3.70 -9.98 -38.61
C THR C 814 -3.36 -10.37 -37.17
N LEU C 815 -3.22 -11.66 -36.92
CA LEU C 815 -2.84 -12.15 -35.61
C LEU C 815 -1.34 -12.01 -35.42
N ALA C 816 -0.84 -12.44 -34.25
CA ALA C 816 0.58 -12.37 -33.97
C ALA C 816 1.25 -13.73 -33.90
N ASP C 817 0.50 -14.82 -33.91
CA ASP C 817 1.05 -16.17 -33.80
C ASP C 817 0.56 -17.00 -34.99
N ALA C 818 1.40 -17.15 -36.00
CA ALA C 818 1.12 -18.04 -37.13
C ALA C 818 1.48 -19.46 -36.70
N GLY C 819 0.60 -20.06 -35.91
CA GLY C 819 0.88 -21.31 -35.25
C GLY C 819 1.27 -21.10 -33.81
N PHE C 820 1.47 -22.23 -33.11
CA PHE C 820 1.81 -22.19 -31.68
C PHE C 820 2.98 -23.10 -31.35
N ILE C 821 3.83 -23.41 -32.34
CA ILE C 821 5.00 -24.26 -32.14
C ILE C 821 6.20 -23.47 -32.62
N LYS C 822 6.92 -22.82 -31.70
CA LYS C 822 8.11 -22.06 -32.01
C LYS C 822 9.29 -22.70 -31.29
N GLN C 823 10.15 -23.37 -32.05
CA GLN C 823 11.20 -24.18 -31.46
C GLN C 823 12.33 -23.32 -30.90
N TYR C 824 13.10 -23.90 -29.99
CA TYR C 824 14.25 -23.21 -29.42
C TYR C 824 15.28 -22.91 -30.49
N GLY C 825 15.54 -23.86 -31.38
CA GLY C 825 16.48 -23.65 -32.45
C GLY C 825 15.99 -22.71 -33.54
N ASP C 826 14.70 -22.39 -33.55
CA ASP C 826 14.19 -21.45 -34.54
C ASP C 826 14.68 -20.04 -34.28
N CYS C 827 14.73 -19.62 -33.02
CA CYS C 827 15.28 -18.33 -32.64
C CYS C 827 16.38 -18.58 -31.61
N LEU C 828 17.61 -18.76 -32.11
CA LEU C 828 18.78 -18.99 -31.27
C LEU C 828 19.91 -18.14 -31.83
N GLY C 829 20.25 -17.05 -31.13
CA GLY C 829 21.29 -16.16 -31.59
C GLY C 829 20.86 -14.70 -31.60
N ASP C 830 21.05 -14.04 -32.74
CA ASP C 830 20.61 -12.65 -32.88
C ASP C 830 19.13 -12.53 -33.25
N ILE C 831 18.47 -13.65 -33.54
CA ILE C 831 17.03 -13.61 -33.80
C ILE C 831 16.28 -13.21 -32.53
N ALA C 832 16.78 -13.64 -31.37
CA ALA C 832 16.23 -13.19 -30.10
C ALA C 832 16.45 -11.69 -29.93
N ALA C 833 15.59 -11.07 -29.12
CA ALA C 833 15.54 -9.62 -28.92
C ALA C 833 15.17 -8.87 -30.20
N ARG C 834 14.76 -9.60 -31.25
CA ARG C 834 14.24 -9.01 -32.47
C ARG C 834 12.90 -9.58 -32.89
N ASP C 835 12.57 -10.81 -32.49
CA ASP C 835 11.24 -11.36 -32.66
C ASP C 835 10.50 -11.22 -31.33
N LEU C 836 9.35 -10.53 -31.37
CA LEU C 836 8.64 -10.22 -30.13
C LEU C 836 8.15 -11.48 -29.44
N ILE C 837 7.74 -12.49 -30.21
CA ILE C 837 7.24 -13.72 -29.61
C ILE C 837 8.35 -14.44 -28.84
N CYS C 838 9.54 -14.55 -29.44
CA CYS C 838 10.66 -15.17 -28.74
C CYS C 838 11.11 -14.32 -27.55
N ALA C 839 11.06 -12.99 -27.68
CA ALA C 839 11.39 -12.14 -26.55
C ALA C 839 10.44 -12.38 -25.38
N GLN C 840 9.15 -12.54 -25.67
CA GLN C 840 8.19 -12.85 -24.63
C GLN C 840 8.41 -14.23 -24.04
N LYS C 841 8.70 -15.23 -24.89
CA LYS C 841 8.85 -16.59 -24.41
C LYS C 841 10.09 -16.75 -23.55
N PHE C 842 11.15 -16.01 -23.85
CA PHE C 842 12.37 -16.10 -23.07
C PHE C 842 12.24 -15.51 -21.67
N ASN C 843 11.14 -14.80 -21.39
CA ASN C 843 10.90 -14.26 -20.06
C ASN C 843 9.72 -14.92 -19.37
N GLY C 844 9.28 -16.07 -19.86
CA GLY C 844 8.27 -16.85 -19.16
C GLY C 844 6.84 -16.52 -19.49
N LEU C 845 6.56 -15.90 -20.64
CA LEU C 845 5.20 -15.57 -21.05
C LEU C 845 4.84 -16.45 -22.24
N THR C 846 3.77 -17.23 -22.09
CA THR C 846 3.33 -18.18 -23.10
C THR C 846 1.88 -17.91 -23.49
N VAL C 847 1.59 -18.06 -24.78
CA VAL C 847 0.23 -17.94 -25.30
C VAL C 847 -0.26 -19.34 -25.67
N LEU C 848 -1.35 -19.75 -25.07
CA LEU C 848 -1.87 -21.10 -25.24
C LEU C 848 -2.87 -21.13 -26.38
N PRO C 849 -2.98 -22.28 -27.07
CA PRO C 849 -3.87 -22.37 -28.22
C PRO C 849 -5.31 -22.59 -27.79
N PRO C 850 -6.28 -22.15 -28.59
CA PRO C 850 -7.68 -22.40 -28.25
C PRO C 850 -8.03 -23.87 -28.40
N LEU C 851 -9.06 -24.29 -27.65
CA LEU C 851 -9.48 -25.68 -27.71
C LEU C 851 -10.20 -25.99 -29.01
N LEU C 852 -11.11 -25.11 -29.43
CA LEU C 852 -11.84 -25.28 -30.69
C LEU C 852 -11.10 -24.52 -31.79
N THR C 853 -10.68 -25.24 -32.82
CA THR C 853 -9.93 -24.61 -33.89
C THR C 853 -10.87 -23.89 -34.86
N ASP C 854 -10.25 -23.17 -35.81
CA ASP C 854 -11.02 -22.43 -36.79
C ASP C 854 -11.86 -23.36 -37.66
N GLU C 855 -11.33 -24.54 -37.99
CA GLU C 855 -12.10 -25.50 -38.77
C GLU C 855 -13.34 -25.97 -38.01
N MET C 856 -13.19 -26.25 -36.71
CA MET C 856 -14.34 -26.68 -35.91
C MET C 856 -15.36 -25.56 -35.76
N ILE C 857 -14.90 -24.33 -35.57
CA ILE C 857 -15.84 -23.21 -35.46
C ILE C 857 -16.57 -23.01 -36.79
N ALA C 858 -15.85 -23.15 -37.90
CA ALA C 858 -16.49 -23.06 -39.21
C ALA C 858 -17.51 -24.16 -39.40
N GLN C 859 -17.20 -25.37 -38.94
CA GLN C 859 -18.18 -26.46 -39.02
C GLN C 859 -19.42 -26.15 -38.20
N TYR C 860 -19.24 -25.60 -37.00
CA TYR C 860 -20.39 -25.24 -36.18
C TYR C 860 -21.26 -24.20 -36.86
N THR C 861 -20.62 -23.15 -37.41
CA THR C 861 -21.39 -22.11 -38.10
C THR C 861 -22.08 -22.66 -39.35
N SER C 862 -21.41 -23.56 -40.08
CA SER C 862 -22.03 -24.15 -41.25
C SER C 862 -23.23 -25.01 -40.86
N ALA C 863 -23.13 -25.75 -39.75
CA ALA C 863 -24.27 -26.52 -39.26
C ALA C 863 -25.42 -25.62 -38.89
N LEU C 864 -25.13 -24.50 -38.21
CA LEU C 864 -26.18 -23.56 -37.87
C LEU C 864 -26.84 -22.99 -39.12
N LEU C 865 -26.03 -22.64 -40.12
CA LEU C 865 -26.56 -22.08 -41.36
C LEU C 865 -27.44 -23.08 -42.07
N ALA C 866 -26.97 -24.32 -42.20
CA ALA C 866 -27.75 -25.35 -42.90
C ALA C 866 -29.06 -25.61 -42.18
N GLY C 867 -28.99 -25.73 -40.85
CA GLY C 867 -30.21 -25.93 -40.08
C GLY C 867 -31.21 -24.80 -40.26
N THR C 868 -30.74 -23.55 -40.21
CA THR C 868 -31.67 -22.44 -40.36
C THR C 868 -32.26 -22.37 -41.76
N ILE C 869 -31.46 -22.57 -42.81
CA ILE C 869 -32.02 -22.43 -44.16
C ILE C 869 -32.84 -23.64 -44.56
N THR C 870 -32.73 -24.76 -43.86
CA THR C 870 -33.50 -25.93 -44.23
C THR C 870 -34.70 -26.18 -43.32
N SER C 871 -34.71 -25.63 -42.10
CA SER C 871 -35.79 -25.90 -41.17
C SER C 871 -36.35 -24.66 -40.48
N GLY C 872 -35.87 -23.47 -40.80
CA GLY C 872 -36.39 -22.29 -40.13
C GLY C 872 -35.83 -22.18 -38.73
N TRP C 873 -36.71 -21.88 -37.78
CA TRP C 873 -36.34 -21.73 -36.38
C TRP C 873 -36.65 -22.98 -35.57
N THR C 874 -36.99 -24.07 -36.24
CA THR C 874 -37.45 -25.27 -35.54
C THR C 874 -36.30 -26.01 -34.86
N PHE C 875 -35.14 -26.08 -35.49
CA PHE C 875 -34.08 -26.92 -34.96
C PHE C 875 -33.51 -26.41 -33.64
N GLY C 876 -33.78 -25.17 -33.27
CA GLY C 876 -33.36 -24.67 -31.98
C GLY C 876 -34.33 -24.96 -30.84
N ALA C 877 -35.48 -25.55 -31.14
CA ALA C 877 -36.50 -25.83 -30.14
C ALA C 877 -36.86 -27.30 -30.03
N GLY C 878 -36.29 -28.16 -30.86
CA GLY C 878 -36.59 -29.58 -30.80
C GLY C 878 -36.12 -30.34 -32.01
N PRO C 879 -36.95 -31.29 -32.52
CA PRO C 879 -36.62 -32.06 -33.72
C PRO C 879 -36.80 -31.14 -34.93
N ALA C 880 -35.79 -31.10 -35.79
CA ALA C 880 -35.82 -30.23 -36.96
C ALA C 880 -36.85 -30.71 -37.98
N LEU C 881 -37.65 -29.77 -38.48
CA LEU C 881 -38.69 -30.06 -39.45
C LEU C 881 -38.39 -29.33 -40.74
N GLN C 882 -38.36 -30.07 -41.85
CA GLN C 882 -38.06 -29.46 -43.13
C GLN C 882 -39.18 -28.52 -43.56
N ILE C 883 -38.80 -27.44 -44.24
CA ILE C 883 -39.75 -26.46 -44.76
C ILE C 883 -39.09 -25.74 -45.92
N PRO C 884 -39.83 -25.42 -46.98
CA PRO C 884 -39.22 -24.66 -48.09
C PRO C 884 -38.79 -23.28 -47.61
N PHE C 885 -37.72 -22.77 -48.23
CA PHE C 885 -37.22 -21.48 -47.80
C PHE C 885 -38.17 -20.33 -48.15
N PRO C 886 -38.92 -20.36 -49.28
CA PRO C 886 -39.92 -19.33 -49.52
C PRO C 886 -40.96 -19.38 -48.40
N MET C 887 -41.42 -20.58 -48.03
CA MET C 887 -42.44 -20.61 -46.99
C MET C 887 -41.88 -20.13 -45.66
N GLN C 888 -40.62 -20.42 -45.38
CA GLN C 888 -39.99 -19.86 -44.18
C GLN C 888 -39.95 -18.33 -44.26
N MET C 889 -39.64 -17.81 -45.44
CA MET C 889 -39.65 -16.37 -45.65
C MET C 889 -41.05 -15.80 -45.48
N ALA C 890 -42.07 -16.51 -45.96
CA ALA C 890 -43.44 -16.06 -45.76
C ALA C 890 -43.82 -16.03 -44.29
N TYR C 891 -43.40 -17.06 -43.53
CA TYR C 891 -43.65 -17.08 -42.11
C TYR C 891 -42.99 -15.89 -41.41
N ARG C 892 -41.73 -15.64 -41.74
CA ARG C 892 -41.03 -14.51 -41.12
C ARG C 892 -41.62 -13.17 -41.55
N PHE C 893 -42.19 -13.10 -42.75
CA PHE C 893 -42.95 -11.92 -43.15
C PHE C 893 -44.18 -11.75 -42.27
N ASN C 894 -44.89 -12.85 -42.00
CA ASN C 894 -46.02 -12.80 -41.09
C ASN C 894 -45.60 -12.36 -39.70
N GLY C 895 -44.35 -12.66 -39.32
CA GLY C 895 -43.88 -12.30 -37.99
C GLY C 895 -43.74 -10.82 -37.75
N ILE C 896 -43.61 -10.02 -38.81
CA ILE C 896 -43.42 -8.58 -38.70
C ILE C 896 -44.68 -7.81 -39.08
N GLY C 897 -45.80 -8.51 -39.25
CA GLY C 897 -47.06 -7.84 -39.52
C GLY C 897 -47.37 -7.57 -40.97
N VAL C 898 -46.69 -8.25 -41.89
CA VAL C 898 -46.97 -8.14 -43.32
C VAL C 898 -47.41 -9.51 -43.82
N THR C 899 -48.54 -9.56 -44.52
CA THR C 899 -49.11 -10.82 -44.92
C THR C 899 -48.20 -11.52 -45.94
N GLN C 900 -48.38 -12.84 -46.04
CA GLN C 900 -47.50 -13.67 -46.84
C GLN C 900 -47.74 -13.53 -48.34
N ASN C 901 -48.90 -13.03 -48.74
CA ASN C 901 -49.18 -12.89 -50.16
C ASN C 901 -48.29 -11.85 -50.82
N VAL C 902 -47.84 -10.86 -50.04
CA VAL C 902 -46.90 -9.87 -50.59
C VAL C 902 -45.65 -10.58 -51.09
N LEU C 903 -45.10 -11.48 -50.28
CA LEU C 903 -43.89 -12.18 -50.70
C LEU C 903 -44.21 -13.20 -51.79
N TYR C 904 -45.32 -13.92 -51.67
CA TYR C 904 -45.66 -14.89 -52.70
C TYR C 904 -45.92 -14.23 -54.04
N GLU C 905 -46.14 -12.92 -54.05
CA GLU C 905 -46.31 -12.18 -55.30
C GLU C 905 -45.04 -11.48 -55.75
N ASN C 906 -44.14 -11.11 -54.84
CA ASN C 906 -42.92 -10.40 -55.21
C ASN C 906 -41.66 -11.24 -55.02
N GLN C 907 -41.81 -12.57 -55.00
CA GLN C 907 -40.69 -13.47 -54.70
C GLN C 907 -39.45 -13.15 -55.53
N LYS C 908 -39.61 -12.89 -56.83
CA LYS C 908 -38.45 -12.60 -57.66
C LYS C 908 -37.75 -11.33 -57.19
N LEU C 909 -38.54 -10.29 -56.88
CA LEU C 909 -37.95 -9.03 -56.43
C LEU C 909 -37.23 -9.20 -55.09
N ILE C 910 -37.84 -9.93 -54.15
CA ILE C 910 -37.19 -10.14 -52.87
C ILE C 910 -35.91 -10.95 -53.03
N ALA C 911 -35.94 -11.98 -53.88
CA ALA C 911 -34.74 -12.78 -54.10
C ALA C 911 -33.62 -11.95 -54.70
N ASN C 912 -33.95 -11.13 -55.70
CA ASN C 912 -32.93 -10.26 -56.31
C ASN C 912 -32.40 -9.26 -55.29
N GLN C 913 -33.28 -8.70 -54.45
CA GLN C 913 -32.82 -7.73 -53.46
C GLN C 913 -31.90 -8.38 -52.43
N PHE C 914 -32.23 -9.60 -52.00
CA PHE C 914 -31.37 -10.29 -51.04
C PHE C 914 -30.02 -10.62 -51.64
N ASN C 915 -30.00 -11.10 -52.89
CA ASN C 915 -28.74 -11.38 -53.56
C ASN C 915 -27.90 -10.12 -53.73
N SER C 916 -28.56 -9.00 -54.10
CA SER C 916 -27.84 -7.73 -54.26
C SER C 916 -27.29 -7.24 -52.93
N ALA C 917 -28.05 -7.43 -51.85
CA ALA C 917 -27.57 -7.02 -50.53
C ALA C 917 -26.36 -7.85 -50.11
N ILE C 918 -26.38 -9.15 -50.39
CA ILE C 918 -25.21 -9.97 -50.08
C ILE C 918 -24.00 -9.52 -50.90
N GLY C 919 -24.20 -9.24 -52.19
CA GLY C 919 -23.10 -8.71 -53.00
C GLY C 919 -22.57 -7.39 -52.46
N LYS C 920 -23.48 -6.53 -51.99
CA LYS C 920 -23.05 -5.24 -51.48
C LYS C 920 -22.26 -5.40 -50.20
N ILE C 921 -22.67 -6.32 -49.32
CA ILE C 921 -21.87 -6.47 -48.09
C ILE C 921 -20.53 -7.10 -48.44
N GLN C 922 -20.49 -7.96 -49.47
CA GLN C 922 -19.21 -8.45 -49.97
C GLN C 922 -18.27 -7.29 -50.28
N ASP C 923 -18.75 -6.31 -51.05
CA ASP C 923 -17.89 -5.20 -51.43
C ASP C 923 -17.60 -4.27 -50.25
N SER C 924 -18.60 -4.02 -49.40
CA SER C 924 -18.42 -3.16 -48.24
C SER C 924 -17.45 -3.74 -47.24
N LEU C 925 -17.25 -5.06 -47.26
CA LEU C 925 -16.25 -5.70 -46.44
C LEU C 925 -14.89 -5.73 -47.12
N SER C 926 -14.86 -6.01 -48.42
CA SER C 926 -13.58 -6.08 -49.13
C SER C 926 -12.89 -4.72 -49.14
N SER C 927 -13.62 -3.66 -49.49
CA SER C 927 -13.01 -2.34 -49.63
C SER C 927 -12.52 -1.81 -48.28
N THR C 928 -13.38 -1.83 -47.27
CA THR C 928 -13.02 -1.35 -45.94
C THR C 928 -13.59 -2.26 -44.86
N ALA C 931 -14.25 -1.79 -41.25
CA ALA C 931 -13.12 -2.59 -40.79
C ALA C 931 -13.51 -3.39 -39.54
N LEU C 932 -12.73 -4.43 -39.25
CA LEU C 932 -12.95 -5.25 -38.07
C LEU C 932 -12.08 -4.75 -36.90
N GLY C 933 -12.28 -3.47 -36.58
CA GLY C 933 -11.50 -2.85 -35.53
C GLY C 933 -11.80 -3.42 -34.16
N LYS C 934 -13.06 -3.74 -33.89
CA LYS C 934 -13.43 -4.29 -32.59
C LYS C 934 -12.73 -5.62 -32.32
N LEU C 935 -12.42 -6.37 -33.36
CA LEU C 935 -11.69 -7.64 -33.20
C LEU C 935 -10.18 -7.47 -33.25
N GLN C 936 -9.69 -6.51 -34.04
CA GLN C 936 -8.26 -6.25 -34.05
C GLN C 936 -7.80 -5.62 -32.74
N ASP C 937 -8.70 -4.92 -32.05
CA ASP C 937 -8.34 -4.27 -30.80
C ASP C 937 -7.99 -5.29 -29.73
N VAL C 938 -8.65 -6.44 -29.72
CA VAL C 938 -8.37 -7.45 -28.70
C VAL C 938 -6.94 -7.95 -28.83
N VAL C 939 -6.53 -8.33 -30.04
CA VAL C 939 -5.18 -8.83 -30.23
C VAL C 939 -4.16 -7.71 -30.01
N ASN C 940 -4.50 -6.48 -30.43
CA ASN C 940 -3.57 -5.38 -30.21
C ASN C 940 -3.34 -5.13 -28.73
N GLN C 941 -4.42 -5.13 -27.93
CA GLN C 941 -4.30 -4.90 -26.50
C GLN C 941 -3.53 -6.01 -25.82
N ASN C 942 -3.82 -7.27 -26.17
CA ASN C 942 -3.10 -8.38 -25.54
C ASN C 942 -1.61 -8.34 -25.87
N ALA C 943 -1.28 -8.10 -27.15
CA ALA C 943 0.11 -8.01 -27.55
C ALA C 943 0.80 -6.84 -26.86
N GLN C 944 0.12 -5.70 -26.75
CA GLN C 944 0.73 -4.55 -26.09
C GLN C 944 0.96 -4.82 -24.61
N ALA C 945 0.03 -5.52 -23.95
CA ALA C 945 0.20 -5.86 -22.55
C ALA C 945 1.41 -6.77 -22.35
N LEU C 946 1.56 -7.79 -23.20
CA LEU C 946 2.72 -8.67 -23.06
C LEU C 946 4.01 -7.92 -23.36
N ASN C 947 4.00 -7.05 -24.38
CA ASN C 947 5.19 -6.29 -24.73
C ASN C 947 5.60 -5.33 -23.62
N THR C 948 4.62 -4.67 -22.99
CA THR C 948 4.97 -3.76 -21.91
C THR C 948 5.41 -4.51 -20.66
N LEU C 949 4.86 -5.72 -20.44
CA LEU C 949 5.38 -6.55 -19.35
C LEU C 949 6.84 -6.90 -19.59
N VAL C 950 7.20 -7.23 -20.83
CA VAL C 950 8.59 -7.50 -21.16
C VAL C 950 9.45 -6.26 -20.98
N LYS C 951 8.94 -5.10 -21.42
CA LYS C 951 9.71 -3.87 -21.37
C LYS C 951 9.91 -3.38 -19.94
N GLN C 952 9.01 -3.70 -19.03
CA GLN C 952 9.17 -3.23 -17.66
C GLN C 952 10.24 -3.99 -16.90
N LEU C 953 11.06 -4.79 -17.54
CA LEU C 953 12.20 -5.44 -16.90
C LEU C 953 13.42 -4.53 -16.84
N SER C 954 13.33 -3.32 -17.40
CA SER C 954 14.43 -2.37 -17.40
C SER C 954 14.30 -1.34 -16.29
N SER C 955 13.38 -1.53 -15.36
CA SER C 955 13.16 -0.59 -14.27
C SER C 955 14.02 -0.99 -13.08
N ASN C 956 14.68 0.01 -12.48
CA ASN C 956 15.55 -0.27 -11.34
C ASN C 956 14.75 -0.55 -10.07
N PHE C 957 13.55 0.01 -9.96
CA PHE C 957 12.70 -0.15 -8.78
C PHE C 957 13.43 0.28 -7.51
N GLY C 958 14.32 1.26 -7.63
CA GLY C 958 15.09 1.73 -6.52
C GLY C 958 16.41 1.01 -6.28
N ALA C 959 16.77 0.07 -7.13
CA ALA C 959 18.04 -0.62 -7.00
C ALA C 959 19.12 0.09 -7.79
N ILE C 960 20.36 -0.38 -7.63
CA ILE C 960 21.47 0.27 -8.33
C ILE C 960 21.59 -0.20 -9.77
N SER C 961 20.97 -1.32 -10.12
CA SER C 961 20.96 -1.78 -11.50
C SER C 961 19.74 -2.65 -11.72
N SER C 962 19.36 -2.80 -12.98
CA SER C 962 18.16 -3.55 -13.35
C SER C 962 18.47 -4.95 -13.84
N VAL C 963 19.71 -5.41 -13.74
CA VAL C 963 20.09 -6.74 -14.18
C VAL C 963 20.66 -7.51 -13.00
N LEU C 964 20.07 -8.69 -12.74
CA LEU C 964 20.49 -9.52 -11.62
C LEU C 964 21.94 -9.97 -11.75
N ASN C 965 22.44 -10.14 -12.97
CA ASN C 965 23.84 -10.50 -13.15
C ASN C 965 24.77 -9.39 -12.67
N ASP C 966 24.46 -8.14 -13.01
CA ASP C 966 25.26 -7.02 -12.53
C ASP C 966 25.09 -6.80 -11.03
N ILE C 967 23.93 -7.14 -10.47
CA ILE C 967 23.80 -7.07 -9.01
C ILE C 967 24.63 -8.16 -8.33
N LEU C 968 24.57 -9.39 -8.86
CA LEU C 968 25.21 -10.52 -8.20
C LEU C 968 26.73 -10.50 -8.36
N SER C 969 27.22 -9.91 -9.44
CA SER C 969 28.65 -9.67 -9.60
C SER C 969 28.94 -8.23 -9.19
N ARG C 970 29.95 -8.06 -8.33
CA ARG C 970 30.38 -6.84 -7.62
C ARG C 970 29.57 -6.59 -6.35
N LEU C 971 28.66 -7.49 -5.96
CA LEU C 971 28.04 -7.41 -4.65
C LEU C 971 27.97 -8.80 -4.05
N ASP C 972 28.33 -8.91 -2.77
CA ASP C 972 28.24 -10.15 -2.04
C ASP C 972 26.82 -10.35 -1.51
N PRO C 973 26.46 -11.59 -1.16
CA PRO C 973 25.06 -11.89 -0.80
C PRO C 973 24.47 -10.94 0.23
N PRO C 974 25.16 -10.66 1.35
CA PRO C 974 24.49 -9.89 2.42
C PRO C 974 23.98 -8.53 2.00
N GLU C 975 24.67 -7.83 1.09
CA GLU C 975 24.18 -6.53 0.62
C GLU C 975 23.60 -6.57 -0.78
N ALA C 976 23.72 -7.69 -1.50
CA ALA C 976 23.00 -7.84 -2.76
C ALA C 976 21.58 -8.32 -2.55
N GLU C 977 21.29 -8.93 -1.39
CA GLU C 977 19.94 -9.37 -1.10
C GLU C 977 18.95 -8.21 -1.09
N VAL C 978 19.38 -7.02 -0.64
CA VAL C 978 18.48 -5.88 -0.60
C VAL C 978 18.06 -5.46 -2.00
N GLN C 979 19.03 -5.35 -2.91
CA GLN C 979 18.72 -4.98 -4.29
C GLN C 979 17.86 -6.05 -4.97
N ILE C 980 18.18 -7.32 -4.72
CA ILE C 980 17.38 -8.39 -5.30
C ILE C 980 15.96 -8.34 -4.78
N ASP C 981 15.78 -8.02 -3.50
CA ASP C 981 14.44 -7.91 -2.94
C ASP C 981 13.68 -6.74 -3.55
N ARG C 982 14.35 -5.61 -3.76
CA ARG C 982 13.71 -4.48 -4.43
C ARG C 982 13.22 -4.87 -5.81
N LEU C 983 14.09 -5.53 -6.59
CA LEU C 983 13.70 -5.95 -7.94
C LEU C 983 12.55 -6.96 -7.89
N ILE C 984 12.59 -7.89 -6.94
CA ILE C 984 11.52 -8.89 -6.83
C ILE C 984 10.20 -8.22 -6.55
N THR C 985 10.19 -7.26 -5.61
CA THR C 985 8.95 -6.55 -5.29
C THR C 985 8.43 -5.79 -6.51
N GLY C 986 9.32 -5.11 -7.23
CA GLY C 986 8.87 -4.36 -8.39
C GLY C 986 8.27 -5.25 -9.46
N ARG C 987 8.94 -6.35 -9.77
CA ARG C 987 8.43 -7.23 -10.83
C ARG C 987 7.17 -7.97 -10.39
N LEU C 988 7.06 -8.30 -9.10
CA LEU C 988 5.81 -8.86 -8.59
C LEU C 988 4.66 -7.88 -8.74
N GLN C 989 4.89 -6.61 -8.44
CA GLN C 989 3.86 -5.60 -8.63
C GLN C 989 3.48 -5.47 -10.11
N SER C 990 4.46 -5.54 -11.00
CA SER C 990 4.17 -5.48 -12.43
C SER C 990 3.27 -6.65 -12.84
N LEU C 991 3.60 -7.85 -12.38
CA LEU C 991 2.79 -9.02 -12.72
C LEU C 991 1.38 -8.89 -12.16
N GLN C 992 1.24 -8.41 -10.93
CA GLN C 992 -0.08 -8.24 -10.34
C GLN C 992 -0.91 -7.24 -11.12
N THR C 993 -0.30 -6.13 -11.56
CA THR C 993 -1.03 -5.15 -12.36
C THR C 993 -1.49 -5.77 -13.67
N TYR C 994 -0.62 -6.54 -14.32
CA TYR C 994 -1.01 -7.19 -15.57
C TYR C 994 -2.17 -8.15 -15.35
N VAL C 995 -2.14 -8.91 -14.24
CA VAL C 995 -3.20 -9.85 -13.95
C VAL C 995 -4.52 -9.13 -13.71
N THR C 996 -4.47 -7.99 -13.00
CA THR C 996 -5.70 -7.24 -12.74
C THR C 996 -6.31 -6.70 -14.02
N GLN C 997 -5.48 -6.13 -14.89
CA GLN C 997 -5.99 -5.64 -16.16
C GLN C 997 -6.56 -6.78 -17.00
N GLN C 998 -5.89 -7.95 -16.99
CA GLN C 998 -6.41 -9.09 -17.73
C GLN C 998 -7.76 -9.55 -17.17
N LEU C 999 -7.92 -9.53 -15.85
CA LEU C 999 -9.20 -9.93 -15.26
C LEU C 999 -10.31 -8.98 -15.69
N ILE C 1000 -10.04 -7.68 -15.65
CA ILE C 1000 -11.08 -6.71 -16.04
C ILE C 1000 -11.44 -6.87 -17.51
N ARG C 1001 -10.44 -7.03 -18.38
CA ARG C 1001 -10.70 -7.22 -19.79
C ARG C 1001 -11.44 -8.52 -20.04
N ALA C 1002 -11.14 -9.56 -19.26
CA ALA C 1002 -11.83 -10.83 -19.39
C ALA C 1002 -13.30 -10.70 -18.98
N ALA C 1003 -13.58 -9.91 -17.96
CA ALA C 1003 -14.97 -9.65 -17.59
C ALA C 1003 -15.71 -8.94 -18.72
N GLU C 1004 -15.07 -7.94 -19.32
CA GLU C 1004 -15.70 -7.24 -20.44
C GLU C 1004 -15.95 -8.19 -21.61
N ILE C 1005 -14.98 -9.02 -21.93
CA ILE C 1005 -15.12 -9.98 -23.03
C ILE C 1005 -16.19 -11.02 -22.71
N ARG C 1006 -16.31 -11.41 -21.45
CA ARG C 1006 -17.36 -12.34 -21.06
C ARG C 1006 -18.74 -11.72 -21.24
N ALA C 1007 -18.88 -10.44 -20.90
CA ALA C 1007 -20.14 -9.74 -21.17
C ALA C 1007 -20.43 -9.72 -22.67
N SER C 1008 -19.41 -9.45 -23.48
CA SER C 1008 -19.59 -9.47 -24.93
C SER C 1008 -19.99 -10.86 -25.43
N ALA C 1009 -19.38 -11.90 -24.87
CA ALA C 1009 -19.68 -13.27 -25.30
C ALA C 1009 -21.09 -13.67 -24.91
N ASN C 1010 -21.54 -13.28 -23.72
CA ASN C 1010 -22.92 -13.55 -23.33
C ASN C 1010 -23.89 -12.81 -24.23
N LEU C 1011 -23.58 -11.56 -24.57
CA LEU C 1011 -24.42 -10.83 -25.52
C LEU C 1011 -24.46 -11.52 -26.87
N ALA C 1012 -23.31 -12.02 -27.33
CA ALA C 1012 -23.27 -12.73 -28.61
C ALA C 1012 -24.08 -14.02 -28.56
N ALA C 1013 -24.02 -14.74 -27.44
CA ALA C 1013 -24.80 -15.96 -27.31
C ALA C 1013 -26.29 -15.67 -27.32
N THR C 1014 -26.72 -14.64 -26.60
CA THR C 1014 -28.13 -14.26 -26.63
C THR C 1014 -28.55 -13.81 -28.03
N LYS C 1015 -27.67 -13.05 -28.70
CA LYS C 1015 -27.97 -12.59 -30.04
C LYS C 1015 -28.14 -13.76 -31.00
N MET C 1016 -27.27 -14.76 -30.89
CA MET C 1016 -27.38 -15.94 -31.73
C MET C 1016 -28.67 -16.69 -31.44
N SER C 1017 -28.97 -16.91 -30.16
CA SER C 1017 -30.15 -17.68 -29.79
C SER C 1017 -31.44 -16.97 -30.18
N GLU C 1018 -31.44 -15.64 -30.27
CA GLU C 1018 -32.66 -14.91 -30.55
C GLU C 1018 -32.81 -14.46 -31.99
N CYS C 1019 -31.72 -14.32 -32.75
CA CYS C 1019 -31.81 -13.89 -34.13
C CYS C 1019 -31.49 -14.99 -35.13
N VAL C 1020 -30.62 -15.94 -34.78
CA VAL C 1020 -30.28 -17.02 -35.71
C VAL C 1020 -31.18 -18.22 -35.53
N LEU C 1021 -31.46 -18.58 -34.28
CA LEU C 1021 -32.34 -19.71 -33.98
C LEU C 1021 -33.80 -19.32 -33.99
N GLY C 1022 -34.11 -18.05 -34.21
CA GLY C 1022 -35.49 -17.61 -34.24
C GLY C 1022 -35.58 -16.18 -34.73
N GLN C 1023 -36.78 -15.62 -34.63
CA GLN C 1023 -37.04 -14.26 -35.05
C GLN C 1023 -37.37 -13.41 -33.83
N SER C 1024 -36.66 -12.29 -33.69
CA SER C 1024 -36.78 -11.45 -32.50
C SER C 1024 -37.69 -10.26 -32.77
N LYS C 1025 -38.60 -10.00 -31.84
CA LYS C 1025 -39.46 -8.83 -31.90
C LYS C 1025 -38.88 -7.64 -31.15
N ARG C 1026 -37.70 -7.78 -30.56
CA ARG C 1026 -37.06 -6.67 -29.89
C ARG C 1026 -36.60 -5.64 -30.89
N VAL C 1027 -36.92 -4.37 -30.64
CA VAL C 1027 -36.55 -3.30 -31.54
C VAL C 1027 -35.06 -3.02 -31.45
N ASP C 1028 -34.40 -2.97 -32.61
CA ASP C 1028 -32.97 -2.69 -32.72
C ASP C 1028 -32.11 -3.69 -31.96
N PHE C 1029 -32.54 -4.95 -31.92
CA PHE C 1029 -31.72 -6.01 -31.35
C PHE C 1029 -30.96 -6.79 -32.40
N CYS C 1030 -31.59 -7.11 -33.52
CA CYS C 1030 -30.93 -7.84 -34.60
C CYS C 1030 -30.89 -6.96 -35.84
N GLY C 1031 -30.49 -5.71 -35.66
CA GLY C 1031 -30.36 -4.77 -36.76
C GLY C 1031 -31.41 -3.67 -36.70
N LYS C 1032 -31.23 -2.70 -37.58
CA LYS C 1032 -32.15 -1.57 -37.70
C LYS C 1032 -33.29 -1.98 -38.62
N GLY C 1033 -34.51 -2.00 -38.09
CA GLY C 1033 -35.68 -2.35 -38.86
C GLY C 1033 -36.43 -3.53 -38.29
N TYR C 1034 -37.30 -4.14 -39.10
CA TYR C 1034 -38.05 -5.32 -38.68
C TYR C 1034 -37.22 -6.55 -39.00
N HIS C 1035 -36.90 -7.33 -37.97
CA HIS C 1035 -35.95 -8.42 -38.11
C HIS C 1035 -36.54 -9.57 -38.90
N LEU C 1036 -35.78 -10.10 -39.84
CA LEU C 1036 -36.16 -11.28 -40.60
C LEU C 1036 -35.37 -12.51 -40.17
N MET C 1037 -34.04 -12.47 -40.25
CA MET C 1037 -33.22 -13.56 -39.74
C MET C 1037 -31.82 -13.03 -39.49
N SER C 1038 -30.89 -13.95 -39.23
CA SER C 1038 -29.49 -13.60 -39.07
C SER C 1038 -28.63 -14.80 -39.44
N PHE C 1039 -27.43 -14.52 -39.94
CA PHE C 1039 -26.48 -15.56 -40.33
C PHE C 1039 -25.17 -15.34 -39.59
N PRO C 1040 -24.68 -16.33 -38.84
CA PRO C 1040 -23.41 -16.16 -38.14
C PRO C 1040 -22.22 -16.54 -38.99
N GLN C 1041 -21.13 -15.79 -38.83
CA GLN C 1041 -19.90 -16.05 -39.55
C GLN C 1041 -18.74 -16.03 -38.56
N SER C 1042 -17.80 -16.94 -38.76
CA SER C 1042 -16.65 -17.05 -37.87
C SER C 1042 -15.63 -15.97 -38.19
N ALA C 1043 -15.13 -15.32 -37.16
CA ALA C 1043 -14.08 -14.32 -37.30
C ALA C 1043 -13.05 -14.56 -36.21
N PRO C 1044 -11.80 -14.17 -36.45
CA PRO C 1044 -10.76 -14.37 -35.41
C PRO C 1044 -11.12 -13.64 -34.12
N HIS C 1045 -11.28 -14.42 -33.06
CA HIS C 1045 -11.64 -13.91 -31.73
C HIS C 1045 -12.97 -13.20 -31.70
N GLY C 1046 -13.93 -13.63 -32.52
CA GLY C 1046 -15.23 -12.97 -32.49
C GLY C 1046 -16.20 -13.65 -33.43
N VAL C 1047 -17.41 -13.10 -33.46
CA VAL C 1047 -18.47 -13.58 -34.33
C VAL C 1047 -19.06 -12.39 -35.08
N VAL C 1048 -19.48 -12.65 -36.32
CA VAL C 1048 -20.01 -11.63 -37.20
C VAL C 1048 -21.38 -12.06 -37.67
N PHE C 1049 -22.38 -11.18 -37.52
CA PHE C 1049 -23.76 -11.46 -37.86
C PHE C 1049 -24.15 -10.69 -39.10
N LEU C 1050 -24.84 -11.36 -40.01
CA LEU C 1050 -25.44 -10.72 -41.18
C LEU C 1050 -26.94 -10.64 -40.95
N HIS C 1051 -27.41 -9.47 -40.51
CA HIS C 1051 -28.79 -9.29 -40.13
C HIS C 1051 -29.61 -8.90 -41.36
N VAL C 1052 -30.62 -9.71 -41.66
CA VAL C 1052 -31.55 -9.39 -42.74
C VAL C 1052 -32.76 -8.68 -42.13
N THR C 1053 -33.00 -7.46 -42.56
CA THR C 1053 -34.02 -6.60 -41.97
C THR C 1053 -34.98 -6.10 -43.04
N TYR C 1054 -36.14 -5.63 -42.59
CA TYR C 1054 -37.17 -5.07 -43.45
C TYR C 1054 -37.28 -3.58 -43.17
N VAL C 1055 -36.99 -2.76 -44.17
CA VAL C 1055 -37.02 -1.31 -44.04
C VAL C 1055 -38.00 -0.74 -45.05
N PRO C 1056 -39.10 -0.13 -44.61
CA PRO C 1056 -40.07 0.40 -45.57
C PRO C 1056 -39.53 1.57 -46.36
N ALA C 1057 -40.12 1.78 -47.53
CA ALA C 1057 -39.72 2.86 -48.41
C ALA C 1057 -40.91 3.28 -49.27
N GLN C 1058 -40.79 4.47 -49.87
CA GLN C 1058 -41.78 5.00 -50.79
C GLN C 1058 -43.15 5.14 -50.12
N GLU C 1059 -43.20 6.01 -49.12
CA GLU C 1059 -44.44 6.28 -48.41
C GLU C 1059 -45.34 7.22 -49.23
N LYS C 1060 -46.60 7.29 -48.83
CA LYS C 1060 -47.59 8.10 -49.55
C LYS C 1060 -48.58 8.69 -48.55
N ASN C 1061 -49.22 9.76 -48.99
CA ASN C 1061 -50.19 10.48 -48.17
C ASN C 1061 -51.58 9.88 -48.33
N PHE C 1062 -52.31 9.76 -47.22
CA PHE C 1062 -53.70 9.34 -47.24
C PHE C 1062 -54.46 9.98 -46.10
N THR C 1063 -55.78 10.07 -46.26
CA THR C 1063 -56.67 10.55 -45.21
C THR C 1063 -57.18 9.38 -44.39
N THR C 1064 -57.31 9.58 -43.08
CA THR C 1064 -57.59 8.51 -42.15
C THR C 1064 -58.76 8.89 -41.24
N ALA C 1065 -59.32 7.87 -40.59
CA ALA C 1065 -60.40 8.04 -39.62
C ALA C 1065 -60.40 6.85 -38.68
N PRO C 1066 -60.64 7.06 -37.38
CA PRO C 1066 -60.55 5.92 -36.44
C PRO C 1066 -61.67 4.93 -36.58
N ALA C 1067 -62.85 5.35 -37.05
CA ALA C 1067 -63.99 4.45 -37.14
C ALA C 1067 -64.89 4.84 -38.28
N ILE C 1068 -65.65 3.87 -38.75
CA ILE C 1068 -66.68 4.06 -39.78
C ILE C 1068 -67.99 3.57 -39.19
N CYS C 1069 -69.02 4.41 -39.23
CA CYS C 1069 -70.34 4.01 -38.75
C CYS C 1069 -71.33 4.09 -39.91
N HIS C 1070 -72.03 2.99 -40.14
CA HIS C 1070 -72.86 2.81 -41.33
C HIS C 1070 -74.35 2.93 -41.05
N ASP C 1071 -74.85 2.16 -40.08
CA ASP C 1071 -76.27 2.13 -39.78
C ASP C 1071 -76.44 2.44 -38.29
N GLY C 1072 -75.79 3.50 -37.83
CA GLY C 1072 -75.82 3.83 -36.42
C GLY C 1072 -74.94 2.95 -35.57
N LYS C 1073 -74.03 2.21 -36.17
CA LYS C 1073 -73.13 1.31 -35.45
C LYS C 1073 -71.70 1.60 -35.88
N ALA C 1074 -70.80 1.72 -34.90
CA ALA C 1074 -69.42 2.08 -35.17
C ALA C 1074 -68.62 0.84 -35.55
N HIS C 1075 -67.99 0.87 -36.72
CA HIS C 1075 -67.18 -0.23 -37.22
C HIS C 1075 -65.71 0.15 -37.12
N PHE C 1076 -64.91 -0.72 -36.53
CA PHE C 1076 -63.48 -0.56 -36.40
C PHE C 1076 -62.75 -1.66 -37.15
N PRO C 1077 -61.58 -1.37 -37.72
CA PRO C 1077 -60.87 -2.39 -38.51
C PRO C 1077 -60.42 -3.56 -37.66
N ARG C 1078 -60.36 -4.73 -38.31
CA ARG C 1078 -59.91 -5.93 -37.60
C ARG C 1078 -58.39 -5.93 -37.45
N GLU C 1079 -57.67 -5.92 -38.56
CA GLU C 1079 -56.21 -5.94 -38.55
C GLU C 1079 -55.66 -4.96 -39.58
N GLY C 1080 -56.26 -3.77 -39.64
CA GLY C 1080 -55.84 -2.77 -40.61
C GLY C 1080 -56.12 -1.36 -40.14
N VAL C 1081 -56.13 -0.42 -41.09
CA VAL C 1081 -56.36 0.99 -40.78
C VAL C 1081 -57.17 1.60 -41.91
N PHE C 1082 -58.08 2.50 -41.57
CA PHE C 1082 -58.98 3.09 -42.56
C PHE C 1082 -58.25 4.21 -43.30
N VAL C 1083 -58.20 4.09 -44.64
CA VAL C 1083 -57.52 5.07 -45.48
C VAL C 1083 -58.43 5.43 -46.64
N SER C 1084 -58.13 6.56 -47.27
CA SER C 1084 -58.93 7.05 -48.38
C SER C 1084 -58.02 7.72 -49.40
N ASN C 1085 -58.21 7.38 -50.68
CA ASN C 1085 -57.46 8.01 -51.75
C ASN C 1085 -58.11 9.32 -52.22
N GLY C 1086 -59.07 9.84 -51.46
CA GLY C 1086 -59.67 11.12 -51.79
C GLY C 1086 -61.17 11.05 -51.95
N THR C 1087 -61.67 9.98 -52.56
CA THR C 1087 -63.09 9.83 -52.83
C THR C 1087 -63.70 8.60 -52.18
N HIS C 1088 -62.99 7.47 -52.16
CA HIS C 1088 -63.48 6.23 -51.57
C HIS C 1088 -62.66 5.87 -50.34
N TRP C 1089 -63.26 5.09 -49.46
CA TRP C 1089 -62.64 4.70 -48.19
C TRP C 1089 -62.30 3.22 -48.22
N PHE C 1090 -61.08 2.89 -47.78
CA PHE C 1090 -60.59 1.52 -47.77
C PHE C 1090 -59.89 1.24 -46.45
N VAL C 1091 -59.66 -0.05 -46.20
CA VAL C 1091 -58.93 -0.53 -45.02
C VAL C 1091 -57.70 -1.28 -45.51
N THR C 1092 -56.54 -0.95 -44.96
CA THR C 1092 -55.28 -1.52 -45.41
C THR C 1092 -54.41 -1.88 -44.22
N GLN C 1093 -53.48 -2.80 -44.46
CA GLN C 1093 -52.52 -3.19 -43.44
C GLN C 1093 -51.49 -2.07 -43.25
N ARG C 1094 -50.85 -2.09 -42.07
CA ARG C 1094 -50.09 -0.93 -41.62
C ARG C 1094 -48.76 -0.77 -42.34
N ASN C 1095 -48.09 -1.87 -42.67
CA ASN C 1095 -46.73 -1.80 -43.22
C ASN C 1095 -46.67 -1.95 -44.73
N PHE C 1096 -47.82 -2.02 -45.40
CA PHE C 1096 -47.83 -2.15 -46.86
C PHE C 1096 -49.19 -1.70 -47.37
N TYR C 1097 -49.19 -0.85 -48.40
CA TYR C 1097 -50.42 -0.34 -48.97
C TYR C 1097 -51.09 -1.46 -49.77
N GLU C 1098 -52.21 -1.97 -49.26
CA GLU C 1098 -52.99 -3.00 -49.95
C GLU C 1098 -54.45 -2.74 -49.67
N PRO C 1099 -55.10 -1.86 -50.44
CA PRO C 1099 -56.45 -1.46 -50.11
C PRO C 1099 -57.47 -2.55 -50.42
N GLN C 1100 -58.45 -2.68 -49.53
CA GLN C 1100 -59.54 -3.62 -49.68
C GLN C 1100 -60.85 -2.92 -49.36
N ILE C 1101 -61.94 -3.47 -49.88
CA ILE C 1101 -63.25 -2.89 -49.66
C ILE C 1101 -63.71 -3.23 -48.24
N ILE C 1102 -64.33 -2.27 -47.58
CA ILE C 1102 -64.75 -2.44 -46.18
C ILE C 1102 -66.00 -3.32 -46.16
N THR C 1103 -65.87 -4.51 -45.59
CA THR C 1103 -66.96 -5.46 -45.49
C THR C 1103 -67.21 -5.82 -44.02
N THR C 1104 -68.12 -6.77 -43.81
CA THR C 1104 -68.42 -7.25 -42.47
C THR C 1104 -67.36 -8.20 -41.94
N ASP C 1105 -66.51 -8.74 -42.82
CA ASP C 1105 -65.39 -9.56 -42.39
C ASP C 1105 -64.19 -8.69 -42.00
N ASN C 1106 -64.03 -7.54 -42.65
CA ASN C 1106 -62.90 -6.66 -42.35
C ASN C 1106 -63.08 -5.86 -41.07
N THR C 1107 -64.32 -5.62 -40.63
CA THR C 1107 -64.58 -4.76 -39.49
C THR C 1107 -65.45 -5.47 -38.47
N PHE C 1108 -65.51 -4.88 -37.28
CA PHE C 1108 -66.35 -5.35 -36.20
C PHE C 1108 -67.06 -4.16 -35.56
N VAL C 1109 -68.21 -4.44 -34.95
CA VAL C 1109 -69.14 -3.41 -34.49
C VAL C 1109 -68.99 -3.20 -32.99
N SER C 1110 -69.01 -1.94 -32.57
CA SER C 1110 -68.98 -1.61 -31.14
C SER C 1110 -69.55 -0.21 -30.96
N GLY C 1111 -70.77 -0.12 -30.41
CA GLY C 1111 -71.36 1.16 -30.10
C GLY C 1111 -72.02 1.85 -31.28
N ASN C 1112 -72.38 3.11 -31.06
CA ASN C 1112 -73.08 3.95 -32.02
C ASN C 1112 -72.16 5.08 -32.50
N CYS C 1113 -72.76 6.04 -33.21
CA CYS C 1113 -72.02 7.11 -33.86
C CYS C 1113 -71.87 8.34 -32.97
N ASP C 1114 -71.94 8.17 -31.65
CA ASP C 1114 -72.00 9.31 -30.74
C ASP C 1114 -70.86 9.37 -29.73
N VAL C 1115 -70.04 8.33 -29.61
CA VAL C 1115 -69.01 8.27 -28.60
C VAL C 1115 -67.64 8.62 -29.17
N VAL C 1116 -67.25 7.97 -30.26
CA VAL C 1116 -65.93 8.23 -30.83
C VAL C 1116 -65.95 9.61 -31.50
N ILE C 1117 -64.77 10.22 -31.59
CA ILE C 1117 -64.66 11.62 -31.98
C ILE C 1117 -64.59 11.78 -33.49
N GLY C 1118 -63.58 11.19 -34.11
CA GLY C 1118 -63.31 11.45 -35.52
C GLY C 1118 -63.95 10.49 -36.48
N ILE C 1119 -65.19 10.10 -36.24
CA ILE C 1119 -65.86 9.13 -37.09
C ILE C 1119 -66.32 9.80 -38.38
N VAL C 1120 -66.33 9.03 -39.47
CA VAL C 1120 -66.79 9.49 -40.77
C VAL C 1120 -67.78 8.47 -41.32
N ASN C 1121 -68.57 8.91 -42.29
CA ASN C 1121 -69.65 8.10 -42.85
C ASN C 1121 -69.17 7.36 -44.10
N ASN C 1122 -69.61 6.12 -44.23
CA ASN C 1122 -69.29 5.31 -45.40
C ASN C 1122 -70.27 4.14 -45.46
N THR C 1123 -70.25 3.44 -46.59
CA THR C 1123 -71.00 2.21 -46.75
C THR C 1123 -70.11 1.01 -46.44
N VAL C 1124 -70.66 0.04 -45.74
CA VAL C 1124 -69.97 -1.21 -45.43
C VAL C 1124 -70.69 -2.31 -46.20
N TYR C 1125 -70.01 -2.89 -47.18
CA TYR C 1125 -70.63 -3.85 -48.09
C TYR C 1125 -70.72 -5.22 -47.42
N ASP C 1126 -71.94 -5.74 -47.31
CA ASP C 1126 -72.15 -7.06 -46.73
C ASP C 1126 -72.13 -8.09 -47.84
N PRO C 1127 -71.21 -9.06 -47.84
CA PRO C 1127 -71.11 -10.02 -48.94
C PRO C 1127 -72.13 -11.16 -48.85
N LEU C 1128 -73.37 -10.81 -48.60
CA LEU C 1128 -74.45 -11.77 -48.47
C LEU C 1128 -75.65 -11.43 -49.35
N GLN C 1129 -75.94 -10.14 -49.52
CA GLN C 1129 -77.01 -9.73 -50.43
C GLN C 1129 -76.78 -10.20 -51.87
N PRO C 1130 -75.59 -10.07 -52.46
CA PRO C 1130 -75.39 -10.66 -53.78
C PRO C 1130 -75.57 -12.17 -53.79
N GLU C 1131 -75.22 -12.84 -52.69
CA GLU C 1131 -75.38 -14.29 -52.62
C GLU C 1131 -76.84 -14.71 -52.50
N LEU C 1132 -77.70 -13.84 -51.98
CA LEU C 1132 -79.13 -14.12 -51.98
C LEU C 1132 -79.87 -13.41 -53.11
N ASP C 1133 -79.17 -12.70 -53.98
CA ASP C 1133 -79.80 -11.98 -55.07
C ASP C 1133 -79.26 -12.45 -56.43
N GLU D 1 -5.67 60.82 71.15
CA GLU D 1 -6.04 60.29 72.46
C GLU D 1 -7.09 59.19 72.33
N VAL D 2 -6.84 58.08 73.03
CA VAL D 2 -7.82 57.01 73.20
C VAL D 2 -7.88 56.66 74.67
N GLN D 3 -9.10 56.55 75.20
CA GLN D 3 -9.34 56.25 76.61
C GLN D 3 -10.37 55.15 76.72
N LEU D 4 -10.30 54.39 77.82
CA LEU D 4 -11.14 53.22 78.01
C LEU D 4 -11.91 53.34 79.32
N GLN D 5 -13.13 52.79 79.31
CA GLN D 5 -14.03 52.84 80.45
C GLN D 5 -14.18 51.46 81.05
N GLN D 6 -13.97 51.36 82.36
CA GLN D 6 -13.71 50.09 83.02
C GLN D 6 -14.60 49.91 84.24
N SER D 7 -14.86 48.65 84.55
CA SER D 7 -15.65 48.30 85.73
C SER D 7 -15.01 48.81 87.01
N GLY D 8 -15.81 49.42 87.87
CA GLY D 8 -15.32 49.92 89.13
C GLY D 8 -14.98 48.81 90.10
N ALA D 9 -14.40 49.19 91.24
CA ALA D 9 -13.98 48.22 92.23
C ALA D 9 -15.16 47.40 92.73
N GLU D 10 -14.92 46.11 92.94
CA GLU D 10 -15.98 45.16 93.28
C GLU D 10 -15.64 44.43 94.57
N LEU D 11 -16.67 44.17 95.38
CA LEU D 11 -16.55 43.36 96.58
C LEU D 11 -17.55 42.22 96.46
N VAL D 12 -17.04 40.97 96.45
CA VAL D 12 -17.85 39.82 96.06
C VAL D 12 -17.53 38.64 96.95
N ARG D 13 -18.47 37.67 96.97
CA ARG D 13 -18.36 36.39 97.63
C ARG D 13 -17.61 35.37 96.76
N PRO D 14 -16.84 34.44 97.37
CA PRO D 14 -16.17 33.41 96.60
C PRO D 14 -17.19 32.37 96.14
N GLY D 15 -16.77 31.48 95.25
CA GLY D 15 -17.61 30.42 94.75
C GLY D 15 -18.60 30.82 93.67
N ALA D 16 -18.38 31.96 93.01
CA ALA D 16 -19.28 32.37 91.95
C ALA D 16 -18.49 33.14 90.89
N LEU D 17 -19.07 33.20 89.69
CA LEU D 17 -18.44 33.83 88.55
C LEU D 17 -18.33 35.35 88.76
N VAL D 18 -17.61 36.00 87.85
CA VAL D 18 -17.43 37.44 87.85
C VAL D 18 -17.37 37.90 86.41
N LYS D 19 -17.89 39.10 86.14
CA LYS D 19 -17.93 39.65 84.80
C LYS D 19 -17.30 41.03 84.78
N LEU D 20 -16.60 41.33 83.68
CA LEU D 20 -15.88 42.58 83.53
C LEU D 20 -16.23 43.19 82.17
N SER D 21 -16.15 44.51 82.08
CA SER D 21 -16.48 45.23 80.86
C SER D 21 -15.39 46.24 80.54
N CYS D 22 -14.92 46.22 79.30
CA CYS D 22 -13.87 47.11 78.83
C CYS D 22 -14.40 47.85 77.61
N LYS D 23 -14.41 49.18 77.68
CA LYS D 23 -15.10 50.00 76.70
C LYS D 23 -14.10 50.90 75.97
N ALA D 24 -14.41 51.19 74.71
CA ALA D 24 -13.50 51.91 73.83
C ALA D 24 -14.26 52.98 73.06
N SER D 25 -13.55 54.05 72.71
CA SER D 25 -14.12 55.14 71.92
C SER D 25 -13.10 55.63 70.91
N GLY D 26 -13.60 56.10 69.77
CA GLY D 26 -12.75 56.52 68.68
C GLY D 26 -12.42 55.45 67.67
N PHE D 27 -12.89 54.22 67.87
CA PHE D 27 -12.60 53.13 66.93
C PHE D 27 -13.56 51.98 67.23
N ASN D 28 -13.57 51.01 66.32
CA ASN D 28 -14.34 49.78 66.48
C ASN D 28 -13.41 48.66 66.94
N ILE D 29 -13.93 47.82 67.84
CA ILE D 29 -13.13 46.71 68.37
C ILE D 29 -12.65 45.79 67.26
N LYS D 30 -13.40 45.73 66.15
CA LYS D 30 -12.95 44.94 65.01
C LYS D 30 -11.59 45.39 64.51
N ASP D 31 -11.30 46.69 64.61
CA ASP D 31 -10.04 47.23 64.10
C ASP D 31 -8.82 46.69 64.85
N TYR D 32 -9.00 46.20 66.07
CA TYR D 32 -7.86 45.77 66.87
C TYR D 32 -8.08 44.42 67.55
N PHE D 33 -7.14 44.06 68.42
CA PHE D 33 -7.23 42.87 69.27
C PHE D 33 -7.35 43.33 70.71
N VAL D 34 -7.82 42.44 71.57
CA VAL D 34 -8.11 42.78 72.96
C VAL D 34 -7.40 41.80 73.88
N HIS D 35 -6.64 42.33 74.83
CA HIS D 35 -5.96 41.55 75.85
C HIS D 35 -6.61 41.84 77.20
N TRP D 36 -6.43 40.91 78.13
CA TRP D 36 -6.89 41.13 79.49
C TRP D 36 -5.74 40.86 80.45
N VAL D 37 -5.79 41.55 81.58
CA VAL D 37 -4.67 41.60 82.52
C VAL D 37 -5.23 41.58 83.94
N LYS D 38 -4.58 40.82 84.81
CA LYS D 38 -4.86 40.90 86.25
C LYS D 38 -3.55 41.15 86.98
N GLN D 39 -3.61 42.06 87.96
CA GLN D 39 -2.42 42.57 88.63
C GLN D 39 -2.51 42.33 90.13
N ARG D 40 -1.39 41.91 90.72
CA ARG D 40 -1.27 41.73 92.15
C ARG D 40 0.04 42.37 92.61
N PRO D 41 0.03 43.21 93.64
CA PRO D 41 1.28 43.83 94.11
C PRO D 41 2.31 42.78 94.48
N VAL D 42 1.95 41.88 95.39
CA VAL D 42 2.72 40.67 95.64
C VAL D 42 2.21 39.59 94.69
N GLN D 43 3.12 38.79 94.14
CA GLN D 43 2.93 37.79 93.09
C GLN D 43 2.86 38.44 91.71
N GLY D 44 2.98 39.75 91.62
CA GLY D 44 3.11 40.46 90.35
C GLY D 44 1.84 40.51 89.50
N LEU D 45 2.05 40.87 88.25
CA LEU D 45 1.01 41.01 87.24
C LEU D 45 1.02 39.83 86.27
N GLU D 46 -0.15 39.47 85.77
CA GLU D 46 -0.29 38.28 84.94
C GLU D 46 -0.90 38.64 83.59
N TRP D 47 -0.63 37.77 82.62
CA TRP D 47 -1.00 37.94 81.22
C TRP D 47 -2.01 36.85 80.88
N ILE D 48 -3.19 37.23 80.39
CA ILE D 48 -4.29 36.30 80.21
C ILE D 48 -4.43 35.83 78.77
N GLY D 49 -4.50 36.73 77.81
CA GLY D 49 -4.59 36.32 76.42
C GLY D 49 -5.37 37.32 75.59
N TRP D 50 -5.62 36.93 74.33
CA TRP D 50 -6.24 37.81 73.35
C TRP D 50 -7.47 37.18 72.72
N ILE D 51 -8.45 38.02 72.42
CA ILE D 51 -9.69 37.64 71.75
C ILE D 51 -9.83 38.48 70.48
N ASP D 52 -10.31 37.84 69.41
CA ASP D 52 -10.48 38.50 68.11
C ASP D 52 -11.95 38.69 67.80
N PRO D 53 -12.47 39.92 67.84
CA PRO D 53 -13.87 40.14 67.44
C PRO D 53 -14.17 39.72 66.01
N GLU D 54 -13.23 39.91 65.08
CA GLU D 54 -13.50 39.58 63.69
C GLU D 54 -13.51 38.06 63.46
N ASN D 55 -12.69 37.32 64.20
CA ASN D 55 -12.59 35.88 63.99
C ASN D 55 -13.81 35.16 64.57
N GLY D 56 -14.31 35.64 65.71
CA GLY D 56 -15.28 34.89 66.48
C GLY D 56 -14.68 33.85 67.39
N ASN D 57 -13.35 33.82 67.53
CA ASN D 57 -12.67 32.88 68.40
C ASN D 57 -11.68 33.63 69.28
N THR D 58 -11.02 32.91 70.18
CA THR D 58 -10.08 33.52 71.10
C THR D 58 -9.04 32.51 71.55
N ILE D 59 -7.78 32.96 71.57
CA ILE D 59 -6.65 32.19 72.05
C ILE D 59 -6.23 32.72 73.42
N TYR D 60 -6.24 31.83 74.41
CA TYR D 60 -6.00 32.19 75.80
C TYR D 60 -4.59 31.78 76.21
N GLY D 61 -4.17 32.28 77.36
CA GLY D 61 -2.93 31.86 77.98
C GLY D 61 -3.10 30.60 78.77
N PRO D 62 -1.97 29.93 79.07
CA PRO D 62 -2.06 28.62 79.72
C PRO D 62 -2.32 28.69 81.23
N LYS D 63 -1.77 29.67 81.93
CA LYS D 63 -2.06 29.78 83.36
C LYS D 63 -3.55 30.03 83.58
N PHE D 64 -4.13 30.90 82.76
CA PHE D 64 -5.55 31.22 82.83
C PHE D 64 -6.41 30.34 81.93
N GLN D 65 -5.82 29.36 81.24
CA GLN D 65 -6.59 28.59 80.26
C GLN D 65 -7.79 27.93 80.92
N GLY D 66 -7.58 27.29 82.07
CA GLY D 66 -8.70 26.87 82.88
C GLY D 66 -9.31 28.04 83.63
N LYS D 67 -10.64 27.98 83.79
CA LYS D 67 -11.38 28.96 84.59
C LYS D 67 -11.31 30.37 83.96
N ALA D 68 -11.49 30.44 82.63
CA ALA D 68 -11.54 31.73 81.97
C ALA D 68 -12.35 31.61 80.69
N SER D 69 -13.05 32.69 80.35
CA SER D 69 -13.81 32.75 79.12
C SER D 69 -13.80 34.18 78.60
N LEU D 70 -13.76 34.34 77.29
CA LEU D 70 -13.73 35.66 76.66
C LEU D 70 -14.85 35.76 75.64
N ALA D 71 -15.50 36.92 75.60
CA ALA D 71 -16.59 37.18 74.68
C ALA D 71 -16.50 38.61 74.17
N ALA D 72 -17.05 38.83 72.98
CA ALA D 72 -17.04 40.15 72.38
C ALA D 72 -18.25 40.29 71.47
N ASP D 73 -18.77 41.52 71.40
CA ASP D 73 -19.85 41.87 70.49
C ASP D 73 -19.53 43.24 69.92
N THR D 74 -19.55 43.35 68.59
CA THR D 74 -19.21 44.61 67.95
C THR D 74 -20.32 45.66 68.06
N SER D 75 -21.55 45.23 68.34
CA SER D 75 -22.66 46.17 68.45
C SER D 75 -22.34 47.31 69.42
N SER D 76 -21.78 46.96 70.57
CA SER D 76 -21.19 47.94 71.48
C SER D 76 -19.67 47.88 71.40
N ASN D 77 -19.02 49.00 71.69
CA ASN D 77 -17.56 49.04 71.71
C ASN D 77 -17.03 48.52 73.05
N THR D 78 -17.35 47.26 73.33
CA THR D 78 -17.12 46.67 74.64
C THR D 78 -16.69 45.23 74.51
N GLY D 79 -15.72 44.83 75.32
CA GLY D 79 -15.28 43.46 75.40
C GLY D 79 -15.41 42.95 76.83
N TYR D 80 -15.59 41.64 76.97
CA TYR D 80 -15.98 41.06 78.24
C TYR D 80 -15.10 39.86 78.59
N LEU D 81 -14.85 39.70 79.88
CA LEU D 81 -14.10 38.58 80.43
C LEU D 81 -14.87 38.02 81.62
N GLN D 82 -14.92 36.69 81.72
CA GLN D 82 -15.60 36.02 82.82
C GLN D 82 -14.81 34.80 83.26
N LEU D 83 -14.96 34.45 84.53
CA LEU D 83 -14.25 33.34 85.14
C LEU D 83 -15.22 32.34 85.72
N SER D 84 -14.84 31.06 85.71
CA SER D 84 -15.78 29.99 86.04
C SER D 84 -16.27 30.10 87.48
N SER D 85 -15.36 30.35 88.42
CA SER D 85 -15.71 30.48 89.83
C SER D 85 -14.57 31.17 90.57
N LEU D 86 -14.92 32.01 91.53
CA LEU D 86 -13.97 32.91 92.17
C LEU D 86 -13.10 32.16 93.17
N THR D 87 -11.80 32.11 92.92
CA THR D 87 -10.80 31.62 93.86
C THR D 87 -9.99 32.78 94.42
N SER D 88 -9.11 32.45 95.37
CA SER D 88 -8.24 33.48 95.95
C SER D 88 -7.29 34.06 94.92
N GLU D 89 -6.87 33.24 93.95
CA GLU D 89 -6.00 33.72 92.88
C GLU D 89 -6.69 34.80 92.06
N ASP D 90 -7.99 34.65 91.83
CA ASP D 90 -8.76 35.62 91.06
C ASP D 90 -9.11 36.86 91.85
N THR D 91 -8.96 36.84 93.17
CA THR D 91 -9.18 38.03 93.98
C THR D 91 -8.03 39.00 93.78
N ALA D 92 -8.11 39.82 92.73
CA ALA D 92 -6.97 40.63 92.32
C ALA D 92 -7.49 41.85 91.55
N VAL D 93 -6.55 42.72 91.22
CA VAL D 93 -6.83 43.84 90.34
C VAL D 93 -6.86 43.32 88.91
N TYR D 94 -7.70 43.91 88.06
CA TYR D 94 -7.85 43.47 86.69
C TYR D 94 -7.72 44.65 85.72
N TYR D 95 -7.20 44.34 84.53
CA TYR D 95 -6.98 45.33 83.49
C TYR D 95 -7.35 44.73 82.14
N CYS D 96 -7.64 45.60 81.20
CA CYS D 96 -7.88 45.21 79.82
C CYS D 96 -6.93 45.99 78.92
N ALA D 97 -6.53 45.37 77.81
CA ALA D 97 -5.56 45.99 76.93
C ALA D 97 -5.92 45.73 75.48
N ARG D 98 -5.38 46.58 74.61
CA ARG D 98 -5.60 46.51 73.17
C ARG D 98 -4.28 46.23 72.48
N TRP D 99 -4.26 45.22 71.61
CA TRP D 99 -3.03 44.75 71.00
C TRP D 99 -3.12 44.91 69.49
N ASP D 100 -2.24 45.74 68.94
CA ASP D 100 -2.18 45.90 67.50
C ASP D 100 -1.54 44.68 66.85
N GLY D 101 -2.05 44.30 65.68
CA GLY D 101 -1.42 43.21 64.95
C GLY D 101 0.03 43.50 64.66
N TYR D 102 0.86 42.48 64.80
CA TYR D 102 2.31 42.59 64.57
C TYR D 102 2.92 43.68 65.45
N GLU D 103 2.48 43.77 66.70
CA GLU D 103 2.86 44.91 67.52
C GLU D 103 2.57 44.58 68.99
N THR D 104 2.74 45.60 69.84
CA THR D 104 2.55 45.57 71.27
C THR D 104 1.15 45.97 71.72
N LEU D 105 0.91 45.87 73.02
CA LEU D 105 -0.28 46.41 73.64
C LEU D 105 -0.19 47.93 73.67
N ASP D 106 -1.27 48.62 73.30
CA ASP D 106 -1.21 50.07 73.22
C ASP D 106 -2.17 50.84 74.11
N TYR D 107 -3.21 50.23 74.65
CA TYR D 107 -4.15 50.98 75.47
C TYR D 107 -4.51 50.18 76.70
N TRP D 108 -4.55 50.86 77.84
CA TRP D 108 -4.84 50.24 79.13
C TRP D 108 -5.80 51.14 79.90
N GLY D 109 -6.93 50.59 80.31
CA GLY D 109 -7.95 51.36 80.99
C GLY D 109 -7.53 51.73 82.41
N GLN D 110 -8.46 52.38 83.12
CA GLN D 110 -8.18 52.76 84.50
C GLN D 110 -7.99 51.53 85.38
N GLY D 111 -8.80 50.50 85.21
CA GLY D 111 -8.59 49.24 85.90
C GLY D 111 -9.81 48.80 86.68
N THR D 112 -9.71 47.59 87.20
CA THR D 112 -10.73 46.99 88.05
C THR D 112 -10.06 46.17 89.14
N SER D 113 -10.50 46.36 90.38
CA SER D 113 -9.89 45.72 91.54
C SER D 113 -10.93 44.85 92.23
N VAL D 114 -10.58 43.60 92.48
CA VAL D 114 -11.50 42.63 93.09
C VAL D 114 -10.98 42.29 94.48
N THR D 115 -11.80 42.60 95.48
CA THR D 115 -11.53 42.25 96.87
C THR D 115 -12.67 41.37 97.37
N VAL D 116 -12.34 40.47 98.31
CA VAL D 116 -13.21 39.36 98.67
C VAL D 116 -13.30 39.26 100.18
N SER D 117 -14.51 38.99 100.68
CA SER D 117 -14.76 38.83 102.11
C SER D 117 -14.66 37.37 102.52
N ASP E 1 8.44 28.78 78.94
CA ASP E 1 8.06 30.19 78.90
C ASP E 1 9.23 31.09 79.26
N ILE E 2 9.19 32.33 78.76
CA ILE E 2 10.26 33.29 78.99
C ILE E 2 10.11 33.92 80.36
N VAL E 3 11.23 34.07 81.06
CA VAL E 3 11.30 34.63 82.40
C VAL E 3 12.20 35.86 82.37
N MET E 4 11.83 36.90 83.12
CA MET E 4 12.49 38.20 83.08
C MET E 4 12.99 38.56 84.47
N SER E 5 14.16 39.21 84.51
CA SER E 5 14.76 39.70 85.74
C SER E 5 15.19 41.14 85.54
N GLN E 6 15.08 41.96 86.58
CA GLN E 6 15.36 43.39 86.48
C GLN E 6 16.32 43.82 87.58
N SER E 7 17.10 44.87 87.28
CA SER E 7 18.07 45.42 88.20
C SER E 7 18.29 46.88 87.86
N PRO E 8 18.49 47.75 88.85
CA PRO E 8 18.50 47.50 90.30
C PRO E 8 17.09 47.36 90.86
N SER E 9 16.95 46.81 92.08
CA SER E 9 15.65 46.78 92.73
C SER E 9 15.15 48.19 93.03
N SER E 10 15.98 48.99 93.71
CA SER E 10 15.68 50.39 93.93
C SER E 10 16.99 51.15 94.10
N LEU E 11 17.07 52.34 93.49
CA LEU E 11 18.26 53.17 93.57
C LEU E 11 17.85 54.62 93.75
N ALA E 12 18.62 55.35 94.55
CA ALA E 12 18.34 56.74 94.86
C ALA E 12 19.49 57.61 94.37
N VAL E 13 19.18 58.58 93.52
CA VAL E 13 20.18 59.47 92.94
C VAL E 13 19.59 60.88 92.88
N SER E 14 20.49 61.87 92.92
CA SER E 14 20.07 63.26 92.91
C SER E 14 19.62 63.69 91.51
N VAL E 15 18.87 64.79 91.46
CA VAL E 15 18.46 65.36 90.19
C VAL E 15 19.67 65.80 89.39
N GLY E 16 19.71 65.41 88.12
CA GLY E 16 20.84 65.70 87.25
C GLY E 16 21.85 64.60 87.14
N GLU E 17 21.81 63.62 88.04
CA GLU E 17 22.74 62.49 87.98
C GLU E 17 22.35 61.53 86.87
N LYS E 18 23.35 60.84 86.33
CA LYS E 18 23.11 59.77 85.37
C LYS E 18 22.75 58.48 86.09
N VAL E 19 21.75 57.78 85.57
CA VAL E 19 21.30 56.52 86.16
C VAL E 19 21.01 55.52 85.04
N THR E 20 21.30 54.26 85.31
CA THR E 20 21.13 53.18 84.34
C THR E 20 20.47 52.00 85.01
N MET E 21 19.47 51.42 84.35
CA MET E 21 18.82 50.20 84.80
C MET E 21 19.01 49.13 83.75
N SER E 22 19.23 47.90 84.18
CA SER E 22 19.47 46.79 83.27
C SER E 22 18.64 45.57 83.64
N CYS E 23 18.06 44.94 82.63
CA CYS E 23 17.27 43.72 82.82
C CYS E 23 17.79 42.65 81.87
N GLN E 24 17.84 41.41 82.36
CA GLN E 24 18.50 40.30 81.68
C GLN E 24 17.49 39.19 81.41
N SER E 25 17.66 38.50 80.29
CA SER E 25 16.78 37.42 79.88
C SER E 25 17.56 36.14 79.67
N SER E 26 16.90 35.01 79.92
CA SER E 26 17.51 33.70 79.78
C SER E 26 17.40 33.12 78.38
N GLN E 27 16.67 33.75 77.48
CA GLN E 27 16.56 33.32 76.09
C GLN E 27 16.81 34.51 75.17
N SER E 28 16.99 34.21 73.89
CA SER E 28 17.23 35.25 72.90
C SER E 28 15.92 35.92 72.50
N LEU E 29 15.99 37.22 72.25
CA LEU E 29 14.83 37.99 71.81
C LEU E 29 14.84 38.28 70.32
N LEU E 30 15.94 37.99 69.62
CA LEU E 30 16.05 38.28 68.21
C LEU E 30 15.27 37.28 67.37
N TYR E 31 14.53 37.79 66.39
CA TYR E 31 13.77 36.98 65.45
C TYR E 31 14.42 37.15 64.09
N SER E 32 14.90 36.04 63.51
CA SER E 32 15.73 36.11 62.30
C SER E 32 14.97 36.68 61.11
N ASN E 33 13.69 36.32 60.95
CA ASN E 33 12.99 36.65 59.72
C ASN E 33 12.84 38.17 59.54
N ASN E 34 12.53 38.89 60.62
CA ASN E 34 12.46 40.35 60.57
C ASN E 34 13.70 41.02 61.13
N GLU E 35 14.58 40.29 61.80
CA GLU E 35 15.74 40.86 62.50
C GLU E 35 15.31 41.97 63.46
N LYS E 36 14.18 41.74 64.13
CA LYS E 36 13.57 42.72 65.01
C LYS E 36 13.46 42.15 66.43
N ASN E 37 13.82 42.95 67.42
CA ASN E 37 13.78 42.54 68.81
C ASN E 37 12.41 42.89 69.39
N TYR E 38 11.69 41.88 69.88
CA TYR E 38 10.33 42.07 70.38
C TYR E 38 10.34 42.37 71.88
N LEU E 39 10.84 43.55 72.23
CA LEU E 39 10.87 43.96 73.62
C LEU E 39 10.40 45.41 73.76
N ALA E 40 9.76 45.69 74.89
CA ALA E 40 9.27 47.00 75.26
C ALA E 40 9.70 47.34 76.67
N TRP E 41 9.48 48.60 77.03
CA TRP E 41 9.82 49.15 78.34
C TRP E 41 8.63 49.95 78.84
N TYR E 42 8.37 49.86 80.13
CA TYR E 42 7.23 50.54 80.73
C TYR E 42 7.71 51.40 81.89
N GLN E 43 7.03 52.54 82.08
CA GLN E 43 7.20 53.37 83.27
C GLN E 43 5.83 53.60 83.89
N GLN E 44 5.73 53.42 85.20
CA GLN E 44 4.47 53.55 85.89
C GLN E 44 4.66 54.21 87.25
N LYS E 45 3.70 55.05 87.62
CA LYS E 45 3.58 55.68 88.93
C LYS E 45 2.51 54.98 89.75
N PRO E 46 2.59 55.05 91.08
CA PRO E 46 1.58 54.38 91.92
C PRO E 46 0.18 54.86 91.57
N GLY E 47 -0.73 53.89 91.38
CA GLY E 47 -2.13 54.15 91.12
C GLY E 47 -2.43 54.68 89.74
N HIS E 48 -1.47 54.63 88.83
CA HIS E 48 -1.66 55.04 87.45
C HIS E 48 -1.51 53.82 86.55
N SER E 49 -2.45 53.63 85.64
CA SER E 49 -2.44 52.42 84.84
C SER E 49 -1.17 52.35 83.99
N PRO E 50 -0.56 51.18 83.84
CA PRO E 50 0.72 51.10 83.13
C PRO E 50 0.53 51.53 81.69
N LYS E 51 1.45 52.34 81.19
CA LYS E 51 1.38 52.84 79.82
C LYS E 51 2.65 52.48 79.07
N LEU E 52 2.47 52.05 77.83
CA LEU E 52 3.56 51.54 77.00
C LEU E 52 4.57 52.63 76.64
N LEU E 53 5.85 52.27 76.71
CA LEU E 53 6.83 53.20 76.20
C LEU E 53 7.22 52.60 74.85
N LEU E 54 7.77 53.42 73.96
CA LEU E 54 8.00 52.95 72.60
C LEU E 54 8.99 51.79 72.53
N TYR E 55 8.53 50.72 71.88
CA TYR E 55 9.19 49.43 71.77
C TYR E 55 10.25 49.47 70.67
N TRP E 56 10.93 48.33 70.46
CA TRP E 56 11.93 48.18 69.40
C TRP E 56 13.15 49.06 69.62
N ALA E 57 13.34 49.53 70.86
CA ALA E 57 14.45 50.36 71.31
C ALA E 57 14.32 51.79 70.81
N SER E 58 13.39 52.04 69.89
CA SER E 58 13.09 53.41 69.45
C SER E 58 12.08 54.01 70.44
N THR E 59 12.58 54.28 71.64
CA THR E 59 11.78 54.74 72.77
C THR E 59 11.17 56.13 72.56
N ARG E 60 11.52 56.82 71.48
CA ARG E 60 11.05 58.19 71.28
C ARG E 60 9.59 58.22 70.84
N GLU E 61 8.77 58.93 71.60
CA GLU E 61 7.34 59.07 71.36
C GLU E 61 6.92 60.43 71.89
N SER E 62 5.65 60.78 71.71
CA SER E 62 5.16 62.06 72.20
C SER E 62 5.32 62.14 73.72
N GLY E 63 5.67 63.31 74.20
CA GLY E 63 6.00 63.54 75.59
C GLY E 63 7.14 64.54 75.65
N VAL E 64 7.84 64.55 76.79
CA VAL E 64 9.06 65.37 76.83
C VAL E 64 10.12 64.68 75.97
N PRO E 65 10.84 65.42 75.13
CA PRO E 65 11.77 64.79 74.19
C PRO E 65 12.87 63.98 74.89
N ASP E 66 13.08 62.76 74.41
CA ASP E 66 14.15 61.88 74.88
C ASP E 66 14.11 61.70 76.40
N ARG E 67 12.92 61.39 76.92
CA ARG E 67 12.77 61.25 78.36
C ARG E 67 13.69 60.17 78.92
N PHE E 68 13.64 58.97 78.35
CA PHE E 68 14.52 57.87 78.74
C PHE E 68 15.10 57.22 77.49
N THR E 69 16.38 56.86 77.58
CA THR E 69 17.12 56.29 76.46
C THR E 69 17.45 54.84 76.78
N GLY E 70 17.23 53.95 75.82
CA GLY E 70 17.34 52.54 76.07
C GLY E 70 18.26 51.85 75.07
N SER E 71 18.88 50.77 75.53
CA SER E 71 19.73 49.93 74.70
C SER E 71 19.44 48.47 75.01
N GLY E 72 19.43 47.64 73.97
CA GLY E 72 19.11 46.23 74.16
C GLY E 72 19.99 45.35 73.31
N SER E 73 20.05 44.08 73.71
CA SER E 73 20.79 43.05 72.99
C SER E 73 19.87 41.87 72.71
N GLY E 74 20.43 40.75 72.26
CA GLY E 74 19.62 39.56 72.09
C GLY E 74 19.12 39.01 73.40
N THR E 75 19.97 39.03 74.44
CA THR E 75 19.60 38.51 75.75
C THR E 75 19.69 39.55 76.87
N ALA E 76 20.13 40.76 76.59
CA ALA E 76 20.31 41.79 77.61
C ALA E 76 19.64 43.08 77.18
N PHE E 77 19.15 43.84 78.15
CA PHE E 77 18.38 45.04 77.87
C PHE E 77 18.56 46.05 79.00
N THR E 78 18.96 47.27 78.63
CA THR E 78 19.25 48.32 79.60
C THR E 78 18.61 49.63 79.20
N LEU E 79 18.21 50.41 80.20
CA LEU E 79 17.64 51.73 79.99
C LEU E 79 18.45 52.75 80.78
N THR E 80 18.64 53.92 80.17
CA THR E 80 19.56 54.93 80.71
C THR E 80 18.89 56.29 80.71
N ILE E 81 19.25 57.11 81.70
CA ILE E 81 18.86 58.51 81.77
C ILE E 81 20.14 59.34 81.92
N SER E 82 20.33 60.31 81.02
CA SER E 82 21.54 61.12 81.07
C SER E 82 21.53 62.07 82.26
N SER E 83 20.36 62.48 82.73
CA SER E 83 20.26 63.36 83.89
C SER E 83 18.90 63.13 84.54
N VAL E 84 18.92 62.66 85.79
CA VAL E 84 17.67 62.44 86.52
C VAL E 84 16.94 63.77 86.71
N LYS E 85 15.62 63.73 86.56
CA LYS E 85 14.80 64.94 86.64
C LYS E 85 13.81 64.77 87.79
N ALA E 86 13.57 65.86 88.52
CA ALA E 86 12.81 65.76 89.76
C ALA E 86 11.39 65.30 89.54
N GLU E 87 10.74 65.77 88.48
CA GLU E 87 9.34 65.40 88.23
C GLU E 87 9.17 63.92 87.93
N ASP E 88 10.16 63.29 87.32
CA ASP E 88 10.01 61.91 86.82
C ASP E 88 10.26 60.83 87.89
N LEU E 89 9.48 60.87 88.97
CA LEU E 89 9.54 59.75 89.89
C LEU E 89 8.98 58.55 89.13
N ALA E 90 9.75 57.48 89.01
CA ALA E 90 9.31 56.42 88.11
C ALA E 90 9.63 55.03 88.64
N VAL E 91 8.81 54.07 88.19
CA VAL E 91 8.98 52.64 88.40
C VAL E 91 8.98 52.01 87.02
N TYR E 92 9.88 51.05 86.79
CA TYR E 92 10.10 50.53 85.45
C TYR E 92 9.92 49.02 85.42
N TYR E 93 9.55 48.52 84.24
CA TYR E 93 9.40 47.09 84.00
C TYR E 93 9.92 46.74 82.62
N CYS E 94 10.32 45.48 82.47
CA CYS E 94 10.83 44.92 81.22
C CYS E 94 9.91 43.79 80.79
N GLN E 95 9.43 43.84 79.54
CA GLN E 95 8.53 42.83 79.04
C GLN E 95 9.04 42.34 77.69
N GLN E 96 8.74 41.10 77.35
CA GLN E 96 9.15 40.51 76.09
C GLN E 96 7.94 40.12 75.26
N TYR E 97 8.11 40.12 73.93
CA TYR E 97 7.04 39.82 72.99
C TYR E 97 7.40 38.66 72.06
N TYR E 98 8.22 37.73 72.53
CA TYR E 98 8.68 36.65 71.65
C TYR E 98 7.77 35.43 71.68
N ASN E 99 7.17 35.13 72.83
CA ASN E 99 6.31 33.96 72.93
C ASN E 99 5.40 34.15 74.12
N TYR E 100 4.27 33.45 74.10
CA TYR E 100 3.33 33.55 75.20
C TYR E 100 3.88 32.80 76.41
N PRO E 101 3.70 33.34 77.61
CA PRO E 101 3.13 34.66 77.92
C PRO E 101 4.13 35.79 77.71
N TYR E 102 3.68 37.00 77.40
CA TYR E 102 4.61 38.14 77.36
C TYR E 102 5.10 38.38 78.78
N THR E 103 6.37 38.10 79.04
CA THR E 103 6.86 38.10 80.40
C THR E 103 6.79 39.49 81.00
N PHE E 104 6.59 39.54 82.31
CA PHE E 104 6.73 40.77 83.08
C PHE E 104 7.90 40.63 84.04
N GLY E 105 8.80 41.60 84.03
CA GLY E 105 9.98 41.53 84.86
C GLY E 105 9.69 41.77 86.33
N GLY E 106 10.77 41.77 87.11
CA GLY E 106 10.67 41.95 88.55
C GLY E 106 10.44 43.38 88.99
N GLY E 107 10.50 44.32 88.08
CA GLY E 107 10.27 45.72 88.41
C GLY E 107 11.53 46.43 88.86
N THR E 108 11.58 47.72 88.58
CA THR E 108 12.71 48.56 88.96
C THR E 108 12.14 49.89 89.44
N LYS E 109 12.71 50.41 90.53
CA LYS E 109 12.23 51.65 91.13
C LYS E 109 13.35 52.68 91.19
N LEU E 110 13.00 53.94 90.93
CA LEU E 110 13.94 55.05 90.98
C LEU E 110 13.42 56.08 91.97
N GLU E 111 14.27 56.49 92.90
CA GLU E 111 13.89 57.39 93.97
C GLU E 111 14.76 58.64 93.95
N ILE E 112 14.17 59.76 94.35
CA ILE E 112 14.87 61.04 94.36
C ILE E 112 14.77 61.64 95.77
#